data_8UA8
#
_entry.id   8UA8
#
_cell.length_a   1.00
_cell.length_b   1.00
_cell.length_c   1.00
_cell.angle_alpha   90.00
_cell.angle_beta   90.00
_cell.angle_gamma   90.00
#
_symmetry.space_group_name_H-M   'P 1'
#
loop_
_entity.id
_entity.type
_entity.pdbx_description
1 polymer 'Glycoprotein E1'
2 polymer 'Glycoprotein E2'
3 polymer 'Assembly protein E3'
4 polymer 'Capsid protein'
5 polymer 'Very low-density lipoprotein receptor'
6 branched 2-acetamido-2-deoxy-beta-D-glucopyranose-(1-4)-2-acetamido-2-deoxy-beta-D-glucopyranose
7 branched beta-D-mannopyranose-(1-4)-2-acetamido-2-deoxy-beta-D-glucopyranose-(1-4)-2-acetamido-2-deoxy-beta-D-glucopyranose
8 non-polymer 2-acetamido-2-deoxy-beta-D-glucopyranose
9 non-polymer 'CALCIUM ION'
#
loop_
_entity_poly.entity_id
_entity_poly.type
_entity_poly.pdbx_seq_one_letter_code
_entity_poly.pdbx_strand_id
1 'polypeptide(L)'
;YEHSTVMPNVVGFPYKAHIERPGYSPLTLQMQVVETSLEPTLNLEYITCEYKTVVPSPYVKCCGASECSTKEKPDYQCKV
YTGVYPFMWGGAYCFCDSENTQLSEAYVDRSDVCRHDHASAYKAHTASLKAKVRVMYGNVNQTVDVYVNGDHAVTIGGTQ
FIFGPLSSAWTPFDNKIVVYKDEVFNQDFPPYGSGQPGRFGDIQSRTVESNDLYANTALKLARPSPGMVHVPYTQTPSGF
KYWLKEKGTALNTKAPFGCQIKTNPVRAMNCAVGNIPVSMNLPDSAFTRIVEAPTIIDLTCTVATCTHSSDFGGVLTLTY
KTDKNGDCSVHSHSNVATLQEATAKVKTAGKVTLHFSTASASPSFVVSLCSARATCSASCEPPKDHIVPYAASHSNVVFP
DMSGTALSWVQKISGGLGAFAIGAILVLVVVTCIGLRR
;
A,E,I,M
2 'polypeptide(L)'
;FNVYKATRPYIAYCADCGAGHSCHSPVAIEAVRSEATDGMLKIQFSAQIGIDKSDNHDYTKIRYADGHAIENAVRSSLKV
ATSGDCFVHGTMGHFILAKCPPGEFLQVSIQDTRNAVRACRIQYHHDPQPVGREKFTIRPHYGKEIPCTTYQQTTAKTVE
EIDMHMPPDTPDRTLLSQQSGNVKITVGGKKVKYNCTCGTGNVGTTNSDMTINTCLIEQCHVSVTDHKKWQFNSPFVPRA
DEPARKGKVHIPFPLDNITCRVPMAREPTVIHGKREVTLHLHPDHPTLFSYRTLGEDPQYHEEWVTAAVERTIPVPVDGM
EYHWGNNDPVRLWSQLTTEGKPHGWPHQIVQYYYGLYPAATVSAVVGMSLLALISIFASCYMLVAARSKCLTPYALTPGA
AVPWTLGILCCAPRAHA
;
B,F,J,N
3 'polypeptide(L)' TAMCVLANATFPCFQPPCVPCCYENNAEATLRMLEDNVDRPGYYDLLQAALTCR C,G,K,O
4 'polypeptide(L)'
;IENDCIFEVKHEGKVTGYACLVGDKVMKPAHVKGVIDNADLAKLAFKKSSKYDLECAQIPVHMRSDASKYTHEKPEGHYN
WHHGAVQYSGGRFTIPTGAGKPGDSGRPIFDNKGRVVAIVLGGANEGSRTALSVVTWNKDMVTRVTPEGSEEW
;
D,H,L,P
5 'polypeptide(L)' CAESDFVCNNGQCVPSRWKCDGDPDCEDGSDESPEQC R
#
loop_
_chem_comp.id
_chem_comp.type
_chem_comp.name
_chem_comp.formula
BMA D-saccharide, beta linking beta-D-mannopyranose 'C6 H12 O6'
CA non-polymer 'CALCIUM ION' 'Ca 2'
NAG D-saccharide, beta linking 2-acetamido-2-deoxy-beta-D-glucopyranose 'C8 H15 N O6'
#
# COMPACT_ATOMS: atom_id res chain seq x y z
N TYR A 1 19.40 -1.88 20.82
CA TYR A 1 18.56 -1.13 21.79
C TYR A 1 18.61 0.34 21.50
N GLU A 2 17.47 0.91 21.19
CA GLU A 2 17.41 2.29 20.71
C GLU A 2 17.13 3.23 21.85
N HIS A 3 17.97 4.25 22.00
CA HIS A 3 17.81 5.30 22.98
C HIS A 3 17.92 6.64 22.27
N SER A 4 17.25 7.65 22.82
CA SER A 4 17.17 8.95 22.17
C SER A 4 17.30 10.04 23.22
N THR A 5 18.39 10.80 23.15
CA THR A 5 18.63 11.89 24.08
C THR A 5 18.83 13.17 23.32
N VAL A 6 19.01 14.25 24.06
CA VAL A 6 19.35 15.55 23.50
C VAL A 6 20.52 16.09 24.30
N MET A 7 21.49 16.68 23.61
CA MET A 7 22.68 17.22 24.23
C MET A 7 22.85 18.67 23.80
N PRO A 8 23.19 19.59 24.70
CA PRO A 8 23.36 20.96 24.25
C PRO A 8 24.53 21.04 23.30
N ASN A 9 24.41 21.94 22.34
CA ASN A 9 25.43 22.13 21.32
C ASN A 9 26.44 23.17 21.79
N VAL A 10 27.12 22.88 22.89
CA VAL A 10 28.17 23.75 23.38
C VAL A 10 29.44 22.95 23.49
N VAL A 11 30.51 23.48 22.90
CA VAL A 11 31.78 22.78 22.84
C VAL A 11 32.35 22.64 24.24
N GLY A 12 32.72 21.43 24.60
CA GLY A 12 33.38 21.16 25.85
C GLY A 12 32.50 20.55 26.91
N PHE A 13 31.21 20.72 26.82
CA PHE A 13 30.30 20.21 27.83
C PHE A 13 30.39 18.69 27.86
N PRO A 14 30.82 18.08 28.96
CA PRO A 14 30.68 16.63 29.03
C PRO A 14 29.23 16.29 29.25
N TYR A 15 28.56 15.70 28.27
CA TYR A 15 27.18 15.27 28.43
C TYR A 15 27.17 13.81 28.82
N LYS A 16 26.53 13.51 29.94
CA LYS A 16 26.44 12.15 30.46
C LYS A 16 25.07 11.58 30.13
N ALA A 17 25.00 10.78 29.09
CA ALA A 17 23.76 10.13 28.67
C ALA A 17 23.59 8.82 29.41
N HIS A 18 22.48 8.67 30.11
CA HIS A 18 22.21 7.51 30.94
C HIS A 18 21.35 6.53 30.17
N ILE A 19 21.85 5.32 29.99
CA ILE A 19 21.18 4.29 29.21
C ILE A 19 20.86 3.17 30.17
N GLU A 20 19.59 2.80 30.24
CA GLU A 20 19.13 1.78 31.16
C GLU A 20 18.25 0.77 30.44
N ARG A 21 18.85 -0.34 30.08
CA ARG A 21 18.14 -1.52 29.64
C ARG A 21 17.84 -2.34 30.87
N PRO A 22 16.59 -2.57 31.24
CA PRO A 22 16.37 -3.39 32.43
C PRO A 22 16.87 -4.79 32.17
N GLY A 23 17.51 -5.34 33.18
CA GLY A 23 18.19 -6.60 33.08
C GLY A 23 19.68 -6.47 32.89
N TYR A 24 20.19 -5.25 32.74
CA TYR A 24 21.61 -4.99 32.63
C TYR A 24 21.97 -3.81 33.51
N SER A 25 23.23 -3.74 33.88
CA SER A 25 23.68 -2.63 34.71
C SER A 25 23.69 -1.38 33.85
N PRO A 26 23.04 -0.29 34.27
CA PRO A 26 23.00 0.90 33.43
C PRO A 26 24.37 1.38 33.04
N LEU A 27 24.48 1.85 31.81
CA LEU A 27 25.73 2.36 31.27
C LEU A 27 25.57 3.85 31.08
N THR A 28 26.53 4.63 31.56
CA THR A 28 26.54 6.05 31.30
C THR A 28 27.54 6.26 30.18
N LEU A 29 27.07 6.85 29.11
CA LEU A 29 27.81 7.06 27.90
C LEU A 29 28.05 8.55 27.82
N GLN A 30 29.31 8.96 27.80
CA GLN A 30 29.59 10.38 27.87
C GLN A 30 30.10 10.83 26.52
N MET A 31 29.55 11.94 26.05
CA MET A 31 29.92 12.51 24.78
C MET A 31 30.11 14.00 24.92
N GLN A 32 31.04 14.54 24.14
CA GLN A 32 31.23 15.98 24.10
C GLN A 32 31.66 16.38 22.71
N VAL A 33 31.17 17.53 22.27
CA VAL A 33 31.45 18.03 20.94
C VAL A 33 32.77 18.79 20.97
N VAL A 34 33.75 18.34 20.21
CA VAL A 34 35.04 19.00 20.22
C VAL A 34 35.14 20.15 19.23
N GLU A 35 34.39 20.15 18.14
CA GLU A 35 34.30 21.30 17.26
C GLU A 35 33.15 21.08 16.30
N THR A 36 32.38 22.12 16.04
CA THR A 36 31.23 22.00 15.16
C THR A 36 31.33 23.07 14.09
N SER A 37 31.19 22.64 12.83
CA SER A 37 31.34 23.51 11.67
C SER A 37 30.00 23.66 10.96
N LEU A 38 29.58 24.88 10.74
CA LEU A 38 28.31 25.20 10.08
C LEU A 38 28.63 25.74 8.70
N GLU A 39 28.66 24.87 7.71
CA GLU A 39 29.14 25.24 6.39
C GLU A 39 27.98 25.63 5.50
N PRO A 40 27.74 26.91 5.22
CA PRO A 40 26.65 27.24 4.31
C PRO A 40 26.96 26.81 2.90
N THR A 41 25.89 26.58 2.14
CA THR A 41 25.99 26.42 0.70
C THR A 41 26.22 27.77 0.04
N LEU A 42 26.89 27.77 -1.11
CA LEU A 42 27.32 29.00 -1.75
C LEU A 42 26.91 29.03 -3.22
N ASN A 43 26.96 30.24 -3.80
CA ASN A 43 26.59 30.44 -5.21
C ASN A 43 27.58 31.25 -6.05
N LEU A 44 28.45 32.05 -5.46
CA LEU A 44 29.47 32.79 -6.21
C LEU A 44 28.89 33.67 -7.32
N GLU A 45 28.07 34.64 -6.93
CA GLU A 45 27.42 35.49 -7.92
C GLU A 45 28.42 36.29 -8.72
N TYR A 46 29.42 36.89 -8.09
CA TYR A 46 30.50 37.52 -8.86
C TYR A 46 31.69 37.81 -7.97
N ILE A 47 32.74 38.33 -8.59
CA ILE A 47 33.96 38.71 -7.89
C ILE A 47 34.35 40.10 -8.31
N THR A 48 35.05 40.79 -7.42
CA THR A 48 35.51 42.16 -7.63
C THR A 48 36.95 42.25 -7.22
N CYS A 49 37.71 43.00 -7.99
CA CYS A 49 39.12 43.21 -7.73
C CYS A 49 39.47 44.64 -8.10
N GLU A 50 40.69 45.01 -7.78
CA GLU A 50 41.23 46.26 -8.27
C GLU A 50 41.28 46.25 -9.78
N TYR A 51 40.97 47.38 -10.38
CA TYR A 51 41.01 47.50 -11.82
C TYR A 51 42.30 48.13 -12.27
N LYS A 52 42.50 48.09 -13.58
CA LYS A 52 43.62 48.72 -14.24
C LYS A 52 43.07 49.43 -15.45
N THR A 53 43.19 50.74 -15.48
CA THR A 53 42.79 51.57 -16.61
C THR A 53 43.91 51.67 -17.61
N VAL A 54 43.87 50.83 -18.61
CA VAL A 54 44.88 50.86 -19.65
C VAL A 54 44.41 51.85 -20.70
N VAL A 55 45.33 52.69 -21.14
CA VAL A 55 45.09 53.65 -22.20
C VAL A 55 46.19 53.46 -23.24
N PRO A 56 45.89 53.30 -24.52
CA PRO A 56 46.95 53.31 -25.51
C PRO A 56 47.59 54.67 -25.63
N SER A 57 48.59 54.75 -26.46
CA SER A 57 49.14 56.03 -26.82
C SER A 57 48.17 56.73 -27.76
N PRO A 58 47.79 57.98 -27.50
CA PRO A 58 46.82 58.65 -28.36
C PRO A 58 47.28 58.69 -29.80
N TYR A 59 46.33 58.59 -30.72
CA TYR A 59 46.61 58.62 -32.15
C TYR A 59 46.30 60.00 -32.68
N VAL A 60 47.36 60.79 -32.83
CA VAL A 60 47.25 62.14 -33.34
C VAL A 60 47.48 62.09 -34.85
N LYS A 61 46.38 62.17 -35.59
CA LYS A 61 46.41 62.12 -37.04
C LYS A 61 46.79 63.49 -37.60
N CYS A 62 47.78 63.46 -38.49
CA CYS A 62 48.34 64.57 -39.25
C CYS A 62 47.47 65.00 -40.42
N CYS A 63 46.54 65.94 -40.21
CA CYS A 63 45.68 66.41 -41.29
C CYS A 63 44.72 65.33 -41.79
N GLY A 64 44.09 64.63 -40.86
CA GLY A 64 43.05 63.70 -41.22
C GLY A 64 42.16 63.37 -40.06
N ALA A 65 40.85 63.41 -40.27
CA ALA A 65 39.95 63.03 -39.21
C ALA A 65 40.15 61.55 -38.87
N SER A 66 39.55 61.16 -37.75
CA SER A 66 39.55 59.78 -37.29
C SER A 66 38.41 59.67 -36.31
N GLU A 67 37.65 58.59 -36.37
CA GLU A 67 36.41 58.50 -35.62
C GLU A 67 36.43 57.24 -34.78
N CYS A 68 35.74 57.31 -33.65
CA CYS A 68 35.68 56.22 -32.69
C CYS A 68 35.33 54.90 -33.39
N SER A 69 35.88 53.82 -32.84
CA SER A 69 35.68 52.49 -33.40
C SER A 69 34.54 51.77 -32.72
N THR A 70 34.29 52.04 -31.45
CA THR A 70 33.14 51.51 -30.74
C THR A 70 33.18 49.99 -30.70
N LYS A 71 34.28 49.46 -30.20
CA LYS A 71 34.51 48.02 -30.13
C LYS A 71 34.36 47.61 -28.68
N GLU A 72 33.47 46.68 -28.41
CA GLU A 72 33.07 46.40 -27.04
C GLU A 72 34.28 46.00 -26.21
N LYS A 73 34.40 46.60 -25.06
CA LYS A 73 35.43 46.39 -24.07
C LYS A 73 34.92 47.16 -22.87
N PRO A 74 35.15 46.70 -21.66
CA PRO A 74 34.44 47.28 -20.52
C PRO A 74 34.71 48.77 -20.36
N ASP A 75 33.63 49.53 -20.21
CA ASP A 75 33.65 50.97 -19.98
C ASP A 75 34.56 51.67 -20.98
N TYR A 76 34.42 51.26 -22.22
CA TYR A 76 35.28 51.78 -23.27
C TYR A 76 34.84 53.19 -23.61
N GLN A 77 35.78 54.11 -23.58
CA GLN A 77 35.54 55.48 -24.02
C GLN A 77 36.63 55.87 -25.00
N CYS A 78 36.28 56.08 -26.27
CA CYS A 78 37.21 56.67 -27.22
C CYS A 78 36.56 57.87 -27.87
N LYS A 79 37.28 58.97 -27.88
CA LYS A 79 36.70 60.23 -28.29
C LYS A 79 37.71 61.02 -29.11
N VAL A 80 37.19 61.74 -30.09
CA VAL A 80 37.96 62.44 -31.09
C VAL A 80 37.98 63.90 -30.73
N TYR A 81 39.14 64.53 -30.86
CA TYR A 81 39.31 65.94 -30.54
C TYR A 81 39.90 66.64 -31.75
N THR A 82 39.29 67.75 -32.14
CA THR A 82 39.70 68.45 -33.34
C THR A 82 40.50 69.66 -32.91
N GLY A 83 41.53 69.97 -33.68
CA GLY A 83 42.33 71.14 -33.46
C GLY A 83 43.48 70.93 -32.51
N VAL A 84 43.78 69.69 -32.16
CA VAL A 84 44.89 69.43 -31.28
C VAL A 84 46.19 69.68 -32.05
N TYR A 85 47.28 69.83 -31.32
CA TYR A 85 48.56 70.18 -31.92
C TYR A 85 49.64 69.72 -30.97
N PRO A 86 50.00 68.42 -30.95
CA PRO A 86 51.01 67.99 -29.97
C PRO A 86 52.33 68.68 -30.24
N PHE A 87 53.19 68.65 -29.22
CA PHE A 87 54.37 69.50 -29.19
C PHE A 87 55.59 68.75 -28.74
N MET A 88 55.77 67.53 -29.26
CA MET A 88 56.79 66.60 -28.78
C MET A 88 58.17 67.24 -28.71
N TRP A 89 58.96 66.75 -27.75
CA TRP A 89 60.13 67.46 -27.22
C TRP A 89 61.01 68.17 -28.23
N GLY A 90 61.35 67.51 -29.33
CA GLY A 90 62.23 68.16 -30.31
C GLY A 90 61.54 69.30 -31.02
N GLY A 91 60.25 69.15 -31.29
CA GLY A 91 59.46 70.23 -31.85
C GLY A 91 58.10 69.69 -32.25
N ALA A 92 57.36 70.48 -33.02
CA ALA A 92 55.96 70.14 -33.22
C ALA A 92 55.85 68.81 -33.94
N TYR A 93 54.79 68.08 -33.63
CA TYR A 93 54.60 66.77 -34.24
C TYR A 93 53.91 66.89 -35.58
N CYS A 94 52.89 67.72 -35.64
CA CYS A 94 52.06 67.94 -36.82
C CYS A 94 52.26 69.36 -37.33
N PHE A 95 51.71 69.61 -38.53
CA PHE A 95 51.74 70.94 -39.15
C PHE A 95 50.40 71.58 -39.45
N CYS A 96 49.34 70.84 -39.71
CA CYS A 96 48.09 71.51 -40.05
C CYS A 96 47.41 71.84 -38.72
N ASP A 97 47.61 73.09 -38.30
CA ASP A 97 47.20 73.55 -36.98
C ASP A 97 45.78 73.14 -36.61
N SER A 98 44.81 73.58 -37.42
CA SER A 98 43.43 73.36 -37.04
C SER A 98 42.90 71.99 -37.47
N GLU A 99 43.39 71.44 -38.58
CA GLU A 99 42.84 70.18 -39.05
C GLU A 99 43.45 68.95 -38.38
N ASN A 100 44.43 69.12 -37.50
CA ASN A 100 44.94 68.00 -36.72
C ASN A 100 43.89 67.35 -35.85
N THR A 101 43.95 66.01 -35.77
CA THR A 101 42.96 65.24 -35.03
C THR A 101 43.67 64.45 -33.94
N GLN A 102 43.02 64.33 -32.79
CA GLN A 102 43.49 63.60 -31.63
C GLN A 102 42.46 62.54 -31.26
N LEU A 103 42.72 61.28 -31.60
CA LEU A 103 41.85 60.18 -31.16
C LEU A 103 42.42 59.62 -29.88
N SER A 104 41.67 59.76 -28.78
CA SER A 104 42.14 59.35 -27.48
C SER A 104 41.24 58.24 -26.96
N GLU A 105 41.85 57.22 -26.39
CA GLU A 105 41.19 55.96 -26.09
C GLU A 105 41.42 55.57 -24.64
N ALA A 106 40.47 54.85 -24.05
CA ALA A 106 40.68 54.37 -22.69
C ALA A 106 39.76 53.20 -22.41
N TYR A 107 40.32 52.15 -21.81
CA TYR A 107 39.50 51.00 -21.41
C TYR A 107 40.06 50.37 -20.15
N VAL A 108 39.15 49.77 -19.39
CA VAL A 108 39.43 49.24 -18.06
C VAL A 108 39.42 47.73 -18.13
N ASP A 109 40.38 47.10 -17.47
CA ASP A 109 40.40 45.65 -17.35
C ASP A 109 40.67 45.28 -15.91
N ARG A 110 40.70 43.99 -15.64
CA ARG A 110 40.93 43.55 -14.27
C ARG A 110 42.41 43.60 -13.98
N SER A 111 42.73 43.71 -12.70
CA SER A 111 44.12 43.93 -12.35
C SER A 111 44.94 42.71 -12.65
N ASP A 112 46.24 42.90 -12.71
CA ASP A 112 47.12 41.76 -12.86
C ASP A 112 47.18 40.89 -11.61
N VAL A 113 46.62 41.36 -10.49
CA VAL A 113 46.61 40.62 -9.24
C VAL A 113 45.22 40.13 -8.89
N CYS A 114 44.27 40.14 -9.82
CA CYS A 114 42.90 39.77 -9.47
C CYS A 114 42.84 38.35 -8.96
N ARG A 115 43.67 37.48 -9.49
CA ARG A 115 43.54 36.07 -9.19
C ARG A 115 44.05 35.72 -7.81
N HIS A 116 44.56 36.68 -7.04
CA HIS A 116 44.92 36.46 -5.65
C HIS A 116 44.05 37.25 -4.69
N ASP A 117 43.96 38.56 -4.88
CA ASP A 117 43.29 39.43 -3.96
C ASP A 117 41.95 39.73 -4.61
N HIS A 118 40.88 39.17 -4.09
CA HIS A 118 39.58 39.45 -4.66
C HIS A 118 38.49 39.06 -3.70
N ALA A 119 37.50 39.92 -3.59
CA ALA A 119 36.34 39.67 -2.76
C ALA A 119 35.31 38.96 -3.60
N SER A 120 34.87 37.80 -3.13
CA SER A 120 33.88 37.03 -3.85
C SER A 120 32.54 37.16 -3.16
N ALA A 121 31.52 37.51 -3.93
CA ALA A 121 30.18 37.65 -3.43
C ALA A 121 29.44 36.34 -3.55
N TYR A 122 28.55 36.08 -2.61
CA TYR A 122 27.86 34.81 -2.54
C TYR A 122 26.46 35.04 -2.02
N LYS A 123 25.61 34.04 -2.22
CA LYS A 123 24.32 33.94 -1.57
C LYS A 123 24.27 32.61 -0.85
N ALA A 124 23.87 32.60 0.42
CA ALA A 124 23.89 31.38 1.21
C ALA A 124 22.48 30.94 1.55
N HIS A 125 22.24 29.65 1.37
CA HIS A 125 21.03 28.97 1.80
C HIS A 125 21.25 28.43 3.20
N THR A 126 20.32 27.61 3.68
CA THR A 126 20.50 26.97 4.97
C THR A 126 21.72 26.06 4.93
N ALA A 127 22.43 26.03 6.04
CA ALA A 127 23.73 25.40 6.15
C ALA A 127 23.61 24.00 6.72
N SER A 128 24.68 23.24 6.57
CA SER A 128 24.76 21.88 7.07
C SER A 128 25.82 21.81 8.15
N LEU A 129 25.41 21.45 9.36
CA LEU A 129 26.38 21.29 10.43
C LEU A 129 27.28 20.11 10.15
N LYS A 130 28.47 20.15 10.72
CA LYS A 130 29.42 19.07 10.55
C LYS A 130 30.33 19.14 11.76
N ALA A 131 30.26 18.15 12.62
CA ALA A 131 30.89 18.21 13.93
C ALA A 131 31.86 17.06 14.11
N LYS A 132 32.64 17.18 15.18
CA LYS A 132 33.49 16.14 15.68
C LYS A 132 33.04 15.87 17.09
N VAL A 133 32.63 14.65 17.38
CA VAL A 133 32.12 14.29 18.70
C VAL A 133 33.02 13.23 19.28
N ARG A 134 33.48 13.46 20.51
CA ARG A 134 34.28 12.50 21.24
C ARG A 134 33.33 11.76 22.14
N VAL A 135 33.27 10.45 21.96
CA VAL A 135 32.40 9.57 22.71
C VAL A 135 33.26 8.72 23.61
N MET A 136 32.70 8.32 24.74
CA MET A 136 33.46 7.61 25.75
C MET A 136 32.51 6.72 26.51
N TYR A 137 32.76 5.43 26.49
CA TYR A 137 31.97 4.51 27.27
C TYR A 137 32.77 3.23 27.45
N GLY A 138 32.66 2.63 28.61
CA GLY A 138 33.41 1.42 28.88
C GLY A 138 34.90 1.62 28.76
N ASN A 139 35.52 1.03 27.73
CA ASN A 139 36.94 1.21 27.48
C ASN A 139 37.19 1.92 26.17
N VAL A 140 36.16 2.49 25.57
CA VAL A 140 36.26 3.16 24.28
C VAL A 140 36.26 4.65 24.53
N ASN A 141 37.14 5.37 23.82
CA ASN A 141 37.30 6.80 23.91
C ASN A 141 37.74 7.18 22.50
N GLN A 142 36.80 7.65 21.67
CA GLN A 142 37.09 7.85 20.27
C GLN A 142 36.35 9.06 19.74
N THR A 143 36.99 9.78 18.82
CA THR A 143 36.43 10.98 18.22
C THR A 143 36.07 10.68 16.78
N VAL A 144 34.85 11.03 16.39
CA VAL A 144 34.33 10.72 15.07
C VAL A 144 33.77 11.97 14.42
N ASP A 145 33.83 12.00 13.09
CA ASP A 145 33.36 13.12 12.31
C ASP A 145 31.96 12.82 11.83
N VAL A 146 31.00 13.62 12.23
CA VAL A 146 29.59 13.35 11.97
C VAL A 146 28.95 14.56 11.31
N TYR A 147 28.18 14.31 10.28
CA TYR A 147 27.33 15.35 9.72
C TYR A 147 26.08 15.44 10.58
N VAL A 148 25.86 16.57 11.22
CA VAL A 148 24.76 16.67 12.17
C VAL A 148 23.51 16.96 11.37
N ASN A 149 22.82 15.91 11.02
CA ASN A 149 21.54 15.88 10.35
C ASN A 149 21.17 14.41 10.44
N GLY A 150 19.95 14.09 10.09
CA GLY A 150 19.54 12.73 10.34
C GLY A 150 20.11 11.68 9.41
N ASP A 151 21.18 11.99 8.67
CA ASP A 151 21.69 11.10 7.65
C ASP A 151 22.89 10.30 8.09
N HIS A 152 23.83 10.89 8.80
CA HIS A 152 25.09 10.22 9.05
C HIS A 152 24.98 9.39 10.31
N ALA A 153 25.38 8.13 10.21
CA ALA A 153 25.38 7.22 11.33
C ALA A 153 26.80 6.71 11.47
N VAL A 154 27.37 6.88 12.64
CA VAL A 154 28.75 6.48 12.90
C VAL A 154 28.73 5.28 13.81
N THR A 155 29.63 4.34 13.54
CA THR A 155 29.83 3.18 14.39
C THR A 155 31.08 3.42 15.21
N ILE A 156 30.94 3.32 16.53
CA ILE A 156 32.03 3.55 17.46
C ILE A 156 31.96 2.42 18.47
N GLY A 157 32.96 1.56 18.46
CA GLY A 157 33.01 0.42 19.37
C GLY A 157 31.78 -0.44 19.25
N GLY A 158 31.21 -0.50 18.06
CA GLY A 158 30.11 -1.35 17.75
C GLY A 158 28.74 -0.76 18.03
N THR A 159 28.67 0.42 18.63
CA THR A 159 27.39 1.11 18.77
C THR A 159 27.24 2.13 17.66
N GLN A 160 26.01 2.36 17.26
CA GLN A 160 25.69 3.18 16.11
C GLN A 160 24.94 4.40 16.58
N PHE A 161 25.43 5.59 16.22
CA PHE A 161 24.88 6.84 16.67
C PHE A 161 24.50 7.65 15.46
N ILE A 162 23.37 8.34 15.54
CA ILE A 162 22.89 9.23 14.51
C ILE A 162 22.58 10.54 15.20
N PHE A 163 23.32 11.58 14.87
CA PHE A 163 23.19 12.87 15.53
C PHE A 163 22.21 13.71 14.73
N GLY A 164 21.03 13.92 15.29
CA GLY A 164 19.92 14.45 14.54
C GLY A 164 20.05 15.93 14.28
N PRO A 165 19.08 16.47 13.54
CA PRO A 165 19.14 17.86 13.14
C PRO A 165 19.02 18.81 14.31
N LEU A 166 19.65 19.98 14.17
CA LEU A 166 19.64 20.95 15.24
C LEU A 166 18.23 21.40 15.57
N SER A 167 18.00 21.70 16.84
CA SER A 167 16.68 22.16 17.26
C SER A 167 16.36 23.53 16.70
N SER A 168 17.37 24.33 16.39
CA SER A 168 17.20 25.70 15.95
C SER A 168 17.94 25.90 14.65
N ALA A 169 17.24 26.46 13.66
CA ALA A 169 17.77 26.55 12.31
C ALA A 169 18.56 27.81 12.09
N TRP A 170 19.05 28.42 13.15
CA TRP A 170 19.75 29.68 13.05
C TRP A 170 21.05 29.52 12.30
N THR A 171 21.42 30.53 11.52
CA THR A 171 22.71 30.60 10.87
C THR A 171 23.28 32.00 11.05
N PRO A 172 24.58 32.14 11.24
CA PRO A 172 25.13 33.48 11.41
C PRO A 172 25.12 34.30 10.15
N PHE A 173 25.15 33.68 8.99
CA PHE A 173 25.22 34.40 7.72
C PHE A 173 23.85 34.75 7.21
N ASP A 174 23.69 35.98 6.75
CA ASP A 174 22.43 36.41 6.15
C ASP A 174 22.39 35.93 4.72
N ASN A 175 21.38 36.38 3.96
CA ASN A 175 21.16 35.80 2.64
C ASN A 175 22.29 36.11 1.68
N LYS A 176 22.89 37.28 1.78
CA LYS A 176 23.93 37.71 0.85
C LYS A 176 25.20 37.99 1.63
N ILE A 177 26.32 37.46 1.14
CA ILE A 177 27.60 37.46 1.84
C ILE A 177 28.68 37.94 0.89
N VAL A 178 29.72 38.56 1.43
CA VAL A 178 30.94 38.83 0.68
C VAL A 178 32.13 38.33 1.47
N VAL A 179 33.01 37.58 0.83
CA VAL A 179 34.14 36.96 1.50
C VAL A 179 35.42 37.54 0.91
N TYR A 180 36.28 38.04 1.78
CA TYR A 180 37.64 38.45 1.50
C TYR A 180 38.57 37.41 2.09
N LYS A 181 39.89 37.67 1.99
CA LYS A 181 40.91 36.65 2.19
C LYS A 181 40.69 35.80 3.43
N ASP A 182 40.33 36.42 4.54
CA ASP A 182 40.12 35.67 5.76
C ASP A 182 38.81 35.94 6.46
N GLU A 183 38.23 37.11 6.27
CA GLU A 183 37.07 37.53 7.03
C GLU A 183 35.87 37.63 6.12
N VAL A 184 34.70 37.38 6.67
CA VAL A 184 33.45 37.42 5.94
C VAL A 184 32.65 38.60 6.42
N PHE A 185 31.85 39.14 5.52
CA PHE A 185 30.93 40.22 5.81
C PHE A 185 29.59 39.85 5.21
N ASN A 186 28.54 40.44 5.73
CA ASN A 186 27.25 40.36 5.04
C ASN A 186 26.79 41.76 4.72
N GLN A 187 26.23 41.90 3.51
CA GLN A 187 25.79 43.18 3.01
C GLN A 187 25.00 42.93 1.74
N ASP A 188 24.13 43.88 1.43
CA ASP A 188 23.30 43.81 0.23
C ASP A 188 24.10 44.35 -0.94
N PHE A 189 24.95 43.50 -1.47
CA PHE A 189 25.79 43.94 -2.58
C PHE A 189 24.95 44.08 -3.84
N PRO A 190 25.27 45.03 -4.70
CA PRO A 190 24.44 45.26 -5.88
C PRO A 190 24.41 44.03 -6.75
N PRO A 191 23.28 43.71 -7.38
CA PRO A 191 23.25 42.57 -8.30
C PRO A 191 24.17 42.80 -9.47
N TYR A 192 24.49 41.72 -10.16
CA TYR A 192 25.40 41.82 -11.28
C TYR A 192 24.84 42.73 -12.35
N GLY A 193 25.69 43.55 -12.93
CA GLY A 193 25.28 44.43 -13.98
C GLY A 193 24.60 45.70 -13.51
N SER A 194 24.47 45.89 -12.22
CA SER A 194 23.87 47.09 -11.65
C SER A 194 24.77 47.67 -10.59
N GLY A 195 26.07 47.57 -10.81
CA GLY A 195 27.02 48.12 -9.86
C GLY A 195 27.23 49.59 -10.10
N GLN A 196 26.91 50.40 -9.11
CA GLN A 196 27.12 51.82 -9.20
C GLN A 196 28.61 52.13 -9.13
N PRO A 197 29.06 53.18 -9.81
CA PRO A 197 30.49 53.53 -9.78
C PRO A 197 30.91 53.91 -8.39
N GLY A 198 32.18 53.67 -8.09
CA GLY A 198 32.70 53.99 -6.77
C GLY A 198 32.43 53.00 -5.68
N ARG A 199 31.19 52.75 -5.31
CA ARG A 199 30.94 51.83 -4.22
C ARG A 199 31.35 50.43 -4.65
N PHE A 200 31.28 49.48 -3.72
CA PHE A 200 31.65 48.10 -3.97
C PHE A 200 30.92 47.53 -5.15
N GLY A 201 31.66 47.17 -6.18
CA GLY A 201 31.07 46.66 -7.40
C GLY A 201 31.52 47.37 -8.64
N ASP A 202 32.53 48.23 -8.53
CA ASP A 202 32.94 49.00 -9.69
C ASP A 202 33.49 48.12 -10.77
N ILE A 203 33.97 46.94 -10.44
CA ILE A 203 34.31 45.93 -11.42
C ILE A 203 33.53 44.69 -11.02
N GLN A 204 33.14 43.88 -11.99
CA GLN A 204 32.35 42.69 -11.70
C GLN A 204 32.69 41.59 -12.68
N SER A 205 32.74 40.35 -12.19
CA SER A 205 33.17 39.25 -13.03
C SER A 205 32.64 37.94 -12.46
N ARG A 206 32.30 37.02 -13.36
CA ARG A 206 31.67 35.77 -12.96
C ARG A 206 32.63 34.89 -12.17
N THR A 207 33.77 34.56 -12.77
CA THR A 207 34.76 33.72 -12.13
C THR A 207 36.12 34.38 -12.21
N VAL A 208 37.08 33.79 -11.51
CA VAL A 208 38.43 34.34 -11.50
C VAL A 208 39.14 34.13 -12.82
N GLU A 209 38.59 33.32 -13.71
CA GLU A 209 39.12 33.15 -15.05
C GLU A 209 38.16 33.60 -16.14
N SER A 210 36.93 33.95 -15.81
CA SER A 210 35.99 34.37 -16.83
C SER A 210 36.48 35.63 -17.51
N ASN A 211 36.17 35.75 -18.78
CA ASN A 211 36.64 36.88 -19.58
C ASN A 211 35.60 37.94 -19.83
N ASP A 212 34.33 37.71 -19.49
CA ASP A 212 33.42 38.84 -19.55
C ASP A 212 33.77 39.79 -18.42
N LEU A 213 33.29 41.02 -18.54
CA LEU A 213 33.58 42.01 -17.52
C LEU A 213 32.63 43.18 -17.64
N TYR A 214 31.97 43.53 -16.56
CA TYR A 214 31.05 44.66 -16.53
C TYR A 214 31.60 45.70 -15.59
N ALA A 215 31.68 46.94 -16.05
CA ALA A 215 32.27 48.00 -15.25
C ALA A 215 31.65 49.32 -15.60
N ASN A 216 31.50 50.17 -14.60
CA ASN A 216 31.17 51.57 -14.79
C ASN A 216 31.98 52.35 -13.76
N THR A 217 33.12 52.82 -14.20
CA THR A 217 34.01 53.62 -13.39
C THR A 217 34.05 55.08 -13.85
N ALA A 218 33.09 55.50 -14.65
CA ALA A 218 32.93 56.91 -15.03
C ALA A 218 34.22 57.49 -15.61
N LEU A 219 34.65 56.91 -16.73
CA LEU A 219 35.85 57.34 -17.41
C LEU A 219 35.47 58.45 -18.38
N LYS A 220 35.47 59.68 -17.89
CA LYS A 220 35.14 60.83 -18.71
C LYS A 220 36.47 61.35 -19.24
N LEU A 221 36.89 60.74 -20.33
CA LEU A 221 38.11 61.13 -21.03
C LEU A 221 38.00 62.59 -21.47
N ALA A 222 38.97 63.40 -21.08
CA ALA A 222 38.86 64.85 -21.20
C ALA A 222 39.73 65.39 -22.32
N ARG A 223 39.56 66.65 -22.58
CA ARG A 223 40.26 67.35 -23.64
C ARG A 223 41.70 67.61 -23.22
N PRO A 224 42.71 67.29 -24.04
CA PRO A 224 44.08 67.61 -23.64
C PRO A 224 44.26 69.10 -23.40
N SER A 225 45.10 69.40 -22.42
CA SER A 225 45.58 70.75 -22.24
C SER A 225 46.53 71.07 -23.38
N PRO A 226 46.60 72.30 -23.84
CA PRO A 226 47.28 72.56 -25.09
C PRO A 226 48.76 72.26 -25.09
N GLY A 227 49.26 71.94 -26.28
CA GLY A 227 50.68 71.83 -26.53
C GLY A 227 51.39 70.81 -25.67
N MET A 228 50.79 69.65 -25.46
CA MET A 228 51.53 68.53 -24.89
C MET A 228 50.69 67.27 -25.05
N VAL A 229 51.31 66.16 -25.42
CA VAL A 229 50.55 64.95 -25.69
C VAL A 229 50.35 64.16 -24.41
N HIS A 230 49.12 63.76 -24.15
CA HIS A 230 48.74 63.02 -22.96
C HIS A 230 47.29 62.63 -23.13
N VAL A 231 46.86 61.61 -22.40
CA VAL A 231 45.44 61.28 -22.34
C VAL A 231 44.94 61.66 -20.95
N PRO A 232 44.39 62.86 -20.77
CA PRO A 232 43.73 63.16 -19.50
C PRO A 232 42.54 62.24 -19.34
N TYR A 233 42.46 61.55 -18.21
CA TYR A 233 41.26 60.83 -17.90
C TYR A 233 40.90 61.03 -16.44
N THR A 234 39.63 61.30 -16.22
CA THR A 234 39.05 61.49 -14.91
C THR A 234 38.32 60.22 -14.58
N GLN A 235 38.42 59.79 -13.34
CA GLN A 235 37.87 58.50 -12.99
C GLN A 235 37.57 58.44 -11.51
N THR A 236 36.63 57.61 -11.15
CA THR A 236 36.34 57.46 -9.74
C THR A 236 37.39 56.49 -9.16
N PRO A 237 38.06 56.74 -7.93
CA PRO A 237 38.99 55.72 -7.58
C PRO A 237 38.40 54.34 -7.37
N SER A 238 39.20 53.32 -7.16
CA SER A 238 38.75 51.97 -7.38
C SER A 238 37.93 51.49 -6.22
N GLY A 239 36.70 51.09 -6.50
CA GLY A 239 35.71 50.85 -5.48
C GLY A 239 36.06 49.75 -4.54
N PHE A 240 37.04 48.95 -4.87
CA PHE A 240 37.43 47.89 -3.99
C PHE A 240 38.34 48.42 -2.90
N LYS A 241 39.13 49.44 -3.19
CA LYS A 241 39.87 50.08 -2.14
C LYS A 241 38.95 50.82 -1.18
N TYR A 242 37.92 51.46 -1.70
CA TYR A 242 36.96 52.09 -0.82
C TYR A 242 36.28 51.05 0.04
N TRP A 243 35.92 49.92 -0.55
CA TRP A 243 35.34 48.87 0.27
C TRP A 243 36.33 48.30 1.26
N LEU A 244 37.62 48.50 1.02
CA LEU A 244 38.61 48.06 2.00
C LEU A 244 38.69 49.04 3.16
N LYS A 245 38.47 50.32 2.91
CA LYS A 245 38.56 51.28 3.99
C LYS A 245 37.25 51.47 4.74
N GLU A 246 36.11 51.21 4.11
CA GLU A 246 34.80 51.38 4.73
C GLU A 246 34.10 50.01 4.76
N LYS A 247 34.89 48.97 5.04
CA LYS A 247 34.35 47.62 5.14
C LYS A 247 33.16 47.58 6.08
N GLY A 248 33.33 48.16 7.24
CA GLY A 248 32.47 47.92 8.37
C GLY A 248 33.14 46.94 9.31
N THR A 249 32.38 46.51 10.29
CA THR A 249 32.86 45.51 11.23
C THR A 249 32.56 44.15 10.64
N ALA A 250 33.61 43.36 10.46
CA ALA A 250 33.45 42.07 9.83
C ALA A 250 32.65 41.14 10.74
N LEU A 251 32.12 40.08 10.14
CA LEU A 251 31.35 39.12 10.90
C LEU A 251 32.24 38.32 11.82
N ASN A 252 33.54 38.29 11.56
CA ASN A 252 34.43 37.60 12.47
C ASN A 252 34.40 38.22 13.85
N THR A 253 34.13 39.52 13.93
CA THR A 253 34.07 40.21 15.21
C THR A 253 32.67 40.64 15.56
N LYS A 254 31.67 40.04 14.93
CA LYS A 254 30.28 40.36 15.22
C LYS A 254 29.42 39.15 15.46
N ALA A 255 29.82 37.98 14.99
CA ALA A 255 28.93 36.84 14.91
C ALA A 255 28.38 36.46 16.27
N PRO A 256 27.08 36.27 16.43
CA PRO A 256 26.58 35.93 17.76
C PRO A 256 26.92 34.52 18.15
N PHE A 257 26.65 34.22 19.41
CA PHE A 257 26.83 32.89 19.98
C PHE A 257 28.24 32.37 19.82
N GLY A 258 29.21 33.26 19.74
CA GLY A 258 30.58 32.82 19.74
C GLY A 258 30.95 32.03 18.53
N CYS A 259 30.39 32.36 17.40
CA CYS A 259 30.81 31.74 16.17
C CYS A 259 32.14 32.35 15.82
N GLN A 260 33.13 31.54 15.51
CA GLN A 260 34.34 32.07 14.90
C GLN A 260 34.39 31.59 13.48
N ILE A 261 34.49 32.52 12.55
CA ILE A 261 34.44 32.18 11.14
C ILE A 261 35.83 31.91 10.63
N LYS A 262 35.98 30.84 9.89
CA LYS A 262 37.09 30.62 9.00
C LYS A 262 36.60 30.72 7.57
N THR A 263 37.52 30.68 6.62
CA THR A 263 37.19 31.21 5.30
C THR A 263 37.25 30.24 4.16
N ASN A 264 38.22 29.32 4.09
CA ASN A 264 38.49 28.70 2.78
C ASN A 264 37.33 27.82 2.34
N PRO A 265 36.98 26.74 3.02
CA PRO A 265 35.60 26.27 3.02
C PRO A 265 34.73 27.07 3.98
N VAL A 266 34.33 28.28 3.58
CA VAL A 266 33.84 29.30 4.52
C VAL A 266 32.85 28.72 5.48
N ARG A 267 33.09 28.94 6.77
CA ARG A 267 32.35 28.21 7.78
C ARG A 267 32.33 29.00 9.07
N ALA A 268 31.35 28.69 9.89
CA ALA A 268 31.23 29.20 11.24
C ALA A 268 31.47 28.04 12.20
N MET A 269 32.43 28.21 13.11
CA MET A 269 32.84 27.12 13.97
C MET A 269 32.54 27.43 15.43
N ASN A 270 32.29 26.35 16.16
CA ASN A 270 32.08 26.36 17.60
C ASN A 270 30.91 27.22 17.99
N CYS A 271 29.84 27.17 17.20
CA CYS A 271 28.70 28.03 17.43
C CYS A 271 27.79 27.40 18.45
N ALA A 272 27.54 28.09 19.54
CA ALA A 272 26.77 27.54 20.65
C ALA A 272 25.32 27.95 20.51
N VAL A 273 24.51 27.07 19.93
CA VAL A 273 23.08 27.30 19.82
C VAL A 273 22.37 25.97 19.76
N GLY A 274 21.23 25.89 20.42
CA GLY A 274 20.34 24.77 20.21
C GLY A 274 20.88 23.45 20.72
N ASN A 275 20.10 22.41 20.48
CA ASN A 275 20.30 21.07 20.99
C ASN A 275 20.49 20.09 19.84
N ILE A 276 21.42 19.17 20.00
CA ILE A 276 21.64 18.08 19.07
C ILE A 276 20.89 16.88 19.61
N PRO A 277 19.89 16.35 18.92
CA PRO A 277 19.28 15.10 19.36
C PRO A 277 20.07 13.93 18.81
N VAL A 278 20.36 12.96 19.66
CA VAL A 278 21.15 11.80 19.28
C VAL A 278 20.30 10.57 19.48
N SER A 279 20.33 9.68 18.50
CA SER A 279 19.68 8.37 18.57
C SER A 279 20.75 7.31 18.48
N MET A 280 20.75 6.40 19.44
CA MET A 280 21.84 5.44 19.59
C MET A 280 21.31 4.02 19.69
N ASN A 281 21.86 3.13 18.87
CA ASN A 281 21.57 1.70 18.86
C ASN A 281 22.81 0.94 19.32
N LEU A 282 22.71 0.27 20.46
CA LEU A 282 23.86 -0.34 21.10
C LEU A 282 23.84 -1.86 21.02
N PRO A 283 24.97 -2.51 20.74
CA PRO A 283 25.03 -3.97 20.89
C PRO A 283 24.96 -4.38 22.34
N ASP A 284 24.71 -5.66 22.54
CA ASP A 284 24.72 -6.21 23.88
C ASP A 284 26.14 -6.36 24.42
N SER A 285 27.12 -6.50 23.55
CA SER A 285 28.49 -6.60 24.02
C SER A 285 28.95 -5.31 24.66
N ALA A 286 28.29 -4.21 24.40
CA ALA A 286 28.59 -2.93 25.01
C ALA A 286 27.86 -2.70 26.31
N PHE A 287 27.03 -3.64 26.75
CA PHE A 287 26.47 -3.59 28.09
C PHE A 287 27.22 -4.56 28.98
N THR A 288 26.84 -4.57 30.26
CA THR A 288 27.40 -5.46 31.26
C THR A 288 26.27 -6.21 31.92
N ARG A 289 26.37 -7.53 31.95
CA ARG A 289 25.30 -8.36 32.47
C ARG A 289 25.12 -8.07 33.94
N ILE A 290 23.89 -8.24 34.42
CA ILE A 290 23.59 -7.87 35.80
C ILE A 290 24.38 -8.71 36.78
N VAL A 291 24.55 -10.00 36.50
CA VAL A 291 25.22 -10.88 37.44
C VAL A 291 26.68 -10.52 37.64
N GLU A 292 27.28 -9.73 36.76
CA GLU A 292 28.70 -9.42 36.78
C GLU A 292 28.99 -7.99 37.20
N ALA A 293 28.01 -7.27 37.73
CA ALA A 293 28.23 -5.91 38.17
C ALA A 293 27.76 -5.75 39.61
N PRO A 294 28.39 -4.86 40.37
CA PRO A 294 28.09 -4.79 41.80
C PRO A 294 26.65 -4.40 42.05
N THR A 295 26.09 -4.92 43.13
CA THR A 295 24.70 -4.69 43.46
C THR A 295 24.64 -3.84 44.72
N ILE A 296 24.05 -2.65 44.58
CA ILE A 296 24.07 -1.60 45.58
C ILE A 296 22.71 -1.52 46.25
N ILE A 297 22.71 -1.36 47.56
CA ILE A 297 21.49 -1.37 48.37
C ILE A 297 21.62 -0.34 49.47
N ASP A 298 20.48 0.23 49.86
CA ASP A 298 20.41 1.16 50.99
C ASP A 298 21.34 2.36 50.80
N LEU A 299 21.08 3.11 49.74
CA LEU A 299 21.97 4.18 49.30
C LEU A 299 21.43 5.52 49.76
N THR A 300 22.18 6.21 50.62
CA THR A 300 21.83 7.49 51.20
C THR A 300 22.87 8.53 50.79
N CYS A 301 22.41 9.67 50.30
CA CYS A 301 23.27 10.72 49.78
C CYS A 301 23.30 11.93 50.70
N THR A 302 24.49 12.40 51.05
CA THR A 302 24.69 13.65 51.77
C THR A 302 25.68 14.52 51.02
N VAL A 303 25.35 15.79 50.82
CA VAL A 303 26.22 16.71 50.10
C VAL A 303 27.22 17.35 51.05
N ALA A 304 28.51 17.16 50.79
CA ALA A 304 29.52 17.70 51.68
C ALA A 304 29.63 19.20 51.54
N THR A 305 29.96 19.68 50.35
CA THR A 305 30.05 21.10 50.08
C THR A 305 29.32 21.43 48.78
N CYS A 306 28.80 22.64 48.72
CA CYS A 306 27.99 23.09 47.59
C CYS A 306 28.40 24.53 47.28
N THR A 307 29.21 24.72 46.25
CA THR A 307 29.58 26.06 45.80
C THR A 307 29.32 26.11 44.31
N HIS A 308 28.22 26.76 43.90
CA HIS A 308 27.78 26.64 42.51
C HIS A 308 28.61 27.54 41.61
N SER A 309 29.88 27.20 41.49
CA SER A 309 30.75 27.91 40.60
C SER A 309 30.64 27.30 39.22
N SER A 310 31.33 27.89 38.27
CA SER A 310 31.31 27.33 36.92
C SER A 310 31.95 25.97 36.91
N ASP A 311 33.01 25.77 37.67
CA ASP A 311 33.68 24.49 37.68
C ASP A 311 32.91 23.56 38.57
N PHE A 312 33.48 22.38 38.86
CA PHE A 312 32.79 21.39 39.65
C PHE A 312 32.96 21.73 41.12
N GLY A 313 32.15 22.69 41.55
CA GLY A 313 32.28 23.27 42.85
C GLY A 313 31.48 22.62 43.94
N GLY A 314 30.91 21.46 43.70
CA GLY A 314 30.15 20.74 44.70
C GLY A 314 30.70 19.35 44.87
N VAL A 315 30.70 18.87 46.09
CA VAL A 315 31.18 17.53 46.42
C VAL A 315 30.12 16.88 47.28
N LEU A 316 29.69 15.68 46.88
CA LEU A 316 28.73 14.91 47.64
C LEU A 316 29.27 13.51 47.87
N THR A 317 29.00 12.99 49.06
CA THR A 317 29.49 11.69 49.48
C THR A 317 28.31 10.74 49.52
N LEU A 318 28.48 9.60 48.87
CA LEU A 318 27.44 8.60 48.70
C LEU A 318 27.76 7.45 49.64
N THR A 319 26.82 7.12 50.51
CA THR A 319 26.94 5.99 51.41
C THR A 319 26.06 4.86 50.93
N TYR A 320 26.56 3.64 51.04
CA TYR A 320 25.86 2.50 50.47
C TYR A 320 26.38 1.23 51.13
N LYS A 321 25.90 0.08 50.64
CA LYS A 321 26.38 -1.23 51.08
C LYS A 321 26.45 -2.15 49.89
N THR A 322 27.66 -2.43 49.41
CA THR A 322 27.81 -3.20 48.18
C THR A 322 28.01 -4.66 48.52
N ASP A 323 28.29 -5.48 47.50
CA ASP A 323 28.59 -6.89 47.69
C ASP A 323 29.84 -7.36 47.00
N LYS A 324 30.33 -6.67 45.98
CA LYS A 324 31.66 -6.96 45.49
C LYS A 324 32.22 -5.68 44.91
N ASN A 325 33.54 -5.63 44.81
CA ASN A 325 34.15 -4.42 44.30
C ASN A 325 34.00 -4.38 42.79
N GLY A 326 33.70 -3.21 42.27
CA GLY A 326 33.63 -3.07 40.83
C GLY A 326 33.26 -1.65 40.47
N ASP A 327 33.28 -1.39 39.16
CA ASP A 327 32.98 -0.06 38.65
C ASP A 327 31.54 -0.03 38.19
N CYS A 328 30.87 1.09 38.40
CA CYS A 328 29.56 1.21 37.79
C CYS A 328 29.13 2.66 37.63
N SER A 329 28.16 2.83 36.75
CA SER A 329 27.79 4.14 36.26
C SER A 329 27.10 4.95 37.34
N VAL A 330 27.32 6.25 37.29
CA VAL A 330 26.68 7.20 38.18
C VAL A 330 26.17 8.36 37.34
N HIS A 331 24.94 8.77 37.56
CA HIS A 331 24.40 9.86 36.77
C HIS A 331 23.26 10.54 37.50
N SER A 332 23.15 11.85 37.33
CA SER A 332 22.13 12.64 37.98
C SER A 332 20.98 12.85 37.02
N HIS A 333 19.80 12.40 37.42
CA HIS A 333 18.68 12.37 36.49
C HIS A 333 18.17 13.75 36.12
N SER A 334 18.56 14.79 36.82
CA SER A 334 18.10 16.13 36.53
C SER A 334 19.29 16.97 36.08
N ASN A 335 19.03 17.88 35.16
CA ASN A 335 20.08 18.77 34.69
C ASN A 335 20.34 19.91 35.64
N VAL A 336 19.80 19.86 36.87
CA VAL A 336 20.17 20.84 37.87
C VAL A 336 21.63 20.68 38.22
N ALA A 337 22.12 19.46 38.24
CA ALA A 337 23.51 19.18 38.52
C ALA A 337 24.05 18.24 37.47
N THR A 338 25.33 18.38 37.18
CA THR A 338 26.03 17.51 36.26
C THR A 338 27.25 16.96 36.96
N LEU A 339 27.45 15.65 36.89
CA LEU A 339 28.53 15.02 37.63
C LEU A 339 29.75 14.91 36.75
N GLN A 340 30.91 15.22 37.33
CA GLN A 340 32.13 15.18 36.53
C GLN A 340 32.44 13.75 36.13
N GLU A 341 32.22 12.82 37.03
CA GLU A 341 32.62 11.44 36.84
C GLU A 341 31.46 10.61 36.30
N ALA A 342 31.75 9.80 35.29
CA ALA A 342 30.75 8.95 34.68
C ALA A 342 30.63 7.62 35.42
N THR A 343 31.73 6.91 35.54
CA THR A 343 31.78 5.62 36.22
C THR A 343 32.54 5.79 37.52
N ALA A 344 31.98 5.30 38.62
CA ALA A 344 32.65 5.36 39.90
C ALA A 344 33.14 3.97 40.30
N LYS A 345 34.26 3.96 40.99
CA LYS A 345 34.77 2.78 41.65
C LYS A 345 33.95 2.55 42.90
N VAL A 346 33.67 1.29 43.21
CA VAL A 346 32.82 0.94 44.33
C VAL A 346 33.53 -0.17 45.08
N LYS A 347 33.91 0.12 46.33
CA LYS A 347 34.65 -0.79 47.17
C LYS A 347 33.76 -1.21 48.31
N THR A 348 34.20 -2.23 49.06
CA THR A 348 33.38 -2.77 50.12
C THR A 348 33.06 -1.74 51.19
N ALA A 349 33.87 -0.71 51.33
CA ALA A 349 33.63 0.33 52.31
C ALA A 349 32.62 1.29 51.75
N GLY A 350 31.52 1.50 52.47
CA GLY A 350 30.39 2.16 51.88
C GLY A 350 30.53 3.66 51.75
N LYS A 351 31.46 4.11 50.93
CA LYS A 351 31.69 5.53 50.71
C LYS A 351 32.27 5.71 49.32
N VAL A 352 31.61 6.52 48.49
CA VAL A 352 32.22 7.01 47.27
C VAL A 352 31.92 8.49 47.15
N THR A 353 32.94 9.29 46.88
CA THR A 353 32.81 10.74 46.81
C THR A 353 32.78 11.16 45.36
N LEU A 354 31.76 11.91 44.99
CA LEU A 354 31.60 12.41 43.63
C LEU A 354 31.55 13.92 43.64
N HIS A 355 31.89 14.50 42.50
CA HIS A 355 31.90 15.94 42.30
C HIS A 355 30.81 16.31 41.32
N PHE A 356 30.10 17.38 41.61
CA PHE A 356 29.04 17.87 40.75
C PHE A 356 29.08 19.38 40.62
N SER A 357 28.61 19.84 39.47
CA SER A 357 28.54 21.24 39.12
C SER A 357 27.09 21.63 38.97
N THR A 358 26.70 22.71 39.65
CA THR A 358 25.33 23.18 39.60
C THR A 358 25.31 24.68 39.47
N ALA A 359 24.13 25.20 39.35
CA ALA A 359 23.84 26.62 39.38
C ALA A 359 22.81 26.98 40.42
N SER A 360 21.84 26.11 40.63
CA SER A 360 20.76 26.39 41.56
C SER A 360 21.29 26.64 42.95
N ALA A 361 20.65 27.57 43.65
CA ALA A 361 20.96 27.78 45.05
C ALA A 361 20.54 26.62 45.91
N SER A 362 19.60 25.80 45.44
CA SER A 362 19.08 24.67 46.21
C SER A 362 18.94 23.48 45.27
N PRO A 363 20.04 22.88 44.89
CA PRO A 363 19.98 21.73 43.98
C PRO A 363 19.38 20.53 44.65
N SER A 364 18.26 20.04 44.12
CA SER A 364 17.70 18.77 44.55
C SER A 364 17.68 17.85 43.35
N PHE A 365 18.56 16.87 43.34
CA PHE A 365 18.68 15.93 42.25
C PHE A 365 18.77 14.51 42.76
N VAL A 366 18.21 13.57 42.00
CA VAL A 366 18.32 12.16 42.34
C VAL A 366 19.52 11.56 41.62
N VAL A 367 20.48 11.10 42.37
CA VAL A 367 21.64 10.45 41.80
C VAL A 367 21.36 8.96 41.78
N SER A 368 21.98 8.27 40.85
CA SER A 368 21.84 6.83 40.73
C SER A 368 23.20 6.19 40.65
N LEU A 369 23.56 5.43 41.66
CA LEU A 369 24.67 4.50 41.60
C LEU A 369 24.08 3.25 40.97
N CYS A 370 24.82 2.14 40.96
CA CYS A 370 24.85 1.15 39.90
C CYS A 370 23.48 0.87 39.33
N SER A 371 22.54 0.54 40.19
CA SER A 371 21.13 0.53 39.81
C SER A 371 20.21 1.15 40.85
N ALA A 372 20.72 1.69 41.93
CA ALA A 372 19.90 2.20 43.02
C ALA A 372 19.83 3.70 42.96
N ARG A 373 18.76 4.26 43.51
CA ARG A 373 18.47 5.68 43.44
C ARG A 373 18.52 6.29 44.83
N ALA A 374 19.11 7.47 44.94
CA ALA A 374 19.00 8.28 46.14
C ALA A 374 18.71 9.69 45.73
N THR A 375 18.17 10.47 46.66
CA THR A 375 17.93 11.88 46.45
C THR A 375 18.95 12.69 47.21
N CYS A 376 19.35 13.82 46.63
CA CYS A 376 20.35 14.71 47.21
C CYS A 376 19.82 16.12 47.14
N SER A 377 19.54 16.69 48.30
CA SER A 377 19.16 18.07 48.47
C SER A 377 20.31 18.80 49.14
N ALA A 378 20.78 19.87 48.54
CA ALA A 378 21.95 20.58 49.00
C ALA A 378 21.57 22.02 49.32
N SER A 379 22.59 22.81 49.67
CA SER A 379 22.39 24.22 49.96
C SER A 379 23.66 24.95 49.55
N CYS A 380 23.65 25.54 48.38
CA CYS A 380 24.84 26.16 47.81
C CYS A 380 25.00 27.60 48.24
N GLU A 381 26.29 28.07 48.31
CA GLU A 381 26.62 29.48 48.46
C GLU A 381 27.28 30.03 47.20
N PRO A 382 27.09 31.30 46.88
CA PRO A 382 27.67 31.83 45.65
C PRO A 382 29.19 31.82 45.70
N PRO A 383 29.86 31.66 44.57
CA PRO A 383 31.30 31.84 44.59
C PRO A 383 31.67 33.30 44.64
N LYS A 384 32.82 33.58 45.24
CA LYS A 384 33.30 34.94 45.34
C LYS A 384 34.11 35.38 44.14
N ASP A 385 34.80 34.46 43.47
CA ASP A 385 35.54 34.84 42.28
C ASP A 385 34.57 35.24 41.19
N HIS A 386 34.89 36.32 40.49
CA HIS A 386 33.94 36.95 39.59
C HIS A 386 34.11 36.52 38.15
N ILE A 387 35.30 36.66 37.61
CA ILE A 387 35.58 36.39 36.21
C ILE A 387 36.42 35.14 36.17
N VAL A 388 36.07 34.20 35.30
CA VAL A 388 36.66 32.87 35.30
C VAL A 388 37.04 32.50 33.87
N PRO A 389 38.20 31.91 33.61
CA PRO A 389 38.65 31.73 32.24
C PRO A 389 38.13 30.50 31.52
N TYR A 390 37.11 29.82 32.05
CA TYR A 390 36.59 28.63 31.39
C TYR A 390 35.07 28.65 31.43
N ALA A 391 34.48 28.02 30.44
CA ALA A 391 33.04 28.10 30.24
C ALA A 391 32.33 27.33 31.32
N ALA A 392 31.07 27.67 31.51
CA ALA A 392 30.29 27.05 32.56
C ALA A 392 30.08 25.58 32.25
N SER A 393 30.19 24.76 33.28
CA SER A 393 30.05 23.32 33.16
C SER A 393 28.72 22.83 33.68
N HIS A 394 27.74 23.70 33.81
CA HIS A 394 26.41 23.31 34.24
C HIS A 394 25.38 23.90 33.30
N SER A 395 24.30 23.18 33.10
CA SER A 395 23.19 23.75 32.37
C SER A 395 22.59 24.83 33.24
N ASN A 396 22.37 26.01 32.67
CA ASN A 396 22.01 27.18 33.46
C ASN A 396 20.55 27.07 33.86
N VAL A 397 20.27 26.18 34.79
CA VAL A 397 18.95 26.05 35.37
C VAL A 397 19.07 26.42 36.83
N VAL A 398 18.30 27.41 37.24
CA VAL A 398 18.55 28.14 38.47
C VAL A 398 17.40 28.08 39.46
N PHE A 399 16.19 27.83 39.02
CA PHE A 399 15.04 27.84 39.91
C PHE A 399 15.23 26.81 41.03
N PRO A 400 15.26 27.21 42.30
CA PRO A 400 15.44 26.24 43.37
C PRO A 400 14.30 25.24 43.42
N ASP A 401 14.62 24.03 43.85
CA ASP A 401 13.57 23.05 43.99
C ASP A 401 13.01 23.20 45.39
N MET A 402 11.88 22.57 45.63
CA MET A 402 11.19 22.78 46.90
C MET A 402 12.08 22.28 48.02
N SER A 403 11.78 22.73 49.23
CA SER A 403 12.49 22.40 50.44
C SER A 403 13.85 23.07 50.52
N GLY A 404 14.25 23.84 49.51
CA GLY A 404 15.32 24.77 49.69
C GLY A 404 14.81 25.98 50.43
N THR A 405 15.68 26.57 51.24
CA THR A 405 15.23 27.56 52.21
C THR A 405 14.43 28.69 51.58
N ALA A 406 14.69 29.02 50.33
CA ALA A 406 14.02 30.17 49.75
C ALA A 406 12.56 29.86 49.46
N LEU A 407 12.32 28.87 48.63
CA LEU A 407 10.94 28.56 48.35
C LEU A 407 10.30 27.86 49.53
N SER A 408 11.07 27.35 50.49
CA SER A 408 10.43 26.89 51.71
C SER A 408 9.85 28.06 52.47
N TRP A 409 10.56 29.18 52.52
CA TRP A 409 9.99 30.38 53.12
C TRP A 409 8.74 30.82 52.39
N VAL A 410 8.78 30.75 51.06
CA VAL A 410 7.61 31.14 50.29
C VAL A 410 6.47 30.18 50.59
N GLN A 411 6.79 28.90 50.74
CA GLN A 411 5.80 27.91 51.10
C GLN A 411 5.17 28.25 52.43
N LYS A 412 5.98 28.57 53.43
CA LYS A 412 5.42 28.78 54.75
C LYS A 412 4.56 30.04 54.77
N ILE A 413 5.02 31.11 54.11
CA ILE A 413 4.19 32.31 54.05
C ILE A 413 2.88 32.02 53.34
N SER A 414 2.95 31.37 52.18
CA SER A 414 1.75 31.08 51.43
C SER A 414 0.83 30.16 52.21
N GLY A 415 1.40 29.16 52.86
CA GLY A 415 0.61 28.22 53.63
C GLY A 415 -0.15 28.91 54.74
N GLY A 416 0.55 29.73 55.52
CA GLY A 416 -0.11 30.39 56.63
C GLY A 416 -1.14 31.39 56.16
N LEU A 417 -0.80 32.20 55.17
CA LEU A 417 -1.74 33.18 54.67
C LEU A 417 -2.97 32.51 54.07
N GLY A 418 -2.76 31.48 53.26
CA GLY A 418 -3.87 30.78 52.67
C GLY A 418 -4.69 30.04 53.69
N ALA A 419 -4.06 29.55 54.75
CA ALA A 419 -4.84 28.96 55.83
C ALA A 419 -5.71 30.00 56.50
N PHE A 420 -5.17 31.19 56.71
CA PHE A 420 -6.01 32.23 57.29
C PHE A 420 -7.11 32.65 56.33
N ALA A 421 -6.81 32.67 55.03
CA ALA A 421 -7.82 32.98 54.04
C ALA A 421 -8.92 31.92 54.00
N ILE A 422 -8.56 30.64 54.05
CA ILE A 422 -9.58 29.61 53.99
C ILE A 422 -10.34 29.59 55.30
N GLY A 423 -9.70 30.00 56.39
CA GLY A 423 -10.45 30.19 57.62
C GLY A 423 -11.46 31.32 57.50
N ALA A 424 -11.09 32.40 56.84
CA ALA A 424 -12.06 33.47 56.59
C ALA A 424 -13.19 32.97 55.70
N ILE A 425 -12.86 32.18 54.69
CA ILE A 425 -13.90 31.61 53.85
C ILE A 425 -14.82 30.75 54.69
N LEU A 426 -14.25 29.91 55.55
CA LEU A 426 -15.06 29.00 56.34
C LEU A 426 -15.96 29.77 57.29
N VAL A 427 -15.43 30.81 57.94
CA VAL A 427 -16.26 31.52 58.90
C VAL A 427 -17.35 32.29 58.18
N LEU A 428 -17.06 32.82 57.00
CA LEU A 428 -18.14 33.41 56.22
C LEU A 428 -19.18 32.39 55.83
N VAL A 429 -18.77 31.20 55.43
CA VAL A 429 -19.76 30.22 55.04
C VAL A 429 -20.63 29.89 56.22
N VAL A 430 -20.02 29.70 57.39
CA VAL A 430 -20.79 29.32 58.57
C VAL A 430 -21.78 30.41 58.94
N VAL A 431 -21.32 31.66 59.00
CA VAL A 431 -22.22 32.76 59.34
C VAL A 431 -23.34 32.88 58.33
N THR A 432 -23.02 32.87 57.04
CA THR A 432 -24.05 33.09 56.03
C THR A 432 -25.02 31.93 55.97
N CYS A 433 -24.58 30.71 56.27
CA CYS A 433 -25.52 29.60 56.27
C CYS A 433 -26.45 29.74 57.46
N ILE A 434 -25.90 30.12 58.60
CA ILE A 434 -26.73 30.36 59.78
C ILE A 434 -27.72 31.47 59.49
N GLY A 435 -27.28 32.52 58.82
CA GLY A 435 -28.21 33.58 58.43
C GLY A 435 -29.25 33.11 57.45
N LEU A 436 -28.87 32.25 56.51
CA LEU A 436 -29.83 31.73 55.55
C LEU A 436 -30.93 30.98 56.26
N ARG A 437 -30.59 30.26 57.32
CA ARG A 437 -31.57 29.45 58.02
C ARG A 437 -32.21 30.21 59.17
N ARG A 438 -31.55 31.25 59.65
CA ARG A 438 -32.07 32.08 60.70
C ARG A 438 -32.58 33.33 60.03
N PHE B 1 68.70 35.13 -22.47
CA PHE B 1 67.53 35.11 -23.35
C PHE B 1 67.29 36.44 -24.06
N ASN B 2 67.85 37.51 -23.51
CA ASN B 2 67.81 38.85 -24.09
C ASN B 2 66.43 39.20 -24.63
N VAL B 3 65.47 39.19 -23.71
CA VAL B 3 64.11 39.63 -24.01
C VAL B 3 64.04 41.14 -24.19
N TYR B 4 65.16 41.84 -24.01
CA TYR B 4 65.25 43.28 -24.04
C TYR B 4 66.04 43.75 -25.23
N LYS B 5 66.53 42.84 -26.06
CA LYS B 5 67.26 43.22 -27.26
C LYS B 5 66.41 43.97 -28.26
N ALA B 6 65.10 44.09 -28.06
CA ALA B 6 64.24 44.84 -28.95
C ALA B 6 63.53 46.02 -28.29
N THR B 7 63.81 46.30 -27.03
CA THR B 7 63.26 47.46 -26.35
C THR B 7 64.33 48.55 -26.28
N ARG B 8 63.87 49.79 -26.12
CA ARG B 8 64.71 50.97 -26.06
C ARG B 8 64.17 51.89 -24.98
N PRO B 9 65.01 52.62 -24.26
CA PRO B 9 64.48 53.59 -23.31
C PRO B 9 63.74 54.68 -24.04
N TYR B 10 63.09 55.61 -23.35
CA TYR B 10 62.36 56.62 -24.07
C TYR B 10 62.26 57.89 -23.26
N ILE B 11 61.93 58.96 -23.97
CA ILE B 11 61.89 60.31 -23.44
C ILE B 11 60.41 60.60 -23.19
N ALA B 12 59.98 60.52 -21.95
CA ALA B 12 58.61 60.89 -21.60
C ALA B 12 58.61 62.21 -20.84
N TYR B 13 57.50 62.91 -20.94
CA TYR B 13 57.32 64.15 -20.21
C TYR B 13 56.95 63.81 -18.78
N CYS B 14 57.57 64.46 -17.80
CA CYS B 14 57.02 64.37 -16.47
C CYS B 14 57.07 65.75 -15.85
N ALA B 15 56.02 66.07 -15.10
CA ALA B 15 55.66 67.43 -14.81
C ALA B 15 56.47 68.02 -13.68
N ASP B 16 57.07 67.19 -12.84
CA ASP B 16 57.87 67.66 -11.70
C ASP B 16 59.15 66.85 -11.75
N CYS B 17 60.15 67.40 -12.43
CA CYS B 17 61.41 66.71 -12.64
C CYS B 17 62.52 67.32 -11.79
N GLY B 18 62.14 67.95 -10.69
CA GLY B 18 63.07 68.52 -9.75
C GLY B 18 62.90 70.00 -9.80
N ALA B 19 62.76 70.66 -8.67
CA ALA B 19 62.57 72.11 -8.61
C ALA B 19 61.26 72.56 -9.24
N GLY B 20 60.37 71.66 -9.62
CA GLY B 20 59.05 72.06 -10.05
C GLY B 20 58.90 72.47 -11.49
N HIS B 21 59.98 72.53 -12.25
CA HIS B 21 59.88 72.90 -13.66
C HIS B 21 59.64 71.64 -14.48
N SER B 22 58.52 71.60 -15.19
CA SER B 22 58.13 70.43 -15.98
C SER B 22 59.18 70.16 -17.04
N CYS B 23 59.53 68.90 -17.22
CA CYS B 23 60.59 68.64 -18.18
C CYS B 23 60.52 67.24 -18.77
N HIS B 24 61.16 67.14 -19.92
CA HIS B 24 61.20 65.94 -20.73
C HIS B 24 62.34 65.08 -20.25
N SER B 25 62.03 63.92 -19.70
CA SER B 25 62.99 63.17 -18.91
C SER B 25 63.15 61.77 -19.45
N PRO B 26 64.30 61.15 -19.24
CA PRO B 26 64.45 59.73 -19.51
C PRO B 26 64.15 58.84 -18.32
N VAL B 27 63.76 59.42 -17.19
CA VAL B 27 63.61 58.68 -15.95
C VAL B 27 62.17 58.85 -15.49
N ALA B 28 61.25 59.03 -16.44
CA ALA B 28 59.89 59.35 -16.05
C ALA B 28 59.21 58.15 -15.46
N ILE B 29 58.66 58.29 -14.26
CA ILE B 29 57.80 57.26 -13.72
C ILE B 29 56.52 57.25 -14.53
N GLU B 30 55.98 56.06 -14.77
CA GLU B 30 54.76 55.95 -15.54
C GLU B 30 53.73 55.03 -14.92
N ALA B 31 54.06 54.27 -13.89
CA ALA B 31 53.10 53.43 -13.22
C ALA B 31 53.68 53.08 -11.86
N VAL B 32 52.85 53.15 -10.83
CA VAL B 32 53.25 52.70 -9.51
C VAL B 32 52.24 51.66 -9.09
N ARG B 33 52.71 50.45 -8.86
CA ARG B 33 51.87 49.32 -8.54
C ARG B 33 52.25 48.87 -7.15
N SER B 34 51.27 48.81 -6.26
CA SER B 34 51.49 48.51 -4.87
C SER B 34 50.52 47.48 -4.39
N GLU B 35 50.33 46.43 -5.17
CA GLU B 35 49.48 45.34 -4.71
C GLU B 35 50.17 44.44 -3.71
N ALA B 36 51.47 44.57 -3.51
CA ALA B 36 52.11 43.79 -2.47
C ALA B 36 51.66 44.31 -1.12
N THR B 37 51.28 43.40 -0.24
CA THR B 37 50.89 43.79 1.10
C THR B 37 52.06 43.92 2.05
N ASP B 38 53.24 43.48 1.64
CA ASP B 38 54.42 43.63 2.48
C ASP B 38 54.83 45.08 2.56
N GLY B 39 54.73 45.79 1.44
CA GLY B 39 55.07 47.20 1.40
C GLY B 39 55.97 47.55 0.25
N MET B 40 56.50 46.54 -0.41
CA MET B 40 57.31 46.80 -1.58
C MET B 40 56.42 47.31 -2.69
N LEU B 41 56.97 48.18 -3.52
CA LEU B 41 56.24 48.78 -4.61
C LEU B 41 56.99 48.56 -5.91
N LYS B 42 56.25 48.36 -6.99
CA LYS B 42 56.80 48.25 -8.32
C LYS B 42 56.72 49.63 -8.94
N ILE B 43 57.85 50.16 -9.35
CA ILE B 43 57.92 51.46 -9.99
C ILE B 43 58.28 51.19 -11.44
N GLN B 44 57.48 51.73 -12.35
CA GLN B 44 57.66 51.52 -13.78
C GLN B 44 58.47 52.67 -14.35
N PHE B 45 59.69 52.38 -14.74
CA PHE B 45 60.67 53.40 -15.08
C PHE B 45 60.33 53.87 -16.47
N SER B 46 61.16 54.71 -17.06
CA SER B 46 61.15 54.95 -18.48
C SER B 46 62.44 54.49 -19.15
N ALA B 47 63.34 53.85 -18.41
CA ALA B 47 64.59 53.37 -18.95
C ALA B 47 64.92 52.05 -18.27
N GLN B 48 65.18 51.01 -19.06
CA GLN B 48 65.43 49.72 -18.43
C GLN B 48 66.71 49.74 -17.62
N ILE B 49 66.83 48.73 -16.77
CA ILE B 49 67.96 48.58 -15.84
C ILE B 49 68.80 47.41 -16.27
N GLY B 50 70.10 47.61 -16.34
CA GLY B 50 71.00 46.48 -16.49
C GLY B 50 71.10 45.88 -17.87
N ILE B 51 70.66 46.58 -18.90
CA ILE B 51 70.85 46.15 -20.28
C ILE B 51 71.56 47.29 -20.99
N ASP B 52 72.85 47.14 -21.24
CA ASP B 52 73.67 48.24 -21.73
C ASP B 52 73.37 48.42 -23.22
N LYS B 53 74.10 49.32 -23.89
CA LYS B 53 73.87 49.52 -25.31
C LYS B 53 74.18 48.25 -26.09
N SER B 54 75.20 47.52 -25.68
CA SER B 54 75.53 46.25 -26.30
C SER B 54 74.60 45.11 -25.89
N ASP B 55 73.55 45.39 -25.13
CA ASP B 55 72.58 44.39 -24.72
C ASP B 55 73.20 43.27 -23.89
N ASN B 56 74.38 43.50 -23.33
CA ASN B 56 74.91 42.63 -22.30
C ASN B 56 74.11 42.81 -21.01
N HIS B 57 73.89 41.73 -20.29
CA HIS B 57 73.04 41.74 -19.12
C HIS B 57 73.79 42.07 -17.84
N ASP B 58 74.95 42.73 -17.94
CA ASP B 58 75.71 43.05 -16.74
C ASP B 58 75.02 44.16 -15.97
N TYR B 59 75.05 44.04 -14.64
CA TYR B 59 74.17 44.81 -13.79
C TYR B 59 74.73 46.16 -13.41
N THR B 60 76.02 46.39 -13.62
CA THR B 60 76.63 47.61 -13.11
C THR B 60 76.17 48.83 -13.88
N LYS B 61 75.51 48.65 -15.01
CA LYS B 61 75.14 49.72 -15.91
C LYS B 61 73.64 49.90 -15.90
N ILE B 62 73.22 51.15 -16.11
CA ILE B 62 71.84 51.56 -16.24
C ILE B 62 71.74 52.17 -17.62
N ARG B 63 70.64 51.92 -18.31
CA ARG B 63 70.50 52.33 -19.70
C ARG B 63 69.48 53.44 -19.79
N TYR B 64 69.71 54.41 -20.66
CA TYR B 64 68.71 55.42 -20.92
C TYR B 64 68.89 55.97 -22.30
N ALA B 65 67.92 56.75 -22.73
CA ALA B 65 67.92 57.35 -24.05
C ALA B 65 68.05 58.85 -23.88
N ASP B 66 68.95 59.43 -24.65
CA ASP B 66 69.03 60.88 -24.78
C ASP B 66 69.18 61.21 -26.25
N GLY B 67 68.59 62.32 -26.65
CA GLY B 67 68.45 62.57 -28.07
C GLY B 67 67.76 61.39 -28.71
N HIS B 68 68.37 60.89 -29.78
CA HIS B 68 67.96 59.66 -30.43
C HIS B 68 68.87 58.50 -30.10
N ALA B 69 69.86 58.69 -29.25
CA ALA B 69 70.81 57.65 -28.94
C ALA B 69 70.50 57.05 -27.57
N ILE B 70 71.13 55.91 -27.31
CA ILE B 70 70.99 55.18 -26.06
C ILE B 70 72.36 55.16 -25.41
N GLU B 71 72.45 55.77 -24.24
CA GLU B 71 73.67 55.87 -23.46
C GLU B 71 73.46 55.18 -22.13
N ASN B 72 74.48 55.24 -21.28
CA ASN B 72 74.48 54.51 -20.03
C ASN B 72 74.84 55.42 -18.88
N ALA B 73 74.69 54.89 -17.68
CA ALA B 73 75.18 55.54 -16.48
C ALA B 73 75.39 54.46 -15.43
N VAL B 74 75.86 54.86 -14.28
CA VAL B 74 76.30 53.88 -13.31
C VAL B 74 75.08 53.36 -12.58
N ARG B 75 75.05 52.06 -12.33
CA ARG B 75 73.93 51.48 -11.61
C ARG B 75 73.83 52.04 -10.21
N SER B 76 74.97 52.25 -9.56
CA SER B 76 74.90 52.77 -8.20
C SER B 76 74.35 54.17 -8.12
N SER B 77 74.21 54.89 -9.25
CA SER B 77 73.65 56.23 -9.20
C SER B 77 72.21 56.22 -8.72
N LEU B 78 71.48 55.16 -9.02
CA LEU B 78 70.02 55.19 -8.89
C LEU B 78 69.63 55.38 -7.44
N LYS B 79 68.80 56.39 -7.19
CA LYS B 79 68.20 56.56 -5.87
C LYS B 79 66.72 56.82 -6.02
N VAL B 80 65.91 56.06 -5.30
CA VAL B 80 64.49 56.33 -5.19
C VAL B 80 64.22 56.79 -3.77
N ALA B 81 63.24 57.67 -3.61
CA ALA B 81 62.99 58.23 -2.29
C ALA B 81 61.61 58.87 -2.26
N THR B 82 60.85 58.60 -1.20
CA THR B 82 59.54 59.21 -1.05
C THR B 82 59.55 60.40 -0.09
N SER B 83 60.02 60.19 1.14
CA SER B 83 60.35 61.27 2.04
C SER B 83 61.83 61.27 2.37
N GLY B 84 62.35 60.13 2.80
CA GLY B 84 63.77 59.89 2.93
C GLY B 84 64.23 58.92 1.86
N ASP B 85 65.53 58.64 1.92
CA ASP B 85 66.10 57.65 1.02
C ASP B 85 65.41 56.32 1.23
N CYS B 86 65.04 55.67 0.13
CA CYS B 86 64.44 54.36 0.17
C CYS B 86 65.51 53.33 -0.08
N PHE B 87 65.10 52.06 -0.13
CA PHE B 87 66.00 50.96 -0.41
C PHE B 87 65.46 50.18 -1.59
N VAL B 88 66.32 49.91 -2.55
CA VAL B 88 65.95 49.17 -3.74
C VAL B 88 66.26 47.70 -3.48
N HIS B 89 65.35 46.83 -3.92
CA HIS B 89 65.51 45.40 -3.76
C HIS B 89 65.76 44.71 -5.08
N GLY B 90 64.89 44.94 -6.05
CA GLY B 90 64.95 44.28 -7.33
C GLY B 90 64.99 45.25 -8.47
N THR B 91 66.07 45.24 -9.21
CA THR B 91 66.25 46.11 -10.36
C THR B 91 66.26 45.24 -11.58
N MET B 92 65.21 45.31 -12.41
CA MET B 92 65.27 44.56 -13.65
C MET B 92 64.40 45.24 -14.68
N GLY B 93 64.98 45.42 -15.86
CA GLY B 93 64.23 45.98 -16.95
C GLY B 93 63.70 47.34 -16.61
N HIS B 94 62.53 47.64 -17.16
CA HIS B 94 61.85 48.88 -16.87
C HIS B 94 61.33 48.98 -15.45
N PHE B 95 61.54 47.98 -14.59
CA PHE B 95 60.82 47.93 -13.32
C PHE B 95 61.81 47.88 -12.17
N ILE B 96 61.49 48.62 -11.10
CA ILE B 96 62.32 48.66 -9.90
C ILE B 96 61.43 48.45 -8.69
N LEU B 97 61.83 47.53 -7.81
CA LEU B 97 61.13 47.26 -6.57
C LEU B 97 61.73 48.10 -5.45
N ALA B 98 60.88 48.73 -4.67
CA ALA B 98 61.36 49.62 -3.60
C ALA B 98 60.55 49.40 -2.35
N LYS B 99 61.23 49.38 -1.21
CA LYS B 99 60.60 49.48 0.09
C LYS B 99 60.89 50.86 0.62
N CYS B 100 59.84 51.64 0.92
CA CYS B 100 59.97 53.07 1.05
C CYS B 100 59.23 53.60 2.28
N PRO B 101 59.82 54.51 3.05
CA PRO B 101 59.15 55.02 4.22
C PRO B 101 57.92 55.82 3.83
N PRO B 102 56.92 55.93 4.70
CA PRO B 102 55.71 56.64 4.33
C PRO B 102 55.99 58.06 3.95
N GLY B 103 55.29 58.53 2.93
CA GLY B 103 55.51 59.86 2.43
C GLY B 103 54.31 60.32 1.67
N GLU B 104 54.52 61.29 0.78
CA GLU B 104 53.46 61.78 -0.07
C GLU B 104 53.83 61.87 -1.54
N PHE B 105 55.09 61.80 -1.90
CA PHE B 105 55.49 61.79 -3.30
C PHE B 105 56.51 60.68 -3.49
N LEU B 106 56.99 60.54 -4.72
CA LEU B 106 57.95 59.49 -5.02
C LEU B 106 58.87 60.01 -6.10
N GLN B 107 60.17 60.01 -5.82
CA GLN B 107 61.20 60.47 -6.73
C GLN B 107 62.06 59.30 -7.15
N VAL B 108 62.44 59.29 -8.42
CA VAL B 108 63.44 58.36 -8.92
C VAL B 108 64.52 59.20 -9.59
N SER B 109 65.78 58.88 -9.31
CA SER B 109 66.90 59.72 -9.67
C SER B 109 68.00 58.86 -10.27
N ILE B 110 68.71 59.43 -11.25
CA ILE B 110 69.68 58.71 -12.04
C ILE B 110 70.68 59.70 -12.63
N GLN B 111 71.97 59.39 -12.56
CA GLN B 111 72.98 60.24 -13.15
C GLN B 111 73.03 60.08 -14.66
N ASP B 112 73.46 61.14 -15.35
CA ASP B 112 73.67 61.12 -16.79
C ASP B 112 75.03 60.49 -17.12
N THR B 113 75.38 60.47 -18.41
CA THR B 113 76.79 60.29 -18.75
C THR B 113 77.61 61.46 -18.23
N ARG B 114 77.05 62.66 -18.29
CA ARG B 114 77.70 63.86 -17.78
C ARG B 114 77.66 63.98 -16.26
N ASN B 115 77.23 62.95 -15.54
CA ASN B 115 77.20 62.95 -14.08
C ASN B 115 76.31 64.11 -13.62
N ALA B 116 75.26 64.41 -14.38
CA ALA B 116 74.25 65.38 -13.99
C ALA B 116 72.96 64.63 -13.66
N VAL B 117 72.34 65.01 -12.56
CA VAL B 117 71.25 64.22 -12.01
C VAL B 117 69.98 64.54 -12.76
N ARG B 118 69.38 63.52 -13.37
CA ARG B 118 68.04 63.59 -13.91
C ARG B 118 67.14 62.77 -13.03
N ALA B 119 66.00 63.32 -12.66
CA ALA B 119 65.10 62.65 -11.76
C ALA B 119 63.69 62.99 -12.16
N CYS B 120 62.73 62.23 -11.64
CA CYS B 120 61.38 62.70 -11.83
C CYS B 120 60.51 62.24 -10.67
N ARG B 121 59.47 63.02 -10.41
CA ARG B 121 58.62 62.90 -9.24
C ARG B 121 57.19 62.63 -9.67
N ILE B 122 56.47 61.84 -8.89
CA ILE B 122 55.01 61.74 -9.03
C ILE B 122 54.40 61.79 -7.64
N GLN B 123 53.11 62.09 -7.62
CA GLN B 123 52.38 62.22 -6.38
C GLN B 123 51.75 60.88 -6.08
N TYR B 124 52.39 60.10 -5.22
CA TYR B 124 51.89 58.80 -4.80
C TYR B 124 51.74 58.76 -3.29
N HIS B 125 50.59 58.33 -2.81
CA HIS B 125 50.28 58.42 -1.39
C HIS B 125 51.25 57.62 -0.53
N HIS B 126 51.31 56.31 -0.72
CA HIS B 126 52.23 55.43 0.00
C HIS B 126 52.15 55.55 1.53
N ASP B 127 50.98 55.23 2.08
CA ASP B 127 50.88 54.99 3.52
C ASP B 127 50.71 53.47 3.64
N PRO B 128 51.79 52.71 3.76
CA PRO B 128 51.70 51.25 3.85
C PRO B 128 51.29 50.78 5.22
N GLN B 129 50.18 50.06 5.30
CA GLN B 129 49.74 49.47 6.55
C GLN B 129 50.22 48.04 6.58
N PRO B 130 51.08 47.62 7.49
CA PRO B 130 51.54 46.24 7.49
C PRO B 130 50.42 45.29 7.85
N VAL B 131 50.65 44.02 7.54
CA VAL B 131 49.63 43.02 7.72
C VAL B 131 49.31 42.88 9.19
N GLY B 132 48.17 42.32 9.47
CA GLY B 132 47.85 41.99 10.83
C GLY B 132 47.16 43.13 11.52
N ARG B 133 47.07 43.02 12.83
CA ARG B 133 46.25 43.92 13.62
C ARG B 133 47.07 44.95 14.39
N GLU B 134 48.38 45.01 14.16
CA GLU B 134 49.21 46.02 14.80
C GLU B 134 50.11 46.66 13.77
N LYS B 135 50.11 47.98 13.74
CA LYS B 135 50.97 48.73 12.86
C LYS B 135 52.36 48.77 13.46
N PHE B 136 53.36 48.39 12.68
CA PHE B 136 54.74 48.51 13.12
C PHE B 136 55.56 49.08 11.98
N THR B 137 56.81 49.37 12.29
CA THR B 137 57.74 49.85 11.28
C THR B 137 58.89 48.89 11.02
N ILE B 138 59.52 48.38 12.07
CA ILE B 138 60.63 47.44 11.95
C ILE B 138 60.14 46.11 12.45
N ARG B 139 60.46 45.05 11.74
CA ARG B 139 59.95 43.75 12.14
C ARG B 139 60.55 43.32 13.47
N PRO B 140 59.77 42.86 14.42
CA PRO B 140 60.33 42.51 15.72
C PRO B 140 61.20 41.27 15.62
N HIS B 141 62.00 41.06 16.66
CA HIS B 141 62.81 39.86 16.72
C HIS B 141 62.06 38.65 17.24
N TYR B 142 60.95 38.86 17.94
CA TYR B 142 60.10 37.77 18.40
C TYR B 142 58.68 38.07 17.99
N GLY B 143 58.06 37.17 17.26
CA GLY B 143 56.72 37.44 16.81
C GLY B 143 56.16 36.31 16.01
N LYS B 144 54.90 36.46 15.67
CA LYS B 144 54.12 35.44 15.00
C LYS B 144 54.29 35.59 13.50
N GLU B 145 54.34 34.48 12.81
CA GLU B 145 54.45 34.48 11.36
C GLU B 145 53.07 34.58 10.74
N ILE B 146 52.91 35.47 9.76
CA ILE B 146 51.62 35.67 9.07
C ILE B 146 51.85 35.84 7.57
N PRO B 147 50.93 35.35 6.74
CA PRO B 147 51.07 35.53 5.29
C PRO B 147 50.99 36.98 4.81
N CYS B 148 52.06 37.46 4.17
CA CYS B 148 52.06 38.66 3.33
C CYS B 148 52.55 38.34 1.93
N THR B 149 51.86 38.89 0.95
CA THR B 149 52.19 38.73 -0.45
C THR B 149 53.17 39.81 -0.88
N THR B 150 54.32 39.40 -1.41
CA THR B 150 55.33 40.32 -1.89
C THR B 150 55.92 39.82 -3.19
N TYR B 151 56.75 40.66 -3.79
CA TYR B 151 57.25 40.43 -5.13
C TYR B 151 58.60 39.74 -5.05
N GLN B 152 58.79 38.73 -5.89
CA GLN B 152 60.05 38.01 -5.98
C GLN B 152 60.83 38.40 -7.21
N GLN B 153 62.00 37.79 -7.37
CA GLN B 153 62.97 38.20 -8.39
C GLN B 153 63.09 37.14 -9.48
N THR B 154 62.10 36.28 -9.63
CA THR B 154 62.10 35.36 -10.76
C THR B 154 61.77 36.19 -11.99
N THR B 155 62.80 36.54 -12.77
CA THR B 155 62.65 37.63 -13.75
C THR B 155 61.65 37.28 -14.85
N ALA B 156 61.61 36.02 -15.30
CA ALA B 156 60.62 35.56 -16.28
C ALA B 156 59.49 34.83 -15.55
N LYS B 157 58.29 35.39 -15.58
CA LYS B 157 57.12 34.68 -15.07
C LYS B 157 55.86 35.18 -15.77
N THR B 158 55.34 34.35 -16.64
CA THR B 158 54.14 34.60 -17.43
C THR B 158 52.95 34.92 -16.53
N VAL B 159 51.92 35.52 -17.16
CA VAL B 159 50.67 36.08 -16.62
C VAL B 159 50.75 37.59 -16.54
N GLU B 160 51.90 38.14 -16.17
CA GLU B 160 52.06 39.58 -16.04
C GLU B 160 52.80 40.10 -17.25
N GLU B 161 52.20 41.05 -17.97
CA GLU B 161 52.69 41.46 -19.27
C GLU B 161 52.48 42.94 -19.46
N ILE B 162 53.15 43.50 -20.46
CA ILE B 162 52.88 44.86 -20.92
C ILE B 162 52.84 44.86 -22.44
N ASP B 163 52.30 45.95 -22.97
CA ASP B 163 52.14 46.13 -24.41
C ASP B 163 53.18 47.11 -24.91
N MET B 164 53.97 46.68 -25.89
CA MET B 164 54.95 47.51 -26.57
C MET B 164 54.41 48.00 -27.91
N HIS B 165 54.87 49.17 -28.36
CA HIS B 165 54.48 49.66 -29.69
C HIS B 165 55.63 50.43 -30.34
N MET B 166 55.65 50.44 -31.67
CA MET B 166 56.80 50.89 -32.45
C MET B 166 57.00 52.39 -32.29
N PRO B 167 58.18 52.86 -31.93
CA PRO B 167 58.33 54.25 -31.53
C PRO B 167 58.05 55.19 -32.68
N PRO B 168 57.01 56.02 -32.60
CA PRO B 168 56.46 56.61 -33.82
C PRO B 168 57.43 57.49 -34.61
N ASP B 169 58.04 58.47 -33.96
CA ASP B 169 58.87 59.44 -34.64
C ASP B 169 59.71 60.14 -33.58
N THR B 170 60.54 61.05 -34.02
CA THR B 170 61.29 61.88 -33.09
C THR B 170 61.70 63.15 -33.82
N PRO B 171 60.85 64.14 -33.93
CA PRO B 171 61.22 65.28 -34.78
C PRO B 171 62.29 66.14 -34.14
N ASP B 172 63.50 66.09 -34.69
CA ASP B 172 64.62 66.91 -34.24
C ASP B 172 64.90 68.03 -35.22
N ARG B 173 65.06 69.24 -34.70
CA ARG B 173 65.52 70.37 -35.49
C ARG B 173 67.03 70.41 -35.67
N THR B 174 67.81 69.79 -34.78
CA THR B 174 69.25 69.69 -35.04
C THR B 174 69.56 68.99 -36.36
N LEU B 175 68.63 68.19 -36.87
CA LEU B 175 68.77 67.55 -38.17
C LEU B 175 68.93 68.52 -39.33
N LEU B 176 68.64 69.81 -39.15
CA LEU B 176 68.53 70.77 -40.24
C LEU B 176 69.53 71.89 -40.08
N SER B 177 70.17 72.27 -41.19
CA SER B 177 71.11 73.39 -41.19
C SER B 177 70.87 74.23 -42.43
N GLN B 178 70.76 75.54 -42.22
CA GLN B 178 70.47 76.48 -43.30
C GLN B 178 71.76 76.83 -44.04
N GLN B 179 71.80 76.53 -45.34
CA GLN B 179 73.01 76.67 -46.15
C GLN B 179 72.66 77.46 -47.40
N SER B 180 72.93 78.77 -47.36
CA SER B 180 72.79 79.65 -48.51
C SER B 180 71.41 79.55 -49.15
N GLY B 181 70.38 79.68 -48.32
CA GLY B 181 69.02 79.58 -48.80
C GLY B 181 68.54 78.17 -49.02
N ASN B 182 69.36 77.18 -48.72
CA ASN B 182 69.06 75.76 -48.87
C ASN B 182 68.91 75.14 -47.50
N VAL B 183 68.32 73.95 -47.47
CA VAL B 183 68.21 73.17 -46.25
C VAL B 183 69.07 71.95 -46.45
N LYS B 184 70.15 71.85 -45.69
CA LYS B 184 71.00 70.66 -45.66
C LYS B 184 70.56 69.83 -44.47
N ILE B 185 70.13 68.61 -44.75
CA ILE B 185 69.67 67.67 -43.74
C ILE B 185 70.76 66.63 -43.59
N THR B 186 71.35 66.57 -42.42
CA THR B 186 72.27 65.49 -42.11
C THR B 186 71.46 64.32 -41.58
N VAL B 187 72.07 63.15 -41.62
CA VAL B 187 71.40 61.91 -41.27
C VAL B 187 72.02 61.27 -40.03
N GLY B 188 73.34 61.11 -40.03
CA GLY B 188 73.97 60.50 -38.86
C GLY B 188 73.58 59.06 -38.64
N GLY B 189 73.45 58.28 -39.71
CA GLY B 189 73.11 56.89 -39.57
C GLY B 189 71.76 56.60 -38.97
N LYS B 190 70.72 57.28 -39.44
CA LYS B 190 69.36 56.98 -39.02
C LYS B 190 68.38 57.41 -40.09
N LYS B 191 67.47 56.52 -40.46
CA LYS B 191 66.52 56.81 -41.53
C LYS B 191 65.64 57.98 -41.14
N VAL B 192 65.48 58.94 -42.04
CA VAL B 192 64.85 60.21 -41.72
C VAL B 192 63.87 60.55 -42.82
N LYS B 193 62.67 60.99 -42.43
CA LYS B 193 61.68 61.48 -43.37
C LYS B 193 61.54 62.98 -43.22
N TYR B 194 60.98 63.61 -44.25
CA TYR B 194 60.82 65.04 -44.24
C TYR B 194 59.65 65.46 -45.11
N ASN B 195 59.10 66.62 -44.76
CA ASN B 195 58.02 67.26 -45.50
C ASN B 195 58.36 68.73 -45.56
N CYS B 196 58.73 69.22 -46.74
CA CYS B 196 59.19 70.58 -46.93
C CYS B 196 58.21 71.28 -47.85
N THR B 197 57.55 72.32 -47.35
CA THR B 197 56.54 73.03 -48.13
C THR B 197 57.25 74.10 -48.96
N CYS B 198 57.98 73.59 -49.95
CA CYS B 198 58.71 74.39 -50.92
C CYS B 198 58.32 74.11 -52.36
N GLY B 199 57.68 72.96 -52.64
CA GLY B 199 57.31 72.59 -53.99
C GLY B 199 57.92 71.27 -54.41
N THR B 200 57.38 70.67 -55.47
CA THR B 200 57.79 69.41 -56.08
C THR B 200 58.36 68.41 -55.07
N GLY B 201 59.32 67.57 -55.48
CA GLY B 201 59.53 66.23 -54.94
C GLY B 201 60.17 66.21 -53.57
N ASN B 202 59.52 66.86 -52.60
CA ASN B 202 60.13 67.25 -51.35
C ASN B 202 59.56 66.54 -50.13
N VAL B 203 58.41 65.88 -50.22
CA VAL B 203 57.90 65.09 -49.10
C VAL B 203 58.48 63.69 -49.28
N GLY B 204 59.70 63.46 -48.75
CA GLY B 204 60.36 62.20 -48.99
C GLY B 204 61.04 61.61 -47.76
N THR B 205 61.47 60.36 -47.93
CA THR B 205 62.24 59.60 -46.96
C THR B 205 63.62 59.35 -47.52
N THR B 206 64.65 59.64 -46.73
CA THR B 206 66.02 59.35 -47.13
C THR B 206 66.75 58.63 -46.02
N ASN B 207 67.86 58.01 -46.40
CA ASN B 207 68.77 57.33 -45.50
C ASN B 207 70.15 57.98 -45.55
N SER B 208 70.31 59.07 -46.31
CA SER B 208 71.61 59.65 -46.57
C SER B 208 71.55 61.15 -46.41
N ASP B 209 72.69 61.75 -46.10
CA ASP B 209 72.77 63.20 -46.01
C ASP B 209 72.33 63.77 -47.35
N MET B 210 71.55 64.84 -47.30
CA MET B 210 70.94 65.37 -48.50
C MET B 210 70.78 66.88 -48.33
N THR B 211 70.45 67.55 -49.43
CA THR B 211 70.30 69.00 -49.41
C THR B 211 69.21 69.42 -50.39
N ILE B 212 68.14 70.02 -49.88
CA ILE B 212 67.11 70.61 -50.72
C ILE B 212 67.52 72.04 -50.99
N ASN B 213 67.79 72.35 -52.25
CA ASN B 213 68.21 73.70 -52.61
C ASN B 213 67.03 74.66 -52.58
N THR B 214 67.33 75.90 -52.21
CA THR B 214 66.35 77.00 -52.19
C THR B 214 65.14 76.66 -51.31
N CYS B 215 65.41 76.43 -50.04
CA CYS B 215 64.37 76.13 -49.07
C CYS B 215 64.83 76.62 -47.70
N LEU B 216 63.85 76.89 -46.83
CA LEU B 216 64.06 77.59 -45.59
C LEU B 216 63.87 76.66 -44.40
N ILE B 217 64.79 76.76 -43.44
CA ILE B 217 64.76 75.89 -42.27
C ILE B 217 63.49 76.13 -41.48
N GLU B 218 63.07 77.39 -41.40
CA GLU B 218 61.85 77.71 -40.68
C GLU B 218 60.61 77.26 -41.45
N GLN B 219 60.74 76.76 -42.67
CA GLN B 219 59.62 76.33 -43.48
C GLN B 219 59.51 74.82 -43.60
N CYS B 220 60.61 74.07 -43.71
CA CYS B 220 60.52 72.63 -43.90
C CYS B 220 60.37 71.88 -42.57
N HIS B 221 60.21 70.56 -42.67
CA HIS B 221 60.02 69.66 -41.53
C HIS B 221 60.87 68.42 -41.69
N VAL B 222 61.39 67.92 -40.57
CA VAL B 222 62.16 66.69 -40.56
C VAL B 222 61.73 65.87 -39.36
N SER B 223 61.81 64.55 -39.49
CA SER B 223 61.56 63.67 -38.37
C SER B 223 62.31 62.37 -38.57
N VAL B 224 62.62 61.70 -37.47
CA VAL B 224 63.38 60.46 -37.50
C VAL B 224 62.39 59.31 -37.45
N THR B 225 62.53 58.39 -38.38
CA THR B 225 61.74 57.18 -38.42
C THR B 225 62.64 56.01 -38.06
N ASP B 226 62.57 55.58 -36.80
CA ASP B 226 63.21 54.36 -36.36
C ASP B 226 62.15 53.30 -36.18
N HIS B 227 62.50 52.07 -36.53
CA HIS B 227 61.59 50.94 -36.37
C HIS B 227 62.29 49.72 -35.81
N LYS B 228 63.46 49.89 -35.20
CA LYS B 228 64.32 48.77 -34.87
C LYS B 228 64.29 48.42 -33.39
N LYS B 229 63.25 48.83 -32.68
CA LYS B 229 63.04 48.44 -31.29
C LYS B 229 61.57 48.61 -30.99
N TRP B 230 61.16 48.31 -29.76
CA TRP B 230 59.75 48.17 -29.43
C TRP B 230 59.15 49.20 -28.48
N GLN B 231 59.77 49.59 -27.38
CA GLN B 231 59.24 50.68 -26.54
C GLN B 231 57.90 50.38 -25.86
N PHE B 232 57.60 51.04 -24.74
CA PHE B 232 56.34 50.83 -24.04
C PHE B 232 55.21 51.63 -24.68
N ASN B 233 53.98 51.19 -24.42
CA ASN B 233 52.77 51.85 -24.92
C ASN B 233 52.71 53.31 -24.46
N SER B 234 53.26 53.61 -23.30
CA SER B 234 53.77 54.93 -22.96
C SER B 234 52.87 56.13 -23.24
N PRO B 235 51.78 56.30 -22.51
CA PRO B 235 50.72 57.24 -22.92
C PRO B 235 51.17 58.66 -23.18
N PHE B 236 52.37 59.03 -22.79
CA PHE B 236 52.91 60.35 -23.10
C PHE B 236 53.71 60.39 -24.41
N VAL B 237 53.90 59.27 -25.12
CA VAL B 237 54.54 59.28 -26.43
C VAL B 237 53.58 58.70 -27.47
N PRO B 238 53.24 59.43 -28.54
CA PRO B 238 52.11 59.04 -29.40
C PRO B 238 52.23 57.71 -30.09
N ARG B 239 51.16 57.29 -30.77
CA ARG B 239 51.11 56.06 -31.52
C ARG B 239 51.49 56.34 -32.98
N ALA B 240 51.59 55.28 -33.77
CA ALA B 240 51.98 55.36 -35.17
C ALA B 240 50.84 54.93 -36.09
N ASP B 241 50.24 53.78 -35.84
CA ASP B 241 49.23 53.24 -36.72
C ASP B 241 47.84 53.74 -36.33
N GLU B 242 46.86 53.60 -37.23
CA GLU B 242 45.45 53.61 -36.83
C GLU B 242 44.95 52.33 -36.16
N PRO B 243 45.12 51.14 -36.76
CA PRO B 243 44.44 49.93 -36.27
C PRO B 243 44.73 49.51 -34.82
N ALA B 244 45.66 50.13 -34.07
CA ALA B 244 46.15 49.59 -32.80
C ALA B 244 46.98 48.32 -32.96
N ARG B 245 47.84 48.32 -33.97
CA ARG B 245 48.78 47.26 -34.30
C ARG B 245 49.93 47.34 -33.29
N LYS B 246 49.81 46.57 -32.21
CA LYS B 246 50.68 46.64 -31.04
C LYS B 246 51.13 45.25 -30.63
N GLY B 247 52.25 45.21 -29.89
CA GLY B 247 52.90 43.98 -29.47
C GLY B 247 52.90 43.76 -27.96
N LYS B 248 53.48 42.63 -27.55
CA LYS B 248 53.44 42.20 -26.14
C LYS B 248 54.80 41.70 -25.66
N VAL B 249 55.09 41.93 -24.38
CA VAL B 249 56.26 41.36 -23.69
C VAL B 249 55.88 41.11 -22.23
N HIS B 250 56.74 40.41 -21.49
CA HIS B 250 56.48 40.08 -20.10
C HIS B 250 57.06 41.14 -19.19
N ILE B 251 56.67 41.12 -17.91
CA ILE B 251 57.20 42.05 -16.91
C ILE B 251 57.69 41.29 -15.68
N PRO B 252 58.92 41.48 -15.23
CA PRO B 252 59.42 40.76 -14.06
C PRO B 252 58.65 41.05 -12.78
N PHE B 253 59.01 40.27 -11.76
CA PHE B 253 58.63 40.25 -10.34
C PHE B 253 57.16 40.00 -9.98
N PRO B 254 56.59 38.86 -10.33
CA PRO B 254 55.25 38.54 -9.85
C PRO B 254 55.20 38.36 -8.35
N LEU B 255 54.00 38.33 -7.82
CA LEU B 255 53.77 38.33 -6.38
C LEU B 255 53.51 36.92 -5.88
N ASP B 256 54.28 36.48 -4.89
CA ASP B 256 54.14 35.15 -4.31
C ASP B 256 54.20 35.22 -2.80
N ASN B 257 53.38 34.40 -2.17
CA ASN B 257 53.23 34.39 -0.72
C ASN B 257 54.54 34.18 0.02
N ILE B 258 54.94 35.16 0.83
CA ILE B 258 55.92 34.96 1.87
C ILE B 258 55.28 35.12 3.23
N THR B 259 55.89 34.49 4.21
CA THR B 259 55.46 34.63 5.58
C THR B 259 56.27 35.78 6.20
N CYS B 260 55.72 36.38 7.26
CA CYS B 260 55.98 37.79 7.53
C CYS B 260 55.88 38.02 9.04
N ARG B 261 56.95 38.53 9.63
CA ARG B 261 57.00 38.69 11.08
C ARG B 261 56.08 39.80 11.55
N VAL B 262 55.08 39.44 12.35
CA VAL B 262 54.14 40.37 12.94
C VAL B 262 54.35 40.37 14.45
N PRO B 263 54.49 41.54 15.11
CA PRO B 263 54.70 41.53 16.56
C PRO B 263 53.52 40.98 17.33
N MET B 264 53.67 40.86 18.63
CA MET B 264 52.61 40.42 19.51
C MET B 264 52.55 41.41 20.66
N ALA B 265 51.44 42.12 20.76
CA ALA B 265 51.30 43.11 21.81
C ALA B 265 51.28 42.43 23.16
N ARG B 266 51.83 43.12 24.15
CA ARG B 266 51.92 42.57 25.48
C ARG B 266 50.55 42.36 26.12
N GLU B 267 50.45 41.28 26.87
CA GLU B 267 49.18 40.90 27.48
C GLU B 267 48.66 42.02 28.35
N PRO B 268 47.42 42.48 28.18
CA PRO B 268 46.94 43.55 29.04
C PRO B 268 46.79 43.09 30.46
N THR B 269 46.92 44.02 31.39
CA THR B 269 46.64 43.71 32.78
C THR B 269 45.14 43.67 32.99
N VAL B 270 44.65 42.58 33.56
CA VAL B 270 43.22 42.34 33.72
C VAL B 270 42.85 42.56 35.18
N ILE B 271 41.78 43.29 35.42
CA ILE B 271 41.27 43.53 36.76
C ILE B 271 39.82 43.09 36.77
N HIS B 272 39.52 42.12 37.60
CA HIS B 272 38.22 41.49 37.65
C HIS B 272 37.26 42.33 38.47
N GLY B 273 36.04 42.51 37.95
CA GLY B 273 35.00 43.22 38.67
C GLY B 273 33.70 42.49 38.64
N LYS B 274 32.62 43.12 39.10
CA LYS B 274 31.32 42.48 39.10
C LYS B 274 30.76 42.56 37.71
N ARG B 275 30.73 41.43 37.01
CA ARG B 275 30.11 41.31 35.71
C ARG B 275 30.71 42.27 34.68
N GLU B 276 31.92 42.73 34.93
CA GLU B 276 32.66 43.53 33.97
C GLU B 276 34.13 43.39 34.32
N VAL B 277 34.98 43.67 33.35
CA VAL B 277 36.42 43.54 33.54
C VAL B 277 37.10 44.78 32.99
N THR B 278 38.06 45.29 33.73
CA THR B 278 38.84 46.46 33.33
C THR B 278 40.21 46.02 32.84
N LEU B 279 40.55 46.40 31.63
CA LEU B 279 41.81 46.05 31.01
C LEU B 279 42.68 47.28 30.89
N HIS B 280 43.90 47.18 31.38
CA HIS B 280 44.92 48.17 31.12
C HIS B 280 45.71 47.72 29.91
N LEU B 281 45.67 48.54 28.86
CA LEU B 281 46.33 48.27 27.59
C LEU B 281 47.45 49.26 27.38
N HIS B 282 48.65 48.75 27.10
CA HIS B 282 49.84 49.58 26.90
C HIS B 282 50.53 49.15 25.62
N PRO B 283 50.13 49.66 24.48
CA PRO B 283 50.79 49.31 23.23
C PRO B 283 51.93 50.24 22.88
N ASP B 284 52.96 49.69 22.25
CA ASP B 284 54.04 50.51 21.72
C ASP B 284 53.76 51.07 20.36
N HIS B 285 52.71 50.62 19.70
CA HIS B 285 52.33 51.10 18.39
C HIS B 285 50.86 50.82 18.21
N PRO B 286 50.20 51.49 17.27
CA PRO B 286 48.74 51.35 17.18
C PRO B 286 48.32 49.90 17.00
N THR B 287 47.36 49.47 17.81
CA THR B 287 46.91 48.09 17.82
C THR B 287 45.39 48.02 17.86
N LEU B 288 44.83 47.02 17.19
CA LEU B 288 43.40 46.79 17.22
C LEU B 288 42.98 46.09 18.48
N PHE B 289 41.84 46.49 19.02
CA PHE B 289 41.27 45.88 20.21
C PHE B 289 39.79 45.68 19.94
N SER B 290 39.36 44.43 19.84
CA SER B 290 37.98 44.13 19.48
C SER B 290 37.41 43.16 20.49
N TYR B 291 36.27 43.50 21.07
CA TYR B 291 35.62 42.62 22.02
C TYR B 291 34.18 42.37 21.63
N ARG B 292 33.71 41.15 21.89
CA ARG B 292 32.33 40.80 21.65
C ARG B 292 31.81 39.87 22.73
N THR B 293 30.57 40.11 23.15
CA THR B 293 29.93 39.20 24.08
C THR B 293 29.41 38.00 23.32
N LEU B 294 29.47 36.85 23.97
CA LEU B 294 29.18 35.58 23.33
C LEU B 294 27.72 35.17 23.57
N GLY B 295 26.77 35.95 23.05
CA GLY B 295 25.36 35.65 23.29
C GLY B 295 24.45 36.06 22.16
N GLU B 296 23.16 36.22 22.44
CA GLU B 296 22.21 36.58 21.40
C GLU B 296 22.52 37.94 20.79
N ASP B 297 22.64 38.96 21.63
CA ASP B 297 23.02 40.30 21.18
C ASP B 297 24.54 40.43 21.30
N PRO B 298 25.29 40.53 20.22
CA PRO B 298 26.74 40.51 20.36
C PRO B 298 27.36 41.59 21.24
N GLN B 299 26.83 42.81 21.22
CA GLN B 299 27.47 43.93 21.93
C GLN B 299 28.94 44.11 21.56
N TYR B 300 29.22 44.02 20.26
CA TYR B 300 30.58 44.11 19.75
C TYR B 300 31.10 45.52 19.82
N HIS B 301 32.43 45.65 19.79
CA HIS B 301 33.03 46.95 19.63
C HIS B 301 34.50 46.80 19.28
N GLU B 302 34.95 47.50 18.26
CA GLU B 302 36.32 47.44 17.77
C GLU B 302 36.88 48.84 17.77
N GLU B 303 38.12 48.97 18.23
CA GLU B 303 38.74 50.27 18.40
C GLU B 303 40.24 50.14 18.18
N TRP B 304 40.81 51.11 17.50
CA TRP B 304 42.25 51.24 17.45
C TRP B 304 42.72 51.94 18.71
N VAL B 305 43.82 51.48 19.28
CA VAL B 305 44.41 52.08 20.46
C VAL B 305 45.82 52.50 20.10
N THR B 306 46.15 53.74 20.39
CA THR B 306 47.47 54.29 20.14
C THR B 306 48.13 54.85 21.38
N ALA B 307 47.41 54.98 22.48
CA ALA B 307 47.96 55.47 23.73
C ALA B 307 47.50 54.54 24.83
N ALA B 308 48.30 54.42 25.86
CA ALA B 308 47.98 53.51 26.94
C ALA B 308 46.70 53.95 27.60
N VAL B 309 45.72 53.05 27.64
CA VAL B 309 44.41 53.40 28.17
C VAL B 309 43.93 52.29 29.10
N GLU B 310 42.79 52.54 29.73
CA GLU B 310 42.07 51.55 30.48
C GLU B 310 40.66 51.51 29.95
N ARG B 311 40.15 50.30 29.69
CA ARG B 311 38.84 50.13 29.09
C ARG B 311 38.09 49.08 29.87
N THR B 312 36.84 49.38 30.19
CA THR B 312 35.97 48.47 30.91
C THR B 312 35.03 47.82 29.91
N ILE B 313 35.02 46.48 29.89
CA ILE B 313 34.21 45.76 28.93
C ILE B 313 33.32 44.81 29.71
N PRO B 314 32.04 44.68 29.36
CA PRO B 314 31.16 43.82 30.14
C PRO B 314 31.40 42.36 29.80
N VAL B 315 31.22 41.52 30.81
CA VAL B 315 31.32 40.08 30.62
C VAL B 315 30.04 39.45 31.12
N PRO B 316 28.98 39.42 30.31
CA PRO B 316 27.74 38.79 30.75
C PRO B 316 27.95 37.32 31.02
N VAL B 317 26.95 36.71 31.63
CA VAL B 317 27.08 35.33 32.07
C VAL B 317 27.34 34.41 30.90
N ASP B 318 26.85 34.78 29.72
CA ASP B 318 27.12 33.98 28.54
C ASP B 318 28.60 33.97 28.21
N GLY B 319 29.26 35.12 28.29
CA GLY B 319 30.68 35.20 28.01
C GLY B 319 31.12 36.34 27.12
N MET B 320 32.41 36.66 27.20
CA MET B 320 33.02 37.74 26.47
C MET B 320 34.30 37.22 25.86
N GLU B 321 34.69 37.81 24.74
CA GLU B 321 35.92 37.45 24.09
C GLU B 321 36.58 38.73 23.65
N TYR B 322 37.86 38.88 23.97
CA TYR B 322 38.62 40.05 23.59
C TYR B 322 39.83 39.63 22.79
N HIS B 323 40.09 40.41 21.76
CA HIS B 323 41.17 40.19 20.81
C HIS B 323 42.01 41.43 20.86
N TRP B 324 43.24 41.29 21.33
CA TRP B 324 44.15 42.39 21.51
C TRP B 324 45.35 42.16 20.63
N GLY B 325 45.46 42.95 19.58
CA GLY B 325 46.57 42.80 18.68
C GLY B 325 46.54 41.45 18.03
N ASN B 326 47.71 40.89 17.82
CA ASN B 326 47.86 39.60 17.18
C ASN B 326 47.90 38.45 18.14
N ASN B 327 47.67 38.68 19.42
CA ASN B 327 47.50 37.57 20.32
C ASN B 327 46.26 36.79 19.96
N ASP B 328 46.23 35.54 20.35
CA ASP B 328 45.04 34.74 20.16
C ASP B 328 43.90 35.33 21.00
N PRO B 329 42.66 35.21 20.56
CA PRO B 329 41.56 35.71 21.36
C PRO B 329 41.51 35.02 22.70
N VAL B 330 41.12 35.79 23.72
CA VAL B 330 40.98 35.31 25.08
C VAL B 330 39.53 35.42 25.48
N ARG B 331 38.97 34.34 25.99
CA ARG B 331 37.57 34.26 26.36
C ARG B 331 37.44 34.22 27.87
N LEU B 332 36.64 35.11 28.41
CA LEU B 332 36.39 35.17 29.84
C LEU B 332 34.90 35.09 30.09
N TRP B 333 34.53 34.38 31.14
CA TRP B 333 33.15 34.21 31.56
C TRP B 333 33.00 34.72 32.96
N SER B 334 31.76 35.00 33.36
CA SER B 334 31.45 35.58 34.65
C SER B 334 30.61 34.60 35.44
N GLN B 335 31.10 34.24 36.61
CA GLN B 335 30.35 33.32 37.45
C GLN B 335 29.17 34.03 38.04
N LEU B 336 28.31 33.26 38.69
CA LEU B 336 27.07 33.78 39.21
C LEU B 336 27.29 34.44 40.55
N THR B 337 28.21 35.39 40.60
CA THR B 337 28.53 36.09 41.83
C THR B 337 27.42 37.04 42.21
N THR B 338 27.19 37.17 43.52
CA THR B 338 26.16 38.07 44.00
C THR B 338 26.41 38.38 45.44
N GLU B 339 25.77 39.43 45.91
CA GLU B 339 25.89 39.89 47.28
C GLU B 339 24.65 39.47 48.05
N GLY B 340 24.85 38.83 49.18
CA GLY B 340 23.76 38.39 50.01
C GLY B 340 23.84 36.90 50.24
N LYS B 341 23.31 36.43 51.35
CA LYS B 341 23.40 35.03 51.70
C LYS B 341 22.19 34.29 51.15
N PRO B 342 22.36 33.25 50.33
CA PRO B 342 21.19 32.61 49.71
C PRO B 342 20.27 31.94 50.69
N HIS B 343 20.74 31.57 51.87
CA HIS B 343 20.04 30.67 52.76
C HIS B 343 19.82 31.25 54.16
N GLY B 344 19.67 32.56 54.27
CA GLY B 344 19.31 33.13 55.54
C GLY B 344 18.40 34.34 55.50
N TRP B 345 17.31 34.25 56.23
CA TRP B 345 16.32 35.28 56.47
C TRP B 345 15.64 35.74 55.19
N PRO B 346 14.37 36.15 55.24
CA PRO B 346 13.66 36.54 54.01
C PRO B 346 14.28 37.69 53.25
N HIS B 347 15.25 38.40 53.81
CA HIS B 347 15.75 39.64 53.21
C HIS B 347 17.11 39.47 52.54
N GLN B 348 18.01 38.70 53.13
CA GLN B 348 19.26 38.40 52.44
C GLN B 348 18.99 37.61 51.16
N ILE B 349 17.89 36.88 51.11
CA ILE B 349 17.56 36.10 49.93
C ILE B 349 17.28 37.02 48.77
N VAL B 350 16.48 38.06 49.01
CA VAL B 350 16.14 38.98 47.94
C VAL B 350 17.40 39.69 47.50
N GLN B 351 18.33 39.93 48.41
CA GLN B 351 19.59 40.56 48.00
C GLN B 351 20.35 39.66 47.06
N TYR B 352 20.42 38.37 47.40
CA TYR B 352 21.17 37.44 46.55
C TYR B 352 20.58 37.42 45.17
N TYR B 353 19.27 37.24 45.07
CA TYR B 353 18.67 37.17 43.75
C TYR B 353 18.70 38.51 43.02
N TYR B 354 18.67 39.63 43.74
CA TYR B 354 18.76 40.92 43.06
C TYR B 354 20.11 41.04 42.40
N GLY B 355 21.16 40.69 43.11
CA GLY B 355 22.48 40.74 42.50
C GLY B 355 22.55 39.78 41.34
N LEU B 356 21.94 38.61 41.49
CA LEU B 356 22.05 37.61 40.45
C LEU B 356 21.33 38.05 39.18
N TYR B 357 20.03 38.31 39.26
CA TYR B 357 19.24 38.78 38.12
C TYR B 357 18.47 40.03 38.52
N PRO B 358 19.01 41.22 38.30
CA PRO B 358 18.21 42.41 38.56
C PRO B 358 17.06 42.43 37.60
N ALA B 359 16.07 43.26 37.90
CA ALA B 359 14.97 43.58 36.99
C ALA B 359 14.07 42.39 36.71
N ALA B 360 14.30 41.23 37.32
CA ALA B 360 13.42 40.09 37.22
C ALA B 360 12.94 39.65 38.58
N THR B 361 13.81 39.70 39.59
CA THR B 361 13.38 39.37 40.93
C THR B 361 12.69 40.53 41.58
N VAL B 362 12.94 41.76 41.13
CA VAL B 362 12.11 42.85 41.59
C VAL B 362 10.70 42.67 41.08
N SER B 363 10.56 42.20 39.84
CA SER B 363 9.22 41.90 39.37
C SER B 363 8.61 40.76 40.17
N ALA B 364 9.41 39.77 40.51
CA ALA B 364 8.87 38.64 41.28
C ALA B 364 8.44 39.08 42.66
N VAL B 365 9.26 39.86 43.34
CA VAL B 365 8.91 40.25 44.70
C VAL B 365 7.74 41.19 44.69
N VAL B 366 7.66 42.05 43.66
CA VAL B 366 6.50 42.91 43.55
C VAL B 366 5.25 42.07 43.36
N GLY B 367 5.33 41.05 42.50
CA GLY B 367 4.16 40.22 42.28
C GLY B 367 3.74 39.45 43.52
N MET B 368 4.71 38.87 44.23
CA MET B 368 4.39 38.16 45.45
C MET B 368 3.81 39.11 46.49
N SER B 369 4.41 40.29 46.63
CA SER B 369 3.91 41.23 47.62
C SER B 369 2.52 41.71 47.27
N LEU B 370 2.26 41.96 46.00
CA LEU B 370 0.92 42.33 45.59
C LEU B 370 -0.06 41.21 45.85
N LEU B 371 0.34 39.97 45.59
CA LEU B 371 -0.58 38.87 45.84
C LEU B 371 -0.88 38.75 47.32
N ALA B 372 0.15 38.87 48.15
CA ALA B 372 -0.07 38.82 49.58
C ALA B 372 -0.94 39.96 50.04
N LEU B 373 -0.75 41.16 49.47
CA LEU B 373 -1.56 42.29 49.85
C LEU B 373 -3.01 42.08 49.47
N ILE B 374 -3.26 41.59 48.27
CA ILE B 374 -4.64 41.35 47.87
C ILE B 374 -5.24 40.25 48.73
N SER B 375 -4.47 39.23 49.06
CA SER B 375 -5.05 38.18 49.89
C SER B 375 -5.40 38.68 51.27
N ILE B 376 -4.49 39.44 51.90
CA ILE B 376 -4.80 39.93 53.24
C ILE B 376 -5.96 40.90 53.19
N PHE B 377 -6.02 41.73 52.15
CA PHE B 377 -7.09 42.72 52.10
C PHE B 377 -8.41 42.05 51.83
N ALA B 378 -8.43 41.06 50.94
CA ALA B 378 -9.66 40.35 50.67
C ALA B 378 -10.14 39.63 51.92
N SER B 379 -9.22 38.98 52.62
CA SER B 379 -9.62 38.30 53.84
C SER B 379 -10.16 39.27 54.88
N CYS B 380 -9.48 40.39 55.08
CA CYS B 380 -9.94 41.31 56.12
C CYS B 380 -11.25 41.94 55.74
N TYR B 381 -11.47 42.17 54.44
CA TYR B 381 -12.76 42.67 54.02
C TYR B 381 -13.82 41.62 54.25
N MET B 382 -13.48 40.36 54.00
CA MET B 382 -14.44 39.30 54.27
C MET B 382 -14.76 39.24 55.76
N LEU B 383 -13.76 39.48 56.61
CA LEU B 383 -13.99 39.47 58.04
C LEU B 383 -14.91 40.60 58.46
N VAL B 384 -14.64 41.82 58.01
CA VAL B 384 -15.48 42.93 58.43
C VAL B 384 -16.86 42.78 57.82
N ALA B 385 -16.93 42.17 56.63
CA ALA B 385 -18.23 41.91 56.05
C ALA B 385 -19.00 40.93 56.90
N ALA B 386 -18.33 39.92 57.42
CA ALA B 386 -19.01 38.98 58.29
C ALA B 386 -19.49 39.66 59.55
N ARG B 387 -18.67 40.56 60.07
CA ARG B 387 -19.07 41.33 61.22
C ARG B 387 -20.35 42.08 60.93
N SER B 388 -20.42 42.70 59.76
CA SER B 388 -21.61 43.45 59.43
C SER B 388 -22.80 42.53 59.30
N LYS B 389 -22.65 41.44 58.56
CA LYS B 389 -23.78 40.55 58.34
C LYS B 389 -24.29 39.95 59.64
N CYS B 390 -23.44 39.80 60.64
CA CYS B 390 -23.87 39.18 61.88
C CYS B 390 -24.25 40.17 62.96
N LEU B 391 -23.92 41.44 62.82
CA LEU B 391 -24.32 42.44 63.80
C LEU B 391 -25.45 43.33 63.34
N THR B 392 -25.53 43.62 62.05
CA THR B 392 -26.55 44.54 61.59
C THR B 392 -27.97 44.07 61.85
N PRO B 393 -28.27 42.78 61.95
CA PRO B 393 -29.57 42.42 62.51
C PRO B 393 -29.82 42.98 63.88
N TYR B 394 -28.80 43.16 64.68
CA TYR B 394 -29.00 43.51 66.07
C TYR B 394 -29.02 45.01 66.28
N ALA B 395 -28.77 45.80 65.26
CA ALA B 395 -28.81 47.24 65.34
C ALA B 395 -30.05 47.82 64.68
N LEU B 396 -30.75 47.03 63.88
CA LEU B 396 -32.04 47.42 63.35
C LEU B 396 -33.19 47.03 64.27
N THR B 397 -32.90 46.52 65.51
CA THR B 397 -33.93 46.22 66.51
C THR B 397 -34.06 47.36 67.49
N PRO B 398 -35.26 47.68 67.99
CA PRO B 398 -35.35 48.74 68.98
C PRO B 398 -34.53 48.51 70.25
N GLY B 399 -34.42 47.28 70.72
CA GLY B 399 -33.65 47.02 71.94
C GLY B 399 -32.32 46.36 71.68
N ALA B 400 -31.24 47.10 71.86
CA ALA B 400 -29.91 46.55 71.64
C ALA B 400 -29.52 45.68 72.82
N ALA B 401 -29.87 44.39 72.77
CA ALA B 401 -29.22 43.46 73.67
C ALA B 401 -27.76 43.27 73.29
N VAL B 402 -27.51 42.82 72.06
CA VAL B 402 -26.17 42.57 71.54
C VAL B 402 -25.46 41.68 72.56
N PRO B 403 -25.86 40.41 72.70
CA PRO B 403 -25.44 39.61 73.86
C PRO B 403 -23.93 39.54 73.97
N TRP B 404 -23.45 39.48 75.23
CA TRP B 404 -22.03 39.67 75.48
C TRP B 404 -21.18 38.65 74.75
N THR B 405 -21.74 37.48 74.45
CA THR B 405 -20.99 36.52 73.65
C THR B 405 -20.59 37.13 72.32
N LEU B 406 -21.58 37.51 71.51
CA LEU B 406 -21.26 38.17 70.27
C LEU B 406 -20.65 39.53 70.50
N GLY B 407 -20.91 40.13 71.66
CA GLY B 407 -20.37 41.45 71.91
C GLY B 407 -18.85 41.44 71.99
N ILE B 408 -18.30 40.41 72.61
CA ILE B 408 -16.85 40.30 72.66
C ILE B 408 -16.32 39.66 71.39
N LEU B 409 -16.94 38.55 70.96
CA LEU B 409 -16.48 37.81 69.80
C LEU B 409 -16.31 38.70 68.59
N CYS B 410 -17.30 39.55 68.34
CA CYS B 410 -17.19 40.64 67.37
C CYS B 410 -17.47 41.90 68.15
N CYS B 411 -16.54 42.83 68.13
CA CYS B 411 -16.65 44.00 69.00
C CYS B 411 -17.92 44.77 68.71
N ALA B 412 -18.82 44.85 69.69
CA ALA B 412 -19.98 45.72 69.53
C ALA B 412 -19.52 47.16 69.70
N PRO B 413 -20.04 48.10 68.91
CA PRO B 413 -19.42 49.43 68.91
C PRO B 413 -19.47 50.14 70.26
N ARG B 414 -20.67 50.27 70.82
CA ARG B 414 -20.94 50.47 72.23
C ARG B 414 -22.43 50.21 72.40
N ALA B 415 -22.89 49.41 73.36
CA ALA B 415 -24.33 49.36 73.49
C ALA B 415 -24.84 50.68 74.06
N HIS B 416 -26.11 50.98 73.79
CA HIS B 416 -26.75 52.21 74.20
C HIS B 416 -27.78 51.95 75.30
N ALA B 417 -28.35 53.03 75.82
CA ALA B 417 -29.41 52.96 76.81
C ALA B 417 -30.41 54.09 76.60
N MET C 3 47.94 28.35 -34.69
CA MET C 3 49.34 28.73 -34.56
C MET C 3 49.63 30.02 -35.33
N CYS C 4 50.89 30.45 -35.25
CA CYS C 4 51.29 31.72 -35.83
C CYS C 4 51.08 31.74 -37.34
N VAL C 5 50.58 32.86 -37.84
CA VAL C 5 50.30 33.08 -39.25
C VAL C 5 51.14 34.26 -39.71
N LEU C 6 52.29 33.99 -40.31
CA LEU C 6 53.13 35.04 -40.87
C LEU C 6 52.76 35.24 -42.33
N ALA C 7 52.52 36.50 -42.70
CA ALA C 7 52.23 36.86 -44.08
C ALA C 7 51.04 36.05 -44.61
N ASN C 8 51.28 35.15 -45.57
CA ASN C 8 50.20 34.47 -46.29
C ASN C 8 50.32 32.97 -46.10
N ALA C 9 50.59 32.53 -44.87
CA ALA C 9 50.79 31.12 -44.64
C ALA C 9 50.78 30.77 -43.15
N THR C 10 50.10 29.67 -42.83
CA THR C 10 50.00 29.14 -41.47
C THR C 10 51.19 28.22 -41.22
N PHE C 11 51.79 28.34 -40.02
CA PHE C 11 53.05 27.66 -39.77
C PHE C 11 53.29 27.58 -38.27
N PRO C 12 54.00 26.55 -37.80
CA PRO C 12 54.15 26.33 -36.36
C PRO C 12 55.01 27.33 -35.58
N CYS C 13 54.42 27.84 -34.49
CA CYS C 13 55.00 28.97 -33.77
C CYS C 13 56.41 28.70 -33.26
N PHE C 14 56.76 27.44 -33.00
CA PHE C 14 58.09 27.13 -32.52
C PHE C 14 59.14 27.13 -33.62
N GLN C 15 58.72 27.18 -34.89
CA GLN C 15 59.61 27.13 -36.05
C GLN C 15 59.41 28.38 -36.90
N PRO C 16 60.12 29.46 -36.59
CA PRO C 16 60.14 30.62 -37.47
C PRO C 16 60.68 30.26 -38.84
N PRO C 17 60.35 31.01 -39.90
CA PRO C 17 61.16 30.91 -41.12
C PRO C 17 62.59 31.37 -40.92
N CYS C 18 62.81 32.32 -40.01
CA CYS C 18 63.99 33.16 -39.89
C CYS C 18 65.15 32.50 -39.11
N VAL C 19 65.14 31.19 -38.91
CA VAL C 19 65.81 30.46 -37.83
C VAL C 19 67.32 30.66 -38.02
N PRO C 20 68.16 30.22 -37.08
CA PRO C 20 68.69 31.04 -35.99
C PRO C 20 69.25 32.42 -36.30
N CYS C 21 69.22 33.24 -35.25
CA CYS C 21 69.46 34.69 -35.32
C CYS C 21 68.52 35.36 -36.31
N CYS C 22 67.22 35.25 -35.98
CA CYS C 22 66.17 35.90 -36.75
C CYS C 22 66.29 37.42 -36.72
N TYR C 23 67.04 37.98 -35.79
CA TYR C 23 67.01 39.41 -35.52
C TYR C 23 68.20 40.13 -36.12
N GLU C 24 69.36 39.47 -36.13
CA GLU C 24 70.52 40.05 -36.78
C GLU C 24 70.28 40.23 -38.27
N ASN C 25 69.51 39.30 -38.88
CA ASN C 25 69.25 39.38 -40.31
C ASN C 25 68.56 40.69 -40.67
N ASN C 26 67.39 40.93 -40.07
CA ASN C 26 66.74 42.23 -40.18
C ASN C 26 65.73 42.36 -39.06
N ALA C 27 65.63 43.56 -38.50
CA ALA C 27 64.73 43.77 -37.37
C ALA C 27 63.30 44.02 -37.83
N GLU C 28 63.12 44.81 -38.89
CA GLU C 28 61.80 45.21 -39.35
C GLU C 28 60.87 44.01 -39.53
N ALA C 29 61.27 43.07 -40.39
CA ALA C 29 60.45 41.91 -40.67
C ALA C 29 60.14 41.14 -39.40
N THR C 30 61.17 40.85 -38.59
CA THR C 30 60.93 40.21 -37.31
C THR C 30 59.81 40.87 -36.54
N LEU C 31 59.89 42.18 -36.41
CA LEU C 31 58.95 42.86 -35.54
C LEU C 31 57.56 42.87 -36.15
N ARG C 32 57.46 43.00 -37.47
CA ARG C 32 56.19 42.74 -38.14
C ARG C 32 55.67 41.37 -37.76
N MET C 33 56.54 40.35 -37.81
CA MET C 33 56.09 39.00 -37.58
C MET C 33 55.56 38.86 -36.17
N LEU C 34 56.26 39.46 -35.20
CA LEU C 34 55.81 39.36 -33.82
C LEU C 34 54.49 40.08 -33.66
N GLU C 35 54.38 41.24 -34.31
CA GLU C 35 53.19 42.06 -34.19
C GLU C 35 51.95 41.27 -34.61
N ASP C 36 52.02 40.64 -35.78
CA ASP C 36 50.83 40.04 -36.37
C ASP C 36 50.22 38.92 -35.55
N ASN C 37 50.97 38.25 -34.65
CA ASN C 37 50.49 37.07 -33.94
C ASN C 37 50.15 37.35 -32.49
N VAL C 38 49.79 38.59 -32.15
CA VAL C 38 49.58 38.93 -30.75
C VAL C 38 48.41 38.15 -30.17
N ASP C 39 47.36 37.93 -30.95
CA ASP C 39 46.20 37.21 -30.45
C ASP C 39 46.24 35.72 -30.75
N ARG C 40 47.38 35.21 -31.22
CA ARG C 40 47.62 33.77 -31.28
C ARG C 40 48.10 33.28 -29.91
N PRO C 41 47.50 32.24 -29.33
CA PRO C 41 47.95 31.80 -27.99
C PRO C 41 49.41 31.41 -27.92
N GLY C 42 50.02 31.00 -29.02
CA GLY C 42 51.41 30.60 -28.99
C GLY C 42 52.40 31.73 -29.12
N TYR C 43 51.94 32.97 -28.96
CA TYR C 43 52.78 34.16 -29.09
C TYR C 43 54.12 34.03 -28.38
N TYR C 44 54.08 33.81 -27.07
CA TYR C 44 55.32 33.79 -26.31
C TYR C 44 56.27 32.74 -26.84
N ASP C 45 55.74 31.57 -27.19
CA ASP C 45 56.55 30.56 -27.86
C ASP C 45 57.26 31.15 -29.06
N LEU C 46 56.53 31.93 -29.87
CA LEU C 46 57.17 32.55 -31.02
C LEU C 46 58.24 33.52 -30.56
N LEU C 47 58.04 34.16 -29.41
CA LEU C 47 59.07 35.08 -28.93
C LEU C 47 60.35 34.33 -28.59
N GLN C 48 60.21 33.19 -27.92
CA GLN C 48 61.42 32.46 -27.57
C GLN C 48 62.07 31.88 -28.82
N ALA C 49 61.26 31.57 -29.83
CA ALA C 49 61.84 31.05 -31.06
C ALA C 49 62.51 32.15 -31.86
N ALA C 50 62.04 33.40 -31.73
CA ALA C 50 62.44 34.45 -32.64
C ALA C 50 63.49 35.38 -32.07
N LEU C 51 63.71 35.36 -30.76
CA LEU C 51 64.71 36.22 -30.15
C LEU C 51 66.00 35.49 -29.85
N THR C 52 65.96 34.17 -29.70
CA THR C 52 67.14 33.43 -29.30
C THR C 52 68.15 33.41 -30.45
N CYS C 53 69.20 34.21 -30.32
CA CYS C 53 70.26 34.31 -31.32
C CYS C 53 71.59 33.89 -30.72
N GLU D 2 -50.55 60.22 68.23
CA GLU D 2 -49.66 59.41 67.40
C GLU D 2 -49.50 60.00 65.99
N ASN D 3 -49.95 61.23 65.80
CA ASN D 3 -49.75 61.89 64.52
C ASN D 3 -48.32 62.40 64.35
N ASP D 4 -47.70 62.85 65.45
CA ASP D 4 -46.35 63.39 65.40
C ASP D 4 -45.27 62.34 65.59
N CYS D 5 -45.59 61.07 65.34
CA CYS D 5 -44.61 59.99 65.44
C CYS D 5 -44.34 59.32 64.11
N ILE D 6 -45.18 59.53 63.09
CA ILE D 6 -44.98 58.94 61.77
C ILE D 6 -44.62 60.10 60.86
N PHE D 7 -43.42 60.06 60.30
CA PHE D 7 -42.92 61.10 59.42
C PHE D 7 -42.91 60.59 58.00
N GLU D 8 -43.42 61.37 57.06
CA GLU D 8 -43.51 60.95 55.68
C GLU D 8 -42.20 61.16 54.95
N VAL D 9 -41.94 60.32 53.95
CA VAL D 9 -40.77 60.46 53.09
C VAL D 9 -41.22 61.01 51.73
N LYS D 10 -40.49 62.00 51.24
CA LYS D 10 -40.86 62.81 50.09
C LYS D 10 -39.99 62.42 48.91
N HIS D 11 -40.62 62.36 47.74
CA HIS D 11 -39.90 62.18 46.48
C HIS D 11 -40.51 63.12 45.47
N GLU D 12 -39.69 64.06 44.99
CA GLU D 12 -40.04 65.09 44.02
C GLU D 12 -41.40 65.71 44.31
N GLY D 13 -41.66 66.03 45.58
CA GLY D 13 -42.86 66.75 45.93
C GLY D 13 -44.02 65.91 46.43
N LYS D 14 -43.89 64.59 46.49
CA LYS D 14 -45.01 63.73 46.88
C LYS D 14 -44.56 62.65 47.85
N VAL D 15 -45.44 62.37 48.80
CA VAL D 15 -45.17 61.32 49.80
C VAL D 15 -45.16 59.97 49.11
N THR D 16 -44.01 59.31 49.14
CA THR D 16 -43.87 57.96 48.58
C THR D 16 -43.79 56.86 49.62
N GLY D 17 -43.64 57.21 50.87
CA GLY D 17 -43.85 56.29 51.98
C GLY D 17 -43.70 57.10 53.23
N TYR D 18 -43.43 56.43 54.35
CA TYR D 18 -43.21 57.12 55.61
C TYR D 18 -42.13 56.42 56.41
N ALA D 19 -41.49 57.20 57.28
CA ALA D 19 -40.46 56.73 58.18
C ALA D 19 -40.96 56.87 59.61
N CYS D 20 -41.02 55.75 60.31
CA CYS D 20 -41.56 55.68 61.65
C CYS D 20 -40.48 55.84 62.71
N LEU D 21 -40.90 56.32 63.88
CA LEU D 21 -40.01 56.69 64.98
C LEU D 21 -40.30 55.81 66.18
N VAL D 22 -39.57 54.71 66.37
CA VAL D 22 -39.83 53.77 67.45
C VAL D 22 -38.57 53.43 68.22
N GLY D 23 -38.72 53.32 69.53
CA GLY D 23 -37.75 52.66 70.36
C GLY D 23 -36.34 53.18 70.31
N ASP D 24 -36.17 54.50 70.35
CA ASP D 24 -34.84 55.09 70.18
C ASP D 24 -34.22 54.62 68.88
N LYS D 25 -35.04 54.54 67.84
CA LYS D 25 -34.56 54.26 66.50
C LYS D 25 -35.54 54.83 65.49
N VAL D 26 -35.02 55.63 64.58
CA VAL D 26 -35.76 56.02 63.39
C VAL D 26 -35.61 54.90 62.39
N MET D 27 -36.71 54.48 61.77
CA MET D 27 -36.62 53.37 60.84
C MET D 27 -37.54 53.63 59.67
N LYS D 28 -37.23 52.99 58.55
CA LYS D 28 -38.00 53.20 57.34
C LYS D 28 -37.92 51.97 56.46
N PRO D 29 -38.92 51.72 55.62
CA PRO D 29 -38.75 50.70 54.59
C PRO D 29 -37.62 51.10 53.68
N ALA D 30 -36.62 50.25 53.58
CA ALA D 30 -35.44 50.64 52.85
C ALA D 30 -35.76 50.82 51.37
N HIS D 31 -36.60 49.96 50.81
CA HIS D 31 -36.76 49.93 49.37
C HIS D 31 -37.39 51.20 48.81
N VAL D 32 -38.19 51.90 49.60
CA VAL D 32 -38.79 53.13 49.09
C VAL D 32 -37.73 54.23 49.10
N LYS D 33 -37.70 55.02 48.05
CA LYS D 33 -36.68 56.05 47.86
C LYS D 33 -37.29 57.36 48.29
N GLY D 34 -36.43 58.33 48.57
CA GLY D 34 -36.89 59.64 48.94
C GLY D 34 -36.03 60.23 50.03
N VAL D 35 -36.57 61.24 50.67
CA VAL D 35 -35.87 61.99 51.71
C VAL D 35 -36.86 62.25 52.82
N ILE D 36 -36.38 62.20 54.06
CA ILE D 36 -37.22 62.49 55.21
C ILE D 36 -37.69 63.93 55.13
N ASP D 37 -38.96 64.15 55.43
CA ASP D 37 -39.49 65.50 55.35
C ASP D 37 -38.86 66.41 56.38
N ASN D 38 -38.66 65.91 57.60
CA ASN D 38 -38.04 66.71 58.64
C ASN D 38 -36.58 66.86 58.26
N ALA D 39 -36.14 68.10 58.12
CA ALA D 39 -34.76 68.36 57.73
C ALA D 39 -33.81 67.97 58.85
N ASP D 40 -34.20 68.20 60.10
CA ASP D 40 -33.34 67.86 61.23
C ASP D 40 -33.03 66.37 61.23
N LEU D 41 -34.02 65.55 60.94
CA LEU D 41 -33.83 64.12 60.87
C LEU D 41 -33.31 63.66 59.53
N ALA D 42 -33.38 64.49 58.50
CA ALA D 42 -32.93 64.07 57.19
C ALA D 42 -31.41 64.03 57.10
N LYS D 43 -30.70 64.79 57.93
CA LYS D 43 -29.25 64.87 57.85
C LYS D 43 -28.55 63.87 58.76
N LEU D 44 -29.21 62.78 59.09
CA LEU D 44 -28.63 61.70 59.87
C LEU D 44 -28.19 60.57 58.96
N ALA D 45 -27.12 59.90 59.36
CA ALA D 45 -26.64 58.74 58.63
C ALA D 45 -27.50 57.52 58.96
N PHE D 46 -27.83 56.76 57.94
CA PHE D 46 -28.78 55.67 58.02
C PHE D 46 -28.12 54.42 57.47
N LYS D 47 -28.14 53.35 58.26
CA LYS D 47 -27.52 52.10 57.86
C LYS D 47 -28.60 51.23 57.23
N LYS D 48 -28.42 50.90 55.96
CA LYS D 48 -29.40 50.11 55.23
C LYS D 48 -29.12 48.64 55.45
N SER D 49 -30.03 47.80 54.96
CA SER D 49 -29.80 46.36 54.99
C SER D 49 -30.63 45.75 53.87
N SER D 50 -29.97 45.28 52.83
CA SER D 50 -30.68 44.78 51.67
C SER D 50 -31.57 43.61 52.04
N LYS D 51 -31.06 42.68 52.82
CA LYS D 51 -31.78 41.44 53.06
C LYS D 51 -32.91 41.61 54.04
N TYR D 52 -33.06 42.78 54.66
CA TYR D 52 -34.13 43.07 55.60
C TYR D 52 -35.00 44.25 55.18
N ASP D 53 -34.60 45.00 54.17
CA ASP D 53 -35.38 46.12 53.63
C ASP D 53 -35.79 47.10 54.71
N LEU D 54 -34.91 47.31 55.69
CA LEU D 54 -35.17 48.26 56.75
C LEU D 54 -33.93 49.13 56.93
N GLU D 55 -34.08 50.41 56.69
CA GLU D 55 -33.02 51.39 56.83
C GLU D 55 -33.30 52.19 58.09
N CYS D 56 -32.39 52.14 59.06
CA CYS D 56 -32.62 52.76 60.35
C CYS D 56 -31.43 53.60 60.79
N ALA D 57 -31.66 54.37 61.84
CA ALA D 57 -30.63 55.20 62.46
C ALA D 57 -31.11 55.55 63.85
N GLN D 58 -30.24 56.22 64.60
CA GLN D 58 -30.52 56.57 65.98
C GLN D 58 -31.16 57.94 66.05
N ILE D 59 -32.26 58.04 66.79
CA ILE D 59 -33.03 59.30 66.83
C ILE D 59 -32.22 60.34 67.60
N PRO D 60 -32.25 61.62 67.22
CA PRO D 60 -31.48 62.59 67.99
C PRO D 60 -32.03 62.70 69.40
N VAL D 61 -31.11 63.00 70.32
CA VAL D 61 -31.45 62.92 71.74
C VAL D 61 -32.60 63.82 72.11
N HIS D 62 -32.80 64.92 71.38
CA HIS D 62 -33.82 65.86 71.79
C HIS D 62 -35.21 65.29 71.60
N MET D 63 -35.48 64.70 70.45
CA MET D 63 -36.82 64.33 70.04
C MET D 63 -37.16 62.89 70.38
N ARG D 64 -36.45 62.29 71.33
CA ARG D 64 -36.76 60.92 71.74
C ARG D 64 -38.18 60.84 72.25
N SER D 65 -38.70 61.92 72.82
CA SER D 65 -40.01 61.87 73.45
C SER D 65 -41.08 61.54 72.43
N ASP D 66 -41.01 62.10 71.24
CA ASP D 66 -42.01 61.78 70.25
C ASP D 66 -41.70 60.48 69.52
N ALA D 67 -41.49 59.40 70.27
CA ALA D 67 -41.21 58.09 69.71
C ALA D 67 -42.12 57.09 70.39
N SER D 68 -42.62 56.13 69.64
CA SER D 68 -43.62 55.27 70.22
C SER D 68 -42.96 54.15 71.02
N LYS D 69 -43.77 53.48 71.81
CA LYS D 69 -43.33 52.35 72.61
C LYS D 69 -43.43 51.07 71.78
N TYR D 70 -42.59 50.09 72.12
CA TYR D 70 -42.48 48.87 71.34
C TYR D 70 -42.74 47.63 72.18
N THR D 71 -43.03 46.55 71.49
CA THR D 71 -43.27 45.26 72.08
C THR D 71 -42.76 44.19 71.15
N HIS D 72 -42.48 43.03 71.72
CA HIS D 72 -42.10 41.86 70.96
C HIS D 72 -43.06 40.72 71.13
N GLU D 73 -43.89 40.74 72.16
CA GLU D 73 -44.80 39.63 72.42
C GLU D 73 -46.04 39.84 71.59
N LYS D 74 -46.37 38.86 70.77
CA LYS D 74 -47.34 38.98 69.70
C LYS D 74 -48.38 37.90 69.90
N PRO D 75 -49.32 38.10 70.82
CA PRO D 75 -50.40 37.15 70.96
C PRO D 75 -51.31 37.14 69.76
N GLU D 76 -51.97 36.01 69.56
CA GLU D 76 -53.02 35.90 68.56
C GLU D 76 -54.11 36.93 68.85
N GLY D 77 -54.50 37.73 67.86
CA GLY D 77 -55.63 38.61 68.11
C GLY D 77 -55.73 39.76 67.14
N HIS D 78 -56.21 40.90 67.63
CA HIS D 78 -56.57 42.04 66.80
C HIS D 78 -55.67 43.23 67.11
N TYR D 79 -55.08 43.81 66.07
CA TYR D 79 -54.18 44.93 66.22
C TYR D 79 -54.65 46.09 65.35
N ASN D 80 -54.05 47.25 65.57
CA ASN D 80 -54.46 48.49 64.93
C ASN D 80 -53.64 48.77 63.68
N TRP D 81 -54.09 49.77 62.95
CA TRP D 81 -53.41 50.23 61.75
C TRP D 81 -53.97 51.61 61.45
N HIS D 82 -53.26 52.36 60.62
CA HIS D 82 -53.83 53.62 60.17
C HIS D 82 -54.97 53.40 59.21
N HIS D 83 -55.00 52.29 58.51
CA HIS D 83 -56.15 51.90 57.72
C HIS D 83 -56.87 50.80 58.46
N GLY D 84 -57.78 51.22 59.33
CA GLY D 84 -58.60 50.27 60.04
C GLY D 84 -57.78 49.35 60.89
N ALA D 85 -58.09 48.07 60.84
CA ALA D 85 -57.55 47.09 61.77
C ALA D 85 -56.80 46.03 61.00
N VAL D 86 -55.97 45.28 61.72
CA VAL D 86 -55.28 44.12 61.18
C VAL D 86 -55.48 42.99 62.16
N GLN D 87 -55.40 41.78 61.64
CA GLN D 87 -55.56 40.58 62.45
C GLN D 87 -54.26 39.81 62.42
N TYR D 88 -53.79 39.37 63.58
CA TYR D 88 -52.59 38.55 63.69
C TYR D 88 -53.00 37.14 64.05
N SER D 89 -52.69 36.21 63.16
CA SER D 89 -53.11 34.84 63.35
C SER D 89 -52.14 33.93 62.63
N GLY D 90 -51.74 32.87 63.31
CA GLY D 90 -50.90 31.85 62.69
C GLY D 90 -49.62 32.39 62.11
N GLY D 91 -48.99 33.32 62.79
CA GLY D 91 -47.77 33.86 62.26
C GLY D 91 -47.93 34.66 61.00
N ARG D 92 -49.14 35.13 60.69
CA ARG D 92 -49.36 36.08 59.61
C ARG D 92 -50.18 37.26 60.08
N PHE D 93 -50.03 38.35 59.34
CA PHE D 93 -50.83 39.54 59.48
C PHE D 93 -51.76 39.67 58.28
N THR D 94 -53.05 39.86 58.52
CA THR D 94 -54.06 39.98 57.49
C THR D 94 -54.81 41.31 57.60
N ILE D 95 -55.12 41.91 56.45
CA ILE D 95 -55.92 43.13 56.40
C ILE D 95 -57.03 42.88 55.40
N PRO D 96 -58.13 43.64 55.47
CA PRO D 96 -59.02 43.72 54.32
C PRO D 96 -58.27 44.16 53.07
N THR D 97 -58.51 43.46 51.97
CA THR D 97 -57.90 43.80 50.70
C THR D 97 -58.23 45.22 50.33
N GLY D 98 -57.29 45.91 49.71
CA GLY D 98 -57.52 47.26 49.26
C GLY D 98 -57.24 48.33 50.29
N ALA D 99 -57.54 48.04 51.55
CA ALA D 99 -57.13 48.87 52.68
C ALA D 99 -55.70 49.31 52.52
N GLY D 100 -54.86 48.42 52.05
CA GLY D 100 -53.49 48.73 51.71
C GLY D 100 -53.26 49.17 50.29
N LYS D 101 -52.85 50.43 50.10
CA LYS D 101 -52.50 50.95 48.79
C LYS D 101 -51.01 50.90 48.64
N PRO D 102 -50.44 50.42 47.54
CA PRO D 102 -49.03 50.68 47.31
C PRO D 102 -48.68 52.15 47.42
N GLY D 103 -47.85 52.47 48.39
CA GLY D 103 -47.13 53.72 48.44
C GLY D 103 -47.10 54.21 49.87
N ASP D 104 -48.01 53.71 50.69
CA ASP D 104 -47.97 53.88 52.14
C ASP D 104 -47.27 52.71 52.85
N SER D 105 -46.00 52.54 52.50
CA SER D 105 -45.32 51.30 52.80
C SER D 105 -44.42 51.39 54.01
N GLY D 106 -44.44 52.49 54.75
CA GLY D 106 -43.73 52.57 55.99
C GLY D 106 -44.53 52.47 57.25
N ARG D 107 -45.84 52.70 57.18
CA ARG D 107 -46.54 53.05 58.38
C ARG D 107 -46.56 51.84 59.32
N PRO D 108 -46.68 52.06 60.62
CA PRO D 108 -46.55 50.96 61.56
C PRO D 108 -47.87 50.29 61.87
N ILE D 109 -47.76 49.17 62.56
CA ILE D 109 -48.89 48.44 63.10
C ILE D 109 -48.77 48.49 64.61
N PHE D 110 -49.83 48.93 65.27
CA PHE D 110 -49.78 49.10 66.71
C PHE D 110 -50.41 47.87 67.34
N ASP D 111 -50.37 47.81 68.65
CA ASP D 111 -51.10 46.81 69.40
C ASP D 111 -52.18 47.48 70.23
N ASN D 112 -52.98 46.62 70.88
CA ASN D 112 -54.12 47.12 71.64
C ASN D 112 -53.68 48.12 72.67
N LYS D 113 -52.54 47.88 73.27
CA LYS D 113 -52.02 48.74 74.33
C LYS D 113 -51.32 49.95 73.77
N GLY D 114 -51.22 50.08 72.46
CA GLY D 114 -50.56 51.25 71.93
C GLY D 114 -49.05 51.16 71.90
N ARG D 115 -48.50 50.14 71.23
CA ARG D 115 -47.06 50.08 71.07
C ARG D 115 -46.71 49.26 69.86
N VAL D 116 -45.75 49.76 69.09
CA VAL D 116 -45.52 49.29 67.73
C VAL D 116 -45.10 47.84 67.77
N VAL D 117 -45.75 47.02 66.94
CA VAL D 117 -45.42 45.61 66.83
C VAL D 117 -44.95 45.21 65.45
N ALA D 118 -45.01 46.09 64.47
CA ALA D 118 -44.70 45.68 63.12
C ALA D 118 -44.39 46.92 62.30
N ILE D 119 -43.75 46.70 61.16
CA ILE D 119 -43.55 47.77 60.20
C ILE D 119 -43.88 47.21 58.82
N VAL D 120 -45.02 47.62 58.26
CA VAL D 120 -45.44 47.05 56.99
C VAL D 120 -44.39 47.36 55.95
N LEU D 121 -44.21 46.44 55.02
CA LEU D 121 -43.47 46.72 53.81
C LEU D 121 -44.27 46.49 52.56
N GLY D 122 -45.07 45.43 52.54
CA GLY D 122 -45.70 45.06 51.28
C GLY D 122 -46.98 44.33 51.54
N GLY D 123 -47.64 43.97 50.45
CA GLY D 123 -48.84 43.18 50.52
C GLY D 123 -48.77 42.02 49.56
N ALA D 124 -49.30 40.90 49.99
CA ALA D 124 -49.48 39.72 49.18
C ALA D 124 -50.98 39.59 49.04
N ASN D 125 -51.48 40.01 47.89
CA ASN D 125 -52.91 40.12 47.69
C ASN D 125 -53.49 38.74 47.61
N GLU D 126 -54.57 38.52 48.34
CA GLU D 126 -55.23 37.23 48.28
C GLU D 126 -56.61 37.35 48.89
N GLY D 127 -57.59 36.84 48.16
CA GLY D 127 -58.99 36.77 48.57
C GLY D 127 -59.51 38.02 49.24
N SER D 128 -60.28 37.82 50.30
CA SER D 128 -60.83 38.97 50.97
C SER D 128 -59.85 39.61 51.91
N ARG D 129 -58.76 38.93 52.24
CA ARG D 129 -57.81 39.40 53.24
C ARG D 129 -56.42 39.35 52.64
N THR D 130 -55.86 40.52 52.33
CA THR D 130 -54.50 40.60 51.82
C THR D 130 -53.54 40.42 52.98
N ALA D 131 -52.55 39.57 52.79
CA ALA D 131 -51.52 39.37 53.80
C ALA D 131 -50.53 40.51 53.74
N LEU D 132 -49.95 40.86 54.89
CA LEU D 132 -49.03 41.97 54.97
C LEU D 132 -47.63 41.43 55.18
N SER D 133 -46.76 41.64 54.20
CA SER D 133 -45.37 41.28 54.36
C SER D 133 -44.74 42.35 55.23
N VAL D 134 -44.31 41.96 56.42
CA VAL D 134 -43.92 42.89 57.46
C VAL D 134 -42.60 42.49 58.08
N VAL D 135 -41.85 43.48 58.56
CA VAL D 135 -40.63 43.27 59.31
C VAL D 135 -40.93 43.51 60.78
N THR D 136 -40.89 42.43 61.55
CA THR D 136 -41.20 42.44 62.95
C THR D 136 -39.93 42.40 63.73
N TRP D 137 -40.04 42.59 65.03
CA TRP D 137 -38.91 42.39 65.92
C TRP D 137 -39.26 41.32 66.93
N ASN D 138 -38.61 40.17 66.79
CA ASN D 138 -38.65 39.14 67.79
C ASN D 138 -37.79 39.65 68.95
N LYS D 139 -37.70 38.88 70.04
CA LYS D 139 -37.15 39.41 71.27
C LYS D 139 -35.77 40.03 71.11
N ASP D 140 -34.93 39.49 70.23
CA ASP D 140 -33.65 40.13 69.93
C ASP D 140 -33.27 40.26 68.47
N MET D 141 -33.99 39.64 67.55
CA MET D 141 -33.74 39.72 66.13
C MET D 141 -34.87 40.49 65.49
N VAL D 142 -34.59 41.10 64.35
CA VAL D 142 -35.61 41.62 63.47
C VAL D 142 -35.76 40.69 62.29
N THR D 143 -36.98 40.29 62.01
CA THR D 143 -37.29 39.20 61.08
C THR D 143 -38.30 39.64 60.04
N ARG D 144 -38.06 39.25 58.79
CA ARG D 144 -38.99 39.53 57.71
C ARG D 144 -39.94 38.36 57.57
N VAL D 145 -41.22 38.68 57.46
CA VAL D 145 -42.27 37.72 57.14
C VAL D 145 -42.84 38.14 55.80
N THR D 146 -42.55 37.36 54.77
CA THR D 146 -43.02 37.66 53.42
C THR D 146 -43.83 36.48 52.88
N PRO D 147 -45.14 36.59 52.73
CA PRO D 147 -45.85 35.56 51.99
C PRO D 147 -45.52 35.66 50.52
N GLU D 148 -45.73 34.57 49.80
CA GLU D 148 -45.32 34.50 48.42
C GLU D 148 -46.01 35.57 47.58
N GLY D 149 -45.25 36.16 46.68
CA GLY D 149 -45.83 37.09 45.74
C GLY D 149 -46.16 38.44 46.28
N SER D 150 -45.77 38.74 47.51
CA SER D 150 -46.00 40.07 48.03
C SER D 150 -45.24 41.09 47.20
N GLU D 151 -45.85 42.23 46.97
CA GLU D 151 -45.35 43.22 46.03
C GLU D 151 -44.94 44.41 46.85
N GLU D 152 -43.77 44.94 46.57
CA GLU D 152 -43.26 46.03 47.38
C GLU D 152 -44.18 47.23 47.20
N TRP D 153 -44.68 47.74 48.30
CA TRP D 153 -45.56 48.89 48.24
C TRP D 153 -44.78 50.16 47.92
N TYR E 1 8.74 51.69 -21.31
CA TYR E 1 7.52 51.36 -20.52
C TYR E 1 7.81 50.30 -19.47
N GLU E 2 6.89 50.12 -18.54
CA GLU E 2 6.88 49.01 -17.60
C GLU E 2 5.54 48.31 -17.73
N HIS E 3 5.50 47.09 -18.25
CA HIS E 3 4.30 46.28 -18.16
C HIS E 3 4.57 44.98 -17.43
N SER E 4 3.65 44.61 -16.57
CA SER E 4 3.74 43.43 -15.72
C SER E 4 2.58 42.51 -16.06
N THR E 5 2.86 41.37 -16.66
CA THR E 5 1.82 40.42 -16.99
C THR E 5 2.19 39.09 -16.36
N VAL E 6 1.27 38.15 -16.44
CA VAL E 6 1.46 36.84 -15.84
C VAL E 6 1.01 35.79 -16.85
N MET E 7 1.96 34.97 -17.33
CA MET E 7 1.57 33.95 -18.31
C MET E 7 1.27 32.61 -17.63
N PRO E 8 0.26 31.86 -18.04
CA PRO E 8 0.12 30.49 -17.57
C PRO E 8 1.29 29.61 -18.01
N ASN E 9 1.88 28.91 -17.05
CA ASN E 9 3.05 28.07 -17.26
C ASN E 9 2.66 26.73 -17.86
N VAL E 10 2.07 26.76 -19.03
CA VAL E 10 1.76 25.54 -19.76
C VAL E 10 2.35 25.65 -21.15
N VAL E 11 3.12 24.64 -21.53
CA VAL E 11 3.86 24.69 -22.77
C VAL E 11 2.92 24.77 -23.93
N GLY E 12 3.18 25.69 -24.84
CA GLY E 12 2.47 25.79 -26.08
C GLY E 12 1.36 26.82 -26.10
N PHE E 13 0.88 27.23 -24.94
CA PHE E 13 -0.24 28.15 -24.88
C PHE E 13 0.19 29.52 -25.38
N PRO E 14 -0.25 29.97 -26.54
CA PRO E 14 0.13 31.32 -26.96
C PRO E 14 -0.46 32.38 -26.05
N TYR E 15 0.37 33.12 -25.33
CA TYR E 15 -0.09 34.26 -24.55
C TYR E 15 0.11 35.51 -25.37
N LYS E 16 -0.99 36.15 -25.69
CA LYS E 16 -0.98 37.43 -26.36
C LYS E 16 -1.13 38.48 -25.26
N ALA E 17 -0.01 39.02 -24.79
CA ALA E 17 -0.06 40.11 -23.85
C ALA E 17 -0.37 41.40 -24.59
N HIS E 18 -1.06 42.31 -23.89
CA HIS E 18 -1.52 43.57 -24.45
C HIS E 18 -0.73 44.72 -23.87
N ILE E 19 -0.31 45.62 -24.73
CA ILE E 19 0.43 46.81 -24.34
C ILE E 19 -0.46 47.97 -24.73
N GLU E 20 -0.94 48.72 -23.74
CA GLU E 20 -1.68 49.95 -23.99
C GLU E 20 -0.88 51.07 -23.34
N ARG E 21 -0.31 51.93 -24.18
CA ARG E 21 0.47 53.07 -23.77
C ARG E 21 -0.17 54.27 -24.44
N PRO E 22 -0.56 55.32 -23.70
CA PRO E 22 -1.22 56.44 -24.37
C PRO E 22 -0.34 57.06 -25.43
N GLY E 23 -0.98 57.55 -26.48
CA GLY E 23 -0.30 58.20 -27.56
C GLY E 23 0.21 57.27 -28.65
N TYR E 24 0.38 55.99 -28.36
CA TYR E 24 0.88 55.04 -29.32
C TYR E 24 -0.17 53.98 -29.59
N SER E 25 0.01 53.26 -30.69
CA SER E 25 -0.93 52.19 -30.99
C SER E 25 -0.71 51.06 -30.00
N PRO E 26 -1.76 50.49 -29.42
CA PRO E 26 -1.54 49.35 -28.54
C PRO E 26 -0.86 48.22 -29.28
N LEU E 27 0.12 47.61 -28.62
CA LEU E 27 0.96 46.58 -29.21
C LEU E 27 0.59 45.21 -28.65
N THR E 28 0.49 44.23 -29.53
CA THR E 28 0.37 42.86 -29.13
C THR E 28 1.78 42.32 -28.90
N LEU E 29 1.93 41.50 -27.87
CA LEU E 29 3.22 40.97 -27.46
C LEU E 29 2.98 39.51 -27.21
N GLN E 30 3.24 38.68 -28.21
CA GLN E 30 2.88 37.28 -28.09
C GLN E 30 4.08 36.50 -27.64
N MET E 31 3.85 35.47 -26.84
CA MET E 31 4.95 34.80 -26.18
C MET E 31 4.45 33.49 -25.59
N GLN E 32 5.28 32.46 -25.68
CA GLN E 32 4.92 31.15 -25.17
C GLN E 32 6.15 30.40 -24.73
N VAL E 33 5.98 29.56 -23.72
CA VAL E 33 7.08 28.81 -23.14
C VAL E 33 7.20 27.48 -23.89
N VAL E 34 8.33 27.26 -24.56
CA VAL E 34 8.47 26.05 -25.34
C VAL E 34 9.00 24.87 -24.52
N GLU E 35 9.74 25.12 -23.45
CA GLU E 35 10.11 24.05 -22.52
C GLU E 35 10.57 24.71 -21.25
N THR E 36 10.17 24.15 -20.11
CA THR E 36 10.55 24.69 -18.82
C THR E 36 11.12 23.57 -17.98
N SER E 37 12.37 23.74 -17.55
CA SER E 37 13.09 22.73 -16.78
C SER E 37 13.16 23.15 -15.34
N LEU E 38 12.77 22.25 -14.44
CA LEU E 38 12.72 22.53 -13.01
C LEU E 38 13.82 21.70 -12.37
N GLU E 39 14.96 22.31 -12.06
CA GLU E 39 16.16 21.59 -11.68
C GLU E 39 16.41 21.73 -10.19
N PRO E 40 16.27 20.70 -9.37
CA PRO E 40 16.64 20.83 -7.95
C PRO E 40 18.13 21.01 -7.79
N THR E 41 18.53 21.40 -6.59
CA THR E 41 19.91 21.31 -6.18
C THR E 41 20.09 20.01 -5.43
N LEU E 42 21.23 19.39 -5.61
CA LEU E 42 21.44 18.00 -5.22
C LEU E 42 22.59 17.92 -4.22
N ASN E 43 22.67 16.82 -3.48
CA ASN E 43 23.64 16.67 -2.40
C ASN E 43 24.49 15.40 -2.44
N LEU E 44 24.05 14.34 -3.10
CA LEU E 44 24.87 13.14 -3.25
C LEU E 44 25.34 12.56 -1.92
N GLU E 45 24.37 12.16 -1.11
CA GLU E 45 24.69 11.68 0.23
C GLU E 45 25.39 10.33 0.19
N TYR E 46 25.00 9.43 -0.70
CA TYR E 46 25.79 8.20 -0.87
C TYR E 46 25.43 7.54 -2.18
N ILE E 47 26.12 6.45 -2.48
CA ILE E 47 25.84 5.61 -3.63
C ILE E 47 25.77 4.18 -3.15
N THR E 48 25.19 3.34 -3.99
CA THR E 48 25.01 1.94 -3.68
C THR E 48 25.16 1.18 -4.96
N CYS E 49 25.88 0.06 -4.89
CA CYS E 49 26.01 -0.82 -6.02
C CYS E 49 26.12 -2.26 -5.55
N GLU E 50 26.26 -3.15 -6.50
CA GLU E 50 26.51 -4.55 -6.23
C GLU E 50 27.83 -4.69 -5.52
N TYR E 51 27.95 -5.73 -4.71
CA TYR E 51 29.21 -5.99 -4.03
C TYR E 51 29.81 -7.30 -4.52
N LYS E 52 31.10 -7.46 -4.26
CA LYS E 52 31.77 -8.73 -4.48
C LYS E 52 32.46 -9.09 -3.19
N THR E 53 32.15 -10.28 -2.71
CA THR E 53 32.59 -10.71 -1.41
C THR E 53 33.85 -11.51 -1.61
N VAL E 54 34.96 -10.81 -1.62
CA VAL E 54 36.23 -11.46 -1.90
C VAL E 54 36.59 -12.27 -0.67
N VAL E 55 36.92 -13.54 -0.90
CA VAL E 55 37.33 -14.44 0.18
C VAL E 55 38.62 -15.11 -0.28
N PRO E 56 39.78 -14.73 0.27
CA PRO E 56 41.03 -15.37 -0.15
C PRO E 56 41.12 -16.83 0.25
N SER E 57 42.20 -17.47 -0.16
CA SER E 57 42.36 -18.88 0.16
C SER E 57 42.53 -19.05 1.67
N PRO E 58 41.85 -20.02 2.29
CA PRO E 58 41.97 -20.17 3.73
C PRO E 58 43.38 -20.58 4.12
N TYR E 59 43.93 -19.92 5.13
CA TYR E 59 45.20 -20.40 5.65
C TYR E 59 44.92 -21.64 6.46
N VAL E 60 45.64 -22.72 6.18
CA VAL E 60 45.50 -23.93 6.96
C VAL E 60 46.84 -24.24 7.63
N LYS E 61 46.99 -23.80 8.87
CA LYS E 61 48.23 -23.95 9.63
C LYS E 61 48.33 -25.39 10.11
N CYS E 62 49.33 -26.07 9.57
CA CYS E 62 49.57 -27.49 9.75
C CYS E 62 50.28 -27.70 11.09
N CYS E 63 49.59 -28.32 12.04
CA CYS E 63 50.15 -28.58 13.37
C CYS E 63 50.46 -27.29 14.13
N GLY E 64 49.62 -26.28 13.97
CA GLY E 64 49.86 -25.02 14.65
C GLY E 64 48.60 -24.19 14.69
N ALA E 65 48.61 -23.17 15.54
CA ALA E 65 47.43 -22.34 15.76
C ALA E 65 47.74 -20.89 15.41
N SER E 66 47.08 -20.40 14.37
CA SER E 66 47.15 -19.00 13.93
C SER E 66 45.89 -18.26 14.36
N GLU E 67 45.96 -17.42 15.38
CA GLU E 67 44.75 -16.72 15.76
C GLU E 67 44.54 -15.53 14.82
N CYS E 68 43.27 -15.26 14.49
CA CYS E 68 43.01 -14.40 13.33
C CYS E 68 43.36 -12.96 13.67
N SER E 69 44.19 -12.31 12.86
CA SER E 69 44.59 -10.93 13.09
C SER E 69 43.67 -10.00 12.32
N THR E 70 43.06 -9.05 13.02
CA THR E 70 41.87 -8.33 12.55
C THR E 70 42.25 -7.04 11.83
N LYS E 71 42.41 -7.13 10.50
CA LYS E 71 42.63 -5.96 9.67
C LYS E 71 41.31 -5.33 9.24
N GLU E 72 41.13 -4.07 9.60
CA GLU E 72 39.89 -3.32 9.41
C GLU E 72 39.64 -3.12 7.93
N LYS E 73 38.64 -3.81 7.41
CA LYS E 73 38.16 -3.71 6.05
C LYS E 73 36.68 -4.05 6.10
N PRO E 74 35.89 -3.58 5.14
CA PRO E 74 34.44 -3.54 5.35
C PRO E 74 33.85 -4.92 5.58
N ASP E 75 33.01 -5.01 6.62
CA ASP E 75 32.33 -6.23 7.02
C ASP E 75 33.29 -7.42 7.15
N TYR E 76 34.52 -7.15 7.55
CA TYR E 76 35.52 -8.19 7.72
C TYR E 76 35.11 -9.18 8.77
N GLN E 77 35.05 -10.44 8.36
CA GLN E 77 34.64 -11.53 9.22
C GLN E 77 35.72 -12.61 9.26
N CYS E 78 36.12 -12.95 10.49
CA CYS E 78 37.37 -13.58 10.89
C CYS E 78 37.04 -14.80 11.73
N LYS E 79 37.48 -15.98 11.35
CA LYS E 79 37.43 -17.03 12.35
C LYS E 79 38.50 -18.06 12.10
N VAL E 80 39.09 -18.58 13.18
CA VAL E 80 40.03 -19.67 13.12
C VAL E 80 39.37 -20.90 13.72
N TYR E 81 39.37 -21.99 12.96
CA TYR E 81 38.72 -23.24 13.31
C TYR E 81 39.76 -24.28 13.64
N THR E 82 39.48 -25.07 14.67
CA THR E 82 40.34 -26.16 15.06
C THR E 82 39.76 -27.46 14.55
N GLY E 83 40.63 -28.45 14.37
CA GLY E 83 40.16 -29.76 14.00
C GLY E 83 39.96 -29.98 12.53
N VAL E 84 40.37 -29.04 11.69
CA VAL E 84 40.23 -29.26 10.27
C VAL E 84 41.18 -30.36 9.82
N TYR E 85 40.87 -30.96 8.69
CA TYR E 85 41.70 -32.01 8.10
C TYR E 85 41.60 -31.90 6.59
N PRO E 86 42.29 -30.95 5.99
CA PRO E 86 42.12 -30.69 4.56
C PRO E 86 42.48 -31.89 3.73
N PHE E 87 41.82 -32.02 2.59
CA PHE E 87 42.11 -33.06 1.62
C PHE E 87 42.23 -32.38 0.26
N MET E 88 43.46 -32.23 -0.23
CA MET E 88 43.67 -31.82 -1.60
C MET E 88 43.56 -33.07 -2.44
N TRP E 89 43.86 -32.98 -3.75
CA TRP E 89 43.51 -34.11 -4.61
C TRP E 89 44.33 -35.35 -4.31
N GLY E 90 45.63 -35.22 -4.09
CA GLY E 90 46.43 -36.40 -3.85
C GLY E 90 46.12 -37.05 -2.52
N GLY E 91 45.97 -36.25 -1.47
CA GLY E 91 45.73 -36.77 -0.15
C GLY E 91 45.77 -35.63 0.85
N ALA E 92 45.86 -35.98 2.12
CA ALA E 92 45.63 -34.97 3.13
C ALA E 92 46.81 -34.03 3.16
N TYR E 93 46.53 -32.74 3.16
CA TYR E 93 47.62 -31.79 3.05
C TYR E 93 48.38 -31.65 4.36
N CYS E 94 47.78 -32.06 5.46
CA CYS E 94 48.36 -31.92 6.80
C CYS E 94 48.52 -33.29 7.45
N PHE E 95 49.75 -33.61 7.87
CA PHE E 95 49.97 -34.90 8.54
C PHE E 95 49.26 -34.96 9.89
N CYS E 96 49.43 -33.93 10.72
CA CYS E 96 48.97 -34.02 12.10
C CYS E 96 47.47 -34.29 12.15
N ASP E 97 47.08 -35.30 12.91
CA ASP E 97 45.73 -35.83 12.82
C ASP E 97 44.68 -34.79 13.19
N SER E 98 44.72 -34.29 14.41
CA SER E 98 43.67 -33.41 14.92
C SER E 98 44.12 -32.01 15.28
N GLU E 99 45.40 -31.70 15.32
CA GLU E 99 45.83 -30.39 15.80
C GLU E 99 45.95 -29.34 14.70
N ASN E 100 45.59 -29.69 13.48
CA ASN E 100 45.46 -28.72 12.40
C ASN E 100 44.51 -27.59 12.74
N THR E 101 44.73 -26.41 12.17
CA THR E 101 43.72 -25.35 12.23
C THR E 101 43.64 -24.65 10.89
N GLN E 102 42.51 -23.98 10.64
CA GLN E 102 42.34 -23.21 9.42
C GLN E 102 41.70 -21.89 9.75
N LEU E 103 42.29 -20.83 9.20
CA LEU E 103 41.92 -19.45 9.42
C LEU E 103 41.22 -19.02 8.16
N SER E 104 39.92 -18.80 8.28
CA SER E 104 39.03 -18.50 7.18
C SER E 104 38.52 -17.10 7.39
N GLU E 105 38.63 -16.30 6.34
CA GLU E 105 38.37 -14.89 6.46
C GLU E 105 37.75 -14.37 5.17
N ALA E 106 36.74 -13.51 5.29
CA ALA E 106 36.09 -12.96 4.12
C ALA E 106 35.75 -11.50 4.34
N TYR E 107 35.78 -10.74 3.24
CA TYR E 107 35.42 -9.33 3.33
C TYR E 107 34.78 -8.86 2.03
N VAL E 108 33.97 -7.83 2.13
CA VAL E 108 33.11 -7.38 1.05
C VAL E 108 33.66 -6.07 0.52
N ASP E 109 33.73 -5.93 -0.80
CA ASP E 109 34.13 -4.67 -1.39
C ASP E 109 33.23 -4.36 -2.59
N ARG E 110 33.48 -3.20 -3.16
CA ARG E 110 32.63 -2.65 -4.21
C ARG E 110 32.81 -3.44 -5.48
N SER E 111 31.72 -3.70 -6.19
CA SER E 111 31.87 -4.50 -7.38
C SER E 111 32.65 -3.75 -8.44
N ASP E 112 33.19 -4.49 -9.39
CA ASP E 112 34.05 -3.89 -10.38
C ASP E 112 33.32 -2.98 -11.34
N VAL E 113 32.00 -2.96 -11.32
CA VAL E 113 31.22 -2.16 -12.23
C VAL E 113 30.57 -0.99 -11.51
N CYS E 114 31.05 -0.69 -10.30
CA CYS E 114 30.36 0.22 -9.42
C CYS E 114 30.33 1.61 -10.05
N ARG E 115 31.38 1.96 -10.79
CA ARG E 115 31.42 3.22 -11.53
C ARG E 115 30.33 3.34 -12.56
N HIS E 116 29.76 2.23 -12.99
CA HIS E 116 28.91 2.19 -14.16
C HIS E 116 27.46 1.92 -13.83
N ASP E 117 27.18 1.00 -12.92
CA ASP E 117 25.82 0.67 -12.52
C ASP E 117 25.80 0.96 -11.03
N HIS E 118 25.20 2.08 -10.64
CA HIS E 118 25.14 2.46 -9.23
C HIS E 118 24.05 3.48 -9.03
N ALA E 119 23.24 3.26 -8.02
CA ALA E 119 22.20 4.19 -7.69
C ALA E 119 22.78 5.23 -6.76
N SER E 120 22.42 6.48 -6.98
CA SER E 120 22.93 7.58 -6.19
C SER E 120 21.80 8.18 -5.40
N ALA E 121 21.99 8.29 -4.09
CA ALA E 121 21.01 8.87 -3.20
C ALA E 121 21.30 10.34 -3.02
N TYR E 122 20.25 11.16 -3.06
CA TYR E 122 20.39 12.60 -3.02
C TYR E 122 19.36 13.22 -2.10
N LYS E 123 19.64 14.47 -1.72
CA LYS E 123 18.72 15.33 -0.99
C LYS E 123 18.45 16.56 -1.83
N ALA E 124 17.18 16.87 -2.05
CA ALA E 124 16.78 17.98 -2.91
C ALA E 124 16.26 19.13 -2.08
N HIS E 125 16.78 20.32 -2.34
CA HIS E 125 16.30 21.57 -1.80
C HIS E 125 15.47 22.28 -2.86
N THR E 126 15.04 23.50 -2.53
CA THR E 126 14.26 24.31 -3.45
C THR E 126 14.96 24.46 -4.79
N ALA E 127 14.20 24.30 -5.85
CA ALA E 127 14.75 24.18 -7.19
C ALA E 127 14.62 25.50 -7.94
N SER E 128 15.41 25.62 -8.99
CA SER E 128 15.43 26.81 -9.83
C SER E 128 14.81 26.47 -11.18
N LEU E 129 13.72 27.15 -11.51
CA LEU E 129 13.14 26.94 -12.83
C LEU E 129 14.02 27.60 -13.89
N LYS E 130 14.17 26.94 -15.02
CA LYS E 130 14.91 27.48 -16.15
C LYS E 130 14.13 27.13 -17.40
N ALA E 131 13.76 28.12 -18.19
CA ALA E 131 12.82 27.94 -19.29
C ALA E 131 13.39 28.47 -20.58
N LYS E 132 12.73 28.10 -21.67
CA LYS E 132 12.93 28.66 -22.98
C LYS E 132 11.63 29.32 -23.38
N VAL E 133 11.67 30.61 -23.66
CA VAL E 133 10.49 31.39 -24.01
C VAL E 133 10.70 31.93 -25.40
N ARG E 134 9.72 31.73 -26.26
CA ARG E 134 9.72 32.28 -27.61
C ARG E 134 8.81 33.49 -27.55
N VAL E 135 9.34 34.63 -27.95
CA VAL E 135 8.63 35.89 -27.89
C VAL E 135 8.60 36.51 -29.28
N MET E 136 7.56 37.29 -29.53
CA MET E 136 7.22 37.75 -30.85
C MET E 136 6.48 39.07 -30.76
N TYR E 137 7.04 40.11 -31.39
CA TYR E 137 6.32 41.34 -31.59
C TYR E 137 6.64 41.90 -32.96
N GLY E 138 5.62 42.26 -33.72
CA GLY E 138 5.87 42.83 -35.03
C GLY E 138 6.64 41.87 -35.90
N ASN E 139 7.89 42.22 -36.18
CA ASN E 139 8.76 41.43 -37.03
C ASN E 139 9.80 40.66 -36.23
N VAL E 140 9.95 40.95 -34.95
CA VAL E 140 10.92 40.26 -34.12
C VAL E 140 10.29 38.97 -33.62
N ASN E 141 10.99 37.85 -33.83
CA ASN E 141 10.56 36.52 -33.42
C ASN E 141 11.83 35.81 -32.98
N GLN E 142 12.01 35.67 -31.67
CA GLN E 142 13.24 35.09 -31.13
C GLN E 142 12.92 34.28 -29.89
N THR E 143 13.71 33.23 -29.67
CA THR E 143 13.57 32.38 -28.50
C THR E 143 14.82 32.51 -27.64
N VAL E 144 14.61 32.66 -26.33
CA VAL E 144 15.69 32.91 -25.40
C VAL E 144 15.55 31.97 -24.20
N ASP E 145 16.64 31.85 -23.47
CA ASP E 145 16.71 31.04 -22.26
C ASP E 145 16.71 31.94 -21.04
N VAL E 146 15.80 31.69 -20.11
CA VAL E 146 15.55 32.56 -18.99
C VAL E 146 15.53 31.74 -17.71
N TYR E 147 16.26 32.21 -16.71
CA TYR E 147 16.09 31.68 -15.38
C TYR E 147 14.88 32.38 -14.78
N VAL E 148 13.87 31.62 -14.36
CA VAL E 148 12.64 32.21 -13.88
C VAL E 148 12.87 32.53 -12.40
N ASN E 149 13.34 33.74 -12.17
CA ASN E 149 13.44 34.31 -10.84
C ASN E 149 13.50 35.81 -11.02
N GLY E 150 13.21 36.54 -9.96
CA GLY E 150 13.01 37.95 -10.12
C GLY E 150 14.25 38.76 -10.47
N ASP E 151 15.42 38.13 -10.50
CA ASP E 151 16.66 38.85 -10.79
C ASP E 151 17.10 38.80 -12.25
N HIS E 152 17.13 37.62 -12.85
CA HIS E 152 17.75 37.49 -14.17
C HIS E 152 16.94 38.24 -15.22
N ALA E 153 17.64 38.89 -16.15
CA ALA E 153 17.01 39.69 -17.18
C ALA E 153 17.63 39.36 -18.53
N VAL E 154 16.79 39.34 -19.57
CA VAL E 154 17.22 38.98 -20.91
C VAL E 154 16.92 40.13 -21.86
N THR E 155 17.87 40.40 -22.75
CA THR E 155 17.76 41.44 -23.77
C THR E 155 17.41 40.81 -25.12
N ILE E 156 16.31 41.25 -25.69
CA ILE E 156 15.88 40.82 -27.02
C ILE E 156 15.50 42.05 -27.82
N GLY E 157 16.31 42.39 -28.81
CA GLY E 157 16.00 43.52 -29.66
C GLY E 157 15.87 44.82 -28.89
N GLY E 158 16.70 45.01 -27.88
CA GLY E 158 16.61 46.18 -27.04
C GLY E 158 15.50 46.14 -26.04
N THR E 159 14.80 45.02 -25.91
CA THR E 159 13.70 44.86 -24.97
C THR E 159 14.20 44.06 -23.78
N GLN E 160 13.91 44.54 -22.57
CA GLN E 160 14.29 43.85 -21.35
C GLN E 160 13.11 43.07 -20.82
N PHE E 161 13.31 41.77 -20.56
CA PHE E 161 12.32 40.98 -19.85
C PHE E 161 12.95 40.41 -18.59
N ILE E 162 12.19 40.43 -17.50
CA ILE E 162 12.62 39.84 -16.24
C ILE E 162 11.46 38.99 -15.72
N PHE E 163 11.64 37.67 -15.76
CA PHE E 163 10.58 36.72 -15.47
C PHE E 163 10.56 36.40 -13.98
N GLY E 164 9.48 36.78 -13.31
CA GLY E 164 9.42 36.74 -11.88
C GLY E 164 9.27 35.34 -11.33
N PRO E 165 9.31 35.22 -10.01
CA PRO E 165 9.27 33.88 -9.40
C PRO E 165 7.97 33.16 -9.69
N LEU E 166 8.08 31.84 -9.81
CA LEU E 166 6.93 31.00 -10.11
C LEU E 166 5.90 31.19 -9.00
N SER E 167 4.63 31.21 -9.36
CA SER E 167 3.61 31.50 -8.36
C SER E 167 3.56 30.44 -7.28
N SER E 168 3.91 29.20 -7.60
CA SER E 168 3.80 28.06 -6.70
C SER E 168 5.15 27.41 -6.54
N ALA E 169 5.58 27.22 -5.30
CA ALA E 169 6.89 26.66 -5.02
C ALA E 169 6.85 25.15 -4.98
N TRP E 170 5.83 24.55 -5.56
CA TRP E 170 5.68 23.10 -5.58
C TRP E 170 6.84 22.50 -6.35
N THR E 171 7.30 21.34 -5.89
CA THR E 171 8.29 20.58 -6.62
C THR E 171 7.88 19.12 -6.60
N PRO E 172 8.05 18.38 -7.69
CA PRO E 172 7.65 16.98 -7.67
C PRO E 172 8.45 16.19 -6.69
N PHE E 173 9.74 16.43 -6.64
CA PHE E 173 10.64 15.61 -5.83
C PHE E 173 10.44 15.93 -4.36
N ASP E 174 10.28 14.90 -3.55
CA ASP E 174 10.18 15.12 -2.12
C ASP E 174 11.60 15.24 -1.58
N ASN E 175 11.73 15.26 -0.26
CA ASN E 175 13.01 15.60 0.36
C ASN E 175 14.12 14.68 -0.10
N LYS E 176 13.86 13.39 -0.19
CA LYS E 176 14.91 12.41 -0.34
C LYS E 176 14.67 11.74 -1.69
N ILE E 177 15.71 11.58 -2.51
CA ILE E 177 15.60 11.09 -3.88
C ILE E 177 16.61 9.99 -4.08
N VAL E 178 16.29 9.03 -4.95
CA VAL E 178 17.27 8.06 -5.41
C VAL E 178 17.25 8.07 -6.92
N VAL E 179 18.41 8.21 -7.55
CA VAL E 179 18.50 8.27 -9.00
C VAL E 179 19.26 7.06 -9.49
N TYR E 180 18.66 6.36 -10.43
CA TYR E 180 19.26 5.33 -11.24
C TYR E 180 19.57 5.94 -12.59
N LYS E 181 20.03 5.12 -13.55
CA LYS E 181 20.59 5.65 -14.78
C LYS E 181 19.62 6.56 -15.50
N ASP E 182 18.36 6.18 -15.58
CA ASP E 182 17.36 6.92 -16.32
C ASP E 182 16.28 7.49 -15.42
N GLU E 183 15.69 6.67 -14.58
CA GLU E 183 14.53 7.09 -13.81
C GLU E 183 14.94 7.53 -12.41
N VAL E 184 14.13 8.41 -11.85
CA VAL E 184 14.32 8.94 -10.52
C VAL E 184 13.21 8.39 -9.66
N PHE E 185 13.51 8.00 -8.44
CA PHE E 185 12.51 7.54 -7.51
C PHE E 185 12.53 8.39 -6.26
N ASN E 186 11.45 8.25 -5.51
CA ASN E 186 11.21 8.98 -4.29
C ASN E 186 11.19 7.97 -3.17
N GLN E 187 12.09 8.09 -2.21
CA GLN E 187 12.02 7.17 -1.10
C GLN E 187 13.00 7.57 -0.02
N ASP E 188 12.67 7.15 1.19
CA ASP E 188 13.38 7.53 2.39
C ASP E 188 14.51 6.54 2.55
N PHE E 189 15.62 6.82 1.93
CA PHE E 189 16.63 5.80 1.91
C PHE E 189 17.32 5.75 3.26
N PRO E 190 17.93 4.62 3.61
CA PRO E 190 18.51 4.49 4.93
C PRO E 190 19.61 5.51 5.15
N PRO E 191 19.72 6.10 6.35
CA PRO E 191 20.84 7.00 6.60
C PRO E 191 22.16 6.30 6.41
N TYR E 192 23.16 7.07 6.00
CA TYR E 192 24.48 6.51 5.76
C TYR E 192 24.98 5.85 7.03
N GLY E 193 25.56 4.68 6.85
CA GLY E 193 26.07 3.91 7.95
C GLY E 193 25.02 3.11 8.68
N SER E 194 23.76 3.16 8.22
CA SER E 194 22.67 2.48 8.90
C SER E 194 21.92 1.56 7.97
N GLY E 195 22.56 1.12 6.88
CA GLY E 195 21.90 0.17 6.00
C GLY E 195 21.66 -1.12 6.72
N GLN E 196 20.54 -1.58 6.64
CA GLN E 196 20.21 -2.90 7.13
C GLN E 196 20.43 -3.92 6.02
N PRO E 197 20.79 -5.15 6.34
CA PRO E 197 21.15 -6.10 5.29
C PRO E 197 19.96 -6.46 4.43
N GLY E 198 20.25 -6.70 3.16
CA GLY E 198 19.25 -7.10 2.21
C GLY E 198 18.47 -5.99 1.56
N ARG E 199 18.04 -5.01 2.33
CA ARG E 199 17.29 -3.90 1.76
C ARG E 199 18.26 -2.97 1.03
N PHE E 200 17.73 -1.87 0.51
CA PHE E 200 18.55 -0.91 -0.19
C PHE E 200 19.55 -0.29 0.75
N GLY E 201 20.80 -0.26 0.33
CA GLY E 201 21.86 0.23 1.17
C GLY E 201 22.71 -0.83 1.83
N ASP E 202 22.74 -2.04 1.29
CA ASP E 202 23.62 -3.05 1.86
C ASP E 202 25.06 -2.60 1.79
N ILE E 203 25.46 -2.05 0.67
CA ILE E 203 26.75 -1.43 0.54
C ILE E 203 26.48 0.06 0.54
N GLN E 204 27.47 0.84 0.91
CA GLN E 204 27.30 2.27 1.06
C GLN E 204 28.61 2.92 0.69
N SER E 205 28.57 4.04 -0.03
CA SER E 205 29.82 4.69 -0.36
C SER E 205 29.55 6.15 -0.70
N ARG E 206 30.38 7.02 -0.15
CA ARG E 206 30.10 8.45 -0.26
C ARG E 206 30.16 8.92 -1.70
N THR E 207 31.22 8.56 -2.41
CA THR E 207 31.38 8.90 -3.80
C THR E 207 31.72 7.64 -4.57
N VAL E 208 31.80 7.77 -5.89
CA VAL E 208 32.15 6.64 -6.72
C VAL E 208 33.56 6.19 -6.43
N GLU E 209 34.48 7.14 -6.32
CA GLU E 209 35.89 6.81 -6.14
C GLU E 209 36.31 6.81 -4.68
N SER E 210 35.40 7.01 -3.74
CA SER E 210 35.80 7.09 -2.35
C SER E 210 36.30 5.75 -1.87
N ASN E 211 37.21 5.79 -0.90
CA ASN E 211 37.76 4.58 -0.31
C ASN E 211 36.93 4.07 0.86
N ASP E 212 36.41 4.96 1.68
CA ASP E 212 35.58 4.54 2.80
C ASP E 212 34.39 3.76 2.31
N LEU E 213 33.96 2.79 3.11
CA LEU E 213 32.89 1.91 2.69
C LEU E 213 32.25 1.27 3.90
N TYR E 214 30.93 1.20 3.89
CA TYR E 214 30.16 0.64 4.97
C TYR E 214 29.32 -0.48 4.42
N ALA E 215 29.41 -1.64 5.03
CA ALA E 215 28.67 -2.78 4.55
C ALA E 215 28.23 -3.60 5.73
N ASN E 216 26.95 -3.96 5.76
CA ASN E 216 26.47 -5.00 6.65
C ASN E 216 25.67 -5.98 5.80
N THR E 217 26.40 -6.94 5.30
CA THR E 217 25.89 -8.01 4.48
C THR E 217 25.80 -9.32 5.23
N ALA E 218 25.97 -9.29 6.54
CA ALA E 218 25.81 -10.46 7.40
C ALA E 218 26.65 -11.65 6.94
N LEU E 219 27.97 -11.45 6.92
CA LEU E 219 28.89 -12.50 6.50
C LEU E 219 29.18 -13.44 7.66
N LYS E 220 28.27 -14.38 7.89
CA LYS E 220 28.46 -15.36 8.95
C LYS E 220 29.14 -16.60 8.35
N LEU E 221 30.46 -16.48 8.19
CA LEU E 221 31.26 -17.62 7.76
C LEU E 221 31.13 -18.75 8.76
N ALA E 222 31.02 -19.98 8.25
CA ALA E 222 30.69 -21.15 9.04
C ALA E 222 31.83 -22.16 9.03
N ARG E 223 31.64 -23.23 9.77
CA ARG E 223 32.69 -24.23 9.92
C ARG E 223 32.83 -25.05 8.65
N PRO E 224 34.03 -25.27 8.14
CA PRO E 224 34.17 -26.13 6.97
C PRO E 224 33.68 -27.54 7.24
N SER E 225 33.09 -28.14 6.22
CA SER E 225 32.75 -29.53 6.28
C SER E 225 34.02 -30.37 6.43
N PRO E 226 33.94 -31.50 7.13
CA PRO E 226 35.12 -32.34 7.29
C PRO E 226 35.69 -32.78 5.95
N GLY E 227 37.01 -32.91 5.91
CA GLY E 227 37.60 -33.48 4.72
C GLY E 227 37.45 -32.65 3.47
N MET E 228 37.66 -31.34 3.57
CA MET E 228 37.35 -30.41 2.51
C MET E 228 38.08 -29.12 2.82
N VAL E 229 38.77 -28.55 1.84
CA VAL E 229 39.17 -27.15 1.91
C VAL E 229 38.11 -26.33 1.22
N HIS E 230 37.59 -25.34 1.92
CA HIS E 230 36.67 -24.37 1.38
C HIS E 230 36.46 -23.34 2.48
N VAL E 231 35.67 -22.33 2.19
CA VAL E 231 35.33 -21.33 3.19
C VAL E 231 33.84 -21.04 3.06
N PRO E 232 33.00 -21.73 3.81
CA PRO E 232 31.56 -21.48 3.75
C PRO E 232 31.20 -20.12 4.29
N TYR E 233 30.35 -19.39 3.56
CA TYR E 233 29.78 -18.17 4.08
C TYR E 233 28.35 -18.03 3.64
N THR E 234 27.49 -17.74 4.60
CA THR E 234 26.08 -17.49 4.35
C THR E 234 25.87 -16.00 4.48
N GLN E 235 25.32 -15.40 3.44
CA GLN E 235 25.31 -13.96 3.31
C GLN E 235 23.99 -13.50 2.72
N THR E 236 23.46 -12.40 3.21
CA THR E 236 22.27 -11.86 2.62
C THR E 236 22.60 -11.37 1.21
N PRO E 237 21.85 -11.76 0.18
CA PRO E 237 22.22 -11.35 -1.17
C PRO E 237 22.19 -9.85 -1.30
N SER E 238 22.81 -9.37 -2.38
CA SER E 238 22.97 -7.94 -2.58
C SER E 238 21.64 -7.22 -2.57
N GLY E 239 21.55 -6.20 -1.72
CA GLY E 239 20.33 -5.43 -1.66
C GLY E 239 20.07 -4.59 -2.87
N PHE E 240 21.05 -4.46 -3.74
CA PHE E 240 20.86 -3.65 -4.92
C PHE E 240 20.05 -4.41 -5.95
N LYS E 241 20.24 -5.72 -6.04
CA LYS E 241 19.42 -6.48 -6.96
C LYS E 241 18.01 -6.59 -6.43
N TYR E 242 17.86 -6.69 -5.12
CA TYR E 242 16.52 -6.67 -4.54
C TYR E 242 15.84 -5.37 -4.87
N TRP E 243 16.58 -4.28 -4.81
CA TRP E 243 15.96 -3.00 -5.12
C TRP E 243 15.63 -2.90 -6.59
N LEU E 244 16.41 -3.56 -7.45
CA LEU E 244 16.07 -3.56 -8.86
C LEU E 244 14.77 -4.32 -9.12
N LYS E 245 14.56 -5.43 -8.41
CA LYS E 245 13.34 -6.19 -8.61
C LYS E 245 12.13 -5.42 -8.12
N GLU E 246 12.26 -4.70 -7.00
CA GLU E 246 11.13 -4.15 -6.27
C GLU E 246 11.35 -2.66 -6.07
N LYS E 247 11.77 -2.02 -7.17
CA LYS E 247 11.97 -0.57 -7.19
C LYS E 247 10.74 0.15 -6.66
N GLY E 248 9.61 -0.23 -7.18
CA GLY E 248 8.38 0.49 -7.02
C GLY E 248 8.03 1.12 -8.35
N THR E 249 7.01 1.95 -8.32
CA THR E 249 6.68 2.75 -9.48
C THR E 249 7.59 3.97 -9.51
N ALA E 250 8.39 4.06 -10.55
CA ALA E 250 9.33 5.15 -10.70
C ALA E 250 8.60 6.48 -10.87
N LEU E 251 9.29 7.55 -10.51
CA LEU E 251 8.71 8.87 -10.61
C LEU E 251 8.45 9.28 -12.03
N ASN E 252 9.09 8.65 -13.01
CA ASN E 252 8.82 9.04 -14.38
C ASN E 252 7.38 8.73 -14.75
N THR E 253 6.81 7.70 -14.15
CA THR E 253 5.43 7.30 -14.41
C THR E 253 4.52 7.57 -13.23
N LYS E 254 4.89 8.48 -12.34
CA LYS E 254 4.01 8.91 -11.27
C LYS E 254 3.89 10.41 -11.14
N ALA E 255 4.80 11.18 -11.72
CA ALA E 255 4.92 12.58 -11.34
C ALA E 255 3.67 13.36 -11.70
N PRO E 256 3.19 14.24 -10.83
CA PRO E 256 1.97 14.97 -11.15
C PRO E 256 2.22 16.02 -12.19
N PHE E 257 1.13 16.51 -12.76
CA PHE E 257 1.16 17.59 -13.72
C PHE E 257 1.95 17.22 -14.96
N GLY E 258 2.01 15.94 -15.28
CA GLY E 258 2.59 15.52 -16.54
C GLY E 258 4.03 15.91 -16.68
N CYS E 259 4.79 15.74 -15.63
CA CYS E 259 6.11 16.31 -15.54
C CYS E 259 7.02 15.23 -16.10
N GLN E 260 7.86 15.56 -17.08
CA GLN E 260 8.76 14.55 -17.65
C GLN E 260 10.11 14.65 -16.96
N ILE E 261 10.50 13.61 -16.24
CA ILE E 261 11.78 13.63 -15.55
C ILE E 261 12.85 13.09 -16.46
N LYS E 262 13.95 13.82 -16.57
CA LYS E 262 15.18 13.31 -17.11
C LYS E 262 16.23 13.20 -16.02
N THR E 263 17.41 12.70 -16.40
CA THR E 263 18.31 12.10 -15.44
C THR E 263 19.62 12.85 -15.20
N ASN E 264 20.40 13.17 -16.24
CA ASN E 264 21.81 13.46 -16.00
C ASN E 264 22.00 14.76 -15.24
N PRO E 265 21.59 15.91 -15.74
CA PRO E 265 21.30 17.04 -14.83
C PRO E 265 19.87 16.91 -14.32
N VAL E 266 19.67 16.01 -13.34
CA VAL E 266 18.35 15.48 -13.01
C VAL E 266 17.34 16.59 -12.88
N ARG E 267 16.21 16.44 -13.58
CA ARG E 267 15.31 17.57 -13.72
C ARG E 267 13.94 17.09 -14.12
N ALA E 268 12.96 17.96 -13.95
CA ALA E 268 11.59 17.73 -14.39
C ALA E 268 11.25 18.80 -15.42
N MET E 269 11.05 18.40 -16.67
CA MET E 269 10.74 19.33 -17.73
C MET E 269 9.25 19.38 -18.00
N ASN E 270 8.84 20.51 -18.54
CA ASN E 270 7.47 20.78 -18.97
C ASN E 270 6.51 20.69 -17.81
N CYS E 271 6.98 20.99 -16.62
CA CYS E 271 6.15 20.87 -15.44
C CYS E 271 5.09 21.95 -15.52
N ALA E 272 3.84 21.56 -15.64
CA ALA E 272 2.76 22.50 -15.97
C ALA E 272 2.05 22.89 -14.69
N VAL E 273 2.52 23.94 -14.03
CA VAL E 273 1.90 24.41 -12.80
C VAL E 273 2.13 25.90 -12.66
N GLY E 274 1.18 26.56 -12.04
CA GLY E 274 1.35 27.93 -11.63
C GLY E 274 1.44 28.89 -12.81
N ASN E 275 1.70 30.15 -12.48
CA ASN E 275 1.79 31.22 -13.46
C ASN E 275 3.09 31.97 -13.30
N ILE E 276 3.73 32.28 -14.43
CA ILE E 276 5.01 32.97 -14.45
C ILE E 276 4.75 34.47 -14.56
N PRO E 277 4.98 35.27 -13.52
CA PRO E 277 4.94 36.71 -13.70
C PRO E 277 6.15 37.17 -14.48
N VAL E 278 5.92 38.04 -15.48
CA VAL E 278 7.01 38.64 -16.23
C VAL E 278 6.78 40.13 -16.35
N SER E 279 7.79 40.91 -16.02
CA SER E 279 7.78 42.36 -16.14
C SER E 279 8.73 42.78 -17.25
N MET E 280 8.23 43.58 -18.18
CA MET E 280 8.87 43.84 -19.45
C MET E 280 9.01 45.33 -19.66
N ASN E 281 10.20 45.74 -20.10
CA ASN E 281 10.56 47.11 -20.46
C ASN E 281 10.82 47.19 -21.96
N LEU E 282 10.03 48.01 -22.67
CA LEU E 282 10.05 47.95 -24.12
C LEU E 282 10.73 49.17 -24.73
N PRO E 283 11.59 49.00 -25.75
CA PRO E 283 12.06 50.16 -26.50
C PRO E 283 10.90 50.83 -27.21
N ASP E 284 11.06 52.11 -27.50
CA ASP E 284 9.98 52.85 -28.13
C ASP E 284 9.89 52.56 -29.61
N SER E 285 10.98 52.12 -30.23
CA SER E 285 10.94 51.82 -31.65
C SER E 285 10.03 50.65 -31.98
N ALA E 286 9.62 49.87 -30.99
CA ALA E 286 8.70 48.77 -31.23
C ALA E 286 7.25 49.22 -31.26
N PHE E 287 6.95 50.43 -30.86
CA PHE E 287 5.60 50.95 -30.82
C PHE E 287 5.32 51.71 -32.11
N THR E 288 4.18 52.38 -32.17
CA THR E 288 3.85 53.27 -33.27
C THR E 288 2.97 54.38 -32.72
N ARG E 289 3.30 55.62 -33.07
CA ARG E 289 2.52 56.76 -32.64
C ARG E 289 1.14 56.70 -33.27
N ILE E 290 0.16 57.30 -32.60
CA ILE E 290 -1.23 57.20 -33.02
C ILE E 290 -1.39 57.72 -34.43
N VAL E 291 -0.84 58.90 -34.69
CA VAL E 291 -1.09 59.61 -35.94
C VAL E 291 -0.59 58.82 -37.14
N GLU E 292 0.33 57.89 -36.93
CA GLU E 292 0.74 57.00 -38.01
C GLU E 292 -0.05 55.70 -38.04
N ALA E 293 -0.87 55.44 -37.03
CA ALA E 293 -1.57 54.17 -36.93
C ALA E 293 -3.01 54.36 -37.39
N PRO E 294 -3.55 53.53 -38.28
CA PRO E 294 -4.94 53.73 -38.71
C PRO E 294 -5.92 53.65 -37.57
N THR E 295 -6.98 54.45 -37.67
CA THR E 295 -8.03 54.51 -36.66
C THR E 295 -9.27 53.82 -37.19
N ILE E 296 -9.83 52.95 -36.37
CA ILE E 296 -10.95 52.13 -36.75
C ILE E 296 -12.23 52.83 -36.32
N ILE E 297 -13.17 52.95 -37.26
CA ILE E 297 -14.43 53.62 -37.03
C ILE E 297 -15.54 52.61 -37.29
N ASP E 298 -16.51 52.55 -36.37
CA ASP E 298 -17.69 51.71 -36.53
C ASP E 298 -17.32 50.25 -36.74
N LEU E 299 -16.66 49.69 -35.73
CA LEU E 299 -16.17 48.30 -35.80
C LEU E 299 -17.27 47.40 -35.29
N THR E 300 -17.80 46.55 -36.18
CA THR E 300 -18.86 45.63 -35.83
C THR E 300 -18.34 44.21 -35.84
N CYS E 301 -18.58 43.50 -34.75
CA CYS E 301 -18.20 42.10 -34.61
C CYS E 301 -19.37 41.19 -34.93
N THR E 302 -19.10 40.13 -35.67
CA THR E 302 -20.10 39.09 -35.88
C THR E 302 -19.38 37.78 -35.98
N VAL E 303 -19.91 36.75 -35.33
CA VAL E 303 -19.30 35.44 -35.28
C VAL E 303 -19.94 34.59 -36.35
N ALA E 304 -19.13 34.04 -37.23
CA ALA E 304 -19.66 33.16 -38.26
C ALA E 304 -19.93 31.80 -37.66
N THR E 305 -18.90 31.17 -37.13
CA THR E 305 -19.00 29.81 -36.64
C THR E 305 -18.31 29.73 -35.30
N CYS E 306 -18.84 28.86 -34.45
CA CYS E 306 -18.45 28.81 -33.06
C CYS E 306 -18.62 27.35 -32.70
N THR E 307 -17.51 26.68 -32.47
CA THR E 307 -17.49 25.32 -31.95
C THR E 307 -16.40 25.32 -30.92
N HIS E 308 -16.73 25.20 -29.65
CA HIS E 308 -15.75 25.38 -28.60
C HIS E 308 -14.90 24.13 -28.44
N SER E 309 -14.21 23.80 -29.52
CA SER E 309 -13.27 22.71 -29.51
C SER E 309 -12.00 23.18 -28.86
N SER E 310 -11.22 22.23 -28.35
CA SER E 310 -9.90 22.57 -27.88
C SER E 310 -9.05 23.14 -29.00
N ASP E 311 -9.36 22.81 -30.24
CA ASP E 311 -8.70 23.47 -31.34
C ASP E 311 -9.30 24.86 -31.53
N PHE E 312 -8.63 25.64 -32.36
CA PHE E 312 -8.93 27.05 -32.59
C PHE E 312 -10.14 27.16 -33.51
N GLY E 313 -11.28 26.71 -32.98
CA GLY E 313 -12.42 26.37 -33.80
C GLY E 313 -13.58 27.33 -33.81
N GLY E 314 -13.35 28.59 -33.49
CA GLY E 314 -14.35 29.61 -33.72
C GLY E 314 -13.83 30.67 -34.66
N VAL E 315 -14.59 31.01 -35.69
CA VAL E 315 -14.16 31.96 -36.71
C VAL E 315 -15.15 33.10 -36.71
N LEU E 316 -14.63 34.31 -36.59
CA LEU E 316 -15.44 35.51 -36.52
C LEU E 316 -14.90 36.54 -37.50
N THR E 317 -15.78 37.45 -37.88
CA THR E 317 -15.50 38.49 -38.84
C THR E 317 -15.72 39.82 -38.18
N LEU E 318 -14.73 40.70 -38.27
CA LEU E 318 -14.84 42.06 -37.78
C LEU E 318 -15.06 42.94 -38.98
N THR E 319 -16.18 43.66 -38.97
CA THR E 319 -16.50 44.64 -39.98
C THR E 319 -16.18 46.02 -39.43
N TYR E 320 -15.62 46.85 -40.27
CA TYR E 320 -15.04 48.10 -39.81
C TYR E 320 -15.12 49.13 -40.93
N LYS E 321 -14.73 50.35 -40.60
CA LYS E 321 -14.54 51.42 -41.57
C LYS E 321 -13.25 52.12 -41.19
N THR E 322 -12.20 51.91 -41.98
CA THR E 322 -10.86 52.39 -41.66
C THR E 322 -10.41 53.38 -42.71
N ASP E 323 -9.27 54.01 -42.45
CA ASP E 323 -8.88 55.20 -43.17
C ASP E 323 -7.69 55.01 -44.09
N LYS E 324 -6.62 54.39 -43.62
CA LYS E 324 -5.53 53.97 -44.48
C LYS E 324 -5.13 52.55 -44.16
N ASN E 325 -4.67 51.86 -45.20
CA ASN E 325 -4.28 50.48 -45.08
C ASN E 325 -3.08 50.34 -44.16
N GLY E 326 -2.93 49.15 -43.61
CA GLY E 326 -1.82 48.90 -42.71
C GLY E 326 -2.01 47.60 -41.96
N ASP E 327 -1.24 47.42 -40.90
CA ASP E 327 -1.31 46.24 -40.05
C ASP E 327 -1.34 46.69 -38.61
N CYS E 328 -2.11 46.00 -37.79
CA CYS E 328 -2.38 46.51 -36.46
C CYS E 328 -2.64 45.38 -35.46
N SER E 329 -2.39 45.69 -34.20
CA SER E 329 -2.54 44.72 -33.14
C SER E 329 -4.00 44.35 -32.96
N VAL E 330 -4.22 43.11 -32.53
CA VAL E 330 -5.54 42.60 -32.24
C VAL E 330 -5.49 41.76 -30.98
N HIS E 331 -6.45 41.96 -30.08
CA HIS E 331 -6.39 41.27 -28.81
C HIS E 331 -7.75 41.26 -28.15
N SER E 332 -8.03 40.21 -27.39
CA SER E 332 -9.28 40.08 -26.64
C SER E 332 -9.00 40.15 -25.15
N HIS E 333 -9.57 41.14 -24.49
CA HIS E 333 -9.30 41.35 -23.06
C HIS E 333 -9.84 40.27 -22.16
N SER E 334 -10.84 39.52 -22.59
CA SER E 334 -11.39 38.49 -21.75
C SER E 334 -10.65 37.19 -22.02
N ASN E 335 -10.29 36.49 -20.95
CA ASN E 335 -9.62 35.22 -21.13
C ASN E 335 -10.57 34.10 -21.52
N VAL E 336 -11.86 34.40 -21.68
CA VAL E 336 -12.79 33.39 -22.14
C VAL E 336 -12.46 32.97 -23.56
N ALA E 337 -11.81 33.82 -24.32
CA ALA E 337 -11.40 33.48 -25.67
C ALA E 337 -9.95 33.89 -25.85
N THR E 338 -9.26 33.16 -26.71
CA THR E 338 -7.90 33.50 -27.10
C THR E 338 -7.82 33.42 -28.59
N LEU E 339 -7.11 34.36 -29.21
CA LEU E 339 -7.14 34.48 -30.66
C LEU E 339 -5.91 33.87 -31.30
N GLN E 340 -6.02 33.62 -32.59
CA GLN E 340 -4.86 33.22 -33.38
C GLN E 340 -3.91 34.38 -33.59
N GLU E 341 -4.41 35.43 -34.21
CA GLU E 341 -3.55 36.44 -34.78
C GLU E 341 -3.09 37.40 -33.71
N ALA E 342 -1.79 37.61 -33.61
CA ALA E 342 -1.33 38.75 -32.83
C ALA E 342 -1.71 40.05 -33.52
N THR E 343 -1.41 40.15 -34.82
CA THR E 343 -1.70 41.32 -35.63
C THR E 343 -2.55 40.90 -36.82
N ALA E 344 -3.33 41.83 -37.32
CA ALA E 344 -4.09 41.61 -38.55
C ALA E 344 -3.88 42.78 -39.49
N LYS E 345 -3.98 42.49 -40.78
CA LYS E 345 -3.84 43.52 -41.79
C LYS E 345 -5.20 44.16 -42.03
N VAL E 346 -5.28 45.46 -41.83
CA VAL E 346 -6.50 46.23 -42.00
C VAL E 346 -6.46 46.91 -43.37
N LYS E 347 -7.50 46.69 -44.15
CA LYS E 347 -7.61 47.18 -45.52
C LYS E 347 -8.84 48.07 -45.65
N THR E 348 -8.92 48.76 -46.80
CA THR E 348 -10.03 49.68 -47.04
C THR E 348 -11.37 48.97 -46.98
N ALA E 349 -11.47 47.82 -47.62
CA ALA E 349 -12.69 47.01 -47.51
C ALA E 349 -12.89 46.58 -46.06
N GLY E 350 -14.11 46.74 -45.56
CA GLY E 350 -14.36 46.53 -44.15
C GLY E 350 -14.66 45.11 -43.74
N LYS E 351 -13.70 44.21 -43.95
CA LYS E 351 -13.83 42.81 -43.51
C LYS E 351 -12.47 42.29 -43.12
N VAL E 352 -12.28 41.92 -41.85
CA VAL E 352 -11.09 41.18 -41.44
C VAL E 352 -11.52 39.98 -40.61
N THR E 353 -10.99 38.81 -40.95
CA THR E 353 -11.38 37.55 -40.34
C THR E 353 -10.35 37.12 -39.31
N LEU E 354 -10.83 36.75 -38.12
CA LEU E 354 -9.95 36.25 -37.08
C LEU E 354 -10.51 34.93 -36.55
N HIS E 355 -9.62 34.17 -35.94
CA HIS E 355 -9.94 32.88 -35.34
C HIS E 355 -9.66 32.95 -33.85
N PHE E 356 -10.54 32.33 -33.09
CA PHE E 356 -10.40 32.26 -31.64
C PHE E 356 -10.83 30.89 -31.16
N SER E 357 -10.32 30.54 -29.99
CA SER E 357 -10.73 29.33 -29.29
C SER E 357 -11.28 29.72 -27.94
N THR E 358 -12.31 29.01 -27.53
CA THR E 358 -13.03 29.32 -26.31
C THR E 358 -13.61 28.04 -25.76
N ALA E 359 -14.16 28.12 -24.57
CA ALA E 359 -14.82 26.97 -23.95
C ALA E 359 -16.21 27.24 -23.45
N SER E 360 -16.57 28.49 -23.21
CA SER E 360 -17.93 28.76 -22.78
C SER E 360 -18.88 28.56 -23.93
N ALA E 361 -20.07 28.07 -23.62
CA ALA E 361 -21.06 27.88 -24.67
C ALA E 361 -21.40 29.20 -25.33
N SER E 362 -21.47 30.27 -24.54
CA SER E 362 -21.77 31.62 -25.02
C SER E 362 -20.63 32.51 -24.54
N PRO E 363 -19.53 32.58 -25.29
CA PRO E 363 -18.44 33.47 -24.91
C PRO E 363 -18.76 34.87 -25.38
N SER E 364 -18.82 35.82 -24.46
CA SER E 364 -18.97 37.23 -24.78
C SER E 364 -17.73 37.95 -24.31
N PHE E 365 -16.94 38.42 -25.27
CA PHE E 365 -15.65 39.02 -24.99
C PHE E 365 -15.52 40.31 -25.76
N VAL E 366 -14.79 41.24 -25.19
CA VAL E 366 -14.45 42.48 -25.87
C VAL E 366 -13.19 42.25 -26.68
N VAL E 367 -13.25 42.56 -27.98
CA VAL E 367 -12.10 42.45 -28.85
C VAL E 367 -11.64 43.85 -29.19
N SER E 368 -10.39 43.97 -29.61
CA SER E 368 -9.83 45.28 -29.94
C SER E 368 -8.92 45.23 -31.14
N LEU E 369 -9.31 45.92 -32.19
CA LEU E 369 -8.44 46.39 -33.25
C LEU E 369 -7.77 47.66 -32.75
N CYS E 370 -7.07 48.38 -33.62
CA CYS E 370 -5.92 49.21 -33.27
C CYS E 370 -6.04 49.97 -31.98
N SER E 371 -7.10 50.74 -31.83
CA SER E 371 -7.47 51.21 -30.52
C SER E 371 -8.96 51.12 -30.26
N ALA E 372 -9.73 50.55 -31.16
CA ALA E 372 -11.17 50.56 -31.01
C ALA E 372 -11.60 49.25 -30.40
N ARG E 373 -12.66 49.32 -29.64
CA ARG E 373 -13.22 48.19 -28.92
C ARG E 373 -14.48 47.73 -29.62
N ALA E 374 -14.79 46.46 -29.45
CA ALA E 374 -16.11 45.98 -29.84
C ALA E 374 -16.41 44.78 -28.97
N THR E 375 -17.68 44.39 -28.97
CA THR E 375 -18.15 43.26 -28.19
C THR E 375 -18.51 42.13 -29.15
N CYS E 376 -18.12 40.92 -28.78
CA CYS E 376 -18.35 39.74 -29.58
C CYS E 376 -19.04 38.73 -28.68
N SER E 377 -20.31 38.49 -28.94
CA SER E 377 -21.09 37.51 -28.21
C SER E 377 -21.52 36.43 -29.19
N ALA E 378 -21.24 35.18 -28.85
CA ALA E 378 -21.36 34.09 -29.81
C ALA E 378 -22.21 32.97 -29.26
N SER E 379 -22.30 31.89 -30.01
CA SER E 379 -22.97 30.68 -29.53
C SER E 379 -22.25 29.48 -30.13
N CYS E 380 -21.34 28.89 -29.36
CA CYS E 380 -20.69 27.65 -29.80
C CYS E 380 -21.52 26.42 -29.49
N GLU E 381 -21.68 25.60 -30.45
CA GLU E 381 -22.22 24.25 -30.31
C GLU E 381 -21.10 23.29 -29.95
N PRO E 382 -21.38 22.22 -29.19
CA PRO E 382 -20.28 21.40 -28.69
C PRO E 382 -19.63 20.61 -29.80
N PRO E 383 -18.37 20.26 -29.66
CA PRO E 383 -17.70 19.48 -30.70
C PRO E 383 -18.09 18.02 -30.66
N LYS E 384 -17.99 17.36 -31.80
CA LYS E 384 -18.36 15.97 -31.89
C LYS E 384 -17.22 15.02 -31.52
N ASP E 385 -15.98 15.37 -31.82
CA ASP E 385 -14.87 14.48 -31.49
C ASP E 385 -14.68 14.41 -29.99
N HIS E 386 -14.41 13.21 -29.49
CA HIS E 386 -14.33 13.02 -28.05
C HIS E 386 -12.95 13.30 -27.46
N ILE E 387 -11.93 12.59 -27.95
CA ILE E 387 -10.55 12.72 -27.52
C ILE E 387 -9.72 13.25 -28.67
N VAL E 388 -8.89 14.26 -28.42
CA VAL E 388 -8.08 14.89 -29.44
C VAL E 388 -6.62 14.89 -28.98
N PRO E 389 -5.63 14.83 -29.86
CA PRO E 389 -4.24 14.69 -29.42
C PRO E 389 -3.49 15.97 -29.10
N TYR E 390 -4.09 17.14 -29.20
CA TYR E 390 -3.40 18.40 -28.94
C TYR E 390 -3.94 19.04 -27.67
N ALA E 391 -3.06 19.76 -26.99
CA ALA E 391 -3.42 20.34 -25.72
C ALA E 391 -4.47 21.40 -25.91
N ALA E 392 -5.15 21.74 -24.83
CA ALA E 392 -6.17 22.76 -24.90
C ALA E 392 -5.54 24.09 -25.28
N SER E 393 -6.15 24.78 -26.25
CA SER E 393 -5.70 26.09 -26.69
C SER E 393 -6.44 27.22 -26.00
N HIS E 394 -7.21 26.92 -24.97
CA HIS E 394 -8.00 27.91 -24.27
C HIS E 394 -7.80 27.74 -22.80
N SER E 395 -7.88 28.83 -22.06
CA SER E 395 -7.95 28.69 -20.63
C SER E 395 -9.27 28.03 -20.30
N ASN E 396 -9.26 27.13 -19.33
CA ASN E 396 -10.46 26.36 -19.03
C ASN E 396 -11.38 27.24 -18.19
N VAL E 397 -12.16 28.06 -18.88
CA VAL E 397 -13.21 28.85 -18.24
C VAL E 397 -14.49 28.64 -19.02
N VAL E 398 -15.57 28.34 -18.31
CA VAL E 398 -16.81 27.89 -18.92
C VAL E 398 -18.03 28.68 -18.50
N PHE E 399 -17.99 29.45 -17.41
CA PHE E 399 -19.16 30.16 -16.92
C PHE E 399 -19.60 31.17 -17.97
N PRO E 400 -20.73 30.99 -18.63
CA PRO E 400 -21.11 31.96 -19.66
C PRO E 400 -21.59 33.24 -19.04
N ASP E 401 -21.31 34.33 -19.73
CA ASP E 401 -21.67 35.66 -19.28
C ASP E 401 -23.16 35.88 -19.47
N MET E 402 -23.62 37.06 -19.05
CA MET E 402 -25.01 37.43 -19.27
C MET E 402 -25.30 37.36 -20.76
N SER E 403 -26.57 37.26 -21.10
CA SER E 403 -27.06 37.25 -22.46
C SER E 403 -26.69 35.98 -23.22
N GLY E 404 -26.01 35.03 -22.60
CA GLY E 404 -25.93 33.71 -23.18
C GLY E 404 -27.28 33.07 -23.03
N THR E 405 -27.71 32.35 -24.09
CA THR E 405 -29.09 31.86 -24.14
C THR E 405 -29.48 31.15 -22.86
N ALA E 406 -28.56 30.40 -22.27
CA ALA E 406 -28.89 29.73 -21.03
C ALA E 406 -29.01 30.70 -19.88
N LEU E 407 -27.99 31.53 -19.70
CA LEU E 407 -28.05 32.40 -18.55
C LEU E 407 -29.05 33.52 -18.77
N SER E 408 -29.39 33.83 -20.02
CA SER E 408 -30.50 34.74 -20.26
C SER E 408 -31.81 34.10 -19.85
N TRP E 409 -31.99 32.82 -20.14
CA TRP E 409 -33.20 32.16 -19.66
C TRP E 409 -33.26 32.18 -18.15
N VAL E 410 -32.13 31.93 -17.50
CA VAL E 410 -32.11 31.96 -16.05
C VAL E 410 -32.44 33.36 -15.56
N GLN E 411 -31.82 34.35 -16.17
CA GLN E 411 -32.08 35.73 -15.78
C GLN E 411 -33.54 36.09 -15.97
N LYS E 412 -34.12 35.71 -17.11
CA LYS E 412 -35.51 36.06 -17.36
C LYS E 412 -36.45 35.38 -16.38
N ILE E 413 -36.24 34.09 -16.11
CA ILE E 413 -37.12 33.42 -15.15
C ILE E 413 -36.98 34.04 -13.78
N SER E 414 -35.76 34.28 -13.33
CA SER E 414 -35.56 34.86 -12.02
C SER E 414 -36.10 36.26 -11.97
N GLY E 415 -35.96 37.00 -13.06
CA GLY E 415 -36.48 38.35 -13.11
C GLY E 415 -37.99 38.38 -13.02
N GLY E 416 -38.66 37.48 -13.73
CA GLY E 416 -40.11 37.45 -13.65
C GLY E 416 -40.59 37.02 -12.28
N LEU E 417 -39.97 36.00 -11.70
CA LEU E 417 -40.36 35.58 -10.37
C LEU E 417 -40.10 36.68 -9.35
N GLY E 418 -38.96 37.34 -9.45
CA GLY E 418 -38.69 38.45 -8.55
C GLY E 418 -39.60 39.63 -8.79
N ALA E 419 -39.98 39.87 -10.04
CA ALA E 419 -40.90 40.96 -10.33
C ALA E 419 -42.26 40.68 -9.72
N PHE E 420 -42.73 39.44 -9.80
CA PHE E 420 -43.98 39.14 -9.15
C PHE E 420 -43.84 39.20 -7.63
N ALA E 421 -42.70 38.75 -7.10
CA ALA E 421 -42.48 38.84 -5.67
C ALA E 421 -42.45 40.29 -5.20
N ILE E 422 -41.77 41.17 -5.93
CA ILE E 422 -41.73 42.57 -5.53
C ILE E 422 -43.08 43.22 -5.76
N GLY E 423 -43.89 42.70 -6.70
CA GLY E 423 -45.25 43.18 -6.79
C GLY E 423 -46.06 42.80 -5.57
N ALA E 424 -45.86 41.59 -5.08
CA ALA E 424 -46.53 41.16 -3.85
C ALA E 424 -46.06 42.01 -2.68
N ILE E 425 -44.76 42.29 -2.62
CA ILE E 425 -44.22 43.11 -1.55
C ILE E 425 -44.80 44.51 -1.63
N LEU E 426 -44.95 45.04 -2.84
CA LEU E 426 -45.56 46.36 -2.97
C LEU E 426 -47.01 46.35 -2.49
N VAL E 427 -47.72 45.25 -2.75
CA VAL E 427 -49.08 45.14 -2.24
C VAL E 427 -49.06 45.10 -0.72
N LEU E 428 -48.14 44.35 -0.14
CA LEU E 428 -48.06 44.32 1.31
C LEU E 428 -47.77 45.69 1.87
N VAL E 429 -46.84 46.40 1.25
CA VAL E 429 -46.47 47.73 1.72
C VAL E 429 -47.68 48.65 1.66
N VAL E 430 -48.45 48.59 0.57
CA VAL E 430 -49.59 49.50 0.49
C VAL E 430 -50.64 49.09 1.51
N VAL E 431 -50.77 47.80 1.80
CA VAL E 431 -51.74 47.35 2.79
C VAL E 431 -51.37 47.89 4.16
N THR E 432 -50.10 47.81 4.53
CA THR E 432 -49.77 48.34 5.85
C THR E 432 -49.87 49.85 5.86
N CYS E 433 -49.56 50.49 4.72
CA CYS E 433 -49.74 51.93 4.65
C CYS E 433 -51.19 52.33 4.89
N ILE E 434 -52.14 51.58 4.38
CA ILE E 434 -53.54 51.95 4.64
C ILE E 434 -53.84 51.67 6.10
N GLY E 435 -53.39 50.52 6.61
CA GLY E 435 -53.67 50.18 7.99
C GLY E 435 -53.16 51.22 8.97
N LEU E 436 -51.99 51.79 8.70
CA LEU E 436 -51.40 52.76 9.62
C LEU E 436 -52.32 53.95 9.82
N ARG E 437 -52.80 54.55 8.73
CA ARG E 437 -53.71 55.67 8.87
C ARG E 437 -55.07 55.20 9.38
N ARG E 438 -55.62 54.16 8.77
CA ARG E 438 -56.91 53.63 9.18
C ARG E 438 -56.80 52.98 10.54
N PHE F 1 53.80 -9.50 -24.57
CA PHE F 1 53.50 -9.25 -23.18
C PHE F 1 52.59 -10.32 -22.62
N ASN F 2 53.18 -11.46 -22.32
CA ASN F 2 52.47 -12.66 -21.89
C ASN F 2 52.49 -12.63 -20.38
N VAL F 3 51.52 -11.96 -19.77
CA VAL F 3 51.42 -12.03 -18.32
C VAL F 3 50.97 -13.42 -17.89
N TYR F 4 50.57 -14.26 -18.81
CA TYR F 4 50.07 -15.57 -18.47
C TYR F 4 51.19 -16.57 -18.22
N LYS F 5 52.43 -16.24 -18.56
CA LYS F 5 53.55 -17.09 -18.19
C LYS F 5 53.48 -17.41 -16.71
N ALA F 6 53.42 -16.38 -15.87
CA ALA F 6 53.33 -16.60 -14.43
C ALA F 6 52.19 -17.51 -14.04
N THR F 7 51.08 -17.46 -14.76
CA THR F 7 49.88 -18.14 -14.31
C THR F 7 49.95 -19.62 -14.64
N ARG F 8 49.22 -20.42 -13.87
CA ARG F 8 49.08 -21.84 -14.15
C ARG F 8 47.69 -22.36 -13.79
N PRO F 9 47.13 -23.26 -14.58
CA PRO F 9 45.84 -23.88 -14.22
C PRO F 9 45.94 -24.60 -12.90
N TYR F 10 44.81 -24.66 -12.20
CA TYR F 10 44.74 -25.28 -10.89
C TYR F 10 43.60 -26.26 -10.80
N ILE F 11 43.79 -27.21 -9.89
CA ILE F 11 42.86 -28.29 -9.62
C ILE F 11 41.95 -27.84 -8.50
N ALA F 12 40.67 -27.72 -8.78
CA ALA F 12 39.72 -27.02 -7.91
C ALA F 12 38.50 -27.89 -7.70
N TYR F 13 38.20 -28.16 -6.43
CA TYR F 13 36.98 -28.84 -6.01
C TYR F 13 35.77 -28.35 -6.78
N CYS F 14 34.99 -29.31 -7.30
CA CYS F 14 33.87 -29.02 -8.18
C CYS F 14 32.76 -29.95 -7.74
N ALA F 15 31.77 -29.38 -7.05
CA ALA F 15 30.78 -30.17 -6.33
C ALA F 15 30.01 -31.09 -7.25
N ASP F 16 29.74 -30.65 -8.48
CA ASP F 16 28.91 -31.39 -9.43
C ASP F 16 29.65 -31.39 -10.76
N CYS F 17 30.47 -32.42 -10.99
CA CYS F 17 31.25 -32.53 -12.21
C CYS F 17 30.61 -33.48 -13.20
N GLY F 18 29.29 -33.52 -13.21
CA GLY F 18 28.53 -34.38 -14.07
C GLY F 18 28.22 -35.61 -13.29
N ALA F 19 27.05 -36.19 -13.50
CA ALA F 19 26.59 -37.38 -12.80
C ALA F 19 26.38 -37.15 -11.31
N GLY F 20 26.52 -35.93 -10.81
CA GLY F 20 26.22 -35.69 -9.42
C GLY F 20 27.26 -36.16 -8.43
N HIS F 21 28.44 -36.55 -8.88
CA HIS F 21 29.50 -36.96 -7.99
C HIS F 21 30.52 -35.82 -7.89
N SER F 22 30.79 -35.37 -6.67
CA SER F 22 31.79 -34.34 -6.44
C SER F 22 33.16 -34.81 -6.87
N CYS F 23 33.92 -33.94 -7.54
CA CYS F 23 35.26 -34.34 -7.91
C CYS F 23 36.16 -33.13 -8.08
N HIS F 24 37.45 -33.42 -8.07
CA HIS F 24 38.49 -32.41 -8.14
C HIS F 24 38.78 -32.18 -9.61
N SER F 25 38.46 -30.99 -10.11
CA SER F 25 38.31 -30.88 -11.54
C SER F 25 39.29 -29.87 -12.08
N PRO F 26 39.71 -30.01 -13.33
CA PRO F 26 40.52 -28.97 -13.94
C PRO F 26 39.74 -27.74 -14.29
N VAL F 27 38.41 -27.80 -14.31
CA VAL F 27 37.61 -26.74 -14.94
C VAL F 27 36.63 -26.14 -13.96
N ALA F 28 36.95 -26.17 -12.67
CA ALA F 28 35.95 -25.78 -11.69
C ALA F 28 35.60 -24.31 -11.83
N ILE F 29 34.32 -24.04 -11.90
CA ILE F 29 33.81 -22.68 -12.04
C ILE F 29 33.85 -22.01 -10.69
N GLU F 30 34.43 -20.82 -10.63
CA GLU F 30 34.66 -20.13 -9.38
C GLU F 30 34.00 -18.77 -9.30
N ALA F 31 33.42 -18.27 -10.37
CA ALA F 31 32.69 -17.01 -10.29
C ALA F 31 31.90 -16.86 -11.56
N VAL F 32 30.68 -16.39 -11.45
CA VAL F 32 29.91 -16.01 -12.62
C VAL F 32 29.53 -14.56 -12.41
N ARG F 33 29.88 -13.73 -13.39
CA ARG F 33 29.70 -12.31 -13.32
C ARG F 33 28.70 -11.92 -14.38
N SER F 34 27.64 -11.24 -13.98
CA SER F 34 26.52 -10.93 -14.85
C SER F 34 26.13 -9.50 -14.75
N GLU F 35 27.11 -8.61 -14.75
CA GLU F 35 26.80 -7.19 -14.72
C GLU F 35 26.50 -6.64 -16.10
N ALA F 36 26.67 -7.42 -17.15
CA ALA F 36 26.38 -6.93 -18.48
C ALA F 36 24.88 -6.94 -18.69
N THR F 37 24.31 -5.79 -19.01
CA THR F 37 22.88 -5.76 -19.26
C THR F 37 22.52 -6.37 -20.59
N ASP F 38 23.48 -6.63 -21.45
CA ASP F 38 23.18 -7.28 -22.71
C ASP F 38 22.71 -8.69 -22.45
N GLY F 39 23.44 -9.40 -21.61
CA GLY F 39 23.15 -10.80 -21.31
C GLY F 39 24.38 -11.66 -21.22
N MET F 40 25.53 -11.14 -21.65
CA MET F 40 26.73 -11.94 -21.64
C MET F 40 27.15 -12.21 -20.22
N LEU F 41 27.63 -13.42 -19.97
CA LEU F 41 28.09 -13.84 -18.67
C LEU F 41 29.60 -14.07 -18.74
N LYS F 42 30.31 -13.60 -17.72
CA LYS F 42 31.73 -13.85 -17.56
C LYS F 42 31.91 -15.01 -16.61
N ILE F 43 32.51 -16.09 -17.08
CA ILE F 43 32.68 -17.30 -16.30
C ILE F 43 34.15 -17.37 -15.92
N GLN F 44 34.42 -17.65 -14.64
CA GLN F 44 35.75 -17.82 -14.07
C GLN F 44 36.00 -19.30 -13.89
N PHE F 45 36.76 -19.92 -14.77
CA PHE F 45 37.05 -21.33 -14.59
C PHE F 45 38.54 -21.57 -14.59
N SER F 46 38.88 -22.65 -13.92
CA SER F 46 40.19 -22.86 -13.34
C SER F 46 41.31 -22.99 -14.34
N ALA F 47 41.06 -22.96 -15.65
CA ALA F 47 42.07 -23.41 -16.60
C ALA F 47 42.08 -22.44 -17.78
N GLN F 48 43.23 -21.81 -17.99
CA GLN F 48 43.29 -20.70 -18.92
C GLN F 48 43.04 -21.18 -20.34
N ILE F 49 42.56 -20.27 -21.17
CA ILE F 49 42.31 -20.55 -22.57
C ILE F 49 43.34 -19.79 -23.40
N GLY F 50 43.97 -20.50 -24.32
CA GLY F 50 44.77 -19.86 -25.34
C GLY F 50 46.18 -19.54 -24.93
N ILE F 51 46.68 -20.17 -23.88
CA ILE F 51 48.08 -20.04 -23.50
C ILE F 51 48.58 -21.46 -23.28
N ASP F 52 49.21 -22.03 -24.29
CA ASP F 52 49.58 -23.43 -24.32
C ASP F 52 50.56 -23.75 -23.19
N LYS F 53 50.78 -25.05 -22.99
CA LYS F 53 51.65 -25.46 -21.88
C LYS F 53 53.08 -24.96 -22.05
N SER F 54 53.50 -24.71 -23.28
CA SER F 54 54.79 -24.09 -23.52
C SER F 54 54.76 -22.58 -23.41
N ASP F 55 53.65 -22.00 -23.00
CA ASP F 55 53.49 -20.57 -22.80
C ASP F 55 53.58 -19.76 -24.10
N ASN F 56 53.45 -20.39 -25.26
CA ASN F 56 53.14 -19.61 -26.44
C ASN F 56 51.67 -19.20 -26.40
N HIS F 57 51.36 -18.11 -27.09
CA HIS F 57 50.04 -17.51 -27.01
C HIS F 57 49.11 -18.00 -28.10
N ASP F 58 49.32 -19.20 -28.62
CA ASP F 58 48.43 -19.68 -29.67
C ASP F 58 47.05 -19.97 -29.10
N TYR F 59 46.05 -19.85 -29.97
CA TYR F 59 44.66 -19.80 -29.51
C TYR F 59 43.91 -21.11 -29.65
N THR F 60 44.40 -22.04 -30.46
CA THR F 60 43.64 -23.27 -30.62
C THR F 60 43.72 -24.18 -29.42
N LYS F 61 44.54 -23.87 -28.42
CA LYS F 61 44.81 -24.77 -27.30
C LYS F 61 44.26 -24.19 -26.01
N ILE F 62 43.67 -25.05 -25.18
CA ILE F 62 43.16 -24.67 -23.87
C ILE F 62 44.03 -25.41 -22.86
N ARG F 63 44.69 -24.66 -22.01
CA ARG F 63 45.67 -25.18 -21.07
C ARG F 63 44.99 -25.53 -19.76
N TYR F 64 45.31 -26.69 -19.21
CA TYR F 64 44.73 -27.10 -17.94
C TYR F 64 45.75 -27.93 -17.20
N ALA F 65 45.46 -28.19 -15.94
CA ALA F 65 46.39 -28.84 -15.05
C ALA F 65 45.84 -30.19 -14.65
N ASP F 66 46.68 -31.21 -14.68
CA ASP F 66 46.32 -32.53 -14.22
C ASP F 66 47.50 -33.06 -13.43
N GLY F 67 47.21 -33.73 -12.32
CA GLY F 67 48.29 -34.14 -11.46
C GLY F 67 49.04 -32.91 -11.02
N HIS F 68 50.25 -32.79 -11.55
CA HIS F 68 51.07 -31.61 -11.41
C HIS F 68 51.50 -31.08 -12.75
N ALA F 69 51.50 -31.90 -13.78
CA ALA F 69 51.88 -31.39 -15.08
C ALA F 69 50.74 -30.58 -15.69
N ILE F 70 51.11 -29.78 -16.66
CA ILE F 70 50.20 -28.93 -17.40
C ILE F 70 50.02 -29.57 -18.76
N GLU F 71 48.80 -29.95 -19.08
CA GLU F 71 48.47 -30.49 -20.39
C GLU F 71 47.57 -29.51 -21.11
N ASN F 72 47.34 -29.79 -22.38
CA ASN F 72 46.52 -28.93 -23.22
C ASN F 72 45.48 -29.75 -23.95
N ALA F 73 44.39 -29.10 -24.33
CA ALA F 73 43.34 -29.74 -25.10
C ALA F 73 42.92 -28.82 -26.21
N VAL F 74 42.06 -29.31 -27.05
CA VAL F 74 41.61 -28.55 -28.20
C VAL F 74 40.60 -27.51 -27.76
N ARG F 75 40.68 -26.33 -28.35
CA ARG F 75 39.74 -25.26 -28.04
C ARG F 75 38.33 -25.69 -28.38
N SER F 76 38.15 -26.25 -29.56
CA SER F 76 36.82 -26.55 -30.08
C SER F 76 36.06 -27.59 -29.26
N SER F 77 36.66 -28.16 -28.23
CA SER F 77 35.95 -29.01 -27.30
C SER F 77 35.31 -28.24 -26.16
N LEU F 78 35.50 -26.93 -26.07
CA LEU F 78 34.85 -26.17 -25.02
C LEU F 78 33.35 -26.14 -25.27
N LYS F 79 32.58 -26.44 -24.24
CA LYS F 79 31.14 -26.34 -24.31
C LYS F 79 30.63 -25.75 -23.03
N VAL F 80 29.81 -24.72 -23.15
CA VAL F 80 29.13 -24.11 -22.03
C VAL F 80 27.65 -24.27 -22.29
N ALA F 81 26.90 -24.59 -21.24
CA ALA F 81 25.47 -24.82 -21.42
C ALA F 81 24.75 -24.57 -20.12
N THR F 82 23.68 -23.78 -20.19
CA THR F 82 22.87 -23.48 -19.02
C THR F 82 21.62 -24.34 -18.99
N SER F 83 20.84 -24.29 -20.06
CA SER F 83 19.81 -25.28 -20.34
C SER F 83 19.98 -25.82 -21.74
N GLY F 84 20.56 -25.01 -22.62
CA GLY F 84 20.87 -25.42 -23.96
C GLY F 84 22.30 -25.07 -24.30
N ASP F 85 22.70 -25.46 -25.50
CA ASP F 85 24.05 -25.18 -25.95
C ASP F 85 24.24 -23.68 -26.02
N CYS F 86 25.10 -23.13 -25.18
CA CYS F 86 25.27 -21.69 -25.13
C CYS F 86 26.19 -21.33 -26.29
N PHE F 87 26.64 -20.08 -26.33
CA PHE F 87 27.49 -19.63 -27.42
C PHE F 87 28.58 -18.75 -26.83
N VAL F 88 29.81 -19.06 -27.18
CA VAL F 88 30.97 -18.39 -26.64
C VAL F 88 31.42 -17.34 -27.62
N HIS F 89 31.85 -16.20 -27.11
CA HIS F 89 32.47 -15.16 -27.92
C HIS F 89 33.93 -14.99 -27.56
N GLY F 90 34.17 -14.78 -26.29
CA GLY F 90 35.45 -14.30 -25.79
C GLY F 90 36.15 -15.41 -25.04
N THR F 91 37.43 -15.57 -25.33
CA THR F 91 38.25 -16.46 -24.55
C THR F 91 39.61 -15.82 -24.43
N MET F 92 40.02 -15.57 -23.19
CA MET F 92 41.41 -15.35 -22.80
C MET F 92 41.48 -15.72 -21.35
N GLY F 93 42.58 -16.35 -20.97
CA GLY F 93 42.80 -16.70 -19.60
C GLY F 93 41.68 -17.47 -18.97
N HIS F 94 41.39 -17.17 -17.72
CA HIS F 94 40.42 -17.90 -16.94
C HIS F 94 39.00 -17.48 -17.22
N PHE F 95 38.78 -16.63 -18.19
CA PHE F 95 37.52 -15.95 -18.40
C PHE F 95 36.91 -16.39 -19.71
N ILE F 96 35.65 -16.80 -19.68
CA ILE F 96 34.93 -17.16 -20.89
C ILE F 96 33.63 -16.37 -20.92
N LEU F 97 33.35 -15.73 -22.06
CA LEU F 97 32.12 -14.97 -22.25
C LEU F 97 31.10 -15.86 -22.93
N ALA F 98 29.91 -15.94 -22.36
CA ALA F 98 28.87 -16.80 -22.93
C ALA F 98 27.54 -16.08 -22.92
N LYS F 99 26.77 -16.28 -23.98
CA LYS F 99 25.37 -15.93 -24.03
C LYS F 99 24.57 -17.21 -23.96
N CYS F 100 23.62 -17.29 -23.03
CA CYS F 100 23.04 -18.55 -22.65
C CYS F 100 21.52 -18.46 -22.52
N PRO F 101 20.78 -19.50 -22.88
CA PRO F 101 19.36 -19.48 -22.64
C PRO F 101 19.05 -19.54 -21.17
N PRO F 102 17.87 -19.08 -20.75
CA PRO F 102 17.55 -19.10 -19.34
C PRO F 102 17.54 -20.51 -18.79
N GLY F 103 18.00 -20.66 -17.58
CA GLY F 103 18.07 -21.96 -16.97
C GLY F 103 18.13 -21.86 -15.48
N GLU F 104 18.67 -22.90 -14.87
CA GLU F 104 18.90 -22.93 -13.44
C GLU F 104 20.29 -23.38 -13.06
N PHE F 105 21.01 -24.08 -13.91
CA PHE F 105 22.38 -24.48 -13.66
C PHE F 105 23.24 -24.04 -14.83
N LEU F 106 24.54 -24.20 -14.66
CA LEU F 106 25.51 -23.66 -15.60
C LEU F 106 26.69 -24.59 -15.66
N GLN F 107 26.97 -25.13 -16.84
CA GLN F 107 27.95 -26.18 -17.04
C GLN F 107 29.03 -25.67 -17.96
N VAL F 108 30.27 -26.00 -17.63
CA VAL F 108 31.41 -25.79 -18.51
C VAL F 108 32.13 -27.10 -18.64
N SER F 109 32.59 -27.44 -19.85
CA SER F 109 33.26 -28.70 -20.05
C SER F 109 34.31 -28.60 -21.15
N ILE F 110 35.38 -29.37 -20.98
CA ILE F 110 36.40 -29.53 -22.01
C ILE F 110 36.87 -30.98 -22.03
N GLN F 111 37.40 -31.39 -23.18
CA GLN F 111 37.85 -32.75 -23.37
C GLN F 111 39.29 -32.89 -22.95
N ASP F 112 39.58 -33.97 -22.25
CA ASP F 112 40.93 -34.24 -21.79
C ASP F 112 41.82 -34.61 -22.97
N THR F 113 43.13 -34.71 -22.70
CA THR F 113 44.04 -35.16 -23.74
C THR F 113 43.72 -36.58 -24.15
N ARG F 114 43.16 -37.36 -23.24
CA ARG F 114 42.75 -38.72 -23.50
C ARG F 114 41.33 -38.79 -24.05
N ASN F 115 40.79 -37.67 -24.53
CA ASN F 115 39.47 -37.61 -25.14
C ASN F 115 38.41 -38.16 -24.19
N ALA F 116 38.44 -37.65 -22.97
CA ALA F 116 37.37 -37.86 -21.99
C ALA F 116 36.90 -36.50 -21.52
N VAL F 117 35.60 -36.34 -21.33
CA VAL F 117 35.05 -35.04 -20.99
C VAL F 117 35.24 -34.79 -19.50
N ARG F 118 35.48 -33.54 -19.15
CA ARG F 118 35.57 -33.09 -17.76
C ARG F 118 34.75 -31.84 -17.66
N ALA F 119 33.75 -31.82 -16.78
CA ALA F 119 32.88 -30.67 -16.64
C ALA F 119 32.69 -30.28 -15.19
N CYS F 120 32.14 -29.09 -15.01
CA CYS F 120 31.70 -28.53 -13.75
C CYS F 120 30.37 -27.84 -13.90
N ARG F 121 29.49 -28.04 -12.91
CA ARG F 121 28.17 -27.42 -12.87
C ARG F 121 28.03 -26.62 -11.60
N ILE F 122 27.42 -25.44 -11.72
CA ILE F 122 27.12 -24.58 -10.59
C ILE F 122 25.70 -24.07 -10.72
N GLN F 123 25.14 -23.68 -9.60
CA GLN F 123 23.76 -23.25 -9.52
C GLN F 123 23.68 -21.76 -9.79
N TYR F 124 23.17 -21.37 -10.96
CA TYR F 124 23.06 -19.97 -11.33
C TYR F 124 21.73 -19.70 -12.01
N HIS F 125 21.00 -18.71 -11.49
CA HIS F 125 19.65 -18.43 -12.00
C HIS F 125 19.66 -18.06 -13.48
N HIS F 126 20.34 -16.97 -13.85
CA HIS F 126 20.44 -16.54 -15.24
C HIS F 126 19.10 -16.40 -15.95
N ASP F 127 18.24 -15.50 -15.46
CA ASP F 127 17.05 -15.17 -16.24
C ASP F 127 17.26 -13.76 -16.79
N PRO F 128 17.94 -13.64 -17.92
CA PRO F 128 18.23 -12.32 -18.51
C PRO F 128 16.98 -11.57 -18.92
N GLN F 129 16.81 -10.38 -18.37
CA GLN F 129 15.77 -9.48 -18.85
C GLN F 129 16.44 -8.43 -19.71
N PRO F 130 16.27 -8.44 -21.04
CA PRO F 130 16.94 -7.44 -21.86
C PRO F 130 16.45 -6.04 -21.59
N VAL F 131 17.31 -5.07 -21.89
CA VAL F 131 17.03 -3.71 -21.51
C VAL F 131 15.80 -3.22 -22.25
N GLY F 132 15.21 -2.17 -21.73
CA GLY F 132 14.04 -1.59 -22.31
C GLY F 132 12.80 -1.97 -21.53
N ARG F 133 11.68 -1.90 -22.22
CA ARG F 133 10.39 -2.19 -21.61
C ARG F 133 9.71 -3.41 -22.19
N GLU F 134 10.36 -4.15 -23.06
CA GLU F 134 9.80 -5.39 -23.59
C GLU F 134 10.80 -6.53 -23.50
N LYS F 135 10.36 -7.63 -22.94
CA LYS F 135 11.19 -8.82 -22.80
C LYS F 135 11.20 -9.53 -24.14
N PHE F 136 12.13 -9.15 -25.00
CA PHE F 136 12.27 -9.77 -26.30
C PHE F 136 13.33 -10.84 -26.26
N THR F 137 13.20 -11.84 -27.13
CA THR F 137 14.16 -12.94 -27.16
C THR F 137 15.34 -12.66 -28.07
N ILE F 138 15.10 -12.21 -29.30
CA ILE F 138 16.17 -11.79 -30.19
C ILE F 138 15.79 -10.48 -30.87
N ARG F 139 16.82 -9.76 -31.31
CA ARG F 139 16.64 -8.40 -31.77
C ARG F 139 15.90 -8.38 -33.09
N PRO F 140 15.09 -7.35 -33.34
CA PRO F 140 14.31 -7.31 -34.57
C PRO F 140 15.07 -6.58 -35.66
N HIS F 141 14.52 -6.61 -36.86
CA HIS F 141 15.11 -5.81 -37.92
C HIS F 141 14.79 -4.33 -37.79
N TYR F 142 13.82 -3.95 -36.97
CA TYR F 142 13.43 -2.56 -36.84
C TYR F 142 13.18 -2.26 -35.39
N GLY F 143 13.73 -1.17 -34.89
CA GLY F 143 13.57 -0.85 -33.49
C GLY F 143 14.42 0.34 -33.10
N LYS F 144 14.43 0.60 -31.80
CA LYS F 144 15.22 1.67 -31.25
C LYS F 144 16.56 1.16 -30.78
N GLU F 145 17.48 2.10 -30.58
CA GLU F 145 18.75 1.85 -29.92
C GLU F 145 18.68 2.39 -28.50
N ILE F 146 18.97 1.55 -27.53
CA ILE F 146 19.06 1.96 -26.13
C ILE F 146 20.46 1.56 -25.66
N PRO F 147 21.10 2.29 -24.77
CA PRO F 147 22.41 1.84 -24.31
C PRO F 147 22.39 0.58 -23.48
N CYS F 148 22.97 -0.50 -24.01
CA CYS F 148 23.30 -1.68 -23.22
C CYS F 148 24.77 -1.62 -22.86
N THR F 149 25.10 -2.36 -21.82
CA THR F 149 26.45 -2.47 -21.32
C THR F 149 26.89 -3.89 -21.52
N THR F 150 27.99 -4.10 -22.22
CA THR F 150 28.43 -5.46 -22.48
C THR F 150 29.94 -5.50 -22.52
N TYR F 151 30.46 -6.73 -22.55
CA TYR F 151 31.87 -6.97 -22.43
C TYR F 151 32.48 -7.02 -23.82
N GLN F 152 33.59 -6.32 -24.01
CA GLN F 152 34.21 -6.20 -25.31
C GLN F 152 35.41 -7.14 -25.38
N GLN F 153 36.11 -7.09 -26.49
CA GLN F 153 37.22 -7.97 -26.79
C GLN F 153 38.56 -7.37 -26.40
N THR F 154 38.59 -6.14 -25.92
CA THR F 154 39.85 -5.44 -25.71
C THR F 154 40.54 -6.07 -24.52
N THR F 155 41.53 -6.92 -24.83
CA THR F 155 42.14 -7.82 -23.84
C THR F 155 42.61 -7.10 -22.58
N ALA F 156 43.08 -5.87 -22.70
CA ALA F 156 43.62 -5.12 -21.58
C ALA F 156 42.97 -3.75 -21.50
N LYS F 157 43.08 -3.16 -20.31
CA LYS F 157 42.72 -1.79 -19.91
C LYS F 157 42.20 -1.82 -18.48
N THR F 158 43.15 -1.69 -17.57
CA THR F 158 43.09 -1.38 -16.15
C THR F 158 41.82 -1.64 -15.31
N VAL F 159 41.87 -1.12 -14.09
CA VAL F 159 40.84 -1.11 -13.07
C VAL F 159 40.50 -2.52 -12.60
N GLU F 160 40.04 -3.36 -13.50
CA GLU F 160 39.49 -4.66 -13.14
C GLU F 160 40.62 -5.69 -13.07
N GLU F 161 40.80 -6.32 -11.91
CA GLU F 161 41.97 -7.18 -11.67
C GLU F 161 41.66 -8.27 -10.67
N ILE F 162 42.46 -9.35 -10.70
CA ILE F 162 42.35 -10.44 -9.73
C ILE F 162 43.66 -10.63 -8.97
N ASP F 163 43.55 -11.34 -7.85
CA ASP F 163 44.67 -11.68 -6.99
C ASP F 163 45.19 -13.08 -7.28
N MET F 164 46.48 -13.18 -7.57
CA MET F 164 47.23 -14.41 -7.70
C MET F 164 48.07 -14.69 -6.45
N HIS F 165 48.38 -15.97 -6.21
CA HIS F 165 49.45 -16.26 -5.26
C HIS F 165 50.09 -17.63 -5.49
N MET F 166 51.17 -17.85 -4.75
CA MET F 166 52.00 -19.05 -4.85
C MET F 166 51.22 -20.33 -4.59
N PRO F 167 51.32 -21.36 -5.43
CA PRO F 167 50.58 -22.59 -5.17
C PRO F 167 50.98 -23.22 -3.85
N PRO F 168 50.03 -23.51 -2.97
CA PRO F 168 50.36 -23.82 -1.59
C PRO F 168 51.31 -24.99 -1.40
N ASP F 169 50.90 -26.10 -1.96
CA ASP F 169 51.59 -27.38 -1.94
C ASP F 169 50.77 -28.25 -2.87
N THR F 170 51.21 -29.47 -3.09
CA THR F 170 50.38 -30.44 -3.81
C THR F 170 50.74 -31.81 -3.29
N PRO F 171 50.12 -32.22 -2.19
CA PRO F 171 50.33 -33.57 -1.69
C PRO F 171 50.06 -34.61 -2.76
N ASP F 172 50.93 -35.59 -2.82
CA ASP F 172 50.79 -36.69 -3.77
C ASP F 172 51.32 -37.96 -3.13
N ARG F 173 50.73 -39.08 -3.51
CA ARG F 173 51.26 -40.39 -3.21
C ARG F 173 51.89 -41.05 -4.42
N THR F 174 51.88 -40.41 -5.58
CA THR F 174 52.56 -41.00 -6.72
C THR F 174 54.05 -41.04 -6.50
N LEU F 175 54.62 -39.98 -5.93
CA LEU F 175 56.07 -39.94 -5.74
C LEU F 175 56.59 -40.97 -4.75
N LEU F 176 55.77 -41.53 -3.87
CA LEU F 176 56.25 -42.50 -2.89
C LEU F 176 56.14 -43.90 -3.46
N SER F 177 57.21 -44.68 -3.32
CA SER F 177 57.19 -46.10 -3.63
C SER F 177 57.94 -46.84 -2.52
N GLN F 178 57.66 -48.12 -2.41
CA GLN F 178 58.28 -48.98 -1.41
C GLN F 178 59.28 -49.88 -2.10
N GLN F 179 60.57 -49.67 -1.80
CA GLN F 179 61.65 -50.51 -2.28
C GLN F 179 62.17 -51.30 -1.09
N SER F 180 61.58 -52.47 -0.87
CA SER F 180 62.08 -53.50 0.04
C SER F 180 62.46 -52.94 1.41
N GLY F 181 61.46 -52.38 2.09
CA GLY F 181 61.69 -51.82 3.40
C GLY F 181 62.29 -50.44 3.41
N ASN F 182 62.54 -49.85 2.24
CA ASN F 182 62.89 -48.45 2.12
C ASN F 182 61.79 -47.71 1.36
N VAL F 183 61.74 -46.40 1.55
CA VAL F 183 60.79 -45.52 0.88
C VAL F 183 61.55 -44.72 -0.18
N LYS F 184 61.22 -44.95 -1.45
CA LYS F 184 61.87 -44.28 -2.56
C LYS F 184 60.98 -43.16 -3.04
N ILE F 185 61.48 -41.93 -2.94
CA ILE F 185 60.78 -40.74 -3.37
C ILE F 185 61.41 -40.33 -4.69
N THR F 186 60.64 -40.49 -5.76
CA THR F 186 60.99 -39.91 -7.03
C THR F 186 60.66 -38.43 -7.02
N VAL F 187 61.27 -37.72 -7.95
CA VAL F 187 61.17 -36.26 -8.02
C VAL F 187 60.61 -35.82 -9.36
N GLY F 188 61.13 -36.39 -10.45
CA GLY F 188 60.62 -36.01 -11.75
C GLY F 188 60.83 -34.55 -12.05
N GLY F 189 61.97 -34.01 -11.64
CA GLY F 189 62.28 -32.62 -11.88
C GLY F 189 61.30 -31.64 -11.26
N LYS F 190 60.92 -31.85 -10.01
CA LYS F 190 60.21 -30.81 -9.30
C LYS F 190 60.52 -30.87 -7.82
N LYS F 191 60.76 -29.70 -7.23
CA LYS F 191 61.12 -29.60 -5.82
C LYS F 191 60.09 -30.29 -4.95
N VAL F 192 60.55 -31.15 -4.05
CA VAL F 192 59.68 -32.02 -3.29
C VAL F 192 60.12 -31.97 -1.85
N LYS F 193 59.16 -31.90 -0.95
CA LYS F 193 59.43 -31.81 0.47
C LYS F 193 58.81 -33.04 1.13
N TYR F 194 59.45 -33.48 2.20
CA TYR F 194 59.05 -34.69 2.88
C TYR F 194 59.17 -34.48 4.38
N ASN F 195 58.27 -35.13 5.10
CA ASN F 195 58.27 -35.22 6.55
C ASN F 195 58.12 -36.70 6.93
N CYS F 196 59.22 -37.42 7.05
CA CYS F 196 59.15 -38.82 7.48
C CYS F 196 59.36 -38.85 8.99
N THR F 197 58.38 -39.34 9.72
CA THR F 197 58.55 -39.62 11.15
C THR F 197 59.01 -41.05 11.37
N CYS F 198 60.10 -41.45 10.73
CA CYS F 198 60.76 -42.73 10.98
C CYS F 198 62.04 -42.53 11.78
N GLY F 199 62.08 -41.51 12.64
CA GLY F 199 63.24 -41.36 13.50
C GLY F 199 64.30 -40.52 12.83
N THR F 200 65.30 -41.25 12.30
CA THR F 200 66.40 -40.64 11.57
C THR F 200 65.90 -39.94 10.31
N GLY F 201 64.84 -40.45 9.70
CA GLY F 201 64.31 -39.93 8.46
C GLY F 201 64.25 -38.42 8.27
N ASN F 202 63.81 -37.65 9.28
CA ASN F 202 63.86 -36.19 9.21
C ASN F 202 63.10 -35.58 8.03
N VAL F 203 62.88 -34.26 8.11
CA VAL F 203 62.16 -33.53 7.10
C VAL F 203 63.17 -32.86 6.19
N GLY F 204 62.71 -32.44 5.02
CA GLY F 204 63.63 -31.79 4.11
C GLY F 204 63.09 -31.69 2.71
N THR F 205 63.80 -30.90 1.90
CA THR F 205 63.43 -30.61 0.53
C THR F 205 64.55 -31.00 -0.40
N THR F 206 64.21 -31.59 -1.54
CA THR F 206 65.19 -31.95 -2.55
C THR F 206 64.68 -31.67 -3.95
N ASN F 207 65.63 -31.63 -4.88
CA ASN F 207 65.39 -31.47 -6.31
C ASN F 207 65.70 -32.73 -7.12
N SER F 208 66.17 -33.80 -6.49
CA SER F 208 66.66 -34.99 -7.18
C SER F 208 66.11 -36.19 -6.43
N ASP F 209 65.99 -37.32 -7.11
CA ASP F 209 65.40 -38.51 -6.51
C ASP F 209 66.24 -38.94 -5.31
N MET F 210 65.60 -39.36 -4.22
CA MET F 210 66.35 -40.09 -3.18
C MET F 210 65.38 -41.00 -2.45
N THR F 211 65.81 -41.56 -1.32
CA THR F 211 65.04 -42.52 -0.56
C THR F 211 65.48 -42.47 0.89
N ILE F 212 64.61 -43.00 1.74
CA ILE F 212 64.85 -43.10 3.17
C ILE F 212 64.82 -44.58 3.53
N ASN F 213 65.86 -45.05 4.19
CA ASN F 213 65.99 -46.47 4.48
C ASN F 213 65.21 -46.84 5.73
N THR F 214 64.69 -48.07 5.73
CA THR F 214 64.00 -48.65 6.88
C THR F 214 62.83 -47.78 7.32
N CYS F 215 61.88 -47.60 6.41
CA CYS F 215 60.70 -46.78 6.69
C CYS F 215 59.54 -47.25 5.82
N LEU F 216 58.34 -46.87 6.24
CA LEU F 216 57.09 -47.30 5.61
C LEU F 216 56.40 -46.13 4.94
N ILE F 217 55.71 -46.43 3.83
CA ILE F 217 55.01 -45.39 3.08
C ILE F 217 53.90 -44.79 3.93
N GLU F 218 53.21 -45.64 4.69
CA GLU F 218 52.06 -45.21 5.48
C GLU F 218 52.44 -44.28 6.63
N GLN F 219 53.74 -44.10 6.90
CA GLN F 219 54.22 -43.29 7.99
C GLN F 219 54.82 -41.97 7.53
N CYS F 220 55.31 -41.88 6.30
CA CYS F 220 55.88 -40.63 5.81
C CYS F 220 54.80 -39.76 5.17
N HIS F 221 55.22 -38.57 4.72
CA HIS F 221 54.36 -37.65 3.99
C HIS F 221 55.22 -36.92 2.97
N VAL F 222 54.59 -36.38 1.93
CA VAL F 222 55.33 -35.76 0.85
C VAL F 222 54.43 -34.77 0.15
N SER F 223 55.01 -33.66 -0.29
CA SER F 223 54.25 -32.68 -1.05
C SER F 223 55.20 -31.90 -1.93
N VAL F 224 54.76 -31.60 -3.14
CA VAL F 224 55.63 -30.94 -4.11
C VAL F 224 55.38 -29.46 -4.00
N THR F 225 56.46 -28.68 -3.90
CA THR F 225 56.40 -27.26 -3.61
C THR F 225 56.94 -26.52 -4.82
N ASP F 226 56.04 -26.18 -5.72
CA ASP F 226 56.36 -25.33 -6.85
C ASP F 226 56.32 -23.89 -6.40
N HIS F 227 57.22 -23.08 -6.93
CA HIS F 227 57.16 -21.66 -6.73
C HIS F 227 57.39 -20.87 -8.01
N LYS F 228 57.59 -21.54 -9.15
CA LYS F 228 57.92 -20.80 -10.36
C LYS F 228 56.68 -20.14 -10.95
N LYS F 229 55.60 -20.89 -11.06
CA LYS F 229 54.37 -20.40 -11.65
C LYS F 229 53.62 -19.59 -10.62
N TRP F 230 52.37 -19.24 -10.93
CA TRP F 230 51.52 -18.54 -9.98
C TRP F 230 50.09 -19.00 -10.21
N GLN F 231 49.25 -18.80 -9.21
CA GLN F 231 47.92 -19.41 -9.18
C GLN F 231 46.92 -18.35 -8.76
N PHE F 232 45.64 -18.67 -8.91
CA PHE F 232 44.55 -17.83 -8.46
C PHE F 232 44.34 -17.99 -6.97
N ASN F 233 43.80 -16.98 -6.33
CA ASN F 233 43.64 -16.88 -4.88
C ASN F 233 42.54 -17.81 -4.36
N SER F 234 41.96 -18.65 -5.20
CA SER F 234 40.71 -19.37 -5.06
C SER F 234 40.44 -19.97 -3.70
N PRO F 235 39.24 -19.80 -3.14
CA PRO F 235 38.97 -20.35 -1.80
C PRO F 235 39.14 -21.84 -1.68
N PHE F 236 39.23 -22.59 -2.78
CA PHE F 236 39.26 -24.03 -2.72
C PHE F 236 40.65 -24.63 -2.83
N VAL F 237 41.70 -23.83 -2.95
CA VAL F 237 43.08 -24.27 -2.85
C VAL F 237 43.72 -23.47 -1.71
N PRO F 238 44.30 -24.08 -0.68
CA PRO F 238 44.63 -23.31 0.51
C PRO F 238 45.72 -22.28 0.28
N ARG F 239 45.94 -21.44 1.31
CA ARG F 239 46.97 -20.43 1.26
C ARG F 239 48.33 -21.08 1.42
N ALA F 240 49.40 -20.28 1.41
CA ALA F 240 50.73 -20.80 1.69
C ALA F 240 51.58 -20.02 2.66
N ASP F 241 51.20 -18.82 3.08
CA ASP F 241 52.17 -18.06 3.88
C ASP F 241 51.43 -16.90 4.53
N GLU F 242 51.70 -16.69 5.80
CA GLU F 242 50.99 -15.76 6.67
C GLU F 242 51.45 -14.34 6.32
N PRO F 243 50.92 -13.33 6.95
CA PRO F 243 49.87 -12.53 6.31
C PRO F 243 50.12 -12.31 4.84
N ALA F 244 49.05 -12.62 4.13
CA ALA F 244 49.00 -13.00 2.74
C ALA F 244 49.88 -12.15 1.85
N ARG F 245 50.58 -12.84 0.97
CA ARG F 245 51.53 -12.28 0.02
C ARG F 245 50.87 -12.45 -1.34
N LYS F 246 50.09 -11.45 -1.73
CA LYS F 246 49.12 -11.53 -2.81
C LYS F 246 49.54 -10.64 -3.97
N GLY F 247 49.84 -11.26 -5.11
CA GLY F 247 50.13 -10.52 -6.32
C GLY F 247 48.88 -10.31 -7.15
N LYS F 248 49.01 -9.56 -8.25
CA LYS F 248 47.86 -9.05 -8.96
C LYS F 248 48.04 -9.25 -10.45
N VAL F 249 46.92 -9.40 -11.17
CA VAL F 249 46.94 -9.63 -12.61
C VAL F 249 45.70 -9.02 -13.24
N HIS F 250 45.89 -8.33 -14.35
CA HIS F 250 44.76 -7.77 -15.08
C HIS F 250 43.91 -8.88 -15.67
N ILE F 251 42.60 -8.66 -15.66
CA ILE F 251 41.66 -9.62 -16.24
C ILE F 251 41.01 -9.12 -17.52
N PRO F 252 40.89 -9.96 -18.54
CA PRO F 252 40.34 -9.54 -19.82
C PRO F 252 38.89 -9.10 -19.73
N PHE F 253 38.41 -8.61 -20.86
CA PHE F 253 37.06 -8.17 -21.09
C PHE F 253 36.45 -7.18 -20.11
N PRO F 254 36.92 -5.93 -20.10
CA PRO F 254 36.18 -4.87 -19.42
C PRO F 254 34.85 -4.63 -20.10
N LEU F 255 33.98 -3.91 -19.40
CA LEU F 255 32.62 -3.65 -19.88
C LEU F 255 32.53 -2.22 -20.37
N ASP F 256 31.75 -2.01 -21.42
CA ASP F 256 31.55 -0.66 -21.94
C ASP F 256 30.24 -0.63 -22.71
N ASN F 257 29.94 0.56 -23.22
CA ASN F 257 28.61 0.90 -23.71
C ASN F 257 28.48 0.52 -25.17
N ILE F 258 27.40 -0.18 -25.51
CA ILE F 258 27.08 -0.51 -26.88
C ILE F 258 25.62 -0.22 -27.16
N THR F 259 25.31 -0.05 -28.44
CA THR F 259 23.95 0.20 -28.88
C THR F 259 23.17 -1.09 -28.92
N CYS F 260 21.98 -1.08 -28.33
CA CYS F 260 21.22 -2.28 -28.06
C CYS F 260 19.90 -2.13 -28.78
N ARG F 261 19.69 -2.97 -29.78
CA ARG F 261 18.51 -2.87 -30.63
C ARG F 261 17.34 -3.52 -29.93
N VAL F 262 16.19 -2.86 -29.97
CA VAL F 262 15.05 -3.28 -29.17
C VAL F 262 13.76 -3.08 -29.94
N PRO F 263 12.82 -4.03 -29.93
CA PRO F 263 11.59 -3.85 -30.67
C PRO F 263 10.71 -2.74 -30.13
N MET F 264 9.87 -2.24 -31.02
CA MET F 264 8.80 -1.31 -30.69
C MET F 264 7.50 -2.08 -30.79
N ALA F 265 6.75 -2.13 -29.70
CA ALA F 265 5.49 -2.83 -29.76
C ALA F 265 4.54 -2.09 -30.67
N ARG F 266 3.71 -2.85 -31.35
CA ARG F 266 2.80 -2.28 -32.34
C ARG F 266 1.78 -1.37 -31.68
N GLU F 267 1.48 -0.27 -32.36
CA GLU F 267 0.70 0.78 -31.75
C GLU F 267 -0.70 0.26 -31.44
N PRO F 268 -1.22 0.46 -30.25
CA PRO F 268 -2.52 -0.09 -29.93
C PRO F 268 -3.62 0.59 -30.70
N THR F 269 -4.70 -0.12 -30.93
CA THR F 269 -5.88 0.48 -31.50
C THR F 269 -6.65 1.20 -30.42
N VAL F 270 -7.05 2.42 -30.69
CA VAL F 270 -7.77 3.26 -29.74
C VAL F 270 -9.23 3.29 -30.13
N ILE F 271 -10.11 3.14 -29.15
CA ILE F 271 -11.53 3.38 -29.35
C ILE F 271 -11.92 4.45 -28.36
N HIS F 272 -12.43 5.55 -28.89
CA HIS F 272 -12.69 6.76 -28.12
C HIS F 272 -14.01 6.67 -27.39
N GLY F 273 -14.06 7.20 -26.19
CA GLY F 273 -15.29 7.24 -25.43
C GLY F 273 -15.57 8.54 -24.73
N LYS F 274 -16.56 8.53 -23.86
CA LYS F 274 -16.93 9.70 -23.08
C LYS F 274 -15.98 9.79 -21.90
N ARG F 275 -14.96 10.63 -22.01
CA ARG F 275 -14.00 10.84 -20.94
C ARG F 275 -13.22 9.61 -20.61
N GLU F 276 -13.19 8.60 -21.48
CA GLU F 276 -12.33 7.45 -21.29
C GLU F 276 -11.99 6.92 -22.66
N VAL F 277 -10.88 6.20 -22.75
CA VAL F 277 -10.46 5.61 -24.01
C VAL F 277 -10.07 4.17 -23.77
N THR F 278 -10.50 3.28 -24.65
CA THR F 278 -10.16 1.87 -24.53
C THR F 278 -9.07 1.54 -25.51
N LEU F 279 -7.97 0.99 -25.00
CA LEU F 279 -6.84 0.58 -25.81
C LEU F 279 -6.89 -0.93 -25.97
N HIS F 280 -6.68 -1.39 -27.18
CA HIS F 280 -6.52 -2.81 -27.44
C HIS F 280 -5.03 -3.10 -27.54
N LEU F 281 -4.51 -3.80 -26.56
CA LEU F 281 -3.09 -4.05 -26.40
C LEU F 281 -2.80 -5.47 -26.86
N HIS F 282 -1.95 -5.62 -27.88
CA HIS F 282 -1.71 -6.91 -28.51
C HIS F 282 -0.20 -7.12 -28.67
N PRO F 283 0.46 -7.62 -27.64
CA PRO F 283 1.91 -7.78 -27.68
C PRO F 283 2.37 -9.13 -28.20
N ASP F 284 3.52 -9.13 -28.89
CA ASP F 284 4.20 -10.37 -29.22
C ASP F 284 5.10 -10.87 -28.12
N HIS F 285 5.39 -10.05 -27.12
CA HIS F 285 6.20 -10.45 -25.98
C HIS F 285 5.86 -9.54 -24.82
N PRO F 286 6.13 -9.95 -23.60
CA PRO F 286 5.68 -9.17 -22.44
C PRO F 286 6.17 -7.74 -22.47
N THR F 287 5.24 -6.80 -22.38
CA THR F 287 5.52 -5.38 -22.54
C THR F 287 4.90 -4.61 -21.40
N LEU F 288 5.55 -3.54 -21.00
CA LEU F 288 5.15 -2.76 -19.83
C LEU F 288 4.28 -1.61 -20.30
N PHE F 289 3.05 -1.53 -19.80
CA PHE F 289 2.11 -0.50 -20.17
C PHE F 289 1.81 0.36 -18.95
N SER F 290 1.99 1.66 -19.08
CA SER F 290 1.83 2.55 -17.94
C SER F 290 1.10 3.81 -18.34
N TYR F 291 0.09 4.20 -17.58
CA TYR F 291 -0.66 5.41 -17.86
C TYR F 291 -0.74 6.30 -16.64
N ARG F 292 -0.67 7.61 -16.87
CA ARG F 292 -0.84 8.58 -15.80
C ARG F 292 -1.63 9.76 -16.31
N THR F 293 -2.43 10.34 -15.43
CA THR F 293 -3.27 11.48 -15.77
C THR F 293 -2.61 12.74 -15.27
N LEU F 294 -2.55 13.74 -16.15
CA LEU F 294 -1.79 14.96 -15.90
C LEU F 294 -2.61 15.94 -15.07
N GLY F 295 -2.69 15.67 -13.77
CA GLY F 295 -3.41 16.55 -12.87
C GLY F 295 -2.76 16.62 -11.50
N GLU F 296 -3.46 17.18 -10.52
CA GLU F 296 -2.91 17.18 -9.17
C GLU F 296 -2.69 15.77 -8.65
N ASP F 297 -3.67 14.90 -8.85
CA ASP F 297 -3.59 13.52 -8.44
C ASP F 297 -3.26 12.69 -9.67
N PRO F 298 -2.10 12.04 -9.75
CA PRO F 298 -1.77 11.34 -11.00
C PRO F 298 -2.77 10.30 -11.45
N GLN F 299 -3.37 9.54 -10.54
CA GLN F 299 -4.18 8.39 -10.90
C GLN F 299 -3.40 7.45 -11.81
N TYR F 300 -2.16 7.20 -11.44
CA TYR F 300 -1.24 6.42 -12.25
C TYR F 300 -1.46 4.94 -12.09
N HIS F 301 -0.96 4.19 -13.07
CA HIS F 301 -0.96 2.73 -12.98
C HIS F 301 -0.05 2.11 -14.01
N GLU F 302 0.81 1.19 -13.60
CA GLU F 302 1.69 0.47 -14.51
C GLU F 302 1.48 -1.02 -14.34
N GLU F 303 1.67 -1.76 -15.42
CA GLU F 303 1.35 -3.17 -15.41
C GLU F 303 2.04 -3.84 -16.59
N TRP F 304 2.58 -5.03 -16.35
CA TRP F 304 3.05 -5.86 -17.43
C TRP F 304 1.88 -6.50 -18.11
N VAL F 305 1.85 -6.49 -19.44
CA VAL F 305 0.89 -7.25 -20.19
C VAL F 305 1.64 -8.31 -20.98
N THR F 306 1.10 -9.51 -20.99
CA THR F 306 1.74 -10.68 -21.57
C THR F 306 0.89 -11.34 -22.63
N ALA F 307 -0.39 -11.04 -22.68
CA ALA F 307 -1.29 -11.57 -23.69
C ALA F 307 -2.22 -10.46 -24.08
N ALA F 308 -2.94 -10.67 -25.16
CA ALA F 308 -3.84 -9.64 -25.67
C ALA F 308 -4.86 -9.27 -24.62
N VAL F 309 -4.97 -7.98 -24.33
CA VAL F 309 -6.01 -7.48 -23.45
C VAL F 309 -6.60 -6.22 -24.04
N GLU F 310 -7.66 -5.75 -23.39
CA GLU F 310 -8.23 -4.44 -23.67
C GLU F 310 -8.36 -3.75 -22.34
N ARG F 311 -7.94 -2.50 -22.27
CA ARG F 311 -7.91 -1.77 -21.01
C ARG F 311 -8.52 -0.41 -21.23
N THR F 312 -9.45 -0.04 -20.37
CA THR F 312 -10.14 1.23 -20.45
C THR F 312 -9.49 2.16 -19.48
N ILE F 313 -8.91 3.24 -19.98
CA ILE F 313 -8.14 4.18 -19.16
C ILE F 313 -8.87 5.51 -19.16
N PRO F 314 -9.05 6.17 -18.03
CA PRO F 314 -9.73 7.46 -18.03
C PRO F 314 -8.86 8.56 -18.58
N VAL F 315 -9.50 9.49 -19.27
CA VAL F 315 -8.81 10.64 -19.84
C VAL F 315 -9.49 11.90 -19.34
N PRO F 316 -9.11 12.42 -18.19
CA PRO F 316 -9.67 13.67 -17.71
C PRO F 316 -9.43 14.81 -18.68
N VAL F 317 -10.15 15.90 -18.44
CA VAL F 317 -9.99 17.10 -19.26
C VAL F 317 -8.56 17.59 -19.19
N ASP F 318 -7.90 17.39 -18.06
CA ASP F 318 -6.55 17.89 -17.94
C ASP F 318 -5.58 17.13 -18.83
N GLY F 319 -5.79 15.84 -19.00
CA GLY F 319 -5.02 15.04 -19.95
C GLY F 319 -4.56 13.70 -19.39
N MET F 320 -4.17 12.82 -20.30
CA MET F 320 -3.67 11.50 -19.98
C MET F 320 -2.47 11.22 -20.86
N GLU F 321 -1.59 10.35 -20.39
CA GLU F 321 -0.42 9.96 -21.16
C GLU F 321 -0.17 8.50 -20.90
N TYR F 322 0.01 7.74 -21.97
CA TYR F 322 0.28 6.31 -21.85
C TYR F 322 1.55 5.95 -22.57
N HIS F 323 2.22 4.95 -22.03
CA HIS F 323 3.52 4.50 -22.46
C HIS F 323 3.41 3.01 -22.70
N TRP F 324 3.57 2.60 -23.94
CA TRP F 324 3.37 1.23 -24.37
C TRP F 324 4.65 0.75 -25.01
N GLY F 325 5.33 -0.18 -24.36
CA GLY F 325 6.59 -0.63 -24.93
C GLY F 325 7.58 0.50 -24.95
N ASN F 326 8.38 0.56 -25.99
CA ASN F 326 9.41 1.58 -26.13
C ASN F 326 9.00 2.71 -27.04
N ASN F 327 7.74 2.74 -27.47
CA ASN F 327 7.28 3.91 -28.20
C ASN F 327 7.35 5.10 -27.29
N ASP F 328 7.47 6.27 -27.90
CA ASP F 328 7.47 7.48 -27.12
C ASP F 328 6.13 7.60 -26.42
N PRO F 329 6.07 8.13 -25.22
CA PRO F 329 4.77 8.27 -24.55
C PRO F 329 3.85 9.12 -25.40
N VAL F 330 2.58 8.74 -25.44
CA VAL F 330 1.58 9.43 -26.25
C VAL F 330 0.58 10.06 -25.31
N ARG F 331 0.32 11.35 -25.51
CA ARG F 331 -0.56 12.12 -24.66
C ARG F 331 -1.86 12.39 -25.40
N LEU F 332 -2.97 12.04 -24.78
CA LEU F 332 -4.30 12.32 -25.29
C LEU F 332 -5.05 13.20 -24.31
N TRP F 333 -5.72 14.23 -24.83
CA TRP F 333 -6.60 15.09 -24.06
C TRP F 333 -8.04 14.92 -24.49
N SER F 334 -8.97 15.29 -23.61
CA SER F 334 -10.39 15.05 -23.81
C SER F 334 -11.11 16.37 -23.98
N GLN F 335 -11.84 16.51 -25.07
CA GLN F 335 -12.61 17.71 -25.34
C GLN F 335 -13.90 17.66 -24.54
N LEU F 336 -14.54 18.82 -24.40
CA LEU F 336 -15.74 18.91 -23.58
C LEU F 336 -16.96 18.43 -24.36
N THR F 337 -16.89 17.18 -24.79
CA THR F 337 -17.99 16.56 -25.52
C THR F 337 -19.17 16.29 -24.61
N THR F 338 -20.36 16.34 -25.18
CA THR F 338 -21.59 16.18 -24.43
C THR F 338 -22.79 15.96 -25.33
N GLU F 339 -23.72 15.14 -24.84
CA GLU F 339 -24.99 14.95 -25.51
C GLU F 339 -25.98 15.92 -24.92
N GLY F 340 -26.62 16.69 -25.79
CA GLY F 340 -27.59 17.70 -25.43
C GLY F 340 -27.24 19.01 -26.10
N LYS F 341 -28.25 19.72 -26.56
CA LYS F 341 -28.04 20.96 -27.27
C LYS F 341 -27.82 22.12 -26.30
N PRO F 342 -26.76 22.92 -26.47
CA PRO F 342 -26.60 24.06 -25.57
C PRO F 342 -27.55 25.20 -25.80
N HIS F 343 -28.38 25.19 -26.85
CA HIS F 343 -29.14 26.38 -27.18
C HIS F 343 -30.62 26.10 -27.50
N GLY F 344 -31.20 25.06 -26.93
CA GLY F 344 -32.66 24.95 -26.93
C GLY F 344 -33.30 24.46 -25.66
N TRP F 345 -34.22 25.21 -25.10
CA TRP F 345 -35.06 24.79 -23.98
C TRP F 345 -34.27 24.48 -22.71
N PRO F 346 -34.81 24.80 -21.54
CA PRO F 346 -34.04 24.59 -20.31
C PRO F 346 -33.70 23.14 -20.05
N HIS F 347 -34.29 22.19 -20.76
CA HIS F 347 -34.03 20.80 -20.44
C HIS F 347 -32.89 20.27 -21.27
N GLN F 348 -32.74 20.72 -22.50
CA GLN F 348 -31.53 20.40 -23.22
C GLN F 348 -30.37 21.20 -22.64
N ILE F 349 -30.65 22.38 -22.09
CA ILE F 349 -29.58 23.13 -21.43
C ILE F 349 -29.09 22.34 -20.22
N VAL F 350 -30.01 21.82 -19.42
CA VAL F 350 -29.59 21.05 -18.27
C VAL F 350 -28.84 19.81 -18.74
N GLN F 351 -29.30 19.18 -19.82
CA GLN F 351 -28.62 17.97 -20.28
C GLN F 351 -27.18 18.27 -20.65
N TYR F 352 -26.96 19.37 -21.35
CA TYR F 352 -25.61 19.81 -21.67
C TYR F 352 -24.79 19.96 -20.40
N TYR F 353 -25.25 20.81 -19.48
CA TYR F 353 -24.38 21.09 -18.35
C TYR F 353 -24.21 19.88 -17.46
N TYR F 354 -25.12 18.92 -17.52
CA TYR F 354 -24.87 17.64 -16.87
C TYR F 354 -23.79 16.89 -17.57
N GLY F 355 -23.71 17.03 -18.88
CA GLY F 355 -22.69 16.32 -19.61
C GLY F 355 -21.29 16.82 -19.31
N LEU F 356 -21.13 18.13 -19.11
CA LEU F 356 -19.74 18.56 -18.94
C LEU F 356 -19.27 18.46 -17.50
N TYR F 357 -20.10 18.81 -16.53
CA TYR F 357 -19.74 18.77 -15.12
C TYR F 357 -20.84 18.11 -14.32
N PRO F 358 -20.98 16.79 -14.40
CA PRO F 358 -22.04 16.16 -13.63
C PRO F 358 -21.81 16.38 -12.16
N ALA F 359 -22.83 16.11 -11.38
CA ALA F 359 -22.74 16.09 -9.92
C ALA F 359 -22.41 17.46 -9.33
N ALA F 360 -22.35 18.50 -10.14
CA ALA F 360 -22.31 19.87 -9.67
C ALA F 360 -23.43 20.69 -10.26
N THR F 361 -23.78 20.46 -11.52
CA THR F 361 -24.94 21.11 -12.08
C THR F 361 -26.22 20.54 -11.50
N VAL F 362 -26.20 19.30 -11.02
CA VAL F 362 -27.36 18.85 -10.30
C VAL F 362 -27.48 19.62 -9.01
N SER F 363 -26.35 19.97 -8.41
CA SER F 363 -26.41 20.82 -7.24
C SER F 363 -26.89 22.21 -7.61
N ALA F 364 -26.42 22.74 -8.73
CA ALA F 364 -26.86 24.07 -9.13
C ALA F 364 -28.36 24.10 -9.42
N VAL F 365 -28.87 23.10 -10.12
CA VAL F 365 -30.28 23.10 -10.44
C VAL F 365 -31.11 22.83 -9.21
N VAL F 366 -30.58 22.04 -8.27
CA VAL F 366 -31.32 21.82 -7.04
C VAL F 366 -31.39 23.11 -6.26
N GLY F 367 -30.28 23.84 -6.18
CA GLY F 367 -30.31 25.10 -5.48
C GLY F 367 -31.23 26.10 -6.14
N MET F 368 -31.20 26.18 -7.46
CA MET F 368 -32.12 27.09 -8.14
C MET F 368 -33.56 26.72 -7.92
N SER F 369 -33.88 25.43 -7.99
CA SER F 369 -35.26 25.05 -7.77
C SER F 369 -35.68 25.33 -6.34
N LEU F 370 -34.79 25.10 -5.39
CA LEU F 370 -35.13 25.37 -4.00
C LEU F 370 -35.34 26.85 -3.78
N LEU F 371 -34.47 27.68 -4.35
CA LEU F 371 -34.64 29.13 -4.21
C LEU F 371 -35.93 29.57 -4.87
N ALA F 372 -36.25 29.01 -6.02
CA ALA F 372 -37.49 29.37 -6.70
C ALA F 372 -38.69 28.98 -5.84
N LEU F 373 -38.66 27.80 -5.25
CA LEU F 373 -39.79 27.39 -4.43
C LEU F 373 -39.89 28.26 -3.20
N ILE F 374 -38.76 28.65 -2.62
CA ILE F 374 -38.80 29.53 -1.46
C ILE F 374 -39.35 30.89 -1.84
N SER F 375 -38.95 31.43 -2.98
CA SER F 375 -39.51 32.72 -3.39
C SER F 375 -41.01 32.59 -3.69
N ILE F 376 -41.42 31.51 -4.33
CA ILE F 376 -42.84 31.31 -4.60
C ILE F 376 -43.62 31.22 -3.29
N PHE F 377 -43.14 30.40 -2.35
CA PHE F 377 -43.84 30.22 -1.09
C PHE F 377 -43.88 31.53 -0.33
N ALA F 378 -42.78 32.26 -0.31
CA ALA F 378 -42.72 33.52 0.43
C ALA F 378 -43.68 34.53 -0.18
N SER F 379 -43.68 34.64 -1.50
CA SER F 379 -44.57 35.58 -2.16
C SER F 379 -46.03 35.20 -1.98
N CYS F 380 -46.35 33.91 -2.09
CA CYS F 380 -47.72 33.49 -1.90
C CYS F 380 -48.16 33.74 -0.48
N TYR F 381 -47.29 33.51 0.49
CA TYR F 381 -47.67 33.77 1.88
C TYR F 381 -47.86 35.26 2.08
N MET F 382 -47.04 36.07 1.44
CA MET F 382 -47.24 37.51 1.50
C MET F 382 -48.61 37.88 0.95
N LEU F 383 -48.99 37.32 -0.18
CA LEU F 383 -50.29 37.66 -0.74
C LEU F 383 -51.43 37.21 0.15
N VAL F 384 -51.39 35.97 0.64
CA VAL F 384 -52.49 35.47 1.44
C VAL F 384 -52.54 36.21 2.76
N ALA F 385 -51.37 36.55 3.31
CA ALA F 385 -51.35 37.33 4.54
C ALA F 385 -51.94 38.71 4.30
N ALA F 386 -51.65 39.31 3.16
CA ALA F 386 -52.24 40.61 2.86
C ALA F 386 -53.75 40.52 2.77
N ARG F 387 -54.27 39.48 2.11
CA ARG F 387 -55.72 39.35 2.02
C ARG F 387 -56.31 39.15 3.39
N SER F 388 -55.71 38.30 4.20
CA SER F 388 -56.26 38.08 5.53
C SER F 388 -56.21 39.36 6.34
N LYS F 389 -55.14 40.12 6.22
CA LYS F 389 -55.01 41.31 7.04
C LYS F 389 -55.99 42.38 6.59
N CYS F 390 -56.25 42.48 5.30
CA CYS F 390 -57.26 43.42 4.84
C CYS F 390 -58.68 42.94 5.12
N LEU F 391 -58.89 41.64 5.23
CA LEU F 391 -60.23 41.13 5.46
C LEU F 391 -60.58 40.98 6.93
N THR F 392 -59.61 40.98 7.83
CA THR F 392 -59.98 40.80 9.23
C THR F 392 -60.82 41.99 9.70
N PRO F 393 -60.51 43.25 9.38
CA PRO F 393 -61.35 44.34 9.90
C PRO F 393 -62.76 44.33 9.35
N TYR F 394 -63.05 43.61 8.30
CA TYR F 394 -64.40 43.48 7.78
C TYR F 394 -65.06 42.21 8.25
N ALA F 395 -64.45 41.47 9.17
CA ALA F 395 -65.03 40.28 9.74
C ALA F 395 -65.38 40.45 11.20
N LEU F 396 -64.67 41.33 11.91
CA LEU F 396 -64.99 41.61 13.29
C LEU F 396 -66.05 42.70 13.48
N THR F 397 -66.57 43.30 12.40
CA THR F 397 -67.73 44.19 12.48
C THR F 397 -69.00 43.36 12.43
N PRO F 398 -69.94 43.52 13.36
CA PRO F 398 -71.18 42.74 13.25
C PRO F 398 -71.92 42.95 11.93
N GLY F 399 -71.88 44.14 11.39
CA GLY F 399 -72.56 44.38 10.14
C GLY F 399 -71.62 44.02 9.02
N ALA F 400 -71.84 42.85 8.41
CA ALA F 400 -70.88 42.26 7.50
C ALA F 400 -70.99 43.01 6.18
N ALA F 401 -70.28 44.13 6.12
CA ALA F 401 -70.34 45.00 4.95
C ALA F 401 -69.86 44.26 3.69
N VAL F 402 -68.60 43.82 3.70
CA VAL F 402 -67.94 43.11 2.61
C VAL F 402 -68.28 43.80 1.29
N PRO F 403 -67.77 45.00 1.04
CA PRO F 403 -68.10 45.69 -0.21
C PRO F 403 -67.67 44.85 -1.39
N TRP F 404 -68.49 44.83 -2.44
CA TRP F 404 -68.20 43.80 -3.43
C TRP F 404 -67.02 44.15 -4.32
N THR F 405 -66.46 45.36 -4.19
CA THR F 405 -65.17 45.59 -4.81
C THR F 405 -64.12 44.71 -4.17
N LEU F 406 -64.09 44.68 -2.85
CA LEU F 406 -63.19 43.76 -2.16
C LEU F 406 -63.72 42.34 -2.15
N GLY F 407 -65.01 42.15 -2.42
CA GLY F 407 -65.51 40.80 -2.55
C GLY F 407 -65.01 40.15 -3.82
N ILE F 408 -64.89 40.96 -4.87
CA ILE F 408 -64.39 40.43 -6.13
C ILE F 408 -62.88 40.36 -6.10
N LEU F 409 -62.22 41.39 -5.58
CA LEU F 409 -60.77 41.35 -5.51
C LEU F 409 -60.28 40.17 -4.69
N CYS F 410 -60.96 39.89 -3.58
CA CYS F 410 -60.69 38.74 -2.74
C CYS F 410 -62.00 38.03 -2.49
N CYS F 411 -62.06 36.73 -2.80
CA CYS F 411 -63.32 36.01 -2.69
C CYS F 411 -63.89 36.06 -1.27
N ALA F 412 -65.04 36.71 -1.12
CA ALA F 412 -65.66 36.91 0.18
C ALA F 412 -66.12 35.58 0.78
N PRO F 413 -66.03 35.42 2.11
CA PRO F 413 -66.56 34.18 2.71
C PRO F 413 -68.09 34.13 2.78
N ARG F 414 -68.78 35.25 2.61
CA ARG F 414 -70.25 35.31 2.64
C ARG F 414 -70.77 35.05 4.04
N ALA F 415 -72.10 35.05 4.21
CA ALA F 415 -72.72 34.77 5.50
C ALA F 415 -72.37 33.35 5.96
N MET G 3 59.88 3.77 -8.20
CA MET G 3 59.39 3.88 -6.84
C MET G 3 58.94 2.55 -6.24
N CYS G 4 59.41 1.45 -6.82
CA CYS G 4 59.11 0.10 -6.36
C CYS G 4 60.29 -0.42 -5.52
N VAL G 5 59.98 -1.00 -4.37
CA VAL G 5 60.97 -1.31 -3.34
C VAL G 5 61.24 -2.81 -3.35
N LEU G 6 62.45 -3.20 -3.75
CA LEU G 6 62.94 -4.57 -3.64
C LEU G 6 64.09 -4.60 -2.65
N ALA G 7 63.92 -5.32 -1.54
CA ALA G 7 64.96 -5.41 -0.51
C ALA G 7 65.31 -4.01 -0.03
N ASN G 8 66.36 -3.40 -0.61
CA ASN G 8 66.66 -1.99 -0.38
C ASN G 8 66.93 -1.26 -1.68
N ALA G 9 66.56 -1.84 -2.82
CA ALA G 9 66.97 -1.28 -4.09
C ALA G 9 66.35 0.09 -4.31
N THR G 10 65.03 0.20 -4.09
CA THR G 10 64.31 1.44 -4.37
C THR G 10 64.50 1.86 -5.83
N PHE G 11 64.51 0.87 -6.70
CA PHE G 11 64.70 1.12 -8.12
C PHE G 11 63.47 1.76 -8.75
N PRO G 12 63.64 2.57 -9.80
CA PRO G 12 62.46 3.02 -10.53
C PRO G 12 61.71 1.95 -11.33
N CYS G 13 60.38 1.99 -11.19
CA CYS G 13 59.57 0.86 -11.61
C CYS G 13 59.62 0.61 -13.11
N PHE G 14 60.04 1.61 -13.89
CA PHE G 14 60.11 1.44 -15.33
C PHE G 14 61.15 0.40 -15.71
N GLN G 15 62.34 0.47 -15.11
CA GLN G 15 63.54 -0.17 -15.63
C GLN G 15 63.98 -1.24 -14.63
N PRO G 16 63.73 -2.54 -14.89
CA PRO G 16 63.89 -3.53 -13.82
C PRO G 16 65.34 -3.70 -13.41
N PRO G 17 65.61 -4.03 -12.14
CA PRO G 17 67.00 -4.34 -11.77
C PRO G 17 67.55 -5.55 -12.48
N CYS G 18 66.68 -6.45 -12.93
CA CYS G 18 67.07 -7.68 -13.61
C CYS G 18 67.05 -7.53 -15.12
N VAL G 19 67.18 -6.31 -15.63
CA VAL G 19 66.92 -6.07 -17.05
C VAL G 19 67.99 -6.78 -17.87
N PRO G 20 67.64 -7.52 -18.94
CA PRO G 20 66.33 -7.88 -19.48
C PRO G 20 65.94 -9.26 -19.03
N CYS G 21 64.72 -9.70 -19.36
CA CYS G 21 64.27 -11.07 -19.13
C CYS G 21 64.38 -11.45 -17.66
N CYS G 22 63.66 -10.71 -16.83
CA CYS G 22 63.69 -10.95 -15.40
C CYS G 22 63.22 -12.36 -15.08
N TYR G 23 62.09 -12.76 -15.67
CA TYR G 23 61.52 -14.05 -15.32
C TYR G 23 62.43 -15.19 -15.75
N GLU G 24 63.13 -15.03 -16.87
CA GLU G 24 63.97 -16.13 -17.35
C GLU G 24 65.14 -16.40 -16.41
N ASN G 25 65.61 -15.40 -15.68
CA ASN G 25 66.74 -15.60 -14.79
C ASN G 25 66.34 -16.37 -13.53
N ASN G 26 65.40 -15.83 -12.75
CA ASN G 26 65.01 -16.46 -11.49
C ASN G 26 63.52 -16.22 -11.31
N ALA G 27 62.72 -17.26 -11.61
CA ALA G 27 61.27 -17.15 -11.49
C ALA G 27 60.86 -16.78 -10.07
N GLU G 28 61.31 -17.57 -9.09
CA GLU G 28 60.92 -17.35 -7.71
C GLU G 28 61.24 -15.94 -7.25
N ALA G 29 62.45 -15.48 -7.55
CA ALA G 29 62.85 -14.15 -7.14
C ALA G 29 61.98 -13.09 -7.79
N THR G 30 61.67 -13.27 -9.07
CA THR G 30 60.84 -12.30 -9.75
C THR G 30 59.45 -12.22 -9.14
N LEU G 31 58.86 -13.37 -8.86
CA LEU G 31 57.55 -13.35 -8.23
C LEU G 31 57.62 -12.66 -6.88
N ARG G 32 58.70 -12.89 -6.14
CA ARG G 32 58.88 -12.16 -4.88
C ARG G 32 58.97 -10.67 -5.13
N MET G 33 59.81 -10.27 -6.09
CA MET G 33 60.02 -8.86 -6.38
C MET G 33 58.71 -8.18 -6.71
N LEU G 34 57.89 -8.84 -7.53
CA LEU G 34 56.58 -8.30 -7.84
C LEU G 34 55.73 -8.25 -6.60
N GLU G 35 55.80 -9.31 -5.81
CA GLU G 35 54.94 -9.48 -4.65
C GLU G 35 55.16 -8.37 -3.65
N ASP G 36 56.43 -8.02 -3.42
CA ASP G 36 56.76 -7.03 -2.41
C ASP G 36 56.17 -5.66 -2.69
N ASN G 37 55.85 -5.36 -3.95
CA ASN G 37 55.42 -4.03 -4.35
C ASN G 37 53.95 -3.99 -4.75
N VAL G 38 53.14 -4.85 -4.13
CA VAL G 38 51.73 -4.95 -4.51
C VAL G 38 51.00 -3.63 -4.27
N ASP G 39 51.22 -3.02 -3.12
CA ASP G 39 50.49 -1.80 -2.77
C ASP G 39 51.05 -0.56 -3.43
N ARG G 40 52.24 -0.62 -4.00
CA ARG G 40 52.86 0.58 -4.55
C ARG G 40 52.01 1.08 -5.72
N PRO G 41 51.68 2.39 -5.79
CA PRO G 41 50.89 2.87 -6.94
C PRO G 41 51.49 2.58 -8.28
N GLY G 42 52.79 2.34 -8.36
CA GLY G 42 53.45 2.12 -9.62
C GLY G 42 53.60 0.68 -10.02
N TYR G 43 53.03 -0.25 -9.25
CA TYR G 43 53.19 -1.70 -9.46
C TYR G 43 53.09 -2.08 -10.92
N TYR G 44 52.16 -1.49 -11.66
CA TYR G 44 52.00 -2.06 -12.98
C TYR G 44 53.09 -1.61 -13.93
N ASP G 45 53.92 -0.65 -13.55
CA ASP G 45 55.16 -0.50 -14.30
C ASP G 45 56.08 -1.67 -14.03
N LEU G 46 55.96 -2.27 -12.86
CA LEU G 46 56.84 -3.38 -12.53
C LEU G 46 56.35 -4.64 -13.23
N LEU G 47 55.03 -4.80 -13.31
CA LEU G 47 54.51 -5.94 -14.05
C LEU G 47 54.65 -5.74 -15.53
N GLN G 48 54.63 -4.49 -15.99
CA GLN G 48 54.85 -4.26 -17.40
C GLN G 48 56.30 -4.54 -17.77
N ALA G 49 57.22 -4.29 -16.83
CA ALA G 49 58.61 -4.56 -17.13
C ALA G 49 59.00 -6.02 -16.92
N ALA G 50 58.34 -6.72 -16.02
CA ALA G 50 59.04 -7.84 -15.41
C ALA G 50 58.91 -9.11 -16.25
N LEU G 51 57.71 -9.42 -16.69
CA LEU G 51 57.50 -10.68 -17.41
C LEU G 51 58.01 -10.59 -18.84
N THR G 52 57.60 -9.54 -19.56
CA THR G 52 57.83 -9.50 -20.99
C THR G 52 59.29 -9.23 -21.30
N CYS G 53 59.83 -10.01 -22.23
CA CYS G 53 61.18 -9.82 -22.72
C CYS G 53 61.34 -10.61 -24.01
N ARG G 54 62.36 -10.24 -24.77
CA ARG G 54 62.65 -10.89 -26.05
C ARG G 54 63.54 -12.10 -25.85
N ILE H 1 -81.85 40.26 30.33
CA ILE H 1 -81.78 40.99 29.07
C ILE H 1 -80.36 41.46 28.85
N GLU H 2 -79.88 42.26 29.79
CA GLU H 2 -78.50 42.70 29.80
C GLU H 2 -77.57 41.76 30.54
N ASN H 3 -78.08 40.66 31.10
CA ASN H 3 -77.26 39.67 31.78
C ASN H 3 -77.05 38.37 31.02
N ASP H 4 -77.91 38.04 30.07
CA ASP H 4 -77.85 36.75 29.38
C ASP H 4 -77.09 36.80 28.05
N CYS H 5 -76.59 37.95 27.63
CA CYS H 5 -75.84 38.07 26.39
C CYS H 5 -74.33 38.03 26.58
N ILE H 6 -73.84 37.96 27.81
CA ILE H 6 -72.41 38.08 28.11
C ILE H 6 -71.96 36.76 28.72
N PHE H 7 -70.94 36.17 28.13
CA PHE H 7 -70.42 34.87 28.55
C PHE H 7 -69.07 35.04 29.21
N GLU H 8 -68.92 34.51 30.41
CA GLU H 8 -67.65 34.50 31.10
C GLU H 8 -66.68 33.62 30.34
N VAL H 9 -65.39 33.83 30.59
CA VAL H 9 -64.34 32.94 30.11
C VAL H 9 -63.46 32.55 31.29
N LYS H 10 -63.20 31.26 31.42
CA LYS H 10 -62.27 30.75 32.42
C LYS H 10 -60.89 30.58 31.80
N HIS H 11 -59.87 30.75 32.62
CA HIS H 11 -58.53 30.29 32.31
C HIS H 11 -58.09 29.45 33.51
N GLU H 12 -58.19 28.13 33.35
CA GLU H 12 -57.90 27.14 34.37
C GLU H 12 -58.45 27.49 35.75
N GLY H 13 -59.68 27.98 35.81
CA GLY H 13 -60.34 28.13 37.09
C GLY H 13 -60.43 29.53 37.65
N LYS H 14 -60.16 30.56 36.85
CA LYS H 14 -60.49 31.92 37.23
C LYS H 14 -61.22 32.58 36.08
N VAL H 15 -62.21 33.42 36.42
CA VAL H 15 -62.92 34.22 35.42
C VAL H 15 -61.95 35.28 34.93
N THR H 16 -61.54 35.16 33.68
CA THR H 16 -60.51 36.02 33.10
C THR H 16 -61.08 37.06 32.14
N GLY H 17 -62.27 37.57 32.45
CA GLY H 17 -62.93 38.52 31.59
C GLY H 17 -64.21 37.95 31.04
N TYR H 18 -64.45 38.07 29.75
CA TYR H 18 -65.79 37.86 29.22
C TYR H 18 -65.71 37.92 27.72
N ALA H 19 -66.82 37.59 27.08
CA ALA H 19 -67.00 37.73 25.66
C ALA H 19 -68.44 38.12 25.45
N CYS H 20 -68.69 38.89 24.41
CA CYS H 20 -70.02 39.39 24.13
C CYS H 20 -70.57 38.80 22.84
N LEU H 21 -71.81 38.36 22.91
CA LEU H 21 -72.53 37.81 21.78
C LEU H 21 -73.16 38.92 20.92
N VAL H 22 -72.33 39.86 20.49
CA VAL H 22 -72.87 41.04 19.82
C VAL H 22 -73.26 40.71 18.40
N GLY H 23 -74.52 40.96 18.07
CA GLY H 23 -74.94 41.06 16.70
C GLY H 23 -74.90 39.75 15.95
N ASP H 24 -74.01 39.67 14.96
CA ASP H 24 -73.72 38.44 14.25
C ASP H 24 -72.36 37.87 14.58
N LYS H 25 -71.56 38.57 15.37
CA LYS H 25 -70.15 38.26 15.59
C LYS H 25 -69.95 38.02 17.09
N VAL H 26 -69.94 36.76 17.52
CA VAL H 26 -69.37 36.50 18.84
C VAL H 26 -68.01 37.18 18.89
N MET H 27 -67.67 37.80 20.02
CA MET H 27 -66.36 38.44 20.09
C MET H 27 -65.83 38.46 21.51
N LYS H 28 -64.52 38.54 21.62
CA LYS H 28 -63.85 38.45 22.90
C LYS H 28 -62.51 39.13 22.79
N PRO H 29 -62.01 39.67 23.85
CA PRO H 29 -60.70 40.26 23.79
C PRO H 29 -59.48 39.36 23.70
N ALA H 30 -58.88 39.36 22.50
CA ALA H 30 -57.83 38.41 22.15
C ALA H 30 -56.65 38.42 23.10
N HIS H 31 -56.45 39.50 23.87
CA HIS H 31 -55.26 39.54 24.72
C HIS H 31 -55.32 38.51 25.82
N VAL H 32 -56.50 38.22 26.34
CA VAL H 32 -56.66 37.32 27.47
C VAL H 32 -57.08 35.96 26.94
N LYS H 33 -56.30 34.95 27.26
CA LYS H 33 -56.52 33.57 26.86
C LYS H 33 -57.48 32.90 27.85
N GLY H 34 -57.62 31.59 27.72
CA GLY H 34 -58.59 30.79 28.41
C GLY H 34 -59.49 30.09 27.42
N VAL H 35 -60.61 29.56 27.91
CA VAL H 35 -61.62 29.01 27.03
C VAL H 35 -62.97 29.57 27.46
N ILE H 36 -63.86 29.75 26.49
CA ILE H 36 -65.18 30.23 26.82
C ILE H 36 -65.88 29.14 27.61
N ASP H 37 -66.61 29.54 28.64
CA ASP H 37 -67.08 28.53 29.58
C ASP H 37 -68.19 27.72 28.96
N ASN H 38 -69.07 28.35 28.22
CA ASN H 38 -70.07 27.60 27.49
C ASN H 38 -69.31 26.81 26.45
N ALA H 39 -69.36 25.48 26.61
CA ALA H 39 -68.61 24.59 25.74
C ALA H 39 -69.01 24.79 24.29
N ASP H 40 -70.29 25.10 24.05
CA ASP H 40 -70.84 25.03 22.71
C ASP H 40 -70.17 26.00 21.74
N LEU H 41 -69.42 26.97 22.26
CA LEU H 41 -68.66 27.88 21.42
C LEU H 41 -67.18 27.53 21.33
N ALA H 42 -66.62 26.92 22.37
CA ALA H 42 -65.17 26.81 22.42
C ALA H 42 -64.65 25.90 21.33
N LYS H 43 -65.50 25.00 20.83
CA LYS H 43 -65.12 24.15 19.71
C LYS H 43 -65.03 24.96 18.42
N LEU H 44 -65.92 25.94 18.25
CA LEU H 44 -66.00 26.60 16.95
C LEU H 44 -64.81 27.52 16.74
N ALA H 45 -64.80 28.19 15.59
CA ALA H 45 -63.57 28.82 15.07
C ALA H 45 -63.40 30.24 15.57
N PHE H 46 -62.18 30.57 15.94
CA PHE H 46 -61.78 31.92 16.33
C PHE H 46 -60.91 32.54 15.25
N LYS H 47 -61.32 33.69 14.73
CA LYS H 47 -60.57 34.49 13.76
C LYS H 47 -59.97 35.74 14.41
N LYS H 48 -58.70 35.69 14.83
CA LYS H 48 -58.20 36.66 15.79
C LYS H 48 -57.17 37.58 15.17
N SER H 49 -57.01 38.76 15.79
CA SER H 49 -56.18 39.84 15.27
C SER H 49 -55.50 40.59 16.41
N SER H 50 -54.19 40.43 16.53
CA SER H 50 -53.45 41.05 17.62
C SER H 50 -53.43 42.56 17.51
N LYS H 51 -53.62 43.10 16.33
CA LYS H 51 -53.56 44.55 16.15
C LYS H 51 -54.83 45.19 16.65
N TYR H 52 -55.94 44.48 16.60
CA TYR H 52 -57.23 44.92 17.09
C TYR H 52 -57.70 44.18 18.34
N ASP H 53 -57.02 43.10 18.73
CA ASP H 53 -57.27 42.39 19.99
C ASP H 53 -58.72 41.96 20.12
N LEU H 54 -59.35 41.63 19.02
CA LEU H 54 -60.77 41.30 19.00
C LEU H 54 -60.90 39.96 18.28
N GLU H 55 -60.83 38.89 19.06
CA GLU H 55 -61.00 37.54 18.55
C GLU H 55 -62.48 37.26 18.40
N CYS H 56 -62.96 36.97 17.19
CA CYS H 56 -64.39 36.89 16.94
C CYS H 56 -64.75 35.57 16.29
N ALA H 57 -66.01 35.44 15.93
CA ALA H 57 -66.49 34.34 15.10
C ALA H 57 -67.91 34.61 14.65
N GLN H 58 -68.31 33.87 13.62
CA GLN H 58 -69.70 33.84 13.14
C GLN H 58 -70.61 33.10 14.12
N ILE H 59 -71.60 33.80 14.68
CA ILE H 59 -72.53 33.28 15.68
C ILE H 59 -73.08 31.90 15.36
N PRO H 60 -72.84 30.86 16.16
CA PRO H 60 -73.51 29.59 15.91
C PRO H 60 -75.02 29.77 15.83
N VAL H 61 -75.61 29.17 14.80
CA VAL H 61 -76.95 29.56 14.35
C VAL H 61 -78.01 29.40 15.42
N HIS H 62 -77.86 28.44 16.34
CA HIS H 62 -78.90 28.25 17.35
C HIS H 62 -79.12 29.51 18.20
N MET H 63 -78.04 30.20 18.56
CA MET H 63 -78.09 31.27 19.56
C MET H 63 -78.39 32.62 18.95
N ARG H 64 -79.03 32.66 17.79
CA ARG H 64 -79.18 33.91 17.08
C ARG H 64 -80.07 34.86 17.85
N SER H 65 -81.06 34.34 18.59
CA SER H 65 -81.92 35.21 19.36
C SER H 65 -81.14 35.99 20.41
N ASP H 66 -80.24 35.32 21.15
CA ASP H 66 -79.60 35.94 22.31
C ASP H 66 -78.43 36.83 21.88
N ALA H 67 -78.74 37.78 21.01
CA ALA H 67 -77.75 38.66 20.41
C ALA H 67 -78.21 40.08 20.54
N SER H 68 -77.35 40.94 21.04
CA SER H 68 -77.74 42.33 21.14
C SER H 68 -77.75 42.95 19.77
N LYS H 69 -78.51 44.02 19.63
CA LYS H 69 -78.45 44.80 18.41
C LYS H 69 -77.25 45.72 18.46
N TYR H 70 -76.61 45.88 17.32
CA TYR H 70 -75.42 46.70 17.15
C TYR H 70 -75.80 48.08 16.61
N THR H 71 -74.88 49.03 16.80
CA THR H 71 -75.10 50.40 16.35
C THR H 71 -73.80 50.99 15.83
N HIS H 72 -73.94 52.03 15.02
CA HIS H 72 -72.78 52.79 14.56
C HIS H 72 -72.75 54.22 15.05
N GLU H 73 -73.86 54.74 15.56
CA GLU H 73 -73.91 56.12 16.01
C GLU H 73 -73.41 56.20 17.44
N LYS H 74 -72.52 57.15 17.71
CA LYS H 74 -71.98 57.36 19.05
C LYS H 74 -72.26 58.81 19.48
N PRO H 75 -73.50 59.13 19.85
CA PRO H 75 -73.80 60.48 20.34
C PRO H 75 -73.01 60.82 21.58
N GLU H 76 -72.56 62.06 21.66
CA GLU H 76 -71.72 62.50 22.74
C GLU H 76 -72.54 62.45 24.02
N GLY H 77 -71.94 61.99 25.12
CA GLY H 77 -72.62 62.04 26.41
C GLY H 77 -72.39 60.92 27.40
N HIS H 78 -73.46 60.31 27.91
CA HIS H 78 -73.40 59.28 28.95
C HIS H 78 -73.98 57.98 28.44
N TYR H 79 -73.31 56.86 28.74
CA TYR H 79 -73.79 55.54 28.34
C TYR H 79 -73.65 54.59 29.51
N ASN H 80 -74.45 53.52 29.48
CA ASN H 80 -74.54 52.66 30.65
C ASN H 80 -73.49 51.59 30.59
N TRP H 81 -73.36 50.90 31.72
CA TRP H 81 -72.42 49.81 31.80
C TRP H 81 -72.89 48.91 32.93
N HIS H 82 -72.37 47.70 32.98
CA HIS H 82 -72.68 46.70 33.98
C HIS H 82 -71.79 46.86 35.23
N HIS H 83 -70.89 47.83 35.25
CA HIS H 83 -70.47 48.43 36.51
C HIS H 83 -70.72 49.94 36.47
N GLY H 84 -71.91 50.34 36.85
CA GLY H 84 -72.19 51.76 36.79
C GLY H 84 -72.32 52.22 35.36
N ALA H 85 -71.92 53.47 35.12
CA ALA H 85 -72.08 54.11 33.83
C ALA H 85 -70.74 54.65 33.38
N VAL H 86 -70.70 55.10 32.13
CA VAL H 86 -69.50 55.63 31.51
C VAL H 86 -69.87 56.95 30.88
N GLN H 87 -68.87 57.79 30.68
CA GLN H 87 -69.06 59.07 30.02
C GLN H 87 -68.24 59.05 28.74
N TYR H 88 -68.93 59.17 27.62
CA TYR H 88 -68.31 59.40 26.33
C TYR H 88 -68.16 60.90 26.22
N SER H 89 -67.00 61.39 26.67
CA SER H 89 -66.70 62.81 26.68
C SER H 89 -65.38 63.04 25.97
N GLY H 90 -65.36 64.08 25.14
CA GLY H 90 -64.19 64.46 24.37
C GLY H 90 -63.71 63.30 23.51
N GLY H 91 -64.65 62.54 22.96
CA GLY H 91 -64.27 61.47 22.07
C GLY H 91 -63.60 60.31 22.77
N ARG H 92 -63.55 60.31 24.10
CA ARG H 92 -62.93 59.25 24.87
C ARG H 92 -63.92 58.81 25.94
N PHE H 93 -63.63 57.68 26.56
CA PHE H 93 -64.49 57.14 27.62
C PHE H 93 -63.83 57.42 28.96
N THR H 94 -64.56 58.13 29.81
CA THR H 94 -64.11 58.59 31.12
C THR H 94 -64.96 57.89 32.16
N ILE H 95 -64.31 57.36 33.19
CA ILE H 95 -64.97 56.54 34.20
C ILE H 95 -64.56 56.92 35.62
N PRO H 96 -65.42 56.70 36.61
CA PRO H 96 -64.94 56.81 37.99
C PRO H 96 -63.82 55.83 38.23
N THR H 97 -62.80 56.30 38.91
CA THR H 97 -61.65 55.47 39.23
C THR H 97 -62.09 54.25 40.03
N GLY H 98 -61.45 53.12 39.77
CA GLY H 98 -61.64 51.92 40.55
C GLY H 98 -62.79 51.04 40.12
N ALA H 99 -63.94 51.62 39.79
CA ALA H 99 -65.14 50.81 39.62
C ALA H 99 -65.05 50.01 38.33
N GLY H 100 -64.70 48.74 38.48
CA GLY H 100 -64.22 47.94 37.37
C GLY H 100 -62.86 47.39 37.74
N LYS H 101 -62.70 46.09 37.71
CA LYS H 101 -61.49 45.44 38.15
C LYS H 101 -60.61 45.05 36.97
N PRO H 102 -59.31 44.81 37.19
CA PRO H 102 -58.43 44.47 36.07
C PRO H 102 -58.71 43.14 35.42
N GLY H 103 -59.72 42.40 35.85
CA GLY H 103 -60.03 41.10 35.30
C GLY H 103 -61.21 41.15 34.37
N ASP H 104 -61.97 42.25 34.40
CA ASP H 104 -63.31 42.34 33.85
C ASP H 104 -63.35 42.65 32.35
N SER H 105 -62.24 42.46 31.62
CA SER H 105 -62.04 43.04 30.29
C SER H 105 -63.18 42.97 29.28
N GLY H 106 -63.65 41.78 28.92
CA GLY H 106 -64.64 41.76 27.85
C GLY H 106 -66.04 42.17 28.24
N ARG H 107 -66.18 43.28 28.95
CA ARG H 107 -67.48 43.75 29.42
C ARG H 107 -68.10 44.65 28.36
N PRO H 108 -69.17 44.23 27.68
CA PRO H 108 -69.72 45.06 26.62
C PRO H 108 -70.32 46.35 27.14
N ILE H 109 -70.12 47.44 26.40
CA ILE H 109 -70.62 48.74 26.78
C ILE H 109 -71.92 49.00 26.05
N PHE H 110 -72.91 49.46 26.80
CA PHE H 110 -74.30 49.44 26.44
C PHE H 110 -74.83 50.85 26.54
N ASP H 111 -75.48 51.32 25.49
CA ASP H 111 -75.98 52.68 25.47
C ASP H 111 -77.28 52.82 26.25
N ASN H 112 -77.74 54.07 26.35
CA ASN H 112 -78.96 54.36 27.06
C ASN H 112 -80.15 53.69 26.41
N LYS H 113 -80.14 53.57 25.09
CA LYS H 113 -81.24 52.84 24.45
C LYS H 113 -81.09 51.34 24.62
N GLY H 114 -79.91 50.86 24.97
CA GLY H 114 -79.76 49.46 25.34
C GLY H 114 -79.37 48.58 24.18
N ARG H 115 -78.35 49.00 23.45
CA ARG H 115 -77.68 48.22 22.43
C ARG H 115 -76.19 48.36 22.68
N VAL H 116 -75.38 47.67 21.89
CA VAL H 116 -73.95 47.53 22.17
C VAL H 116 -73.17 48.49 21.31
N VAL H 117 -72.36 49.31 21.96
CA VAL H 117 -71.68 50.42 21.31
C VAL H 117 -70.18 50.40 21.56
N ALA H 118 -69.67 49.44 22.30
CA ALA H 118 -68.24 49.38 22.56
C ALA H 118 -67.93 48.10 23.31
N ILE H 119 -66.68 47.66 23.22
CA ILE H 119 -66.16 46.57 24.05
C ILE H 119 -64.88 47.09 24.67
N VAL H 120 -64.87 47.28 25.98
CA VAL H 120 -63.69 47.84 26.63
C VAL H 120 -62.53 46.86 26.54
N LEU H 121 -61.31 47.40 26.66
CA LEU H 121 -60.13 46.60 26.95
C LEU H 121 -59.48 46.93 28.29
N GLY H 122 -59.19 48.20 28.56
CA GLY H 122 -58.32 48.54 29.68
C GLY H 122 -58.55 49.91 30.27
N GLY H 123 -57.73 50.34 31.23
CA GLY H 123 -57.87 51.66 31.82
C GLY H 123 -56.53 52.33 32.06
N ALA H 124 -56.59 53.66 32.15
CA ALA H 124 -55.48 54.48 32.61
C ALA H 124 -55.93 55.34 33.77
N ASN H 125 -55.25 55.22 34.91
CA ASN H 125 -55.61 55.91 36.14
C ASN H 125 -54.76 57.17 36.35
N GLU H 126 -55.38 58.34 36.21
CA GLU H 126 -54.73 59.58 36.65
C GLU H 126 -55.83 60.58 36.95
N GLY H 127 -55.81 61.07 38.19
CA GLY H 127 -56.90 61.85 38.74
C GLY H 127 -58.05 60.96 39.14
N SER H 128 -59.15 61.62 39.53
CA SER H 128 -60.33 60.89 39.96
C SER H 128 -60.99 60.11 38.83
N ARG H 129 -60.62 60.37 37.58
CA ARG H 129 -61.30 59.82 36.43
C ARG H 129 -60.32 58.97 35.63
N THR H 130 -60.54 57.66 35.64
CA THR H 130 -59.76 56.74 34.82
C THR H 130 -60.27 56.77 33.39
N ALA H 131 -59.35 56.86 32.43
CA ALA H 131 -59.72 56.82 31.02
C ALA H 131 -59.81 55.36 30.58
N LEU H 132 -60.82 55.05 29.77
CA LEU H 132 -61.16 53.68 29.39
C LEU H 132 -60.68 53.40 27.98
N SER H 133 -59.72 52.49 27.83
CA SER H 133 -59.21 52.07 26.54
C SER H 133 -60.14 51.03 25.94
N VAL H 134 -60.81 51.42 24.86
CA VAL H 134 -61.99 50.71 24.39
C VAL H 134 -61.81 50.42 22.92
N VAL H 135 -62.45 49.36 22.44
CA VAL H 135 -62.58 49.11 21.02
C VAL H 135 -64.03 49.35 20.65
N THR H 136 -64.21 50.20 19.66
CA THR H 136 -65.47 50.80 19.28
C THR H 136 -65.64 50.52 17.82
N TRP H 137 -66.65 51.10 17.19
CA TRP H 137 -66.98 50.76 15.82
C TRP H 137 -67.40 52.05 15.13
N ASN H 138 -66.76 52.33 14.00
CA ASN H 138 -67.23 53.35 13.09
C ASN H 138 -68.15 52.64 12.12
N LYS H 139 -68.58 53.31 11.06
CA LYS H 139 -69.56 52.72 10.17
C LYS H 139 -69.10 51.37 9.64
N ASP H 140 -67.80 51.24 9.35
CA ASP H 140 -67.27 50.00 8.78
C ASP H 140 -65.96 49.52 9.40
N MET H 141 -65.42 50.26 10.35
CA MET H 141 -64.15 49.94 10.99
C MET H 141 -64.45 49.52 12.41
N VAL H 142 -63.79 48.47 12.87
CA VAL H 142 -63.67 48.27 14.30
C VAL H 142 -62.38 48.98 14.71
N THR H 143 -62.54 50.10 15.41
CA THR H 143 -61.45 51.01 15.71
C THR H 143 -61.10 50.97 17.18
N ARG H 144 -59.81 51.02 17.49
CA ARG H 144 -59.34 50.98 18.86
C ARG H 144 -58.98 52.39 19.29
N VAL H 145 -59.63 52.87 20.34
CA VAL H 145 -59.24 54.09 21.03
C VAL H 145 -58.42 53.67 22.24
N THR H 146 -57.14 54.04 22.24
CA THR H 146 -56.15 53.53 23.19
C THR H 146 -55.48 54.67 23.95
N PRO H 147 -56.17 55.28 24.89
CA PRO H 147 -55.60 56.43 25.58
C PRO H 147 -54.36 56.06 26.39
N GLU H 148 -53.49 57.04 26.51
CA GLU H 148 -52.13 56.95 27.03
C GLU H 148 -52.01 56.03 28.22
N GLY H 149 -51.06 55.10 28.14
CA GLY H 149 -50.71 54.20 29.23
C GLY H 149 -51.86 53.42 29.80
N SER H 150 -52.67 52.89 28.90
CA SER H 150 -53.74 51.98 29.29
C SER H 150 -53.13 50.65 29.69
N GLU H 151 -53.11 50.35 30.99
CA GLU H 151 -52.44 49.16 31.49
C GLU H 151 -53.46 48.04 31.39
N GLU H 152 -53.56 47.50 30.18
CA GLU H 152 -54.68 46.72 29.66
C GLU H 152 -55.24 45.74 30.68
N TRP H 153 -56.54 45.78 30.87
CA TRP H 153 -57.15 45.10 31.99
C TRP H 153 -57.39 43.65 31.63
N TYR I 1 12.60 -40.23 54.46
CA TYR I 1 11.54 -39.21 54.63
C TYR I 1 10.75 -39.10 53.36
N GLU I 2 9.45 -39.35 53.47
CA GLU I 2 8.55 -39.29 52.34
C GLU I 2 8.13 -37.86 52.08
N HIS I 3 8.34 -37.39 50.86
CA HIS I 3 7.98 -36.03 50.48
C HIS I 3 7.36 -36.06 49.10
N SER I 4 6.54 -35.06 48.81
CA SER I 4 5.72 -35.11 47.60
C SER I 4 5.53 -33.71 47.07
N THR I 5 5.99 -33.47 45.85
CA THR I 5 5.87 -32.19 45.18
C THR I 5 5.28 -32.41 43.81
N VAL I 6 5.05 -31.31 43.10
CA VAL I 6 4.69 -31.35 41.69
C VAL I 6 5.62 -30.41 40.96
N MET I 7 6.19 -30.87 39.84
CA MET I 7 7.06 -30.03 39.05
C MET I 7 6.43 -29.73 37.70
N PRO I 8 6.58 -28.52 37.17
CA PRO I 8 6.09 -28.27 35.82
C PRO I 8 6.77 -29.16 34.80
N ASN I 9 6.00 -29.62 33.83
CA ASN I 9 6.50 -30.49 32.78
C ASN I 9 6.98 -29.66 31.59
N VAL I 10 7.90 -28.76 31.87
CA VAL I 10 8.52 -27.92 30.85
C VAL I 10 10.00 -28.20 30.83
N VAL I 11 10.54 -28.48 29.65
CA VAL I 11 11.92 -28.86 29.55
C VAL I 11 12.80 -27.67 29.84
N GLY I 12 13.75 -27.84 30.76
CA GLY I 12 14.73 -26.85 31.08
C GLY I 12 14.44 -26.04 32.34
N PHE I 13 13.23 -26.04 32.82
CA PHE I 13 12.91 -25.30 34.02
C PHE I 13 13.61 -25.92 35.22
N PRO I 14 14.43 -25.20 35.97
CA PRO I 14 15.00 -25.77 37.19
C PRO I 14 13.99 -25.73 38.32
N TYR I 15 13.49 -26.89 38.73
CA TYR I 15 12.54 -26.93 39.83
C TYR I 15 13.29 -27.19 41.11
N LYS I 16 13.09 -26.31 42.08
CA LYS I 16 13.77 -26.34 43.37
C LYS I 16 12.80 -26.88 44.41
N ALA I 17 12.87 -28.17 44.71
CA ALA I 17 12.01 -28.76 45.71
C ALA I 17 12.65 -28.59 47.08
N HIS I 18 11.94 -27.96 47.99
CA HIS I 18 12.42 -27.66 49.32
C HIS I 18 11.97 -28.74 50.27
N ILE I 19 12.91 -29.38 50.95
CA ILE I 19 12.62 -30.49 51.85
C ILE I 19 13.03 -30.04 53.25
N GLU I 20 12.05 -29.96 54.13
CA GLU I 20 12.19 -29.43 55.48
C GLU I 20 11.85 -30.54 56.46
N ARG I 21 12.86 -31.32 56.84
CA ARG I 21 12.72 -32.25 57.93
C ARG I 21 13.08 -31.52 59.21
N PRO I 22 12.19 -31.39 60.18
CA PRO I 22 12.59 -30.74 61.42
C PRO I 22 13.75 -31.48 62.06
N GLY I 23 14.65 -30.72 62.65
CA GLY I 23 15.83 -31.32 63.20
C GLY I 23 16.94 -31.57 62.23
N TYR I 24 16.81 -31.12 61.00
CA TYR I 24 17.89 -31.22 60.03
C TYR I 24 17.93 -29.95 59.21
N SER I 25 19.08 -29.64 58.66
CA SER I 25 19.18 -28.46 57.83
C SER I 25 18.37 -28.69 56.58
N PRO I 26 17.53 -27.76 56.15
CA PRO I 26 16.72 -28.01 54.97
C PRO I 26 17.57 -28.32 53.76
N LEU I 27 17.08 -29.20 52.91
CA LEU I 27 17.79 -29.60 51.70
C LEU I 27 16.97 -29.20 50.49
N THR I 28 17.63 -28.59 49.53
CA THR I 28 16.99 -28.20 48.28
C THR I 28 17.41 -29.18 47.19
N LEU I 29 16.44 -29.84 46.60
CA LEU I 29 16.66 -30.82 45.55
C LEU I 29 16.26 -30.14 44.26
N GLN I 30 17.22 -29.89 43.39
CA GLN I 30 16.94 -29.23 42.13
C GLN I 30 16.89 -30.28 41.06
N MET I 31 15.74 -30.39 40.42
CA MET I 31 15.52 -31.37 39.38
C MET I 31 14.98 -30.66 38.16
N GLN I 32 15.43 -31.09 36.98
CA GLN I 32 14.89 -30.53 35.75
C GLN I 32 14.84 -31.60 34.69
N VAL I 33 13.82 -31.55 33.86
CA VAL I 33 13.61 -32.58 32.84
C VAL I 33 14.39 -32.21 31.60
N VAL I 34 15.39 -33.02 31.25
CA VAL I 34 16.20 -32.69 30.10
C VAL I 34 15.53 -33.09 28.81
N GLU I 35 14.73 -34.15 28.81
CA GLU I 35 13.92 -34.47 27.66
C GLU I 35 12.84 -35.43 28.08
N THR I 36 11.69 -35.32 27.43
CA THR I 36 10.53 -36.13 27.74
C THR I 36 10.01 -36.69 26.44
N SER I 37 9.58 -37.94 26.47
CA SER I 37 9.07 -38.65 25.31
C SER I 37 7.74 -39.26 25.64
N LEU I 38 6.80 -39.12 24.72
CA LEU I 38 5.43 -39.61 24.88
C LEU I 38 5.15 -40.59 23.75
N GLU I 39 5.26 -41.87 24.02
CA GLU I 39 5.17 -42.88 22.98
C GLU I 39 3.79 -43.50 23.03
N PRO I 40 2.95 -43.34 22.01
CA PRO I 40 1.65 -44.00 22.06
C PRO I 40 1.75 -45.46 21.65
N THR I 41 0.77 -46.22 22.11
CA THR I 41 0.65 -47.61 21.70
C THR I 41 0.24 -47.71 20.24
N LEU I 42 0.69 -48.78 19.59
CA LEU I 42 0.46 -48.98 18.16
C LEU I 42 -0.33 -50.25 17.90
N ASN I 43 -1.00 -50.29 16.74
CA ASN I 43 -1.76 -51.46 16.31
C ASN I 43 -1.45 -51.93 14.90
N LEU I 44 -0.97 -51.09 14.01
CA LEU I 44 -0.53 -51.50 12.67
C LEU I 44 -1.65 -52.18 11.88
N GLU I 45 -2.70 -51.41 11.62
CA GLU I 45 -3.85 -51.95 10.91
C GLU I 45 -3.49 -52.36 9.50
N TYR I 46 -2.85 -51.47 8.73
CA TYR I 46 -2.39 -51.88 7.41
C TYR I 46 -1.35 -50.91 6.89
N ILE I 47 -0.84 -51.22 5.69
CA ILE I 47 0.17 -50.42 5.03
C ILE I 47 -0.28 -50.17 3.61
N THR I 48 0.33 -49.18 2.98
CA THR I 48 -0.02 -48.77 1.63
C THR I 48 1.25 -48.40 0.91
N CYS I 49 1.43 -48.92 -0.28
CA CYS I 49 2.64 -48.65 -1.03
C CYS I 49 2.30 -48.39 -2.49
N GLU I 50 3.27 -47.83 -3.18
CA GLU I 50 3.23 -47.72 -4.63
C GLU I 50 2.95 -49.09 -5.22
N TYR I 51 2.08 -49.16 -6.23
CA TYR I 51 1.68 -50.45 -6.77
C TYR I 51 2.25 -50.63 -8.16
N LYS I 52 2.38 -51.88 -8.54
CA LYS I 52 2.84 -52.26 -9.85
C LYS I 52 1.68 -52.90 -10.58
N THR I 53 1.36 -52.37 -11.74
CA THR I 53 0.28 -52.89 -12.55
C THR I 53 0.92 -53.84 -13.53
N VAL I 54 0.99 -55.09 -13.13
CA VAL I 54 1.56 -56.10 -14.01
C VAL I 54 0.48 -56.58 -14.94
N VAL I 55 0.76 -56.50 -16.23
CA VAL I 55 -0.07 -57.11 -17.26
C VAL I 55 0.83 -58.06 -18.04
N PRO I 56 0.48 -59.33 -18.18
CA PRO I 56 1.33 -60.22 -18.95
C PRO I 56 1.18 -59.97 -20.41
N SER I 57 1.85 -60.75 -21.19
CA SER I 57 1.74 -60.58 -22.62
C SER I 57 0.46 -61.26 -23.10
N PRO I 58 -0.35 -60.62 -23.93
CA PRO I 58 -1.65 -61.19 -24.26
C PRO I 58 -1.52 -62.52 -24.97
N TYR I 59 -2.59 -63.30 -24.92
CA TYR I 59 -2.69 -64.53 -25.71
C TYR I 59 -3.63 -64.23 -26.85
N VAL I 60 -3.08 -63.95 -28.02
CA VAL I 60 -3.89 -63.78 -29.22
C VAL I 60 -3.79 -65.10 -29.98
N LYS I 61 -4.82 -65.92 -29.80
CA LYS I 61 -4.89 -67.26 -30.33
C LYS I 61 -5.46 -67.25 -31.73
N CYS I 62 -4.90 -68.11 -32.57
CA CYS I 62 -5.27 -68.28 -33.96
C CYS I 62 -6.55 -69.11 -34.08
N CYS I 63 -7.69 -68.43 -34.10
CA CYS I 63 -8.98 -69.02 -34.44
C CYS I 63 -9.35 -70.20 -33.55
N GLY I 64 -9.47 -69.87 -32.26
CA GLY I 64 -10.05 -70.77 -31.29
C GLY I 64 -10.52 -70.06 -30.04
N ALA I 65 -11.73 -70.39 -29.62
CA ALA I 65 -12.37 -69.71 -28.49
C ALA I 65 -11.65 -70.05 -27.20
N SER I 66 -11.18 -69.02 -26.51
CA SER I 66 -10.43 -69.14 -25.26
C SER I 66 -11.05 -68.24 -24.21
N GLU I 67 -11.17 -68.76 -22.99
CA GLU I 67 -11.87 -68.05 -21.92
C GLU I 67 -11.18 -68.39 -20.61
N CYS I 68 -10.81 -67.36 -19.86
CA CYS I 68 -9.91 -67.52 -18.72
C CYS I 68 -10.70 -67.49 -17.43
N SER I 69 -10.27 -68.29 -16.47
CA SER I 69 -10.95 -68.41 -15.20
C SER I 69 -10.39 -67.39 -14.22
N THR I 70 -11.29 -66.75 -13.49
CA THR I 70 -10.88 -65.69 -12.57
C THR I 70 -10.19 -66.31 -11.37
N LYS I 71 -8.87 -66.25 -11.33
CA LYS I 71 -8.14 -66.71 -10.16
C LYS I 71 -7.99 -65.58 -9.15
N GLU I 72 -7.87 -65.96 -7.88
CA GLU I 72 -7.90 -65.03 -6.77
C GLU I 72 -6.55 -64.33 -6.69
N LYS I 73 -6.39 -63.31 -7.51
CA LYS I 73 -5.24 -62.43 -7.49
C LYS I 73 -5.74 -61.00 -7.47
N PRO I 74 -4.97 -60.08 -6.91
CA PRO I 74 -5.56 -58.81 -6.47
C PRO I 74 -6.06 -57.97 -7.63
N ASP I 75 -7.35 -57.66 -7.60
CA ASP I 75 -8.01 -56.86 -8.62
C ASP I 75 -7.77 -57.42 -10.01
N TYR I 76 -7.81 -58.73 -10.10
CA TYR I 76 -7.76 -59.42 -11.38
C TYR I 76 -8.82 -58.94 -12.33
N GLN I 77 -8.42 -58.59 -13.54
CA GLN I 77 -9.35 -58.34 -14.63
C GLN I 77 -8.89 -59.06 -15.88
N CYS I 78 -9.66 -60.08 -16.27
CA CYS I 78 -9.38 -61.01 -17.35
C CYS I 78 -10.54 -60.97 -18.32
N LYS I 79 -10.23 -60.76 -19.60
CA LYS I 79 -11.30 -60.54 -20.56
C LYS I 79 -10.88 -61.07 -21.93
N VAL I 80 -11.87 -61.48 -22.70
CA VAL I 80 -11.69 -62.13 -23.99
C VAL I 80 -12.32 -61.25 -25.04
N TYR I 81 -11.59 -61.02 -26.13
CA TYR I 81 -12.01 -60.14 -27.20
C TYR I 81 -11.99 -60.90 -28.50
N THR I 82 -13.01 -60.66 -29.31
CA THR I 82 -13.27 -61.43 -30.51
C THR I 82 -12.96 -60.58 -31.71
N GLY I 83 -12.30 -61.17 -32.69
CA GLY I 83 -12.07 -60.45 -33.93
C GLY I 83 -10.80 -59.64 -33.96
N VAL I 84 -9.86 -59.94 -33.11
CA VAL I 84 -8.58 -59.25 -33.19
C VAL I 84 -7.81 -59.81 -34.37
N TYR I 85 -6.96 -58.98 -34.95
CA TYR I 85 -6.09 -59.37 -36.05
C TYR I 85 -4.73 -58.77 -35.76
N PRO I 86 -3.99 -59.34 -34.82
CA PRO I 86 -2.69 -58.78 -34.48
C PRO I 86 -1.77 -58.77 -35.68
N PHE I 87 -0.94 -57.74 -35.74
CA PHE I 87 0.03 -57.55 -36.80
C PHE I 87 1.37 -57.30 -36.13
N MET I 88 2.34 -58.16 -36.38
CA MET I 88 3.69 -57.91 -35.91
C MET I 88 4.59 -57.60 -37.09
N TRP I 89 5.80 -57.17 -36.75
CA TRP I 89 6.70 -56.49 -37.67
C TRP I 89 6.79 -57.13 -39.05
N GLY I 90 7.03 -58.43 -39.10
CA GLY I 90 7.10 -59.11 -40.38
C GLY I 90 5.76 -59.16 -41.08
N GLY I 91 4.68 -59.39 -40.33
CA GLY I 91 3.37 -59.46 -40.94
C GLY I 91 2.32 -59.94 -39.97
N ALA I 92 1.19 -60.35 -40.53
CA ALA I 92 0.06 -60.81 -39.74
C ALA I 92 0.43 -61.99 -38.88
N TYR I 93 -0.16 -62.05 -37.68
CA TYR I 93 0.23 -63.09 -36.74
C TYR I 93 -0.33 -64.44 -37.15
N CYS I 94 -1.63 -64.50 -37.45
CA CYS I 94 -2.30 -65.75 -37.78
C CYS I 94 -3.02 -65.60 -39.10
N PHE I 95 -2.85 -66.60 -39.99
CA PHE I 95 -3.41 -66.49 -41.33
C PHE I 95 -4.93 -66.41 -41.28
N CYS I 96 -5.55 -67.20 -40.42
CA CYS I 96 -7.00 -67.26 -40.40
C CYS I 96 -7.59 -65.91 -40.02
N ASP I 97 -8.61 -65.49 -40.76
CA ASP I 97 -8.82 -64.06 -40.96
C ASP I 97 -9.51 -63.38 -39.78
N SER I 98 -10.71 -63.81 -39.42
CA SER I 98 -11.54 -63.05 -38.51
C SER I 98 -11.73 -63.71 -37.15
N GLU I 99 -11.40 -64.98 -37.01
CA GLU I 99 -11.76 -65.70 -35.79
C GLU I 99 -10.68 -65.66 -34.72
N ASN I 100 -9.59 -64.94 -34.94
CA ASN I 100 -8.58 -64.81 -33.90
C ASN I 100 -9.20 -64.20 -32.65
N THR I 101 -8.80 -64.70 -31.49
CA THR I 101 -9.30 -64.23 -30.21
C THR I 101 -8.16 -63.72 -29.36
N GLN I 102 -8.37 -62.61 -28.67
CA GLN I 102 -7.39 -62.04 -27.77
C GLN I 102 -7.83 -62.27 -26.34
N LEU I 103 -6.91 -62.72 -25.51
CA LEU I 103 -7.17 -62.89 -24.09
C LEU I 103 -6.20 -61.98 -23.38
N SER I 104 -6.77 -61.03 -22.65
CA SER I 104 -6.03 -60.00 -21.96
C SER I 104 -6.20 -60.16 -20.46
N GLU I 105 -5.07 -60.13 -19.78
CA GLU I 105 -4.95 -60.43 -18.36
C GLU I 105 -4.40 -59.18 -17.68
N ALA I 106 -4.88 -58.84 -16.48
CA ALA I 106 -4.30 -57.70 -15.79
C ALA I 106 -4.45 -57.85 -14.28
N TYR I 107 -3.36 -57.63 -13.54
CA TYR I 107 -3.45 -57.67 -12.09
C TYR I 107 -2.40 -56.77 -11.47
N VAL I 108 -2.61 -56.45 -10.20
CA VAL I 108 -1.84 -55.46 -9.48
C VAL I 108 -1.19 -56.11 -8.28
N ASP I 109 0.08 -55.79 -8.05
CA ASP I 109 0.78 -56.27 -6.86
C ASP I 109 1.53 -55.12 -6.20
N ARG I 110 2.07 -55.41 -5.02
CA ARG I 110 2.87 -54.44 -4.30
C ARG I 110 4.15 -54.15 -5.06
N SER I 111 4.63 -52.93 -4.96
CA SER I 111 5.80 -52.58 -5.74
C SER I 111 7.05 -53.26 -5.19
N ASP I 112 8.08 -53.30 -6.01
CA ASP I 112 9.34 -53.84 -5.57
C ASP I 112 10.03 -53.01 -4.50
N VAL I 113 9.56 -51.80 -4.25
CA VAL I 113 10.11 -50.94 -3.22
C VAL I 113 9.19 -50.84 -2.03
N CYS I 114 8.15 -51.68 -1.97
CA CYS I 114 7.16 -51.55 -0.91
C CYS I 114 7.79 -51.72 0.46
N ARG I 115 8.82 -52.57 0.56
CA ARG I 115 9.44 -52.77 1.86
C ARG I 115 10.06 -51.49 2.38
N HIS I 116 10.59 -50.65 1.49
CA HIS I 116 11.29 -49.47 1.92
C HIS I 116 10.39 -48.26 2.05
N ASP I 117 9.55 -48.03 1.05
CA ASP I 117 8.68 -46.85 1.02
C ASP I 117 7.28 -47.39 1.24
N HIS I 118 6.71 -47.04 2.37
CA HIS I 118 5.33 -47.42 2.65
C HIS I 118 4.85 -46.59 3.82
N ALA I 119 3.66 -46.06 3.71
CA ALA I 119 3.05 -45.36 4.83
C ALA I 119 2.17 -46.36 5.55
N SER I 120 2.39 -46.50 6.84
CA SER I 120 1.73 -47.53 7.63
C SER I 120 0.75 -46.87 8.57
N ALA I 121 -0.46 -47.42 8.63
CA ALA I 121 -1.55 -46.88 9.42
C ALA I 121 -1.60 -47.56 10.77
N TYR I 122 -2.02 -46.81 11.77
CA TYR I 122 -2.12 -47.32 13.13
C TYR I 122 -3.33 -46.73 13.81
N LYS I 123 -3.72 -47.36 14.90
CA LYS I 123 -4.57 -46.74 15.90
C LYS I 123 -3.78 -46.61 17.18
N ALA I 124 -3.97 -45.49 17.87
CA ALA I 124 -3.19 -45.14 19.03
C ALA I 124 -4.10 -44.90 20.22
N HIS I 125 -3.76 -45.51 21.34
CA HIS I 125 -4.46 -45.24 22.57
C HIS I 125 -3.45 -45.30 23.70
N THR I 126 -3.88 -44.81 24.86
CA THR I 126 -2.99 -44.51 25.97
C THR I 126 -1.79 -43.68 25.51
N ALA I 127 -0.86 -43.42 26.42
CA ALA I 127 0.46 -42.94 26.04
C ALA I 127 1.36 -43.15 27.22
N SER I 128 2.48 -43.80 27.03
CA SER I 128 3.44 -44.00 28.10
C SER I 128 4.46 -42.90 27.99
N LEU I 129 4.45 -41.97 28.95
CA LEU I 129 5.47 -40.94 28.95
C LEU I 129 6.74 -41.50 29.55
N LYS I 130 7.86 -41.24 28.89
CA LYS I 130 9.17 -41.68 29.33
C LYS I 130 10.09 -40.48 29.28
N ALA I 131 10.68 -40.12 30.41
CA ALA I 131 11.45 -38.89 30.51
C ALA I 131 12.86 -39.18 30.96
N LYS I 132 13.69 -38.14 30.85
CA LYS I 132 15.01 -38.07 31.45
C LYS I 132 15.00 -36.91 32.40
N VAL I 133 15.29 -37.17 33.66
CA VAL I 133 15.26 -36.15 34.69
C VAL I 133 16.65 -36.06 35.27
N ARG I 134 17.19 -34.86 35.32
CA ARG I 134 18.49 -34.59 35.90
C ARG I 134 18.22 -34.07 37.30
N VAL I 135 18.71 -34.79 38.28
CA VAL I 135 18.52 -34.48 39.68
C VAL I 135 19.85 -34.00 40.21
N MET I 136 19.79 -33.11 41.18
CA MET I 136 20.99 -32.48 41.70
C MET I 136 20.72 -32.05 43.12
N TYR I 137 21.57 -32.51 44.03
CA TYR I 137 21.43 -32.16 45.43
C TYR I 137 22.70 -32.56 46.13
N GLY I 138 23.13 -31.74 47.06
CA GLY I 138 24.39 -31.98 47.73
C GLY I 138 25.51 -32.06 46.72
N ASN I 139 26.16 -33.23 46.66
CA ASN I 139 27.21 -33.50 45.70
C ASN I 139 26.81 -34.52 44.65
N VAL I 140 25.53 -34.83 44.52
CA VAL I 140 25.03 -35.82 43.58
C VAL I 140 24.39 -35.07 42.43
N ASN I 141 24.79 -35.41 41.21
CA ASN I 141 24.29 -34.74 40.01
C ASN I 141 24.23 -35.79 38.92
N GLN I 142 23.02 -36.30 38.65
CA GLN I 142 22.87 -37.44 37.74
C GLN I 142 21.59 -37.32 36.95
N THR I 143 21.63 -37.81 35.72
CA THR I 143 20.46 -37.87 34.86
C THR I 143 20.01 -39.31 34.71
N VAL I 144 18.73 -39.56 34.94
CA VAL I 144 18.18 -40.90 34.96
C VAL I 144 16.96 -40.96 34.07
N ASP I 145 16.69 -42.15 33.54
CA ASP I 145 15.53 -42.38 32.70
C ASP I 145 14.39 -42.91 33.56
N VAL I 146 13.23 -42.30 33.46
CA VAL I 146 12.09 -42.62 34.29
C VAL I 146 10.86 -42.75 33.42
N TYR I 147 10.15 -43.86 33.55
CA TYR I 147 8.83 -43.99 32.97
C TYR I 147 7.89 -43.22 33.86
N VAL I 148 7.39 -42.09 33.38
CA VAL I 148 6.62 -41.20 34.24
C VAL I 148 5.23 -41.78 34.36
N ASN I 149 5.00 -42.46 35.46
CA ASN I 149 3.74 -43.05 35.86
C ASN I 149 4.04 -43.60 37.23
N GLY I 150 3.02 -43.93 37.98
CA GLY I 150 3.25 -44.23 39.38
C GLY I 150 4.08 -45.46 39.68
N ASP I 151 4.62 -46.13 38.67
CA ASP I 151 5.28 -47.41 38.81
C ASP I 151 6.79 -47.28 38.94
N HIS I 152 7.44 -46.62 38.01
CA HIS I 152 8.89 -46.75 37.96
C HIS I 152 9.51 -45.90 39.04
N ALA I 153 10.44 -46.51 39.76
CA ALA I 153 11.17 -45.89 40.84
C ALA I 153 12.62 -45.87 40.44
N VAL I 154 13.31 -44.77 40.73
CA VAL I 154 14.71 -44.62 40.37
C VAL I 154 15.48 -44.19 41.59
N THR I 155 16.58 -44.87 41.88
CA THR I 155 17.40 -44.57 43.03
C THR I 155 18.62 -43.80 42.58
N ILE I 156 18.85 -42.66 43.19
CA ILE I 156 19.89 -41.71 42.85
C ILE I 156 20.54 -41.27 44.15
N GLY I 157 21.71 -41.82 44.43
CA GLY I 157 22.45 -41.39 45.59
C GLY I 157 21.72 -41.74 46.86
N GLY I 158 21.06 -42.87 46.88
CA GLY I 158 20.36 -43.33 48.04
C GLY I 158 18.94 -42.86 48.14
N THR I 159 18.56 -41.83 47.39
CA THR I 159 17.20 -41.34 47.42
C THR I 159 16.39 -42.01 46.32
N GLN I 160 15.14 -42.33 46.62
CA GLN I 160 14.28 -43.07 45.71
C GLN I 160 13.18 -42.14 45.24
N PHE I 161 13.04 -42.00 43.93
CA PHE I 161 12.11 -41.08 43.29
C PHE I 161 11.08 -41.88 42.53
N ILE I 162 9.80 -41.56 42.73
CA ILE I 162 8.71 -42.07 41.91
C ILE I 162 8.13 -40.85 41.22
N PHE I 163 8.09 -40.86 39.90
CA PHE I 163 7.52 -39.76 39.14
C PHE I 163 6.12 -40.13 38.68
N GLY I 164 5.13 -39.46 39.25
CA GLY I 164 3.76 -39.88 39.14
C GLY I 164 3.15 -39.55 37.82
N PRO I 165 1.91 -39.99 37.62
CA PRO I 165 1.28 -39.79 36.32
C PRO I 165 1.01 -38.33 36.04
N LEU I 166 1.03 -37.97 34.77
CA LEU I 166 0.80 -36.59 34.38
C LEU I 166 -0.58 -36.12 34.80
N SER I 167 -0.66 -34.85 35.17
CA SER I 167 -1.93 -34.29 35.61
C SER I 167 -2.97 -34.25 34.51
N SER I 168 -2.56 -34.29 33.26
CA SER I 168 -3.46 -34.15 32.12
C SER I 168 -3.19 -35.26 31.14
N ALA I 169 -4.22 -35.96 30.72
CA ALA I 169 -4.08 -37.14 29.88
C ALA I 169 -4.02 -36.79 28.42
N TRP I 170 -3.71 -35.54 28.10
CA TRP I 170 -3.69 -35.08 26.73
C TRP I 170 -2.59 -35.79 25.95
N THR I 171 -2.87 -36.09 24.70
CA THR I 171 -1.91 -36.65 23.77
C THR I 171 -2.01 -35.92 22.46
N PRO I 172 -0.91 -35.75 21.73
CA PRO I 172 -1.02 -35.06 20.45
C PRO I 172 -1.59 -35.91 19.36
N PHE I 173 -1.55 -37.24 19.51
CA PHE I 173 -2.00 -38.13 18.46
C PHE I 173 -3.46 -38.49 18.68
N ASP I 174 -4.27 -38.34 17.65
CA ASP I 174 -5.68 -38.67 17.73
C ASP I 174 -5.80 -40.17 17.55
N ASN I 175 -7.03 -40.67 17.40
CA ASN I 175 -7.23 -42.11 17.42
C ASN I 175 -6.55 -42.79 16.23
N LYS I 176 -6.63 -42.18 15.06
CA LYS I 176 -6.19 -42.78 13.81
C LYS I 176 -4.97 -42.04 13.31
N ILE I 177 -3.89 -42.76 13.03
CA ILE I 177 -2.61 -42.16 12.65
C ILE I 177 -2.09 -42.87 11.42
N VAL I 178 -1.32 -42.16 10.62
CA VAL I 178 -0.57 -42.74 9.53
C VAL I 178 0.84 -42.22 9.65
N VAL I 179 1.82 -43.06 9.31
CA VAL I 179 3.21 -42.71 9.49
C VAL I 179 3.92 -43.00 8.19
N TYR I 180 4.57 -42.00 7.65
CA TYR I 180 5.53 -42.06 6.57
C TYR I 180 6.90 -41.99 7.19
N LYS I 181 7.94 -41.92 6.36
CA LYS I 181 9.30 -42.19 6.76
C LYS I 181 9.72 -41.41 7.99
N ASP I 182 9.36 -40.14 8.05
CA ASP I 182 9.81 -39.26 9.12
C ASP I 182 8.66 -38.56 9.82
N GLU I 183 7.58 -38.30 9.12
CA GLU I 183 6.51 -37.47 9.64
C GLU I 183 5.29 -38.32 9.90
N VAL I 184 4.40 -37.79 10.72
CA VAL I 184 3.19 -38.46 11.13
C VAL I 184 2.02 -37.56 10.80
N PHE I 185 0.89 -38.18 10.50
CA PHE I 185 -0.32 -37.45 10.21
C PHE I 185 -1.44 -38.12 10.96
N ASN I 186 -2.48 -37.36 11.25
CA ASN I 186 -3.68 -37.89 11.88
C ASN I 186 -4.84 -37.70 10.92
N GLN I 187 -5.32 -38.81 10.37
CA GLN I 187 -6.40 -38.78 9.42
C GLN I 187 -7.19 -40.07 9.49
N ASP I 188 -8.48 -39.98 9.19
CA ASP I 188 -9.36 -41.13 9.28
C ASP I 188 -9.14 -41.99 8.05
N PHE I 189 -8.13 -42.82 8.11
CA PHE I 189 -7.86 -43.69 6.99
C PHE I 189 -8.98 -44.70 6.84
N PRO I 190 -9.30 -45.12 5.61
CA PRO I 190 -10.37 -46.09 5.43
C PRO I 190 -10.02 -47.41 6.09
N PRO I 191 -10.99 -48.11 6.68
CA PRO I 191 -10.72 -49.46 7.19
C PRO I 191 -10.30 -50.41 6.09
N TYR I 192 -9.71 -51.52 6.48
CA TYR I 192 -9.30 -52.54 5.53
C TYR I 192 -10.53 -53.02 4.78
N GLY I 193 -10.40 -53.14 3.47
CA GLY I 193 -11.45 -53.63 2.63
C GLY I 193 -12.44 -52.59 2.19
N SER I 194 -12.24 -51.35 2.56
CA SER I 194 -13.13 -50.27 2.18
C SER I 194 -12.34 -49.11 1.64
N GLY I 195 -11.28 -49.40 0.89
CA GLY I 195 -10.53 -48.34 0.27
C GLY I 195 -11.09 -48.00 -1.09
N GLN I 196 -11.42 -46.77 -1.29
CA GLN I 196 -11.88 -46.29 -2.58
C GLN I 196 -10.68 -46.08 -3.49
N PRO I 197 -10.82 -46.26 -4.81
CA PRO I 197 -9.66 -46.09 -5.67
C PRO I 197 -9.18 -44.67 -5.68
N GLY I 198 -7.89 -44.51 -5.94
CA GLY I 198 -7.31 -43.20 -6.06
C GLY I 198 -6.94 -42.56 -4.78
N ARG I 199 -7.88 -42.44 -3.86
CA ARG I 199 -7.59 -41.86 -2.57
C ARG I 199 -6.64 -42.77 -1.81
N PHE I 200 -6.20 -42.32 -0.65
CA PHE I 200 -5.26 -43.10 0.15
C PHE I 200 -5.85 -44.44 0.52
N GLY I 201 -5.08 -45.49 0.34
CA GLY I 201 -5.52 -46.83 0.65
C GLY I 201 -6.00 -47.65 -0.51
N ASP I 202 -5.70 -47.24 -1.73
CA ASP I 202 -6.14 -48.03 -2.87
C ASP I 202 -5.47 -49.39 -2.91
N ILE I 203 -4.36 -49.57 -2.22
CA ILE I 203 -3.64 -50.83 -2.16
C ILE I 203 -3.23 -51.04 -0.72
N GLN I 204 -3.71 -52.14 -0.10
CA GLN I 204 -3.60 -52.32 1.33
C GLN I 204 -3.14 -53.72 1.65
N SER I 205 -2.38 -53.84 2.74
CA SER I 205 -1.94 -55.14 3.22
C SER I 205 -1.52 -55.01 4.68
N ARG I 206 -1.56 -56.14 5.38
CA ARG I 206 -1.39 -56.12 6.82
C ARG I 206 0.05 -55.80 7.21
N THR I 207 1.00 -56.61 6.77
CA THR I 207 2.39 -56.46 7.17
C THR I 207 3.25 -56.20 5.94
N VAL I 208 4.47 -55.73 6.20
CA VAL I 208 5.39 -55.44 5.13
C VAL I 208 5.83 -56.70 4.40
N GLU I 209 5.59 -57.87 4.98
CA GLU I 209 5.91 -59.14 4.35
C GLU I 209 4.68 -60.00 4.09
N SER I 210 3.49 -59.57 4.51
CA SER I 210 2.31 -60.39 4.30
C SER I 210 2.00 -60.51 2.83
N ASN I 211 1.55 -61.69 2.42
CA ASN I 211 1.21 -61.93 1.03
C ASN I 211 -0.21 -61.56 0.67
N ASP I 212 -1.10 -61.35 1.63
CA ASP I 212 -2.43 -60.89 1.29
C ASP I 212 -2.36 -59.48 0.72
N LEU I 213 -3.37 -59.13 -0.06
CA LEU I 213 -3.36 -57.85 -0.75
C LEU I 213 -4.74 -57.52 -1.27
N TYR I 214 -5.21 -56.31 -1.00
CA TYR I 214 -6.54 -55.90 -1.37
C TYR I 214 -6.43 -54.58 -2.10
N ALA I 215 -7.04 -54.50 -3.27
CA ALA I 215 -6.86 -53.35 -4.13
C ALA I 215 -8.07 -53.20 -5.03
N ASN I 216 -8.58 -51.98 -5.12
CA ASN I 216 -9.56 -51.63 -6.13
C ASN I 216 -9.01 -50.37 -6.77
N THR I 217 -8.20 -50.59 -7.79
CA THR I 217 -7.61 -49.53 -8.58
C THR I 217 -8.25 -49.44 -9.97
N ALA I 218 -9.43 -50.01 -10.15
CA ALA I 218 -10.27 -49.79 -11.34
C ALA I 218 -9.55 -50.14 -12.64
N LEU I 219 -9.17 -51.40 -12.77
CA LEU I 219 -8.49 -51.88 -13.97
C LEU I 219 -9.52 -52.26 -15.05
N LYS I 220 -10.23 -51.26 -15.54
CA LYS I 220 -11.23 -51.51 -16.56
C LYS I 220 -10.48 -51.55 -17.88
N LEU I 221 -9.80 -52.66 -18.11
CA LEU I 221 -9.05 -52.85 -19.34
C LEU I 221 -9.98 -52.97 -20.53
N ALA I 222 -9.53 -52.48 -21.67
CA ALA I 222 -10.37 -52.13 -22.80
C ALA I 222 -9.97 -52.93 -24.03
N ARG I 223 -10.62 -52.65 -25.12
CA ARG I 223 -10.46 -53.44 -26.32
C ARG I 223 -9.23 -52.98 -27.08
N PRO I 224 -8.42 -53.90 -27.61
CA PRO I 224 -7.22 -53.46 -28.32
C PRO I 224 -7.56 -52.72 -29.58
N SER I 225 -6.72 -51.74 -29.91
CA SER I 225 -6.86 -50.98 -31.14
C SER I 225 -6.68 -51.93 -32.31
N PRO I 226 -7.42 -51.75 -33.40
CA PRO I 226 -7.35 -52.71 -34.49
C PRO I 226 -5.95 -52.79 -35.07
N GLY I 227 -5.55 -54.00 -35.44
CA GLY I 227 -4.35 -54.19 -36.20
C GLY I 227 -3.08 -53.84 -35.45
N MET I 228 -3.02 -54.13 -34.16
CA MET I 228 -1.77 -54.00 -33.43
C MET I 228 -1.93 -54.68 -32.09
N VAL I 229 -0.89 -55.41 -31.66
CA VAL I 229 -0.99 -56.23 -30.47
C VAL I 229 -0.51 -55.44 -29.28
N HIS I 230 -1.34 -55.38 -28.26
CA HIS I 230 -1.04 -54.72 -27.01
C HIS I 230 -2.22 -54.98 -26.10
N VAL I 231 -2.07 -54.62 -24.84
CA VAL I 231 -3.13 -54.72 -23.86
C VAL I 231 -3.41 -53.34 -23.32
N PRO I 232 -4.49 -52.69 -23.76
CA PRO I 232 -4.82 -51.39 -23.20
C PRO I 232 -5.47 -51.55 -21.84
N TYR I 233 -4.91 -50.89 -20.85
CA TYR I 233 -5.47 -50.85 -19.52
C TYR I 233 -5.57 -49.41 -19.07
N THR I 234 -6.67 -49.08 -18.42
CA THR I 234 -6.81 -47.81 -17.75
C THR I 234 -7.06 -48.06 -16.29
N GLN I 235 -6.57 -47.15 -15.46
CA GLN I 235 -6.51 -47.42 -14.03
C GLN I 235 -6.21 -46.12 -13.33
N THR I 236 -6.88 -45.83 -12.24
CA THR I 236 -6.56 -44.61 -11.53
C THR I 236 -5.14 -44.72 -11.00
N PRO I 237 -4.34 -43.67 -11.05
CA PRO I 237 -2.95 -43.83 -10.65
C PRO I 237 -2.84 -44.06 -9.17
N SER I 238 -1.62 -44.37 -8.75
CA SER I 238 -1.43 -44.88 -7.41
C SER I 238 -1.87 -43.88 -6.36
N GLY I 239 -2.63 -44.37 -5.40
CA GLY I 239 -3.12 -43.51 -4.37
C GLY I 239 -2.03 -43.03 -3.44
N PHE I 240 -0.95 -43.79 -3.33
CA PHE I 240 0.14 -43.31 -2.51
C PHE I 240 0.74 -42.04 -3.07
N LYS I 241 0.90 -41.96 -4.38
CA LYS I 241 1.47 -40.75 -4.94
C LYS I 241 0.55 -39.57 -4.71
N TYR I 242 -0.74 -39.80 -4.85
CA TYR I 242 -1.70 -38.74 -4.57
C TYR I 242 -1.59 -38.30 -3.13
N TRP I 243 -1.50 -39.25 -2.22
CA TRP I 243 -1.43 -38.89 -0.81
C TRP I 243 -0.12 -38.20 -0.50
N LEU I 244 0.92 -38.53 -1.24
CA LEU I 244 2.21 -37.87 -1.09
C LEU I 244 2.07 -36.41 -1.47
N LYS I 245 1.35 -36.15 -2.55
CA LYS I 245 1.30 -34.81 -3.09
C LYS I 245 0.34 -33.90 -2.34
N GLU I 246 -0.70 -34.45 -1.74
CA GLU I 246 -1.68 -33.66 -0.98
C GLU I 246 -1.89 -34.26 0.39
N LYS I 247 -0.79 -34.62 1.06
CA LYS I 247 -0.78 -35.06 2.45
C LYS I 247 -1.70 -34.24 3.32
N GLY I 248 -1.62 -32.93 3.19
CA GLY I 248 -2.05 -32.02 4.22
C GLY I 248 -0.89 -31.63 5.09
N THR I 249 -1.15 -30.69 5.98
CA THR I 249 -0.11 -30.19 6.86
C THR I 249 0.16 -31.23 7.94
N ALA I 250 1.36 -31.76 7.96
CA ALA I 250 1.68 -32.88 8.81
C ALA I 250 1.67 -32.46 10.27
N LEU I 251 1.64 -33.46 11.15
CA LEU I 251 1.57 -33.16 12.57
C LEU I 251 2.87 -32.59 13.08
N ASN I 252 3.98 -32.84 12.40
CA ASN I 252 5.24 -32.26 12.85
C ASN I 252 5.19 -30.74 12.85
N THR I 253 4.33 -30.15 12.03
CA THR I 253 4.15 -28.71 11.98
C THR I 253 2.78 -28.29 12.47
N LYS I 254 2.09 -29.15 13.18
CA LYS I 254 0.80 -28.83 13.75
C LYS I 254 0.75 -29.07 15.24
N ALA I 255 1.71 -29.79 15.80
CA ALA I 255 1.60 -30.35 17.13
C ALA I 255 1.38 -29.26 18.17
N PRO I 256 0.30 -29.29 18.93
CA PRO I 256 0.15 -28.28 19.96
C PRO I 256 1.17 -28.48 21.06
N PHE I 257 1.40 -27.40 21.80
CA PHE I 257 2.38 -27.37 22.89
C PHE I 257 3.80 -27.59 22.42
N GLY I 258 4.04 -27.52 21.12
CA GLY I 258 5.39 -27.33 20.65
C GLY I 258 6.30 -28.48 20.92
N CYS I 259 5.78 -29.69 20.86
CA CYS I 259 6.61 -30.87 20.85
C CYS I 259 6.86 -31.42 19.47
N GLN I 260 8.03 -32.01 19.36
CA GLN I 260 8.58 -32.48 18.11
C GLN I 260 8.28 -33.96 18.02
N ILE I 261 7.71 -34.41 16.91
CA ILE I 261 7.43 -35.82 16.76
C ILE I 261 8.54 -36.46 15.97
N LYS I 262 9.10 -37.52 16.52
CA LYS I 262 10.01 -38.37 15.81
C LYS I 262 9.29 -39.66 15.47
N THR I 263 9.96 -40.51 14.70
CA THR I 263 9.28 -41.47 13.86
C THR I 263 9.48 -42.91 14.27
N ASN I 264 10.72 -43.38 14.43
CA ASN I 264 10.95 -44.81 14.34
C ASN I 264 10.33 -45.54 15.53
N PRO I 265 10.72 -45.28 16.77
CA PRO I 265 9.78 -45.55 17.88
C PRO I 265 8.83 -44.37 18.07
N VAL I 266 7.83 -44.27 17.19
CA VAL I 266 7.07 -43.04 16.98
C VAL I 266 6.64 -42.41 18.30
N ARG I 267 6.93 -41.12 18.45
CA ARG I 267 6.89 -40.52 19.76
C ARG I 267 6.82 -39.02 19.65
N ALA I 268 6.31 -38.38 20.68
CA ALA I 268 6.19 -36.93 20.75
C ALA I 268 7.06 -36.44 21.90
N MET I 269 8.01 -35.59 21.60
CA MET I 269 9.07 -35.24 22.52
C MET I 269 8.96 -33.79 22.97
N ASN I 270 9.19 -33.56 24.26
CA ASN I 270 9.24 -32.25 24.86
C ASN I 270 7.89 -31.56 24.91
N CYS I 271 6.82 -32.30 25.11
CA CYS I 271 5.51 -31.68 25.08
C CYS I 271 5.32 -31.00 26.42
N ALA I 272 5.03 -29.71 26.38
CA ALA I 272 4.97 -28.90 27.59
C ALA I 272 3.54 -28.84 28.06
N VAL I 273 3.13 -29.87 28.78
CA VAL I 273 1.76 -30.01 29.25
C VAL I 273 1.76 -30.50 30.68
N GLY I 274 0.99 -29.87 31.52
CA GLY I 274 0.67 -30.48 32.78
C GLY I 274 1.82 -30.49 33.76
N ASN I 275 1.58 -31.18 34.86
CA ASN I 275 2.50 -31.28 35.97
C ASN I 275 2.86 -32.73 36.21
N ILE I 276 4.12 -32.97 36.54
CA ILE I 276 4.60 -34.29 36.93
C ILE I 276 4.61 -34.31 38.46
N PRO I 277 3.80 -35.13 39.11
CA PRO I 277 3.90 -35.23 40.57
C PRO I 277 5.01 -36.20 40.91
N VAL I 278 5.89 -35.80 41.81
CA VAL I 278 7.04 -36.61 42.19
C VAL I 278 7.00 -36.84 43.68
N SER I 279 7.19 -38.09 44.07
CA SER I 279 7.27 -38.48 45.46
C SER I 279 8.66 -39.05 45.70
N MET I 280 9.34 -38.50 46.69
CA MET I 280 10.72 -38.83 46.98
C MET I 280 10.86 -39.35 48.40
N ASN I 281 11.55 -40.46 48.54
CA ASN I 281 11.88 -41.05 49.83
C ASN I 281 13.38 -40.95 49.98
N LEU I 282 13.86 -40.14 50.93
CA LEU I 282 15.28 -39.85 51.03
C LEU I 282 15.86 -40.45 52.30
N PRO I 283 17.09 -40.93 52.27
CA PRO I 283 17.68 -41.49 53.47
C PRO I 283 18.21 -40.41 54.38
N ASP I 284 18.43 -40.79 55.64
CA ASP I 284 19.03 -39.86 56.58
C ASP I 284 20.45 -39.49 56.21
N SER I 285 21.14 -40.32 55.42
CA SER I 285 22.53 -40.03 55.13
C SER I 285 22.70 -38.91 54.13
N ALA I 286 21.64 -38.50 53.45
CA ALA I 286 21.73 -37.43 52.49
C ALA I 286 21.46 -36.07 53.09
N PHE I 287 21.03 -36.00 54.33
CA PHE I 287 20.68 -34.75 54.96
C PHE I 287 21.87 -34.26 55.78
N THR I 288 21.72 -33.08 56.38
CA THR I 288 22.76 -32.47 57.19
C THR I 288 22.18 -32.16 58.55
N ARG I 289 22.87 -32.60 59.59
CA ARG I 289 22.38 -32.38 60.94
C ARG I 289 22.36 -30.89 61.22
N ILE I 290 21.48 -30.48 62.12
CA ILE I 290 21.43 -29.08 62.48
C ILE I 290 22.75 -28.68 63.12
N VAL I 291 23.29 -29.55 63.96
CA VAL I 291 24.47 -29.20 64.74
C VAL I 291 25.68 -28.91 63.88
N GLU I 292 25.71 -29.37 62.63
CA GLU I 292 26.86 -29.20 61.75
C GLU I 292 26.43 -28.34 60.58
N ALA I 293 25.66 -27.30 60.85
CA ALA I 293 25.23 -26.41 59.78
C ALA I 293 25.06 -25.02 60.36
N PRO I 294 25.35 -23.98 59.58
CA PRO I 294 25.32 -22.63 60.14
C PRO I 294 23.95 -22.26 60.62
N THR I 295 23.90 -21.49 61.69
CA THR I 295 22.64 -21.02 62.24
C THR I 295 22.52 -19.54 61.91
N ILE I 296 21.46 -19.20 61.22
CA ILE I 296 21.20 -17.86 60.71
C ILE I 296 20.17 -17.18 61.57
N ILE I 297 20.48 -15.97 62.01
CA ILE I 297 19.64 -15.22 62.92
C ILE I 297 19.38 -13.85 62.31
N ASP I 298 18.17 -13.33 62.51
CA ASP I 298 17.82 -11.95 62.19
C ASP I 298 18.10 -11.69 60.70
N LEU I 299 17.40 -12.43 59.86
CA LEU I 299 17.57 -12.35 58.41
C LEU I 299 16.54 -11.37 57.89
N THR I 300 16.99 -10.28 57.27
CA THR I 300 16.13 -9.29 56.64
C THR I 300 16.55 -9.11 55.20
N CYS I 301 15.57 -9.11 54.31
CA CYS I 301 15.77 -9.20 52.88
C CYS I 301 15.31 -7.93 52.18
N THR I 302 16.17 -7.36 51.34
CA THR I 302 15.82 -6.22 50.51
C THR I 302 16.24 -6.49 49.09
N VAL I 303 15.45 -6.00 48.13
CA VAL I 303 15.64 -6.32 46.72
C VAL I 303 16.41 -5.21 46.04
N ALA I 304 17.52 -5.56 45.40
CA ALA I 304 18.34 -4.55 44.77
C ALA I 304 17.70 -4.06 43.50
N THR I 305 17.47 -4.96 42.55
CA THR I 305 16.83 -4.62 41.30
C THR I 305 15.82 -5.68 40.94
N CYS I 306 14.82 -5.31 40.16
CA CYS I 306 13.67 -6.17 39.91
C CYS I 306 13.22 -5.88 38.49
N THR I 307 13.62 -6.73 37.55
CA THR I 307 13.19 -6.61 36.16
C THR I 307 12.62 -7.95 35.77
N HIS I 308 11.31 -8.02 35.56
CA HIS I 308 10.67 -9.31 35.39
C HIS I 308 10.87 -9.86 33.98
N SER I 309 12.14 -10.06 33.65
CA SER I 309 12.51 -10.63 32.38
C SER I 309 12.32 -12.13 32.45
N SER I 310 12.41 -12.76 31.30
CA SER I 310 12.40 -14.21 31.28
C SER I 310 13.63 -14.76 31.98
N ASP I 311 14.79 -14.16 31.76
CA ASP I 311 15.98 -14.62 32.43
C ASP I 311 15.97 -14.15 33.87
N PHE I 312 17.01 -14.48 34.62
CA PHE I 312 17.02 -14.23 36.05
C PHE I 312 17.29 -12.74 36.30
N GLY I 313 16.26 -11.96 36.05
CA GLY I 313 16.36 -10.53 35.96
C GLY I 313 16.15 -9.77 37.23
N GLY I 314 16.02 -10.43 38.36
CA GLY I 314 15.90 -9.76 39.65
C GLY I 314 17.07 -10.18 40.53
N VAL I 315 17.54 -9.25 41.34
CA VAL I 315 18.62 -9.52 42.27
C VAL I 315 18.23 -8.97 43.61
N LEU I 316 18.33 -9.80 44.63
CA LEU I 316 18.06 -9.41 46.01
C LEU I 316 19.24 -9.83 46.87
N THR I 317 19.41 -9.13 47.98
CA THR I 317 20.49 -9.42 48.90
C THR I 317 19.92 -9.71 50.26
N LEU I 318 20.50 -10.67 50.92
CA LEU I 318 20.08 -11.13 52.23
C LEU I 318 21.13 -10.70 53.24
N THR I 319 20.69 -9.98 54.26
CA THR I 319 21.51 -9.58 55.39
C THR I 319 21.14 -10.43 56.58
N TYR I 320 22.15 -10.96 57.27
CA TYR I 320 21.92 -11.96 58.29
C TYR I 320 23.02 -11.86 59.34
N LYS I 321 23.08 -12.83 60.24
CA LYS I 321 24.10 -12.86 61.28
C LYS I 321 24.38 -14.31 61.60
N THR I 322 25.44 -14.85 61.05
CA THR I 322 25.70 -16.27 61.14
C THR I 322 26.63 -16.56 62.29
N ASP I 323 27.06 -17.81 62.40
CA ASP I 323 28.01 -18.25 63.40
C ASP I 323 29.18 -19.02 62.86
N LYS I 324 29.05 -19.67 61.72
CA LYS I 324 30.18 -20.32 61.10
C LYS I 324 30.00 -20.29 59.60
N ASN I 325 31.11 -20.29 58.88
CA ASN I 325 31.04 -20.22 57.43
C ASN I 325 30.62 -21.58 56.88
N GLY I 326 29.73 -21.57 55.91
CA GLY I 326 29.20 -22.82 55.41
C GLY I 326 28.12 -22.56 54.39
N ASP I 327 27.74 -23.62 53.67
CA ASP I 327 26.73 -23.43 52.57
C ASP I 327 25.42 -24.08 52.99
N CYS I 328 24.30 -23.46 52.62
CA CYS I 328 23.00 -24.04 52.95
C CYS I 328 21.93 -23.64 51.95
N SER I 329 20.83 -24.38 52.01
CA SER I 329 19.75 -24.26 51.05
C SER I 329 19.12 -22.89 51.11
N VAL I 330 18.74 -22.39 49.95
CA VAL I 330 17.99 -21.15 49.84
C VAL I 330 16.87 -21.37 48.86
N HIS I 331 15.64 -21.03 49.24
CA HIS I 331 14.53 -21.31 48.35
C HIS I 331 13.35 -20.39 48.63
N SER I 332 12.63 -20.02 47.58
CA SER I 332 11.52 -19.10 47.66
C SER I 332 10.22 -19.89 47.72
N HIS I 333 9.48 -19.73 48.80
CA HIS I 333 8.34 -20.59 49.07
C HIS I 333 7.16 -20.35 48.15
N SER I 334 7.16 -19.32 47.34
CA SER I 334 6.04 -19.06 46.45
C SER I 334 6.54 -19.12 45.03
N ASN I 335 5.71 -19.61 44.13
CA ASN I 335 6.11 -19.68 42.74
C ASN I 335 6.02 -18.34 42.05
N VAL I 336 5.79 -17.25 42.78
CA VAL I 336 5.91 -15.93 42.18
C VAL I 336 7.34 -15.64 41.81
N ALA I 337 8.31 -16.27 42.47
CA ALA I 337 9.71 -16.07 42.14
C ALA I 337 10.39 -17.42 42.16
N THR I 338 11.39 -17.58 41.29
CA THR I 338 12.20 -18.77 41.28
C THR I 338 13.66 -18.36 41.35
N LEU I 339 14.39 -18.92 42.30
CA LEU I 339 15.76 -18.51 42.53
C LEU I 339 16.68 -19.38 41.70
N GLN I 340 17.64 -18.74 41.05
CA GLN I 340 18.58 -19.47 40.23
C GLN I 340 19.44 -20.38 41.08
N GLU I 341 19.86 -19.90 42.23
CA GLU I 341 20.82 -20.61 43.04
C GLU I 341 20.08 -21.46 44.04
N ALA I 342 20.59 -22.66 44.29
CA ALA I 342 19.97 -23.56 45.24
C ALA I 342 20.73 -23.63 46.54
N THR I 343 22.04 -23.73 46.49
CA THR I 343 22.88 -23.74 47.68
C THR I 343 23.66 -22.45 47.70
N ALA I 344 23.47 -21.68 48.76
CA ALA I 344 24.15 -20.39 48.95
C ALA I 344 25.28 -20.46 49.95
N LYS I 345 26.28 -19.61 49.71
CA LYS I 345 27.48 -19.63 50.56
C LYS I 345 27.33 -18.54 51.60
N VAL I 346 27.58 -18.87 52.85
CA VAL I 346 27.41 -17.97 53.94
C VAL I 346 28.79 -17.74 54.57
N LYS I 347 29.22 -16.49 54.62
CA LYS I 347 30.45 -16.09 55.26
C LYS I 347 30.06 -15.36 56.52
N THR I 348 31.07 -15.01 57.32
CA THR I 348 30.78 -14.28 58.55
C THR I 348 30.21 -12.91 58.28
N ALA I 349 30.47 -12.34 57.11
CA ALA I 349 29.92 -11.05 56.75
C ALA I 349 28.48 -11.24 56.31
N GLY I 350 27.58 -10.49 56.92
CA GLY I 350 26.18 -10.76 56.72
C GLY I 350 25.64 -10.28 55.39
N LYS I 351 26.09 -10.88 54.30
CA LYS I 351 25.62 -10.46 52.98
C LYS I 351 25.76 -11.62 52.01
N VAL I 352 24.64 -12.07 51.44
CA VAL I 352 24.64 -13.02 50.34
C VAL I 352 23.69 -12.52 49.26
N THR I 353 24.14 -12.58 48.00
CA THR I 353 23.36 -12.08 46.88
C THR I 353 22.76 -13.23 46.10
N LEU I 354 21.47 -13.17 45.81
CA LEU I 354 20.79 -14.18 45.03
C LEU I 354 20.06 -13.53 43.87
N HIS I 355 19.89 -14.30 42.82
CA HIS I 355 19.16 -13.90 41.63
C HIS I 355 17.85 -14.66 41.55
N PHE I 356 16.78 -13.94 41.28
CA PHE I 356 15.46 -14.52 41.19
C PHE I 356 14.75 -14.03 39.94
N SER I 357 13.98 -14.92 39.33
CA SER I 357 13.22 -14.64 38.14
C SER I 357 11.75 -14.58 38.50
N THR I 358 11.05 -13.58 38.00
CA THR I 358 9.66 -13.36 38.33
C THR I 358 8.90 -12.92 37.12
N ALA I 359 7.60 -12.78 37.29
CA ALA I 359 6.74 -12.25 36.26
C ALA I 359 5.73 -11.24 36.77
N SER I 360 5.74 -10.93 38.05
CA SER I 360 4.74 -10.09 38.65
C SER I 360 5.29 -8.70 38.83
N ALA I 361 4.40 -7.71 38.74
CA ALA I 361 4.82 -6.34 38.97
C ALA I 361 5.32 -6.17 40.38
N SER I 362 4.67 -6.82 41.34
CA SER I 362 5.01 -6.71 42.75
C SER I 362 5.14 -8.12 43.31
N PRO I 363 6.28 -8.78 43.10
CA PRO I 363 6.45 -10.12 43.63
C PRO I 363 6.79 -10.05 45.11
N SER I 364 5.96 -10.67 45.93
CA SER I 364 6.19 -10.78 47.36
C SER I 364 6.34 -12.25 47.71
N PHE I 365 7.50 -12.63 48.19
CA PHE I 365 7.75 -14.02 48.52
C PHE I 365 8.57 -14.09 49.79
N VAL I 366 8.43 -15.19 50.53
CA VAL I 366 9.22 -15.42 51.72
C VAL I 366 10.38 -16.30 51.30
N VAL I 367 11.58 -15.76 51.35
CA VAL I 367 12.77 -16.53 51.05
C VAL I 367 13.23 -17.19 52.33
N SER I 368 13.65 -18.43 52.20
CA SER I 368 14.08 -19.26 53.31
C SER I 368 15.55 -19.55 53.10
N LEU I 369 16.36 -19.26 54.09
CA LEU I 369 17.77 -19.58 54.02
C LEU I 369 18.20 -20.24 55.31
N CYS I 370 18.80 -21.42 55.16
CA CYS I 370 19.37 -22.24 56.22
C CYS I 370 18.50 -22.24 57.47
N SER I 371 17.24 -22.59 57.29
CA SER I 371 16.25 -22.74 58.35
C SER I 371 15.66 -21.46 58.91
N ALA I 372 15.95 -20.28 58.38
CA ALA I 372 15.27 -19.06 58.81
C ALA I 372 14.57 -18.40 57.65
N ARG I 373 13.46 -17.73 57.95
CA ARG I 373 12.61 -17.13 56.94
C ARG I 373 12.70 -15.61 56.97
N ALA I 374 12.66 -14.99 55.81
CA ALA I 374 12.53 -13.55 55.69
C ALA I 374 11.58 -13.25 54.55
N THR I 375 10.92 -12.12 54.61
CA THR I 375 10.00 -11.74 53.55
C THR I 375 10.67 -10.73 52.63
N CYS I 376 10.31 -10.80 51.35
CA CYS I 376 10.92 -9.96 50.34
C CYS I 376 9.80 -9.46 49.46
N SER I 377 9.52 -8.18 49.54
CA SER I 377 8.56 -7.50 48.70
C SER I 377 9.34 -6.58 47.80
N ALA I 378 9.14 -6.72 46.51
CA ALA I 378 9.91 -6.00 45.52
C ALA I 378 8.97 -5.13 44.72
N SER I 379 9.53 -4.46 43.72
CA SER I 379 8.70 -3.69 42.80
C SER I 379 9.39 -3.74 41.44
N CYS I 380 8.96 -4.66 40.57
CA CYS I 380 9.60 -4.82 39.28
C CYS I 380 9.10 -3.84 38.25
N GLU I 381 10.02 -3.41 37.34
CA GLU I 381 9.68 -2.65 36.15
C GLU I 381 9.84 -3.53 34.91
N PRO I 382 8.99 -3.37 33.90
CA PRO I 382 8.96 -4.31 32.80
C PRO I 382 10.22 -4.25 31.96
N PRO I 383 10.57 -5.31 31.26
CA PRO I 383 11.73 -5.27 30.37
C PRO I 383 11.41 -4.59 29.05
N LYS I 384 12.44 -4.05 28.43
CA LYS I 384 12.28 -3.36 27.16
C LYS I 384 12.56 -4.23 25.95
N ASP I 385 13.35 -5.29 26.08
CA ASP I 385 13.53 -6.21 24.98
C ASP I 385 12.25 -6.99 24.75
N HIS I 386 11.94 -7.26 23.49
CA HIS I 386 10.65 -7.83 23.11
C HIS I 386 10.72 -9.33 22.85
N ILE I 387 11.66 -9.75 22.03
CA ILE I 387 11.82 -11.15 21.65
C ILE I 387 13.15 -11.61 22.19
N VAL I 388 13.15 -12.74 22.89
CA VAL I 388 14.38 -13.36 23.37
C VAL I 388 14.39 -14.84 23.05
N PRO I 389 15.55 -15.47 22.85
CA PRO I 389 15.59 -16.86 22.39
C PRO I 389 15.57 -17.93 23.46
N TYR I 390 15.30 -17.63 24.72
CA TYR I 390 15.24 -18.63 25.77
C TYR I 390 13.86 -18.64 26.38
N ALA I 391 13.44 -19.82 26.80
CA ALA I 391 12.12 -19.99 27.35
C ALA I 391 12.02 -19.30 28.69
N ALA I 392 10.79 -19.12 29.13
CA ALA I 392 10.56 -18.46 30.40
C ALA I 392 11.07 -19.30 31.54
N SER I 393 11.77 -18.65 32.47
CA SER I 393 12.30 -19.29 33.65
C SER I 393 11.48 -18.97 34.89
N HIS I 394 10.26 -18.48 34.72
CA HIS I 394 9.36 -18.20 35.83
C HIS I 394 8.03 -18.84 35.56
N SER I 395 7.41 -19.39 36.59
CA SER I 395 6.04 -19.80 36.47
C SER I 395 5.21 -18.56 36.21
N ASN I 396 4.37 -18.60 35.18
CA ASN I 396 3.72 -17.40 34.69
C ASN I 396 2.58 -17.04 35.62
N VAL I 397 2.94 -16.46 36.76
CA VAL I 397 1.96 -15.90 37.69
C VAL I 397 2.15 -14.40 37.76
N VAL I 398 1.04 -13.67 37.73
CA VAL I 398 1.10 -12.23 37.54
C VAL I 398 0.40 -11.44 38.62
N PHE I 399 -0.51 -12.01 39.36
CA PHE I 399 -1.33 -11.28 40.33
C PHE I 399 -0.44 -10.62 41.37
N PRO I 400 -0.32 -9.30 41.42
CA PRO I 400 0.57 -8.71 42.43
C PRO I 400 -0.01 -8.86 43.81
N ASP I 401 0.88 -9.01 44.78
CA ASP I 401 0.40 -9.23 46.12
C ASP I 401 -0.12 -7.90 46.64
N MET I 402 -0.98 -7.97 47.66
CA MET I 402 -1.39 -6.76 48.35
C MET I 402 -0.14 -6.04 48.84
N SER I 403 -0.28 -4.74 49.05
CA SER I 403 0.81 -3.84 49.39
C SER I 403 1.76 -3.60 48.22
N GLY I 404 1.52 -4.22 47.08
CA GLY I 404 2.10 -3.73 45.85
C GLY I 404 1.48 -2.41 45.48
N THR I 405 2.29 -1.56 44.87
CA THR I 405 1.83 -0.21 44.53
C THR I 405 0.56 -0.25 43.71
N ALA I 406 0.37 -1.27 42.90
CA ALA I 406 -0.77 -1.29 42.02
C ALA I 406 -2.04 -1.57 42.79
N LEU I 407 -2.11 -2.70 43.47
CA LEU I 407 -3.33 -3.04 44.18
C LEU I 407 -3.46 -2.31 45.49
N SER I 408 -2.40 -1.71 46.01
CA SER I 408 -2.55 -0.86 47.18
C SER I 408 -3.41 0.34 46.84
N TRP I 409 -3.27 0.87 45.63
CA TRP I 409 -4.14 1.95 45.20
C TRP I 409 -5.58 1.49 45.16
N VAL I 410 -5.80 0.29 44.65
CA VAL I 410 -7.17 -0.25 44.61
C VAL I 410 -7.68 -0.40 46.02
N GLN I 411 -6.83 -0.86 46.91
CA GLN I 411 -7.22 -0.97 48.31
C GLN I 411 -7.59 0.37 48.88
N LYS I 412 -6.79 1.39 48.61
CA LYS I 412 -7.07 2.69 49.19
C LYS I 412 -8.35 3.28 48.63
N ILE I 413 -8.55 3.17 47.32
CA ILE I 413 -9.76 3.70 46.72
C ILE I 413 -10.97 2.97 47.26
N SER I 414 -10.90 1.64 47.29
CA SER I 414 -12.01 0.87 47.78
C SER I 414 -12.28 1.18 49.23
N GLY I 415 -11.22 1.30 50.02
CA GLY I 415 -11.41 1.57 51.43
C GLY I 415 -12.08 2.90 51.66
N GLY I 416 -11.62 3.94 50.96
CA GLY I 416 -12.24 5.23 51.13
C GLY I 416 -13.67 5.25 50.64
N LEU I 417 -13.91 4.69 49.46
CA LEU I 417 -15.24 4.71 48.88
C LEU I 417 -16.20 3.93 49.76
N GLY I 418 -15.77 2.76 50.20
CA GLY I 418 -16.57 1.96 51.09
C GLY I 418 -16.74 2.61 52.44
N ALA I 419 -15.73 3.35 52.90
CA ALA I 419 -15.86 4.03 54.16
C ALA I 419 -16.95 5.08 54.07
N PHE I 420 -16.98 5.80 52.98
CA PHE I 420 -18.05 6.78 52.83
C PHE I 420 -19.37 6.07 52.66
N ALA I 421 -19.37 4.91 52.02
CA ALA I 421 -20.61 4.14 51.91
C ALA I 421 -21.10 3.66 53.26
N ILE I 422 -20.22 3.12 54.10
CA ILE I 422 -20.67 2.66 55.41
C ILE I 422 -21.01 3.84 56.30
N GLY I 423 -20.39 4.98 56.08
CA GLY I 423 -20.87 6.17 56.76
C GLY I 423 -22.29 6.51 56.34
N ALA I 424 -22.59 6.34 55.05
CA ALA I 424 -23.96 6.53 54.61
C ALA I 424 -24.90 5.54 55.29
N ILE I 425 -24.50 4.28 55.40
CA ILE I 425 -25.36 3.34 56.09
C ILE I 425 -25.50 3.74 57.55
N LEU I 426 -24.43 4.25 58.15
CA LEU I 426 -24.51 4.65 59.54
C LEU I 426 -25.50 5.78 59.71
N VAL I 427 -25.44 6.79 58.84
CA VAL I 427 -26.33 7.92 59.01
C VAL I 427 -27.77 7.51 58.72
N LEU I 428 -27.97 6.65 57.73
CA LEU I 428 -29.33 6.19 57.49
C LEU I 428 -29.87 5.44 58.68
N VAL I 429 -29.06 4.58 59.27
CA VAL I 429 -29.53 3.85 60.44
C VAL I 429 -29.83 4.82 61.56
N VAL I 430 -28.97 5.82 61.75
CA VAL I 430 -29.18 6.77 62.83
C VAL I 430 -30.51 7.51 62.63
N VAL I 431 -30.75 8.00 61.43
CA VAL I 431 -31.96 8.78 61.22
C VAL I 431 -33.19 7.91 61.32
N THR I 432 -33.11 6.67 60.83
CA THR I 432 -34.30 5.84 60.87
C THR I 432 -34.57 5.34 62.29
N CYS I 433 -33.54 5.16 63.10
CA CYS I 433 -33.78 4.78 64.49
C CYS I 433 -34.30 5.96 65.29
N ILE I 434 -33.79 7.15 65.00
CA ILE I 434 -34.31 8.34 65.66
C ILE I 434 -35.77 8.52 65.30
N GLY I 435 -36.12 8.31 64.04
CA GLY I 435 -37.49 8.44 63.63
C GLY I 435 -38.37 7.31 64.11
N LEU I 436 -37.81 6.15 64.38
CA LEU I 436 -38.65 5.00 64.66
C LEU I 436 -39.42 5.18 65.96
N ARG I 437 -38.80 5.83 66.94
CA ARG I 437 -39.48 6.19 68.17
C ARG I 437 -39.85 7.66 68.15
N PHE J 1 28.46 -64.97 -14.54
CA PHE J 1 27.22 -65.72 -14.32
C PHE J 1 26.37 -65.83 -15.56
N ASN J 2 26.54 -64.83 -16.42
CA ASN J 2 26.01 -64.76 -17.77
C ASN J 2 24.57 -65.27 -17.85
N VAL J 3 23.73 -64.75 -16.95
CA VAL J 3 22.28 -64.97 -17.09
C VAL J 3 21.83 -64.60 -18.49
N TYR J 4 22.41 -63.55 -19.07
CA TYR J 4 21.92 -63.04 -20.32
C TYR J 4 22.25 -63.95 -21.50
N LYS J 5 22.98 -65.03 -21.28
CA LYS J 5 23.18 -66.06 -22.28
C LYS J 5 21.90 -66.78 -22.65
N ALA J 6 20.82 -66.64 -21.88
CA ALA J 6 19.55 -67.26 -22.24
C ALA J 6 18.46 -66.22 -22.41
N THR J 7 18.80 -65.12 -23.09
CA THR J 7 17.87 -64.05 -23.36
C THR J 7 18.16 -63.49 -24.74
N ARG J 8 17.21 -62.74 -25.29
CA ARG J 8 17.36 -62.17 -26.62
C ARG J 8 16.66 -60.83 -26.67
N PRO J 9 17.20 -59.83 -27.38
CA PRO J 9 16.48 -58.55 -27.52
C PRO J 9 15.21 -58.74 -28.30
N TYR J 10 14.39 -57.71 -28.48
CA TYR J 10 13.11 -57.98 -29.11
C TYR J 10 12.44 -56.74 -29.65
N ILE J 11 11.87 -56.92 -30.82
CA ILE J 11 11.24 -55.90 -31.65
C ILE J 11 9.86 -55.56 -31.12
N ALA J 12 9.70 -54.44 -30.42
CA ALA J 12 8.37 -54.05 -29.98
C ALA J 12 7.90 -52.75 -30.64
N TYR J 13 6.59 -52.57 -30.56
CA TYR J 13 5.84 -51.44 -31.09
C TYR J 13 5.99 -50.25 -30.18
N CYS J 14 6.62 -49.16 -30.66
CA CYS J 14 6.57 -47.93 -29.87
C CYS J 14 6.11 -46.75 -30.71
N ALA J 15 5.05 -46.13 -30.21
CA ALA J 15 4.29 -45.06 -30.84
C ALA J 15 5.12 -43.98 -31.51
N ASP J 16 6.09 -43.43 -30.81
CA ASP J 16 6.85 -42.30 -31.32
C ASP J 16 8.32 -42.68 -31.33
N CYS J 17 8.79 -43.12 -32.49
CA CYS J 17 10.19 -43.44 -32.71
C CYS J 17 10.89 -42.34 -33.47
N GLY J 18 10.47 -41.12 -33.23
CA GLY J 18 10.84 -39.90 -33.90
C GLY J 18 9.77 -39.56 -34.91
N ALA J 19 9.64 -38.28 -35.19
CA ALA J 19 8.79 -37.81 -36.29
C ALA J 19 7.30 -38.11 -36.09
N GLY J 20 6.90 -38.66 -34.96
CA GLY J 20 5.49 -38.90 -34.75
C GLY J 20 4.97 -40.15 -35.41
N HIS J 21 5.82 -40.95 -36.03
CA HIS J 21 5.40 -42.16 -36.72
C HIS J 21 5.57 -43.35 -35.79
N SER J 22 4.53 -44.16 -35.68
CA SER J 22 4.65 -45.42 -34.97
C SER J 22 5.66 -46.29 -35.69
N CYS J 23 6.50 -46.98 -34.92
CA CYS J 23 7.37 -47.92 -35.60
C CYS J 23 7.76 -49.05 -34.67
N HIS J 24 8.16 -50.14 -35.31
CA HIS J 24 8.55 -51.36 -34.64
C HIS J 24 10.03 -51.24 -34.35
N SER J 25 10.32 -50.85 -33.26
CA SER J 25 11.66 -50.48 -32.88
C SER J 25 12.27 -51.57 -32.03
N PRO J 26 13.60 -51.70 -32.03
CA PRO J 26 14.22 -52.63 -31.10
C PRO J 26 14.47 -52.05 -29.75
N VAL J 27 14.21 -50.76 -29.55
CA VAL J 27 14.74 -50.05 -28.41
C VAL J 27 13.56 -49.51 -27.62
N ALA J 28 12.42 -50.18 -27.69
CA ALA J 28 11.22 -49.61 -27.13
C ALA J 28 11.32 -49.58 -25.61
N ILE J 29 11.06 -48.42 -25.02
CA ILE J 29 11.01 -48.35 -23.58
C ILE J 29 9.71 -48.97 -23.14
N GLU J 30 9.75 -49.66 -22.01
CA GLU J 30 8.57 -50.38 -21.54
C GLU J 30 8.17 -50.06 -20.11
N ALA J 31 9.14 -49.72 -19.29
CA ALA J 31 8.91 -49.33 -17.92
C ALA J 31 9.79 -48.13 -17.62
N VAL J 32 9.27 -47.18 -16.86
CA VAL J 32 10.12 -46.17 -16.25
C VAL J 32 9.82 -46.18 -14.78
N ARG J 33 10.81 -46.53 -13.97
CA ARG J 33 10.65 -46.70 -12.54
C ARG J 33 11.47 -45.63 -11.86
N SER J 34 10.83 -44.85 -11.01
CA SER J 34 11.43 -43.67 -10.42
C SER J 34 11.19 -43.61 -8.93
N GLU J 35 11.38 -44.72 -8.25
CA GLU J 35 11.21 -44.71 -6.82
C GLU J 35 12.41 -44.16 -6.07
N ALA J 36 13.50 -43.86 -6.76
CA ALA J 36 14.67 -43.28 -6.11
C ALA J 36 14.41 -41.82 -5.79
N THR J 37 14.66 -41.43 -4.56
CA THR J 37 14.48 -40.04 -4.18
C THR J 37 15.65 -39.18 -4.61
N ASP J 38 16.77 -39.76 -4.99
CA ASP J 38 17.86 -38.98 -5.53
C ASP J 38 17.45 -38.35 -6.84
N GLY J 39 16.74 -39.11 -7.66
CA GLY J 39 16.24 -38.63 -8.93
C GLY J 39 16.61 -39.54 -10.08
N MET J 40 17.43 -40.55 -9.82
CA MET J 40 17.81 -41.44 -10.90
C MET J 40 16.60 -42.26 -11.31
N LEU J 41 16.46 -42.48 -12.60
CA LEU J 41 15.38 -43.25 -13.18
C LEU J 41 15.93 -44.52 -13.79
N LYS J 42 15.25 -45.63 -13.51
CA LYS J 42 15.56 -46.90 -14.13
C LYS J 42 14.64 -47.04 -15.34
N ILE J 43 15.23 -47.04 -16.52
CA ILE J 43 14.49 -47.11 -17.76
C ILE J 43 14.69 -48.50 -18.30
N GLN J 44 13.62 -49.13 -18.72
CA GLN J 44 13.63 -50.54 -19.10
C GLN J 44 13.63 -50.65 -20.61
N PHE J 45 14.78 -50.97 -21.17
CA PHE J 45 14.92 -50.98 -22.61
C PHE J 45 14.18 -52.19 -23.17
N SER J 46 14.22 -52.36 -24.49
CA SER J 46 13.91 -53.63 -25.11
C SER J 46 15.13 -54.33 -25.67
N ALA J 47 16.32 -53.79 -25.44
CA ALA J 47 17.55 -54.45 -25.85
C ALA J 47 18.57 -54.33 -24.73
N GLN J 48 19.13 -55.46 -24.32
CA GLN J 48 20.05 -55.45 -23.19
C GLN J 48 21.39 -54.80 -23.56
N ILE J 49 22.12 -54.45 -22.50
CA ILE J 49 23.32 -53.62 -22.59
C ILE J 49 24.49 -54.49 -22.17
N GLY J 50 25.52 -54.54 -23.00
CA GLY J 50 26.77 -55.15 -22.59
C GLY J 50 26.85 -56.64 -22.70
N ILE J 51 26.00 -57.27 -23.52
CA ILE J 51 26.04 -58.70 -23.77
C ILE J 51 25.99 -58.87 -25.28
N ASP J 52 27.14 -59.13 -25.89
CA ASP J 52 27.28 -59.07 -27.34
C ASP J 52 26.66 -60.33 -27.97
N LYS J 53 26.81 -60.48 -29.29
CA LYS J 53 26.26 -61.65 -29.96
C LYS J 53 26.86 -62.93 -29.42
N SER J 54 28.17 -62.92 -29.17
CA SER J 54 28.87 -64.07 -28.62
C SER J 54 28.64 -64.24 -27.13
N ASP J 55 27.73 -63.49 -26.53
CA ASP J 55 27.40 -63.58 -25.11
C ASP J 55 28.59 -63.26 -24.21
N ASN J 56 29.64 -62.67 -24.76
CA ASN J 56 30.70 -62.07 -23.98
C ASN J 56 30.10 -60.88 -23.25
N HIS J 57 30.62 -60.61 -22.06
CA HIS J 57 30.08 -59.58 -21.19
C HIS J 57 30.74 -58.24 -21.43
N ASP J 58 31.31 -58.03 -22.61
CA ASP J 58 32.04 -56.79 -22.84
C ASP J 58 31.10 -55.59 -22.83
N TYR J 59 31.67 -54.46 -22.42
CA TYR J 59 30.90 -53.26 -22.15
C TYR J 59 30.80 -52.34 -23.35
N THR J 60 31.77 -52.39 -24.25
CA THR J 60 31.77 -51.47 -25.38
C THR J 60 30.65 -51.74 -26.36
N LYS J 61 29.94 -52.87 -26.24
CA LYS J 61 28.98 -53.32 -27.23
C LYS J 61 27.59 -53.32 -26.65
N ILE J 62 26.61 -52.93 -27.47
CA ILE J 62 25.20 -52.89 -27.12
C ILE J 62 24.47 -53.83 -28.06
N ARG J 63 23.68 -54.74 -27.48
CA ARG J 63 23.04 -55.80 -28.23
C ARG J 63 21.61 -55.44 -28.54
N TYR J 64 21.18 -55.72 -29.76
CA TYR J 64 19.80 -55.52 -30.14
C TYR J 64 19.43 -56.54 -31.19
N ALA J 65 18.16 -56.54 -31.56
CA ALA J 65 17.62 -57.50 -32.51
C ALA J 65 17.11 -56.74 -33.70
N ASP J 66 17.43 -57.21 -34.89
CA ASP J 66 16.86 -56.72 -36.11
C ASP J 66 16.50 -57.93 -36.95
N GLY J 67 15.38 -57.83 -37.65
CA GLY J 67 14.88 -59.00 -38.31
C GLY J 67 14.66 -60.10 -37.31
N HIS J 68 15.20 -61.27 -37.60
CA HIS J 68 15.30 -62.37 -36.66
C HIS J 68 16.72 -62.54 -36.15
N ALA J 69 17.67 -61.77 -36.63
CA ALA J 69 19.04 -61.88 -36.19
C ALA J 69 19.28 -60.91 -35.05
N ILE J 70 20.32 -61.21 -34.28
CA ILE J 70 20.75 -60.38 -33.17
C ILE J 70 22.05 -59.72 -33.60
N GLU J 71 22.06 -58.41 -33.66
CA GLU J 71 23.21 -57.60 -34.02
C GLU J 71 23.63 -56.77 -32.84
N ASN J 72 24.77 -56.09 -32.99
CA ASN J 72 25.30 -55.22 -31.96
C ASN J 72 25.62 -53.85 -32.54
N ALA J 73 25.93 -52.92 -31.65
CA ALA J 73 26.31 -51.57 -32.03
C ALA J 73 27.21 -51.01 -30.94
N VAL J 74 27.69 -49.80 -31.14
CA VAL J 74 28.68 -49.22 -30.26
C VAL J 74 28.00 -48.75 -28.98
N ARG J 75 28.65 -49.00 -27.85
CA ARG J 75 28.06 -48.62 -26.57
C ARG J 75 27.93 -47.12 -26.44
N SER J 76 28.95 -46.37 -26.85
CA SER J 76 28.86 -44.92 -26.72
C SER J 76 27.75 -44.31 -27.55
N SER J 77 27.07 -45.08 -28.39
CA SER J 77 25.94 -44.56 -29.14
C SER J 77 24.82 -44.13 -28.23
N LEU J 78 24.64 -44.80 -27.11
CA LEU J 78 23.42 -44.66 -26.32
C LEU J 78 23.24 -43.22 -25.89
N LYS J 79 22.04 -42.70 -26.11
CA LYS J 79 21.71 -41.34 -25.70
C LYS J 79 20.36 -41.34 -25.04
N VAL J 80 20.27 -40.76 -23.86
CA VAL J 80 19.01 -40.58 -23.16
C VAL J 80 18.76 -39.08 -23.08
N ALA J 81 17.52 -38.67 -23.32
CA ALA J 81 17.22 -37.25 -23.28
C ALA J 81 15.76 -37.04 -22.93
N THR J 82 15.49 -36.23 -21.91
CA THR J 82 14.12 -35.87 -21.59
C THR J 82 13.75 -34.50 -22.13
N SER J 83 14.50 -33.47 -21.79
CA SER J 83 14.48 -32.20 -22.47
C SER J 83 15.79 -31.93 -23.19
N GLY J 84 16.88 -32.01 -22.45
CA GLY J 84 18.21 -31.98 -22.99
C GLY J 84 18.89 -33.33 -22.84
N ASP J 85 20.17 -33.35 -23.18
CA ASP J 85 20.97 -34.53 -23.00
C ASP J 85 20.98 -34.92 -21.53
N CYS J 86 20.84 -36.21 -21.26
CA CYS J 86 20.86 -36.73 -19.91
C CYS J 86 22.24 -37.30 -19.66
N PHE J 87 22.43 -37.92 -18.50
CA PHE J 87 23.65 -38.63 -18.20
C PHE J 87 23.27 -39.99 -17.67
N VAL J 88 23.90 -41.02 -18.19
CA VAL J 88 23.66 -42.40 -17.80
C VAL J 88 24.72 -42.82 -16.81
N HIS J 89 24.32 -43.58 -15.80
CA HIS J 89 25.22 -43.97 -14.74
C HIS J 89 25.53 -45.45 -14.79
N GLY J 90 24.50 -46.26 -14.82
CA GLY J 90 24.66 -47.69 -14.78
C GLY J 90 23.94 -48.26 -15.97
N THR J 91 24.70 -48.87 -16.84
CA THR J 91 24.18 -49.49 -18.04
C THR J 91 24.44 -50.98 -17.89
N MET J 92 23.40 -51.75 -17.63
CA MET J 92 23.57 -53.19 -17.55
C MET J 92 22.25 -53.86 -17.91
N GLY J 93 22.34 -54.90 -18.72
CA GLY J 93 21.20 -55.70 -19.09
C GLY J 93 20.14 -54.87 -19.78
N HIS J 94 18.88 -55.27 -19.56
CA HIS J 94 17.73 -54.55 -20.08
C HIS J 94 17.48 -53.21 -19.43
N PHE J 95 18.30 -52.79 -18.48
CA PHE J 95 17.99 -51.67 -17.62
C PHE J 95 19.09 -50.64 -17.72
N ILE J 96 18.70 -49.37 -17.75
CA ILE J 96 19.65 -48.26 -17.85
C ILE J 96 19.26 -47.21 -16.81
N LEU J 97 20.23 -46.80 -16.00
CA LEU J 97 20.01 -45.79 -14.97
C LEU J 97 20.44 -44.45 -15.50
N ALA J 98 19.59 -43.44 -15.31
CA ALA J 98 19.88 -42.10 -15.81
C ALA J 98 19.49 -41.05 -14.79
N LYS J 99 20.29 -40.00 -14.70
CA LYS J 99 19.90 -38.77 -14.04
C LYS J 99 19.57 -37.76 -15.12
N CYS J 100 18.41 -37.13 -15.02
CA CYS J 100 17.84 -36.41 -16.15
C CYS J 100 17.20 -35.11 -15.71
N PRO J 101 17.24 -34.07 -16.55
CA PRO J 101 16.63 -32.82 -16.17
C PRO J 101 15.13 -32.87 -16.39
N PRO J 102 14.37 -32.02 -15.73
CA PRO J 102 12.91 -32.08 -15.84
C PRO J 102 12.45 -31.86 -17.26
N GLY J 103 11.39 -32.54 -17.62
CA GLY J 103 10.81 -32.39 -18.94
C GLY J 103 9.43 -32.99 -18.97
N GLU J 104 9.03 -33.45 -20.14
CA GLU J 104 7.77 -34.14 -20.29
C GLU J 104 7.84 -35.45 -21.05
N PHE J 105 8.91 -35.72 -21.78
CA PHE J 105 9.06 -36.96 -22.50
C PHE J 105 10.41 -37.56 -22.16
N LEU J 106 10.64 -38.76 -22.67
CA LEU J 106 11.90 -39.47 -22.43
C LEU J 106 12.22 -40.24 -23.69
N GLN J 107 13.39 -40.01 -24.27
CA GLN J 107 13.77 -40.62 -25.53
C GLN J 107 15.09 -41.33 -25.31
N VAL J 108 15.18 -42.58 -25.77
CA VAL J 108 16.42 -43.34 -25.73
C VAL J 108 16.82 -43.70 -27.14
N SER J 109 18.11 -43.60 -27.44
CA SER J 109 18.59 -43.66 -28.81
C SER J 109 19.83 -44.53 -28.91
N ILE J 110 19.99 -45.18 -30.07
CA ILE J 110 21.09 -46.10 -30.33
C ILE J 110 21.21 -46.26 -31.84
N GLN J 111 22.45 -46.34 -32.32
CA GLN J 111 22.74 -46.54 -33.72
C GLN J 111 22.76 -48.03 -34.08
N ASP J 112 22.41 -48.34 -35.33
CA ASP J 112 22.47 -49.71 -35.84
C ASP J 112 23.88 -50.07 -36.25
N THR J 113 24.03 -51.25 -36.86
CA THR J 113 25.22 -51.53 -37.62
C THR J 113 25.30 -50.66 -38.87
N ARG J 114 24.16 -50.19 -39.38
CA ARG J 114 24.17 -49.25 -40.49
C ARG J 114 24.42 -47.82 -40.06
N ASN J 115 24.74 -47.58 -38.79
CA ASN J 115 25.00 -46.23 -38.28
C ASN J 115 23.81 -45.31 -38.52
N ALA J 116 22.60 -45.85 -38.49
CA ALA J 116 21.37 -45.08 -38.60
C ALA J 116 20.72 -45.06 -37.22
N VAL J 117 20.33 -43.87 -36.77
CA VAL J 117 19.87 -43.73 -35.39
C VAL J 117 18.44 -44.23 -35.31
N ARG J 118 18.21 -45.26 -34.49
CA ARG J 118 16.88 -45.61 -34.05
C ARG J 118 16.76 -45.25 -32.59
N ALA J 119 15.65 -44.62 -32.26
CA ALA J 119 15.41 -44.18 -30.91
C ALA J 119 13.93 -44.30 -30.69
N CYS J 120 13.52 -44.24 -29.44
CA CYS J 120 12.10 -44.30 -29.22
C CYS J 120 11.76 -43.56 -27.95
N ARG J 121 10.52 -43.08 -27.89
CA ARG J 121 10.12 -42.04 -26.97
C ARG J 121 8.85 -42.44 -26.23
N ILE J 122 8.79 -42.12 -24.95
CA ILE J 122 7.58 -42.30 -24.16
C ILE J 122 7.30 -41.03 -23.39
N GLN J 123 6.06 -40.91 -22.95
CA GLN J 123 5.60 -39.73 -22.23
C GLN J 123 5.76 -39.98 -20.74
N TYR J 124 6.69 -39.26 -20.11
CA TYR J 124 6.92 -39.37 -18.68
C TYR J 124 7.07 -37.99 -18.08
N HIS J 125 6.33 -37.72 -16.99
CA HIS J 125 6.35 -36.39 -16.38
C HIS J 125 7.74 -36.00 -15.91
N HIS J 126 8.30 -36.75 -14.98
CA HIS J 126 9.68 -36.52 -14.51
C HIS J 126 9.95 -35.10 -14.05
N ASP J 127 9.24 -34.68 -13.03
CA ASP J 127 9.63 -33.46 -12.32
C ASP J 127 10.20 -33.86 -10.96
N PRO J 128 11.48 -34.20 -10.89
CA PRO J 128 12.05 -34.67 -9.64
C PRO J 128 12.18 -33.55 -8.62
N GLN J 129 11.72 -33.80 -7.41
CA GLN J 129 11.84 -32.86 -6.32
C GLN J 129 12.90 -33.38 -5.36
N PRO J 130 14.08 -32.78 -5.26
CA PRO J 130 15.12 -33.35 -4.41
C PRO J 130 14.70 -33.30 -2.95
N VAL J 131 15.30 -34.18 -2.15
CA VAL J 131 14.79 -34.38 -0.81
C VAL J 131 15.00 -33.12 0.00
N GLY J 132 14.30 -33.04 1.11
CA GLY J 132 14.53 -31.98 2.05
C GLY J 132 13.54 -30.90 1.80
N ARG J 133 13.87 -29.66 2.13
CA ARG J 133 12.91 -28.58 2.12
C ARG J 133 13.32 -27.45 1.19
N GLU J 134 14.24 -27.69 0.28
CA GLU J 134 14.54 -26.75 -0.78
C GLU J 134 14.78 -27.47 -2.09
N LYS J 135 14.14 -27.03 -3.16
CA LYS J 135 14.39 -27.62 -4.47
C LYS J 135 15.61 -26.94 -5.07
N PHE J 136 16.71 -27.67 -5.14
CA PHE J 136 17.95 -27.20 -5.73
C PHE J 136 18.25 -27.99 -7.00
N THR J 137 18.94 -27.34 -7.91
CA THR J 137 19.28 -28.00 -9.16
C THR J 137 20.51 -28.88 -9.02
N ILE J 138 21.59 -28.36 -8.44
CA ILE J 138 22.83 -29.09 -8.30
C ILE J 138 23.31 -29.03 -6.86
N ARG J 139 24.08 -30.02 -6.46
CA ARG J 139 24.41 -30.14 -5.05
C ARG J 139 25.32 -29.01 -4.60
N PRO J 140 25.08 -28.42 -3.44
CA PRO J 140 25.97 -27.35 -2.99
C PRO J 140 27.28 -27.91 -2.52
N HIS J 141 28.25 -27.03 -2.34
CA HIS J 141 29.52 -27.44 -1.78
C HIS J 141 29.56 -27.41 -0.27
N TYR J 142 28.68 -26.66 0.38
CA TYR J 142 28.50 -26.70 1.83
C TYR J 142 27.06 -27.04 2.13
N GLY J 143 26.82 -28.00 2.99
CA GLY J 143 25.45 -28.36 3.26
C GLY J 143 25.37 -29.52 4.22
N LYS J 144 24.14 -29.92 4.49
CA LYS J 144 23.90 -31.06 5.34
C LYS J 144 23.87 -32.32 4.50
N GLU J 145 24.01 -33.44 5.18
CA GLU J 145 23.76 -34.74 4.60
C GLU J 145 22.42 -35.22 5.11
N ILE J 146 21.54 -35.61 4.19
CA ILE J 146 20.20 -36.08 4.55
C ILE J 146 20.03 -37.39 3.77
N PRO J 147 19.33 -38.39 4.31
CA PRO J 147 19.26 -39.67 3.59
C PRO J 147 18.38 -39.69 2.36
N CYS J 148 18.96 -39.82 1.16
CA CYS J 148 18.20 -40.13 -0.03
C CYS J 148 18.39 -41.60 -0.38
N THR J 149 17.44 -42.11 -1.14
CA THR J 149 17.43 -43.49 -1.61
C THR J 149 17.76 -43.49 -3.09
N THR J 150 18.76 -44.24 -3.49
CA THR J 150 19.10 -44.29 -4.91
C THR J 150 19.49 -45.70 -5.29
N TYR J 151 19.68 -45.89 -6.58
CA TYR J 151 20.00 -47.19 -7.12
C TYR J 151 21.50 -47.28 -7.24
N GLN J 152 22.08 -48.38 -6.76
CA GLN J 152 23.51 -48.66 -6.87
C GLN J 152 23.77 -49.73 -7.90
N GLN J 153 25.05 -49.90 -8.22
CA GLN J 153 25.46 -50.77 -9.30
C GLN J 153 25.60 -52.24 -8.89
N THR J 154 25.36 -52.58 -7.63
CA THR J 154 25.46 -53.96 -7.22
C THR J 154 24.50 -54.84 -7.99
N THR J 155 25.03 -55.76 -8.81
CA THR J 155 24.25 -56.88 -9.35
C THR J 155 23.90 -57.95 -8.30
N ALA J 156 24.33 -57.79 -7.05
CA ALA J 156 24.47 -58.88 -6.09
C ALA J 156 23.35 -58.85 -5.05
N LYS J 157 22.61 -59.96 -4.94
CA LYS J 157 21.85 -60.26 -3.73
C LYS J 157 20.80 -59.19 -3.42
N THR J 158 19.88 -58.98 -4.37
CA THR J 158 18.65 -58.29 -4.01
C THR J 158 17.50 -58.86 -4.84
N VAL J 159 16.50 -59.37 -4.13
CA VAL J 159 15.33 -59.98 -4.72
C VAL J 159 14.48 -58.88 -5.33
N GLU J 160 14.46 -58.84 -6.65
CA GLU J 160 13.57 -58.02 -7.45
C GLU J 160 13.70 -58.56 -8.85
N GLU J 161 12.59 -58.70 -9.55
CA GLU J 161 12.57 -59.65 -10.65
C GLU J 161 11.59 -59.22 -11.72
N ILE J 162 11.74 -59.88 -12.86
CA ILE J 162 10.85 -59.78 -14.00
C ILE J 162 10.58 -61.18 -14.49
N ASP J 163 9.52 -61.31 -15.28
CA ASP J 163 9.13 -62.61 -15.83
C ASP J 163 9.61 -62.73 -17.25
N MET J 164 10.46 -63.72 -17.51
CA MET J 164 10.88 -64.05 -18.85
C MET J 164 9.95 -65.12 -19.42
N HIS J 165 9.75 -65.09 -20.73
CA HIS J 165 8.80 -65.98 -21.40
C HIS J 165 9.35 -66.31 -22.77
N MET J 166 8.85 -67.37 -23.33
CA MET J 166 9.47 -67.95 -24.51
C MET J 166 8.95 -67.24 -25.77
N PRO J 167 9.81 -66.95 -26.74
CA PRO J 167 9.40 -66.10 -27.88
C PRO J 167 8.26 -66.74 -28.66
N PRO J 168 7.10 -66.09 -28.74
CA PRO J 168 5.93 -66.81 -29.27
C PRO J 168 6.07 -67.30 -30.70
N ASP J 169 6.42 -66.39 -31.61
CA ASP J 169 6.37 -66.65 -33.05
C ASP J 169 6.95 -65.40 -33.69
N THR J 170 7.28 -65.50 -34.96
CA THR J 170 7.74 -64.33 -35.70
C THR J 170 7.41 -64.53 -37.17
N PRO J 171 6.22 -64.11 -37.61
CA PRO J 171 5.87 -64.27 -39.02
C PRO J 171 6.51 -63.17 -39.85
N ASP J 172 7.30 -63.57 -40.84
CA ASP J 172 7.77 -62.65 -41.86
C ASP J 172 7.41 -63.17 -43.26
N ARG J 173 7.27 -62.23 -44.19
CA ARG J 173 7.03 -62.52 -45.58
C ARG J 173 8.30 -62.45 -46.41
N THR J 174 9.45 -62.18 -45.79
CA THR J 174 10.70 -62.24 -46.51
C THR J 174 11.13 -63.67 -46.76
N LEU J 175 10.70 -64.60 -45.90
CA LEU J 175 11.14 -65.98 -46.03
C LEU J 175 10.47 -66.71 -47.18
N LEU J 176 9.38 -66.19 -47.74
CA LEU J 176 8.71 -66.81 -48.87
C LEU J 176 9.19 -66.23 -50.18
N SER J 177 9.34 -67.09 -51.19
CA SER J 177 9.62 -66.65 -52.56
C SER J 177 8.70 -67.41 -53.51
N GLN J 178 8.18 -66.69 -54.50
CA GLN J 178 7.25 -67.27 -55.47
C GLN J 178 8.03 -67.80 -56.66
N GLN J 179 7.92 -69.12 -56.90
CA GLN J 179 8.65 -69.79 -57.99
C GLN J 179 7.67 -70.57 -58.84
N SER J 180 7.28 -69.97 -59.98
CA SER J 180 6.51 -70.63 -61.03
C SER J 180 5.28 -71.34 -60.49
N GLY J 181 4.46 -70.58 -59.75
CA GLY J 181 3.24 -71.13 -59.20
C GLY J 181 3.44 -71.96 -57.95
N ASN J 182 4.67 -72.03 -57.44
CA ASN J 182 5.02 -72.76 -56.25
C ASN J 182 5.52 -71.78 -55.21
N VAL J 183 5.55 -72.23 -53.96
CA VAL J 183 5.99 -71.41 -52.84
C VAL J 183 7.28 -72.02 -52.32
N LYS J 184 8.40 -71.33 -52.50
CA LYS J 184 9.68 -71.76 -51.97
C LYS J 184 9.88 -71.11 -50.61
N ILE J 185 9.96 -71.95 -49.59
CA ILE J 185 10.20 -71.50 -48.22
C ILE J 185 11.71 -71.63 -48.03
N THR J 186 12.39 -70.50 -48.04
CA THR J 186 13.80 -70.46 -47.69
C THR J 186 13.89 -70.40 -46.17
N VAL J 187 14.89 -71.07 -45.63
CA VAL J 187 15.00 -71.30 -44.20
C VAL J 187 16.13 -70.49 -43.58
N GLY J 188 17.34 -70.66 -44.07
CA GLY J 188 18.45 -69.91 -43.52
C GLY J 188 18.77 -70.22 -42.08
N GLY J 189 18.78 -71.50 -41.72
CA GLY J 189 19.11 -71.89 -40.36
C GLY J 189 18.11 -71.42 -39.32
N LYS J 190 16.83 -71.68 -39.54
CA LYS J 190 15.80 -71.35 -38.56
C LYS J 190 14.61 -72.27 -38.76
N LYS J 191 14.13 -72.86 -37.68
CA LYS J 191 12.90 -73.65 -37.76
C LYS J 191 11.73 -72.77 -38.14
N VAL J 192 10.97 -73.19 -39.15
CA VAL J 192 9.87 -72.40 -39.68
C VAL J 192 8.66 -73.30 -39.82
N LYS J 193 7.51 -72.81 -39.36
CA LYS J 193 6.26 -73.52 -39.53
C LYS J 193 5.39 -72.78 -40.53
N TYR J 194 4.44 -73.52 -41.10
CA TYR J 194 3.63 -73.03 -42.20
C TYR J 194 2.26 -73.67 -42.11
N ASN J 195 1.25 -72.85 -42.36
CA ASN J 195 -0.13 -73.28 -42.63
C ASN J 195 -0.46 -72.87 -44.06
N CYS J 196 -0.19 -73.74 -45.02
CA CYS J 196 -0.45 -73.47 -46.43
C CYS J 196 -1.82 -73.99 -46.82
N THR J 197 -2.71 -73.08 -47.23
CA THR J 197 -4.02 -73.43 -47.75
C THR J 197 -3.98 -73.56 -49.28
N CYS J 198 -3.13 -74.47 -49.76
CA CYS J 198 -2.89 -74.65 -51.19
C CYS J 198 -3.24 -76.08 -51.57
N GLY J 199 -4.40 -76.25 -52.19
CA GLY J 199 -4.83 -77.53 -52.71
C GLY J 199 -4.91 -78.56 -51.60
N THR J 200 -5.55 -78.18 -50.50
CA THR J 200 -5.41 -78.89 -49.24
C THR J 200 -3.94 -78.93 -48.85
N GLY J 201 -3.32 -77.76 -48.83
CA GLY J 201 -1.91 -77.67 -48.51
C GLY J 201 -1.65 -78.10 -47.08
N ASN J 202 -0.47 -78.66 -46.85
CA ASN J 202 -0.19 -79.30 -45.58
C ASN J 202 0.39 -78.30 -44.60
N VAL J 203 -0.17 -78.28 -43.40
CA VAL J 203 0.45 -77.59 -42.29
C VAL J 203 1.69 -78.36 -41.87
N GLY J 204 2.55 -77.71 -41.11
CA GLY J 204 3.63 -78.42 -40.48
C GLY J 204 4.74 -77.47 -40.07
N THR J 205 5.82 -78.07 -39.59
CA THR J 205 7.03 -77.33 -39.31
C THR J 205 8.20 -78.06 -39.92
N THR J 206 9.08 -77.29 -40.55
CA THR J 206 10.24 -77.82 -41.23
C THR J 206 11.46 -76.95 -40.95
N ASN J 207 12.61 -77.60 -41.03
CA ASN J 207 13.88 -77.00 -40.66
C ASN J 207 14.83 -76.79 -41.83
N SER J 208 14.41 -77.11 -43.05
CA SER J 208 15.27 -77.00 -44.23
C SER J 208 14.47 -76.36 -45.36
N ASP J 209 15.19 -75.79 -46.32
CA ASP J 209 14.59 -75.18 -47.49
C ASP J 209 13.64 -76.14 -48.20
N MET J 210 12.47 -75.62 -48.57
CA MET J 210 11.43 -76.42 -49.24
C MET J 210 10.77 -75.65 -50.36
N THR J 211 10.01 -76.39 -51.16
CA THR J 211 9.19 -75.81 -52.20
C THR J 211 7.88 -76.59 -52.27
N ILE J 212 6.77 -75.88 -52.13
CA ILE J 212 5.43 -76.45 -52.16
C ILE J 212 4.88 -76.20 -53.54
N ASN J 213 4.49 -77.27 -54.24
CA ASN J 213 4.05 -77.14 -55.60
C ASN J 213 2.59 -76.69 -55.65
N THR J 214 2.27 -75.93 -56.70
CA THR J 214 0.93 -75.43 -56.95
C THR J 214 0.40 -74.67 -55.73
N CYS J 215 1.12 -73.60 -55.38
CA CYS J 215 0.79 -72.81 -54.22
C CYS J 215 1.20 -71.37 -54.47
N LEU J 216 0.44 -70.44 -53.91
CA LEU J 216 0.67 -69.02 -54.08
C LEU J 216 1.13 -68.41 -52.76
N ILE J 217 2.11 -67.51 -52.84
CA ILE J 217 2.58 -66.84 -51.63
C ILE J 217 1.46 -66.03 -51.01
N GLU J 218 0.59 -65.45 -51.83
CA GLU J 218 -0.46 -64.60 -51.30
C GLU J 218 -1.49 -65.36 -50.49
N GLN J 219 -1.52 -66.69 -50.56
CA GLN J 219 -2.50 -67.48 -49.83
C GLN J 219 -1.90 -68.35 -48.74
N CYS J 220 -0.59 -68.54 -48.71
CA CYS J 220 0.00 -69.37 -47.66
C CYS J 220 0.44 -68.50 -46.48
N HIS J 221 1.06 -69.15 -45.49
CA HIS J 221 1.53 -68.51 -44.28
C HIS J 221 2.89 -69.08 -43.91
N VAL J 222 3.61 -68.38 -43.05
CA VAL J 222 4.93 -68.78 -42.59
C VAL J 222 5.21 -68.07 -41.29
N SER J 223 5.81 -68.79 -40.34
CA SER J 223 6.13 -68.17 -39.06
C SER J 223 7.29 -68.88 -38.40
N VAL J 224 8.24 -68.09 -37.92
CA VAL J 224 9.48 -68.60 -37.36
C VAL J 224 9.22 -69.07 -35.95
N THR J 225 9.74 -70.25 -35.62
CA THR J 225 9.54 -70.90 -34.33
C THR J 225 10.91 -71.12 -33.69
N ASP J 226 11.29 -70.25 -32.78
CA ASP J 226 12.47 -70.45 -31.96
C ASP J 226 12.04 -70.96 -30.60
N HIS J 227 12.96 -71.61 -29.89
CA HIS J 227 12.80 -71.80 -28.47
C HIS J 227 14.05 -71.53 -27.66
N LYS J 228 15.18 -71.18 -28.28
CA LYS J 228 16.45 -71.17 -27.56
C LYS J 228 16.44 -70.19 -26.40
N LYS J 229 16.25 -68.91 -26.70
CA LYS J 229 16.39 -67.85 -25.73
C LYS J 229 15.06 -67.56 -25.05
N TRP J 230 15.06 -66.55 -24.19
CA TRP J 230 13.88 -66.08 -23.50
C TRP J 230 13.72 -64.59 -23.77
N GLN J 231 12.47 -64.15 -23.82
CA GLN J 231 12.11 -62.75 -24.00
C GLN J 231 11.56 -62.25 -22.68
N PHE J 232 11.12 -61.00 -22.65
CA PHE J 232 10.49 -60.47 -21.46
C PHE J 232 9.01 -60.53 -21.76
N ASN J 233 8.19 -60.56 -20.70
CA ASN J 233 6.76 -60.74 -20.84
C ASN J 233 6.16 -59.38 -21.22
N SER J 234 6.55 -58.94 -22.41
CA SER J 234 6.34 -57.58 -22.87
C SER J 234 4.90 -57.41 -23.31
N PRO J 235 4.14 -56.46 -22.74
CA PRO J 235 2.76 -56.30 -23.18
C PRO J 235 2.56 -56.03 -24.65
N PHE J 236 3.60 -55.79 -25.43
CA PHE J 236 3.49 -55.58 -26.87
C PHE J 236 3.98 -56.76 -27.70
N VAL J 237 4.27 -57.91 -27.09
CA VAL J 237 4.60 -59.13 -27.84
C VAL J 237 3.75 -60.30 -27.34
N PRO J 238 3.02 -61.05 -28.20
CA PRO J 238 2.07 -62.04 -27.69
C PRO J 238 2.66 -63.18 -26.90
N ARG J 239 1.78 -64.00 -26.32
CA ARG J 239 2.13 -65.20 -25.58
C ARG J 239 1.91 -66.44 -26.44
N ALA J 240 2.53 -67.54 -26.02
CA ALA J 240 2.34 -68.84 -26.69
C ALA J 240 1.34 -69.74 -25.97
N ASP J 241 1.57 -70.00 -24.69
CA ASP J 241 0.90 -71.05 -23.95
C ASP J 241 -0.27 -70.54 -23.13
N GLU J 242 -1.40 -71.24 -23.17
CA GLU J 242 -2.62 -70.68 -22.61
C GLU J 242 -2.60 -70.56 -21.09
N PRO J 243 -2.47 -71.64 -20.32
CA PRO J 243 -2.73 -71.51 -18.87
C PRO J 243 -1.72 -70.66 -18.13
N ALA J 244 -0.48 -70.65 -18.59
CA ALA J 244 0.68 -70.25 -17.81
C ALA J 244 1.82 -70.30 -18.81
N ARG J 245 3.03 -69.86 -18.44
CA ARG J 245 4.31 -70.52 -18.76
C ARG J 245 5.40 -69.47 -18.64
N LYS J 246 5.61 -68.98 -17.42
CA LYS J 246 6.39 -67.80 -17.11
C LYS J 246 7.68 -68.20 -16.39
N GLY J 247 8.81 -67.88 -17.00
CA GLY J 247 10.09 -67.98 -16.31
C GLY J 247 10.47 -66.68 -15.61
N LYS J 248 11.54 -66.74 -14.81
CA LYS J 248 11.92 -65.65 -13.92
C LYS J 248 13.41 -65.35 -14.02
N VAL J 249 13.76 -64.11 -13.69
CA VAL J 249 15.16 -63.70 -13.70
C VAL J 249 15.32 -62.48 -12.81
N HIS J 250 16.45 -62.42 -12.10
CA HIS J 250 16.77 -61.26 -11.28
C HIS J 250 17.08 -60.08 -12.17
N ILE J 251 16.94 -58.87 -11.62
CA ILE J 251 17.20 -57.65 -12.38
C ILE J 251 18.17 -56.72 -11.68
N PRO J 252 19.02 -56.03 -12.43
CA PRO J 252 20.07 -55.20 -11.83
C PRO J 252 19.60 -54.01 -11.03
N PHE J 253 20.56 -53.34 -10.44
CA PHE J 253 20.44 -52.12 -9.68
C PHE J 253 19.32 -52.05 -8.64
N PRO J 254 19.41 -52.80 -7.56
CA PRO J 254 18.51 -52.57 -6.42
C PRO J 254 18.77 -51.20 -5.82
N LEU J 255 17.86 -50.79 -4.93
CA LEU J 255 17.92 -49.48 -4.30
C LEU J 255 18.40 -49.57 -2.86
N ASP J 256 19.25 -48.63 -2.46
CA ASP J 256 19.62 -48.54 -1.06
C ASP J 256 19.93 -47.10 -0.68
N ASN J 257 20.09 -46.90 0.62
CA ASN J 257 20.23 -45.59 1.23
C ASN J 257 21.62 -45.03 1.02
N ILE J 258 21.70 -43.78 0.57
CA ILE J 258 22.95 -43.05 0.59
C ILE J 258 22.68 -41.64 1.11
N THR J 259 23.61 -41.16 1.93
CA THR J 259 23.60 -39.78 2.40
C THR J 259 23.82 -38.85 1.23
N CYS J 260 23.10 -37.73 1.23
CA CYS J 260 22.79 -37.01 0.02
C CYS J 260 22.65 -35.55 0.35
N ARG J 261 23.52 -34.74 -0.26
CA ARG J 261 23.83 -33.39 0.18
C ARG J 261 22.72 -32.43 -0.15
N VAL J 262 22.48 -31.49 0.76
CA VAL J 262 21.32 -30.62 0.67
C VAL J 262 21.73 -29.25 1.19
N PRO J 263 21.41 -28.16 0.51
CA PRO J 263 21.87 -26.85 0.97
C PRO J 263 21.19 -26.43 2.24
N MET J 264 21.68 -25.34 2.81
CA MET J 264 21.08 -24.70 3.96
C MET J 264 20.76 -23.29 3.53
N ALA J 265 19.50 -22.91 3.64
CA ALA J 265 19.13 -21.58 3.20
C ALA J 265 19.71 -20.58 4.18
N ARG J 266 20.05 -19.41 3.65
CA ARG J 266 20.67 -18.41 4.49
C ARG J 266 19.74 -17.94 5.58
N GLU J 267 20.31 -17.70 6.74
CA GLU J 267 19.51 -17.36 7.89
C GLU J 267 18.85 -16.00 7.71
N PRO J 268 17.56 -15.87 7.94
CA PRO J 268 16.89 -14.61 7.71
C PRO J 268 17.25 -13.54 8.71
N THR J 269 17.23 -12.29 8.26
CA THR J 269 17.27 -11.18 9.19
C THR J 269 15.96 -11.12 9.94
N VAL J 270 16.05 -10.85 11.24
CA VAL J 270 14.94 -10.84 12.17
C VAL J 270 14.80 -9.44 12.73
N ILE J 271 13.60 -8.87 12.67
CA ILE J 271 13.31 -7.58 13.27
C ILE J 271 12.27 -7.83 14.35
N HIS J 272 12.60 -7.44 15.57
CA HIS J 272 11.74 -7.70 16.71
C HIS J 272 10.65 -6.64 16.82
N GLY J 273 9.44 -7.07 17.14
CA GLY J 273 8.35 -6.17 17.42
C GLY J 273 7.59 -6.61 18.65
N LYS J 274 6.53 -5.88 18.96
CA LYS J 274 5.70 -6.20 20.11
C LYS J 274 4.85 -7.41 19.78
N ARG J 275 5.22 -8.56 20.34
CA ARG J 275 4.45 -9.78 20.19
C ARG J 275 4.32 -10.18 18.72
N GLU J 276 5.25 -9.75 17.90
CA GLU J 276 5.30 -10.21 16.53
C GLU J 276 6.74 -10.04 16.10
N VAL J 277 7.16 -10.82 15.13
CA VAL J 277 8.51 -10.72 14.63
C VAL J 277 8.45 -10.74 13.12
N THR J 278 9.17 -9.80 12.49
CA THR J 278 9.18 -9.69 11.05
C THR J 278 10.47 -10.27 10.54
N LEU J 279 10.35 -11.27 9.71
CA LEU J 279 11.46 -11.97 9.09
C LEU J 279 11.60 -11.47 7.68
N HIS J 280 12.81 -11.60 7.14
CA HIS J 280 13.11 -11.06 5.82
C HIS J 280 13.86 -12.16 5.09
N LEU J 281 13.08 -12.95 4.35
CA LEU J 281 13.46 -14.23 3.80
C LEU J 281 13.96 -14.07 2.37
N HIS J 282 15.15 -14.61 2.11
CA HIS J 282 15.88 -14.43 0.85
C HIS J 282 16.32 -15.78 0.27
N PRO J 283 15.40 -16.56 -0.27
CA PRO J 283 15.82 -17.80 -0.88
C PRO J 283 16.61 -17.54 -2.14
N ASP J 284 17.41 -18.54 -2.53
CA ASP J 284 17.98 -18.60 -3.87
C ASP J 284 17.30 -19.62 -4.75
N HIS J 285 16.54 -20.50 -4.14
CA HIS J 285 15.71 -21.49 -4.81
C HIS J 285 14.59 -21.79 -3.84
N PRO J 286 13.47 -22.32 -4.32
CA PRO J 286 12.28 -22.36 -3.46
C PRO J 286 12.54 -23.15 -2.19
N THR J 287 11.95 -22.67 -1.09
CA THR J 287 12.16 -23.31 0.20
C THR J 287 10.89 -23.27 1.03
N LEU J 288 10.79 -24.21 1.96
CA LEU J 288 9.69 -24.19 2.92
C LEU J 288 9.94 -23.16 4.00
N PHE J 289 8.85 -22.66 4.52
CA PHE J 289 8.88 -21.78 5.67
C PHE J 289 7.67 -22.17 6.48
N SER J 290 7.88 -22.88 7.57
CA SER J 290 6.80 -23.40 8.38
C SER J 290 6.94 -22.84 9.78
N TYR J 291 5.92 -22.14 10.24
CA TYR J 291 5.93 -21.55 11.57
C TYR J 291 4.75 -22.03 12.37
N ARG J 292 4.99 -22.32 13.65
CA ARG J 292 3.91 -22.73 14.54
C ARG J 292 4.12 -22.16 15.92
N THR J 293 3.02 -21.77 16.56
CA THR J 293 3.10 -21.29 17.92
C THR J 293 3.07 -22.47 18.88
N LEU J 294 3.73 -22.30 20.00
CA LEU J 294 3.87 -23.35 20.99
C LEU J 294 2.82 -23.22 22.10
N GLY J 295 1.56 -23.37 21.75
CA GLY J 295 0.50 -23.21 22.74
C GLY J 295 -0.65 -24.17 22.57
N GLU J 296 -1.80 -23.86 23.15
CA GLU J 296 -2.96 -24.74 23.00
C GLU J 296 -3.40 -24.83 21.55
N ASP J 297 -3.59 -23.68 20.90
CA ASP J 297 -3.96 -23.63 19.50
C ASP J 297 -2.71 -23.46 18.67
N PRO J 298 -2.33 -24.39 17.79
CA PRO J 298 -1.04 -24.25 17.11
C PRO J 298 -0.85 -22.96 16.33
N GLN J 299 -1.87 -22.47 15.65
CA GLN J 299 -1.74 -21.32 14.76
C GLN J 299 -0.63 -21.52 13.73
N TYR J 300 -0.64 -22.68 13.09
CA TYR J 300 0.41 -23.07 12.18
C TYR J 300 0.27 -22.41 10.82
N HIS J 301 1.35 -22.42 10.06
CA HIS J 301 1.28 -22.01 8.67
C HIS J 301 2.53 -22.50 7.95
N GLU J 302 2.35 -23.19 6.83
CA GLU J 302 3.43 -23.70 6.03
C GLU J 302 3.31 -23.11 4.64
N GLU J 303 4.41 -22.64 4.08
CA GLU J 303 4.34 -21.95 2.82
C GLU J 303 5.65 -22.08 2.07
N TRP J 304 5.57 -22.33 0.78
CA TRP J 304 6.74 -22.23 -0.07
C TRP J 304 7.05 -20.78 -0.36
N VAL J 305 8.33 -20.44 -0.33
CA VAL J 305 8.81 -19.12 -0.69
C VAL J 305 9.73 -19.29 -1.87
N THR J 306 9.50 -18.52 -2.92
CA THR J 306 10.31 -18.57 -4.12
C THR J 306 10.92 -17.24 -4.50
N ALA J 307 10.49 -16.15 -3.89
CA ALA J 307 11.05 -14.84 -4.13
C ALA J 307 11.24 -14.16 -2.79
N ALA J 308 12.16 -13.23 -2.74
CA ALA J 308 12.48 -12.56 -1.49
C ALA J 308 11.25 -11.87 -0.94
N VAL J 309 10.85 -12.24 0.26
CA VAL J 309 9.68 -11.65 0.89
C VAL J 309 10.02 -11.22 2.29
N GLU J 310 9.09 -10.50 2.89
CA GLU J 310 9.11 -10.19 4.31
C GLU J 310 7.80 -10.70 4.91
N ARG J 311 7.89 -11.36 6.06
CA ARG J 311 6.72 -11.99 6.64
C ARG J 311 6.70 -11.73 8.14
N THR J 312 5.56 -11.28 8.63
CA THR J 312 5.36 -11.04 10.05
C THR J 312 4.67 -12.24 10.65
N ILE J 313 5.24 -12.80 11.71
CA ILE J 313 4.67 -13.99 12.31
C ILE J 313 4.47 -13.72 13.79
N PRO J 314 3.35 -14.11 14.38
CA PRO J 314 3.09 -13.74 15.76
C PRO J 314 3.82 -14.66 16.70
N VAL J 315 4.25 -14.07 17.81
CA VAL J 315 5.07 -14.77 18.79
C VAL J 315 4.40 -14.61 20.15
N PRO J 316 3.35 -15.37 20.45
CA PRO J 316 2.69 -15.21 21.73
C PRO J 316 3.61 -15.61 22.86
N VAL J 317 3.20 -15.26 24.08
CA VAL J 317 4.06 -15.46 25.25
C VAL J 317 4.42 -16.91 25.41
N ASP J 318 3.57 -17.82 24.93
CA ASP J 318 3.91 -19.23 24.99
C ASP J 318 5.14 -19.54 24.16
N GLY J 319 5.26 -18.93 22.98
CA GLY J 319 6.40 -19.17 22.11
C GLY J 319 6.08 -19.53 20.68
N MET J 320 7.03 -19.31 19.79
CA MET J 320 6.90 -19.56 18.37
C MET J 320 8.12 -20.30 17.89
N GLU J 321 7.96 -21.09 16.83
CA GLU J 321 9.06 -21.83 16.25
C GLU J 321 8.95 -21.70 14.74
N TYR J 322 10.02 -21.27 14.11
CA TYR J 322 10.06 -21.12 12.68
C TYR J 322 11.14 -22.01 12.09
N HIS J 323 10.79 -22.63 10.99
CA HIS J 323 11.61 -23.62 10.30
C HIS J 323 11.77 -23.14 8.87
N TRP J 324 12.96 -22.67 8.54
CA TRP J 324 13.28 -22.11 7.25
C TRP J 324 14.22 -23.04 6.53
N GLY J 325 13.80 -23.55 5.39
CA GLY J 325 14.65 -24.44 4.64
C GLY J 325 15.02 -25.63 5.47
N ASN J 326 16.30 -25.96 5.48
CA ASN J 326 16.80 -27.15 6.15
C ASN J 326 17.53 -26.82 7.43
N ASN J 327 17.58 -25.56 7.83
CA ASN J 327 18.20 -25.26 9.09
C ASN J 327 17.37 -25.86 10.21
N ASP J 328 17.98 -26.01 11.36
CA ASP J 328 17.25 -26.52 12.49
C ASP J 328 16.18 -25.50 12.88
N PRO J 329 15.04 -25.94 13.38
CA PRO J 329 14.03 -24.98 13.79
C PRO J 329 14.56 -24.07 14.87
N VAL J 330 14.14 -22.82 14.84
CA VAL J 330 14.56 -21.81 15.80
C VAL J 330 13.35 -21.36 16.57
N ARG J 331 13.48 -21.33 17.88
CA ARG J 331 12.38 -21.02 18.78
C ARG J 331 12.61 -19.65 19.40
N LEU J 332 11.65 -18.76 19.26
CA LEU J 332 11.69 -17.44 19.85
C LEU J 332 10.49 -17.30 20.76
N TRP J 333 10.70 -16.70 21.93
CA TRP J 333 9.66 -16.41 22.90
C TRP J 333 9.55 -14.91 23.08
N SER J 334 8.46 -14.46 23.68
CA SER J 334 8.15 -13.04 23.78
C SER J 334 8.02 -12.64 25.24
N GLN J 335 8.79 -11.65 25.64
CA GLN J 335 8.85 -11.20 27.02
C GLN J 335 7.64 -10.35 27.30
N LEU J 336 7.40 -10.07 28.58
CA LEU J 336 6.22 -9.31 28.96
C LEU J 336 6.46 -7.80 28.77
N THR J 337 6.82 -7.43 27.55
CA THR J 337 7.07 -6.04 27.24
C THR J 337 5.77 -5.30 27.16
N THR J 338 5.78 -4.06 27.64
CA THR J 338 4.58 -3.25 27.59
C THR J 338 4.91 -1.80 27.81
N GLU J 339 3.92 -0.97 27.51
CA GLU J 339 4.07 0.47 27.55
C GLU J 339 3.36 0.99 28.79
N GLY J 340 4.06 1.83 29.54
CA GLY J 340 3.49 2.47 30.69
C GLY J 340 4.23 2.09 31.95
N LYS J 341 4.32 3.01 32.88
CA LYS J 341 5.06 2.74 34.09
C LYS J 341 4.19 1.93 35.04
N PRO J 342 4.64 0.79 35.55
CA PRO J 342 3.76 -0.04 36.36
C PRO J 342 3.63 0.38 37.81
N HIS J 343 4.18 1.52 38.22
CA HIS J 343 4.17 1.90 39.64
C HIS J 343 3.83 3.35 39.92
N GLY J 344 3.35 4.12 38.96
CA GLY J 344 3.00 5.51 39.22
C GLY J 344 1.65 5.94 38.68
N TRP J 345 0.76 6.39 39.55
CA TRP J 345 -0.52 6.96 39.17
C TRP J 345 -1.42 5.91 38.51
N PRO J 346 -2.69 5.76 38.90
CA PRO J 346 -3.54 4.75 38.24
C PRO J 346 -3.54 4.73 36.72
N HIS J 347 -3.16 5.83 36.07
CA HIS J 347 -3.19 5.86 34.62
C HIS J 347 -2.10 4.95 34.07
N GLN J 348 -0.91 5.05 34.63
CA GLN J 348 0.18 4.27 34.07
C GLN J 348 0.02 2.79 34.40
N ILE J 349 -0.54 2.46 35.56
CA ILE J 349 -0.76 1.05 35.86
C ILE J 349 -1.81 0.48 34.93
N VAL J 350 -2.85 1.27 34.61
CA VAL J 350 -3.84 0.76 33.68
C VAL J 350 -3.19 0.51 32.33
N GLN J 351 -2.32 1.42 31.89
CA GLN J 351 -1.67 1.20 30.61
C GLN J 351 -0.81 -0.04 30.64
N TYR J 352 -0.10 -0.25 31.74
CA TYR J 352 0.77 -1.41 31.88
C TYR J 352 -0.01 -2.70 31.70
N TYR J 353 -1.09 -2.84 32.44
CA TYR J 353 -1.90 -4.04 32.29
C TYR J 353 -2.54 -4.14 30.92
N TYR J 354 -2.93 -3.02 30.32
CA TYR J 354 -3.54 -3.11 29.00
C TYR J 354 -2.56 -3.67 28.01
N GLY J 355 -1.32 -3.22 28.07
CA GLY J 355 -0.34 -3.77 27.17
C GLY J 355 -0.08 -5.24 27.43
N LEU J 356 -0.04 -5.64 28.69
CA LEU J 356 0.34 -7.02 28.97
C LEU J 356 -0.74 -7.99 28.54
N TYR J 357 -1.93 -7.85 29.09
CA TYR J 357 -3.08 -8.70 28.76
C TYR J 357 -4.24 -7.78 28.41
N PRO J 358 -4.41 -7.41 27.15
CA PRO J 358 -5.52 -6.55 26.82
C PRO J 358 -6.78 -7.37 26.80
N ALA J 359 -7.92 -6.68 26.77
CA ALA J 359 -9.23 -7.27 26.67
C ALA J 359 -9.60 -8.09 27.91
N ALA J 360 -8.76 -8.13 28.92
CA ALA J 360 -9.06 -8.69 30.22
C ALA J 360 -8.95 -7.64 31.29
N THR J 361 -7.93 -6.79 31.20
CA THR J 361 -7.86 -5.68 32.12
C THR J 361 -8.90 -4.63 31.78
N VAL J 362 -9.30 -4.55 30.51
CA VAL J 362 -10.40 -3.65 30.22
C VAL J 362 -11.66 -4.16 30.90
N SER J 363 -11.83 -5.47 30.94
CA SER J 363 -12.91 -6.02 31.73
C SER J 363 -12.74 -5.69 33.20
N ALA J 364 -11.50 -5.77 33.68
CA ALA J 364 -11.26 -5.53 35.09
C ALA J 364 -11.59 -4.10 35.47
N VAL J 365 -11.11 -3.14 34.68
CA VAL J 365 -11.34 -1.75 35.01
C VAL J 365 -12.81 -1.43 34.83
N VAL J 366 -13.46 -2.00 33.83
CA VAL J 366 -14.88 -1.76 33.67
C VAL J 366 -15.63 -2.26 34.89
N GLY J 367 -15.29 -3.46 35.35
CA GLY J 367 -15.97 -3.99 36.52
C GLY J 367 -15.71 -3.19 37.77
N MET J 368 -14.46 -2.79 37.99
CA MET J 368 -14.13 -1.99 39.15
C MET J 368 -14.84 -0.65 39.10
N SER J 369 -14.84 -0.01 37.94
CA SER J 369 -15.49 1.28 37.81
C SER J 369 -16.98 1.14 37.99
N LEU J 370 -17.57 0.07 37.47
CA LEU J 370 -18.99 -0.14 37.66
C LEU J 370 -19.30 -0.32 39.13
N LEU J 371 -18.50 -1.13 39.83
CA LEU J 371 -18.74 -1.31 41.25
C LEU J 371 -18.59 -0.02 42.00
N ALA J 372 -17.62 0.80 41.62
CA ALA J 372 -17.45 2.10 42.25
C ALA J 372 -18.66 2.98 42.00
N LEU J 373 -19.19 2.95 40.78
CA LEU J 373 -20.39 3.73 40.50
C LEU J 373 -21.57 3.24 41.30
N ILE J 374 -21.76 1.93 41.41
CA ILE J 374 -22.88 1.43 42.19
C ILE J 374 -22.70 1.79 43.64
N SER J 375 -21.48 1.73 44.15
CA SER J 375 -21.26 2.14 45.52
C SER J 375 -21.58 3.61 45.72
N ILE J 376 -21.09 4.47 44.81
CA ILE J 376 -21.32 5.90 44.96
C ILE J 376 -22.81 6.21 44.87
N PHE J 377 -23.47 5.64 43.88
CA PHE J 377 -24.89 5.93 43.70
C PHE J 377 -25.70 5.41 44.86
N ALA J 378 -25.39 4.21 45.34
CA ALA J 378 -26.15 3.67 46.46
C ALA J 378 -25.94 4.50 47.70
N SER J 379 -24.71 4.89 47.97
CA SER J 379 -24.45 5.72 49.13
C SER J 379 -25.15 7.06 49.02
N CYS J 380 -25.11 7.68 47.85
CA CYS J 380 -25.74 8.98 47.71
C CYS J 380 -27.25 8.85 47.83
N TYR J 381 -27.81 7.76 47.31
CA TYR J 381 -29.23 7.55 47.46
C TYR J 381 -29.58 7.34 48.91
N MET J 382 -28.73 6.64 49.65
CA MET J 382 -29.00 6.49 51.07
C MET J 382 -28.97 7.85 51.74
N LEU J 383 -28.04 8.70 51.33
CA LEU J 383 -27.95 10.03 51.92
C LEU J 383 -29.20 10.85 51.65
N VAL J 384 -29.68 10.82 50.40
CA VAL J 384 -30.85 11.63 50.08
C VAL J 384 -32.08 11.01 50.73
N ALA J 385 -32.08 9.70 50.90
CA ALA J 385 -33.19 9.08 51.61
C ALA J 385 -33.19 9.54 53.06
N ALA J 386 -32.02 9.66 53.64
CA ALA J 386 -31.95 10.14 55.03
C ALA J 386 -32.44 11.58 55.10
N ARG J 387 -32.07 12.38 54.12
CA ARG J 387 -32.55 13.74 54.03
C ARG J 387 -34.06 13.75 54.05
N SER J 388 -34.68 12.91 53.24
CA SER J 388 -36.13 12.83 53.24
C SER J 388 -36.64 12.41 54.60
N LYS J 389 -36.25 11.22 55.05
CA LYS J 389 -36.75 10.68 56.30
C LYS J 389 -36.61 11.62 57.48
N CYS J 390 -35.69 12.58 57.43
CA CYS J 390 -35.57 13.54 58.52
C CYS J 390 -36.29 14.84 58.25
N LEU J 391 -36.50 15.23 57.00
CA LEU J 391 -37.11 16.52 56.71
C LEU J 391 -38.59 16.43 56.42
N THR J 392 -39.08 15.32 55.88
CA THR J 392 -40.50 15.22 55.61
C THR J 392 -41.37 15.29 56.85
N PRO J 393 -40.96 14.83 58.03
CA PRO J 393 -41.78 15.13 59.21
C PRO J 393 -41.97 16.60 59.45
N TYR J 394 -41.17 17.48 58.87
CA TYR J 394 -41.25 18.90 59.13
C TYR J 394 -41.88 19.68 57.99
N ALA J 395 -42.14 19.04 56.86
CA ALA J 395 -42.83 19.70 55.77
C ALA J 395 -44.33 19.48 55.81
N LEU J 396 -44.78 18.42 56.47
CA LEU J 396 -46.20 18.17 56.61
C LEU J 396 -46.79 18.83 57.84
N THR J 397 -46.00 19.62 58.60
CA THR J 397 -46.58 20.34 59.73
C THR J 397 -47.03 21.72 59.28
N PRO J 398 -48.10 22.26 59.85
CA PRO J 398 -48.48 23.63 59.46
C PRO J 398 -47.39 24.65 59.71
N GLY J 399 -46.62 24.49 60.78
CA GLY J 399 -45.64 25.49 61.15
C GLY J 399 -44.23 25.06 60.78
N ALA J 400 -43.69 25.70 59.75
CA ALA J 400 -42.38 25.30 59.25
C ALA J 400 -41.35 25.84 60.21
N ALA J 401 -41.06 25.07 61.25
CA ALA J 401 -40.00 25.47 62.18
C ALA J 401 -38.63 25.22 61.56
N VAL J 402 -38.35 23.97 61.19
CA VAL J 402 -37.09 23.51 60.59
C VAL J 402 -35.91 24.11 61.34
N PRO J 403 -35.65 23.71 62.58
CA PRO J 403 -34.63 24.38 63.40
C PRO J 403 -33.28 24.39 62.71
N TRP J 404 -32.60 25.52 62.83
CA TRP J 404 -31.44 25.79 62.00
C TRP J 404 -30.34 24.74 62.16
N THR J 405 -30.38 23.97 63.24
CA THR J 405 -29.47 22.83 63.36
C THR J 405 -29.65 21.90 62.17
N LEU J 406 -30.87 21.39 61.99
CA LEU J 406 -31.12 20.55 60.84
C LEU J 406 -31.15 21.39 59.59
N GLY J 407 -31.40 22.69 59.71
CA GLY J 407 -31.44 23.53 58.54
C GLY J 407 -30.09 23.65 57.86
N ILE J 408 -29.03 23.68 58.65
CA ILE J 408 -27.68 23.73 58.12
C ILE J 408 -27.16 22.33 57.85
N LEU J 409 -27.34 21.43 58.81
CA LEU J 409 -26.82 20.08 58.68
C LEU J 409 -27.33 19.41 57.42
N CYS J 410 -28.61 19.56 57.11
CA CYS J 410 -29.17 19.13 55.86
C CYS J 410 -29.66 20.37 55.14
N CYS J 411 -29.50 20.39 53.82
CA CYS J 411 -30.00 21.49 53.01
C CYS J 411 -31.52 21.62 53.19
N ALA J 412 -31.93 22.73 53.76
CA ALA J 412 -33.30 23.00 54.17
C ALA J 412 -34.17 23.41 52.98
N PRO J 413 -35.44 22.98 52.94
CA PRO J 413 -36.27 23.25 51.77
C PRO J 413 -36.56 24.71 51.48
N ARG J 414 -36.10 25.67 52.29
CA ARG J 414 -36.50 27.07 52.16
C ARG J 414 -38.01 27.22 52.25
N ALA J 415 -38.53 26.81 53.41
CA ALA J 415 -39.94 26.99 53.74
C ALA J 415 -40.34 28.44 53.60
N HIS J 416 -41.57 28.66 53.12
CA HIS J 416 -42.05 29.97 52.68
C HIS J 416 -43.21 30.39 53.58
N ALA J 417 -42.88 31.17 54.61
CA ALA J 417 -43.89 31.68 55.53
C ALA J 417 -44.92 32.54 54.79
N MET K 3 14.30 -78.96 -2.81
CA MET K 3 12.94 -79.45 -2.66
C MET K 3 12.12 -79.06 -3.88
N CYS K 4 12.79 -78.95 -5.02
CA CYS K 4 12.23 -78.26 -6.18
C CYS K 4 11.76 -79.29 -7.21
N VAL K 5 10.47 -79.25 -7.54
CA VAL K 5 9.81 -80.20 -8.43
C VAL K 5 10.36 -80.10 -9.84
N LEU K 6 10.86 -81.22 -10.35
CA LEU K 6 11.58 -81.34 -11.61
C LEU K 6 10.76 -82.05 -12.67
N ALA K 7 11.36 -82.10 -13.86
CA ALA K 7 10.74 -82.61 -15.08
C ALA K 7 9.96 -83.89 -14.85
N ASN K 8 10.56 -84.88 -14.23
CA ASN K 8 9.76 -85.96 -13.65
C ASN K 8 10.55 -86.67 -12.56
N ALA K 9 10.01 -86.58 -11.34
CA ALA K 9 10.27 -87.36 -10.13
C ALA K 9 10.67 -86.38 -9.03
N THR K 10 11.97 -86.24 -8.72
CA THR K 10 12.48 -85.12 -7.92
C THR K 10 13.99 -85.25 -7.89
N PHE K 11 14.67 -84.21 -7.45
CA PHE K 11 15.94 -84.28 -6.72
C PHE K 11 16.23 -82.86 -6.31
N PRO K 12 17.01 -82.59 -5.26
CA PRO K 12 17.38 -81.20 -5.05
C PRO K 12 18.20 -80.71 -6.23
N CYS K 13 17.75 -79.59 -6.76
CA CYS K 13 18.30 -78.87 -7.90
C CYS K 13 19.69 -78.29 -7.70
N PHE K 14 20.19 -78.22 -6.46
CA PHE K 14 21.62 -77.96 -6.23
C PHE K 14 22.48 -78.76 -7.20
N GLN K 15 22.13 -80.02 -7.47
CA GLN K 15 22.69 -80.77 -8.59
C GLN K 15 21.59 -80.93 -9.65
N PRO K 16 21.60 -80.16 -10.74
CA PRO K 16 20.64 -80.40 -11.83
C PRO K 16 20.95 -81.71 -12.56
N PRO K 17 20.01 -82.24 -13.33
CA PRO K 17 20.30 -83.48 -14.08
C PRO K 17 21.41 -83.34 -15.11
N CYS K 18 21.64 -82.11 -15.60
CA CYS K 18 22.26 -81.83 -16.88
C CYS K 18 23.74 -81.55 -16.76
N VAL K 19 24.40 -82.14 -15.79
CA VAL K 19 25.59 -81.67 -15.09
C VAL K 19 26.67 -81.31 -16.11
N PRO K 20 27.65 -80.49 -15.75
CA PRO K 20 27.90 -79.12 -16.27
C PRO K 20 27.90 -78.86 -17.77
N CYS K 21 27.66 -77.59 -18.13
CA CYS K 21 27.18 -77.13 -19.43
C CYS K 21 25.83 -77.72 -19.84
N CYS K 22 24.84 -77.37 -19.00
CA CYS K 22 23.45 -77.69 -19.28
C CYS K 22 22.97 -77.07 -20.59
N TYR K 23 23.40 -75.86 -20.88
CA TYR K 23 22.77 -75.19 -22.01
C TYR K 23 23.34 -75.65 -23.34
N GLU K 24 24.59 -76.08 -23.35
CA GLU K 24 25.25 -76.43 -24.60
C GLU K 24 24.70 -77.74 -25.13
N ASN K 25 24.43 -78.69 -24.25
CA ASN K 25 23.95 -80.00 -24.66
C ASN K 25 22.64 -79.87 -25.43
N ASN K 26 21.65 -79.24 -24.83
CA ASN K 26 20.46 -78.80 -25.56
C ASN K 26 19.75 -77.71 -24.77
N ALA K 27 19.68 -76.52 -25.37
CA ALA K 27 19.15 -75.37 -24.68
C ALA K 27 17.67 -75.53 -24.34
N GLU K 28 16.87 -75.94 -25.34
CA GLU K 28 15.41 -76.04 -25.19
C GLU K 28 15.01 -76.77 -23.91
N ALA K 29 15.61 -77.94 -23.67
CA ALA K 29 15.27 -78.70 -22.48
C ALA K 29 15.67 -77.97 -21.21
N THR K 30 16.80 -77.27 -21.24
CA THR K 30 17.24 -76.53 -20.06
C THR K 30 16.21 -75.48 -19.73
N LEU K 31 15.73 -74.81 -20.76
CA LEU K 31 14.67 -73.83 -20.56
C LEU K 31 13.43 -74.50 -20.04
N ARG K 32 13.10 -75.69 -20.55
CA ARG K 32 11.89 -76.36 -20.10
C ARG K 32 11.97 -76.71 -18.63
N MET K 33 13.11 -77.25 -18.20
CA MET K 33 13.28 -77.58 -16.80
C MET K 33 13.11 -76.33 -15.98
N LEU K 34 13.77 -75.25 -16.40
CA LEU K 34 13.65 -74.00 -15.66
C LEU K 34 12.22 -73.52 -15.63
N GLU K 35 11.54 -73.60 -16.77
CA GLU K 35 10.19 -73.08 -16.90
C GLU K 35 9.25 -73.73 -15.90
N ASP K 36 9.15 -75.05 -15.93
CA ASP K 36 8.14 -75.66 -15.08
C ASP K 36 8.46 -75.49 -13.60
N ASN K 37 9.71 -75.26 -13.26
CA ASN K 37 10.14 -75.34 -11.88
C ASN K 37 9.91 -74.09 -11.05
N VAL K 38 9.19 -73.07 -11.51
CA VAL K 38 9.23 -71.78 -10.82
C VAL K 38 7.95 -71.61 -10.04
N ASP K 39 8.12 -71.45 -8.72
CA ASP K 39 7.13 -71.35 -7.66
C ASP K 39 7.74 -72.07 -6.47
N ARG K 40 8.52 -73.10 -6.76
CA ARG K 40 9.31 -73.78 -5.75
C ARG K 40 10.37 -72.81 -5.21
N PRO K 41 10.52 -72.66 -3.89
CA PRO K 41 11.32 -71.55 -3.37
C PRO K 41 12.76 -71.53 -3.83
N GLY K 42 13.31 -72.64 -4.26
CA GLY K 42 14.71 -72.69 -4.63
C GLY K 42 14.97 -72.49 -6.10
N TYR K 43 14.00 -71.99 -6.85
CA TYR K 43 14.15 -71.81 -8.29
C TYR K 43 15.42 -71.05 -8.63
N TYR K 44 15.68 -69.96 -7.91
CA TYR K 44 16.90 -69.21 -8.13
C TYR K 44 18.13 -70.09 -8.01
N ASP K 45 18.18 -70.95 -6.99
CA ASP K 45 19.32 -71.84 -6.84
C ASP K 45 19.45 -72.74 -8.07
N LEU K 46 18.33 -73.24 -8.58
CA LEU K 46 18.37 -73.97 -9.85
C LEU K 46 19.00 -73.12 -10.93
N LEU K 47 18.57 -71.87 -11.03
CA LEU K 47 19.12 -70.97 -12.05
C LEU K 47 20.62 -70.88 -11.91
N GLN K 48 21.09 -70.67 -10.68
CA GLN K 48 22.53 -70.59 -10.45
C GLN K 48 23.22 -71.88 -10.86
N ALA K 49 22.58 -73.01 -10.62
CA ALA K 49 23.24 -74.26 -10.93
C ALA K 49 23.22 -74.56 -12.42
N ALA K 50 22.24 -74.02 -13.14
CA ALA K 50 21.94 -74.55 -14.46
C ALA K 50 22.80 -73.91 -15.54
N LEU K 51 22.74 -72.59 -15.65
CA LEU K 51 23.31 -71.93 -16.81
C LEU K 51 24.82 -72.08 -16.88
N THR K 52 25.48 -72.22 -15.73
CA THR K 52 26.92 -72.07 -15.69
C THR K 52 27.61 -73.21 -16.44
N CYS K 53 28.47 -72.86 -17.38
CA CYS K 53 29.15 -73.82 -18.23
C CYS K 53 30.66 -73.60 -18.17
N ILE L 1 -69.90 24.54 60.29
CA ILE L 1 -68.84 25.22 61.02
C ILE L 1 -68.04 26.08 60.04
N GLU L 2 -67.19 25.46 59.22
CA GLU L 2 -66.52 26.13 58.10
C GLU L 2 -66.65 25.23 56.86
N ASN L 3 -67.70 25.50 56.08
CA ASN L 3 -67.99 24.71 54.87
C ASN L 3 -66.83 24.77 53.89
N ASP L 4 -66.29 25.96 53.66
CA ASP L 4 -65.43 26.26 52.52
C ASP L 4 -63.98 25.86 52.75
N CYS L 5 -63.70 25.02 53.74
CA CYS L 5 -62.36 24.62 54.11
C CYS L 5 -62.12 23.13 54.02
N ILE L 6 -63.15 22.30 54.05
CA ILE L 6 -63.00 20.86 53.94
C ILE L 6 -63.43 20.48 52.53
N PHE L 7 -62.52 19.87 51.78
CA PHE L 7 -62.72 19.50 50.39
C PHE L 7 -62.74 17.98 50.24
N GLU L 8 -63.66 17.45 49.46
CA GLU L 8 -63.77 16.00 49.34
C GLU L 8 -62.84 15.45 48.27
N VAL L 9 -62.43 14.20 48.45
CA VAL L 9 -61.68 13.45 47.45
C VAL L 9 -62.60 12.43 46.80
N LYS L 10 -62.56 12.38 45.47
CA LYS L 10 -63.37 11.50 44.64
C LYS L 10 -62.58 10.31 44.10
N HIS L 11 -63.22 9.15 44.05
CA HIS L 11 -62.63 7.94 43.49
C HIS L 11 -63.74 7.27 42.68
N GLU L 12 -63.62 7.36 41.36
CA GLU L 12 -64.65 6.98 40.37
C GLU L 12 -66.03 7.42 40.81
N GLY L 13 -66.15 8.69 41.19
CA GLY L 13 -67.46 9.21 41.50
C GLY L 13 -67.91 8.91 42.90
N LYS L 14 -67.00 8.54 43.79
CA LYS L 14 -67.33 8.16 45.16
C LYS L 14 -66.51 9.03 46.08
N VAL L 15 -67.15 9.67 47.06
CA VAL L 15 -66.40 10.47 48.01
C VAL L 15 -65.79 9.51 49.02
N THR L 16 -64.46 9.35 48.94
CA THR L 16 -63.78 8.43 49.84
C THR L 16 -63.20 9.11 51.06
N GLY L 17 -63.25 10.43 51.13
CA GLY L 17 -62.70 11.12 52.28
C GLY L 17 -62.78 12.60 52.05
N TYR L 18 -61.95 13.35 52.78
CA TYR L 18 -61.80 14.76 52.51
C TYR L 18 -60.35 15.18 52.72
N ALA L 19 -60.01 16.28 52.08
CA ALA L 19 -58.72 16.92 52.27
C ALA L 19 -58.98 18.29 52.85
N CYS L 20 -58.29 18.58 53.93
CA CYS L 20 -58.43 19.84 54.65
C CYS L 20 -57.38 20.82 54.19
N LEU L 21 -57.70 22.09 54.36
CA LEU L 21 -56.83 23.19 53.95
C LEU L 21 -56.54 23.97 55.22
N VAL L 22 -55.47 23.57 55.91
CA VAL L 22 -55.16 24.11 57.22
C VAL L 22 -53.71 24.57 57.24
N GLY L 23 -53.48 25.63 58.00
CA GLY L 23 -52.16 26.12 58.32
C GLY L 23 -51.15 26.15 57.19
N ASP L 24 -51.49 26.82 56.10
CA ASP L 24 -50.63 26.93 54.93
C ASP L 24 -50.19 25.56 54.44
N LYS L 25 -51.13 24.63 54.47
CA LYS L 25 -50.86 23.29 54.00
C LYS L 25 -52.18 22.69 53.56
N VAL L 26 -52.24 22.26 52.33
CA VAL L 26 -53.33 21.40 51.91
C VAL L 26 -52.91 20.01 52.31
N MET L 27 -53.81 19.25 52.90
CA MET L 27 -53.43 17.96 53.43
C MET L 27 -54.57 16.99 53.30
N LYS L 28 -54.21 15.72 53.27
CA LYS L 28 -55.19 14.66 53.17
C LYS L 28 -54.62 13.42 53.81
N PRO L 29 -55.46 12.52 54.29
CA PRO L 29 -54.96 11.22 54.73
C PRO L 29 -54.41 10.50 53.52
N ALA L 30 -53.12 10.21 53.53
CA ALA L 30 -52.49 9.62 52.37
C ALA L 30 -53.17 8.31 52.02
N HIS L 31 -53.55 7.52 53.01
CA HIS L 31 -54.04 6.19 52.71
C HIS L 31 -55.42 6.18 52.10
N VAL L 32 -56.11 7.29 52.01
CA VAL L 32 -57.39 7.28 51.32
C VAL L 32 -57.07 7.56 49.88
N LYS L 33 -57.83 6.95 48.98
CA LYS L 33 -57.50 6.92 47.57
C LYS L 33 -58.41 7.88 46.85
N GLY L 34 -57.99 8.27 45.65
CA GLY L 34 -58.78 9.18 44.84
C GLY L 34 -57.99 10.40 44.44
N VAL L 35 -58.70 11.42 43.97
CA VAL L 35 -58.11 12.68 43.57
C VAL L 35 -59.02 13.79 44.08
N ILE L 36 -58.41 14.92 44.42
CA ILE L 36 -59.16 16.02 45.02
C ILE L 36 -60.28 16.44 44.08
N ASP L 37 -61.43 16.76 44.66
CA ASP L 37 -62.57 17.13 43.84
C ASP L 37 -62.33 18.46 43.14
N ASN L 38 -61.62 19.37 43.77
CA ASN L 38 -61.28 20.64 43.13
C ASN L 38 -60.29 20.42 42.00
N ALA L 39 -60.59 21.00 40.85
CA ALA L 39 -59.67 20.94 39.73
C ALA L 39 -58.49 21.88 39.97
N ASP L 40 -58.75 23.05 40.55
CA ASP L 40 -57.68 24.02 40.75
C ASP L 40 -56.63 23.49 41.71
N LEU L 41 -57.06 22.76 42.73
CA LEU L 41 -56.13 22.19 43.68
C LEU L 41 -55.51 20.89 43.20
N ALA L 42 -56.05 20.28 42.16
CA ALA L 42 -55.64 18.93 41.82
C ALA L 42 -54.22 18.90 41.28
N LYS L 43 -53.82 19.94 40.57
CA LYS L 43 -52.52 19.95 39.90
C LYS L 43 -51.45 20.50 40.84
N LEU L 44 -51.23 19.77 41.93
CA LEU L 44 -50.27 20.15 42.94
C LEU L 44 -49.33 19.00 43.21
N ALA L 45 -48.07 19.34 43.49
CA ALA L 45 -47.04 18.36 43.81
C ALA L 45 -47.25 17.90 45.25
N PHE L 46 -48.14 16.95 45.41
CA PHE L 46 -48.34 16.39 46.73
C PHE L 46 -47.12 15.57 47.12
N LYS L 47 -47.01 15.26 48.41
CA LYS L 47 -45.82 14.62 48.96
C LYS L 47 -46.27 13.64 50.02
N LYS L 48 -45.93 12.36 49.88
CA LYS L 48 -46.51 11.34 50.72
C LYS L 48 -45.61 11.04 51.92
N SER L 49 -46.16 10.29 52.87
CA SER L 49 -45.38 9.76 53.98
C SER L 49 -46.08 8.52 54.50
N SER L 50 -45.49 7.35 54.25
CA SER L 50 -46.12 6.12 54.70
C SER L 50 -46.15 6.05 56.21
N LYS L 51 -45.06 6.42 56.87
CA LYS L 51 -44.98 6.27 58.31
C LYS L 51 -45.93 7.20 59.02
N TYR L 52 -46.25 8.33 58.41
CA TYR L 52 -47.22 9.25 58.98
C TYR L 52 -48.59 9.16 58.33
N ASP L 53 -48.67 8.70 57.08
CA ASP L 53 -49.92 8.57 56.35
C ASP L 53 -50.60 9.94 56.30
N LEU L 54 -49.91 10.88 55.68
CA LEU L 54 -50.50 12.20 55.49
C LEU L 54 -49.82 12.82 54.29
N GLU L 55 -50.57 12.92 53.21
CA GLU L 55 -50.08 13.46 51.95
C GLU L 55 -50.47 14.93 51.89
N CYS L 56 -49.49 15.82 51.73
CA CYS L 56 -49.74 17.24 51.85
C CYS L 56 -49.02 18.00 50.74
N ALA L 57 -49.36 19.27 50.63
CA ALA L 57 -48.72 20.17 49.70
C ALA L 57 -48.99 21.59 50.14
N GLN L 58 -48.41 22.54 49.43
CA GLN L 58 -48.56 23.94 49.75
C GLN L 58 -49.85 24.49 49.15
N ILE L 59 -50.62 25.24 49.95
CA ILE L 59 -51.88 25.81 49.45
C ILE L 59 -51.53 26.90 48.46
N PRO L 60 -51.98 26.86 47.21
CA PRO L 60 -51.63 27.95 46.29
C PRO L 60 -52.11 29.27 46.82
N VAL L 61 -51.32 30.31 46.58
CA VAL L 61 -51.62 31.62 47.14
C VAL L 61 -52.94 32.21 46.69
N HIS L 62 -53.59 31.65 45.67
CA HIS L 62 -54.83 32.21 45.17
C HIS L 62 -56.02 31.89 46.07
N MET L 63 -55.90 30.94 47.00
CA MET L 63 -56.99 30.54 47.85
C MET L 63 -56.57 30.51 49.31
N ARG L 64 -55.55 31.28 49.66
CA ARG L 64 -54.97 31.18 51.00
C ARG L 64 -55.94 31.58 52.09
N SER L 65 -56.95 32.37 51.77
CA SER L 65 -57.83 32.88 52.81
C SER L 65 -58.69 31.78 53.40
N ASP L 66 -59.12 30.82 52.59
CA ASP L 66 -59.97 29.75 53.08
C ASP L 66 -59.15 28.66 53.77
N ALA L 67 -58.39 29.08 54.77
CA ALA L 67 -57.53 28.18 55.52
C ALA L 67 -57.84 28.34 56.99
N SER L 68 -57.87 27.24 57.71
CA SER L 68 -58.20 27.36 59.11
C SER L 68 -56.97 27.77 59.89
N LYS L 69 -57.22 28.19 61.11
CA LYS L 69 -56.16 28.41 62.06
C LYS L 69 -55.84 27.09 62.75
N TYR L 70 -54.60 26.96 63.21
CA TYR L 70 -54.09 25.71 63.76
C TYR L 70 -53.49 25.95 65.13
N THR L 71 -53.54 24.91 65.96
CA THR L 71 -52.94 24.95 67.28
C THR L 71 -52.22 23.66 67.55
N HIS L 72 -51.21 23.76 68.41
CA HIS L 72 -50.59 22.59 68.99
C HIS L 72 -50.95 22.42 70.45
N GLU L 73 -51.30 23.48 71.15
CA GLU L 73 -51.66 23.32 72.55
C GLU L 73 -53.01 22.65 72.61
N LYS L 74 -53.04 21.46 73.18
CA LYS L 74 -54.22 20.63 73.25
C LYS L 74 -54.52 20.30 74.71
N PRO L 75 -55.13 21.22 75.44
CA PRO L 75 -55.53 20.92 76.81
C PRO L 75 -56.52 19.78 76.87
N GLU L 76 -56.49 19.05 77.96
CA GLU L 76 -57.47 18.00 78.16
C GLU L 76 -58.86 18.60 78.26
N GLY L 77 -59.83 17.96 77.65
CA GLY L 77 -61.20 18.47 77.72
C GLY L 77 -61.98 18.13 76.46
N HIS L 78 -62.76 19.09 75.96
CA HIS L 78 -63.73 18.79 74.90
C HIS L 78 -63.40 19.59 73.66
N TYR L 79 -63.64 18.98 72.50
CA TYR L 79 -63.34 19.60 71.22
C TYR L 79 -64.42 19.21 70.23
N ASN L 80 -64.45 19.90 69.10
CA ASN L 80 -65.55 19.80 68.15
C ASN L 80 -65.22 18.85 67.01
N TRP L 81 -66.27 18.41 66.32
CA TRP L 81 -66.15 17.57 65.16
C TRP L 81 -67.33 17.80 64.25
N HIS L 82 -67.15 17.44 62.99
CA HIS L 82 -68.21 17.52 62.01
C HIS L 82 -69.24 16.40 62.21
N HIS L 83 -68.98 15.43 63.08
CA HIS L 83 -70.04 14.62 63.65
C HIS L 83 -69.95 14.82 65.15
N GLY L 84 -70.65 15.82 65.66
CA GLY L 84 -70.73 15.98 67.09
C GLY L 84 -69.39 16.33 67.70
N ALA L 85 -69.12 15.79 68.89
CA ALA L 85 -68.02 16.25 69.71
C ALA L 85 -67.01 15.12 69.90
N VAL L 86 -65.82 15.50 70.36
CA VAL L 86 -64.79 14.56 70.73
C VAL L 86 -64.26 14.96 72.09
N GLN L 87 -63.83 13.97 72.86
CA GLN L 87 -63.28 14.21 74.19
C GLN L 87 -61.82 13.80 74.16
N TYR L 88 -60.94 14.73 74.53
CA TYR L 88 -59.51 14.48 74.63
C TYR L 88 -59.13 14.19 76.06
N SER L 89 -58.63 12.98 76.30
CA SER L 89 -58.16 12.62 77.61
C SER L 89 -56.99 11.67 77.44
N GLY L 90 -55.96 11.88 78.24
CA GLY L 90 -54.87 10.93 78.34
C GLY L 90 -54.21 10.60 77.03
N GLY L 91 -53.95 11.60 76.21
CA GLY L 91 -53.28 11.32 74.96
C GLY L 91 -54.10 10.52 74.00
N ARG L 92 -55.40 10.44 74.20
CA ARG L 92 -56.29 9.72 73.32
C ARG L 92 -57.49 10.61 73.03
N PHE L 93 -58.02 10.48 71.83
CA PHE L 93 -59.24 11.14 71.43
C PHE L 93 -60.35 10.10 71.40
N THR L 94 -61.48 10.38 72.07
CA THR L 94 -62.58 9.43 72.17
C THR L 94 -63.86 10.06 71.64
N ILE L 95 -64.67 9.24 70.97
CA ILE L 95 -65.90 9.68 70.34
C ILE L 95 -67.02 8.72 70.73
N PRO L 96 -68.29 9.12 70.74
CA PRO L 96 -69.38 8.13 70.79
C PRO L 96 -69.28 7.12 69.66
N THR L 97 -69.44 5.84 70.00
CA THR L 97 -69.11 4.77 69.06
C THR L 97 -69.95 4.90 67.81
N GLY L 98 -69.35 4.56 66.69
CA GLY L 98 -70.07 4.52 65.45
C GLY L 98 -70.20 5.88 64.78
N ALA L 99 -70.34 6.95 65.55
CA ALA L 99 -70.55 8.25 64.94
C ALA L 99 -69.32 8.60 64.12
N GLY L 100 -69.48 8.65 62.81
CA GLY L 100 -68.34 8.69 61.92
C GLY L 100 -68.03 7.29 61.49
N LYS L 101 -68.02 7.04 60.19
CA LYS L 101 -67.91 5.72 59.60
C LYS L 101 -66.84 5.72 58.54
N PRO L 102 -66.29 4.56 58.18
CA PRO L 102 -65.28 4.52 57.13
C PRO L 102 -65.80 5.10 55.83
N GLY L 103 -64.92 5.83 55.15
CA GLY L 103 -65.26 6.56 53.95
C GLY L 103 -65.28 8.07 54.12
N ASP L 104 -65.13 8.57 55.35
CA ASP L 104 -65.03 9.98 55.64
C ASP L 104 -63.76 10.29 56.42
N SER L 105 -62.70 9.57 56.08
CA SER L 105 -61.52 9.50 56.93
C SER L 105 -60.74 10.78 57.04
N GLY L 106 -61.04 11.80 56.23
CA GLY L 106 -60.20 12.98 56.21
C GLY L 106 -60.59 14.16 57.06
N ARG L 107 -61.83 14.21 57.51
CA ARG L 107 -62.38 15.43 58.08
C ARG L 107 -61.60 15.85 59.32
N PRO L 108 -61.40 17.15 59.54
CA PRO L 108 -60.56 17.61 60.64
C PRO L 108 -61.29 17.57 61.99
N ILE L 109 -60.56 17.97 63.03
CA ILE L 109 -61.08 18.10 64.38
C ILE L 109 -60.71 19.49 64.87
N PHE L 110 -61.69 20.26 65.31
CA PHE L 110 -61.47 21.64 65.66
C PHE L 110 -61.32 21.77 67.16
N ASP L 111 -61.00 22.98 67.61
CA ASP L 111 -60.92 23.29 69.03
C ASP L 111 -62.02 24.26 69.43
N ASN L 112 -62.13 24.46 70.74
CA ASN L 112 -63.21 25.28 71.28
C ASN L 112 -63.19 26.65 70.66
N LYS L 113 -62.01 27.18 70.44
CA LYS L 113 -61.85 28.49 69.83
C LYS L 113 -61.92 28.43 68.33
N GLY L 114 -62.18 27.26 67.75
CA GLY L 114 -62.31 27.20 66.32
C GLY L 114 -60.99 27.23 65.60
N ARG L 115 -60.14 26.23 65.85
CA ARG L 115 -58.89 26.10 65.12
C ARG L 115 -58.42 24.67 65.22
N VAL L 116 -57.84 24.15 64.13
CA VAL L 116 -57.71 22.71 63.92
C VAL L 116 -56.63 22.13 64.80
N VAL L 117 -56.96 21.04 65.48
CA VAL L 117 -56.04 20.39 66.38
C VAL L 117 -55.64 19.03 65.87
N ALA L 118 -56.37 18.44 64.93
CA ALA L 118 -56.06 17.09 64.53
C ALA L 118 -56.74 16.81 63.19
N ILE L 119 -56.33 15.69 62.58
CA ILE L 119 -56.87 15.22 61.32
C ILE L 119 -57.23 13.75 61.54
N VAL L 120 -58.51 13.41 61.42
CA VAL L 120 -58.89 12.04 61.74
C VAL L 120 -58.26 11.12 60.72
N LEU L 121 -57.84 9.94 61.14
CA LEU L 121 -57.41 8.90 60.22
C LEU L 121 -58.25 7.65 60.27
N GLY L 122 -58.53 7.14 61.47
CA GLY L 122 -59.10 5.81 61.59
C GLY L 122 -59.88 5.66 62.88
N GLY L 123 -60.41 4.44 63.06
CA GLY L 123 -61.17 4.11 64.25
C GLY L 123 -60.56 2.96 65.01
N ALA L 124 -60.84 2.91 66.30
CA ALA L 124 -60.60 1.73 67.12
C ALA L 124 -61.79 1.58 68.04
N ASN L 125 -62.57 0.54 67.84
CA ASN L 125 -63.78 0.32 68.63
C ASN L 125 -63.42 -0.48 69.86
N GLU L 126 -63.67 0.11 71.03
CA GLU L 126 -63.65 -0.66 72.27
C GLU L 126 -64.59 0.05 73.23
N GLY L 127 -65.78 -0.50 73.40
CA GLY L 127 -66.73 0.01 74.36
C GLY L 127 -67.61 1.11 73.81
N SER L 128 -68.15 1.87 74.74
CA SER L 128 -69.13 2.90 74.40
C SER L 128 -68.50 4.07 73.68
N ARG L 129 -67.18 4.13 73.60
CA ARG L 129 -66.47 5.15 72.84
C ARG L 129 -65.50 4.50 71.89
N THR L 130 -65.39 5.07 70.69
CA THR L 130 -64.37 4.68 69.74
C THR L 130 -63.22 5.66 69.81
N ALA L 131 -62.00 5.13 69.91
CA ALA L 131 -60.79 5.94 69.96
C ALA L 131 -60.35 6.27 68.55
N LEU L 132 -60.08 7.53 68.30
CA LEU L 132 -59.91 8.04 66.95
C LEU L 132 -58.44 8.05 66.60
N SER L 133 -58.01 7.13 65.75
CA SER L 133 -56.64 7.19 65.27
C SER L 133 -56.46 8.47 64.50
N VAL L 134 -55.66 9.37 65.04
CA VAL L 134 -55.57 10.74 64.55
C VAL L 134 -54.13 11.16 64.36
N VAL L 135 -53.90 12.10 63.45
CA VAL L 135 -52.58 12.67 63.22
C VAL L 135 -52.61 14.12 63.64
N THR L 136 -51.67 14.49 64.50
CA THR L 136 -51.68 15.74 65.23
C THR L 136 -50.41 16.51 64.95
N TRP L 137 -50.40 17.74 65.44
CA TRP L 137 -49.23 18.60 65.36
C TRP L 137 -48.73 18.85 66.77
N ASN L 138 -47.53 18.40 67.04
CA ASN L 138 -46.81 18.85 68.22
C ASN L 138 -46.20 20.20 67.86
N LYS L 139 -45.34 20.74 68.71
CA LYS L 139 -44.77 22.04 68.45
C LYS L 139 -44.08 22.11 67.09
N ASP L 140 -43.31 21.08 66.75
CA ASP L 140 -42.61 21.03 65.45
C ASP L 140 -42.86 19.72 64.71
N MET L 141 -43.16 18.67 65.45
CA MET L 141 -43.34 17.33 64.92
C MET L 141 -44.73 17.23 64.30
N VAL L 142 -44.95 16.17 63.55
CA VAL L 142 -46.28 15.66 63.31
C VAL L 142 -46.31 14.24 63.84
N THR L 143 -47.35 13.91 64.60
CA THR L 143 -47.40 12.69 65.38
C THR L 143 -48.60 11.85 64.97
N ARG L 144 -48.39 10.54 64.90
CA ARG L 144 -49.47 9.58 64.70
C ARG L 144 -49.85 9.06 66.08
N VAL L 145 -51.14 9.02 66.36
CA VAL L 145 -51.65 8.29 67.51
C VAL L 145 -52.66 7.30 66.97
N THR L 146 -52.24 6.04 66.90
CA THR L 146 -53.08 4.95 66.48
C THR L 146 -53.35 4.07 67.68
N PRO L 147 -54.57 3.99 68.20
CA PRO L 147 -54.81 3.11 69.33
C PRO L 147 -54.66 1.66 68.91
N GLU L 148 -54.38 0.82 69.90
CA GLU L 148 -54.19 -0.60 69.62
C GLU L 148 -55.40 -1.16 68.92
N GLY L 149 -55.17 -1.94 67.88
CA GLY L 149 -56.26 -2.55 67.16
C GLY L 149 -57.15 -1.53 66.49
N SER L 150 -56.55 -0.51 65.89
CA SER L 150 -57.33 0.43 65.12
C SER L 150 -57.63 -0.16 63.76
N GLU L 151 -58.53 0.50 63.03
CA GLU L 151 -58.87 0.11 61.69
C GLU L 151 -58.89 1.35 60.81
N GLU L 152 -58.43 1.18 59.58
CA GLU L 152 -58.32 2.30 58.66
C GLU L 152 -59.69 2.72 58.18
N TRP L 153 -59.96 4.02 58.25
CA TRP L 153 -61.18 4.56 57.66
C TRP L 153 -60.88 4.82 56.20
N TYR M 1 -58.54 -45.22 -39.81
CA TYR M 1 -59.12 -44.60 -38.59
C TYR M 1 -58.17 -43.59 -38.00
N GLU M 2 -58.70 -42.43 -37.66
CA GLU M 2 -57.90 -41.27 -37.33
C GLU M 2 -57.72 -41.19 -35.83
N HIS M 3 -56.48 -41.02 -35.40
CA HIS M 3 -56.18 -40.85 -33.99
C HIS M 3 -55.10 -39.81 -33.84
N SER M 4 -55.31 -38.86 -32.95
CA SER M 4 -54.33 -37.81 -32.70
C SER M 4 -53.86 -37.91 -31.27
N THR M 5 -52.56 -38.11 -31.09
CA THR M 5 -51.93 -38.15 -29.78
C THR M 5 -50.81 -37.14 -29.75
N VAL M 6 -50.16 -37.06 -28.60
CA VAL M 6 -48.94 -36.27 -28.43
C VAL M 6 -47.93 -37.16 -27.74
N MET M 7 -46.67 -37.03 -28.13
CA MET M 7 -45.60 -37.78 -27.51
C MET M 7 -44.60 -36.81 -26.92
N PRO M 8 -43.98 -37.12 -25.79
CA PRO M 8 -42.84 -36.33 -25.38
C PRO M 8 -41.75 -36.43 -26.43
N ASN M 9 -41.18 -35.27 -26.77
CA ASN M 9 -40.03 -35.17 -27.66
C ASN M 9 -38.80 -35.44 -26.82
N VAL M 10 -38.67 -36.67 -26.37
CA VAL M 10 -37.48 -37.11 -25.70
C VAL M 10 -37.06 -38.43 -26.31
N VAL M 11 -35.78 -38.58 -26.59
CA VAL M 11 -35.31 -39.81 -27.18
C VAL M 11 -35.15 -40.83 -26.08
N GLY M 12 -35.80 -41.98 -26.23
CA GLY M 12 -35.71 -43.07 -25.29
C GLY M 12 -37.04 -43.43 -24.66
N PHE M 13 -37.91 -42.48 -24.50
CA PHE M 13 -39.19 -42.76 -23.89
C PHE M 13 -40.01 -43.48 -24.95
N PRO M 14 -40.44 -44.72 -24.72
CA PRO M 14 -41.35 -45.33 -25.69
C PRO M 14 -42.77 -44.89 -25.39
N TYR M 15 -43.41 -44.20 -26.33
CA TYR M 15 -44.75 -43.74 -26.06
C TYR M 15 -45.73 -44.81 -26.48
N LYS M 16 -46.72 -45.05 -25.64
CA LYS M 16 -47.71 -46.11 -25.81
C LYS M 16 -49.00 -45.54 -26.43
N ALA M 17 -48.97 -45.29 -27.72
CA ALA M 17 -50.13 -44.72 -28.36
C ALA M 17 -51.24 -45.77 -28.42
N HIS M 18 -52.33 -45.50 -27.71
CA HIS M 18 -53.42 -46.43 -27.47
C HIS M 18 -54.63 -46.09 -28.31
N ILE M 19 -55.13 -47.06 -29.06
CA ILE M 19 -56.22 -46.86 -29.99
C ILE M 19 -57.34 -47.82 -29.63
N GLU M 20 -58.56 -47.28 -29.50
CA GLU M 20 -59.77 -48.02 -29.17
C GLU M 20 -60.78 -47.71 -30.27
N ARG M 21 -60.75 -48.49 -31.31
CA ARG M 21 -61.75 -48.32 -32.35
C ARG M 21 -63.08 -48.84 -31.82
N PRO M 22 -64.18 -48.16 -32.10
CA PRO M 22 -65.46 -48.84 -31.90
C PRO M 22 -65.51 -50.04 -32.81
N GLY M 23 -65.95 -51.16 -32.25
CA GLY M 23 -66.21 -52.34 -33.03
C GLY M 23 -65.03 -53.25 -33.21
N TYR M 24 -63.84 -52.87 -32.75
CA TYR M 24 -62.66 -53.69 -32.90
C TYR M 24 -61.88 -53.75 -31.60
N SER M 25 -60.96 -54.69 -31.55
CA SER M 25 -60.13 -54.87 -30.37
C SER M 25 -59.10 -53.76 -30.29
N PRO M 26 -58.77 -53.27 -29.09
CA PRO M 26 -57.83 -52.16 -28.99
C PRO M 26 -56.43 -52.56 -29.41
N LEU M 27 -55.66 -51.55 -29.82
CA LEU M 27 -54.31 -51.75 -30.33
C LEU M 27 -53.42 -50.67 -29.74
N THR M 28 -52.30 -51.07 -29.16
CA THR M 28 -51.31 -50.12 -28.66
C THR M 28 -50.16 -50.08 -29.64
N LEU M 29 -50.23 -49.15 -30.58
CA LEU M 29 -49.04 -48.77 -31.31
C LEU M 29 -48.06 -48.17 -30.34
N GLN M 30 -46.87 -48.75 -30.23
CA GLN M 30 -45.82 -48.18 -29.42
C GLN M 30 -44.79 -47.57 -30.35
N MET M 31 -44.43 -46.32 -30.11
CA MET M 31 -43.55 -45.65 -31.03
C MET M 31 -42.68 -44.65 -30.29
N GLN M 32 -41.47 -44.48 -30.80
CA GLN M 32 -40.35 -43.94 -30.05
C GLN M 32 -39.40 -43.26 -31.00
N VAL M 33 -38.94 -42.08 -30.64
CA VAL M 33 -38.01 -41.33 -31.47
C VAL M 33 -36.60 -41.82 -31.21
N VAL M 34 -35.87 -42.15 -32.27
CA VAL M 34 -34.53 -42.70 -32.11
C VAL M 34 -33.47 -41.60 -32.12
N GLU M 35 -33.54 -40.61 -33.00
CA GLU M 35 -32.81 -39.36 -32.75
C GLU M 35 -33.43 -38.27 -33.58
N THR M 36 -33.45 -37.07 -33.02
CA THR M 36 -34.13 -35.92 -33.60
C THR M 36 -33.12 -34.83 -33.84
N SER M 37 -33.24 -34.15 -34.98
CA SER M 37 -32.27 -33.17 -35.43
C SER M 37 -33.01 -31.89 -35.77
N LEU M 38 -32.75 -30.83 -35.03
CA LEU M 38 -33.27 -29.50 -35.32
C LEU M 38 -32.21 -28.76 -36.10
N GLU M 39 -32.54 -28.41 -37.34
CA GLU M 39 -31.59 -27.79 -38.25
C GLU M 39 -32.07 -26.39 -38.55
N PRO M 40 -31.31 -25.33 -38.31
CA PRO M 40 -31.77 -24.00 -38.69
C PRO M 40 -31.37 -23.64 -40.10
N THR M 41 -32.02 -22.60 -40.61
CA THR M 41 -31.67 -22.02 -41.88
C THR M 41 -30.49 -21.08 -41.73
N LEU M 42 -29.73 -20.92 -42.80
CA LEU M 42 -28.47 -20.22 -42.73
C LEU M 42 -28.43 -19.12 -43.79
N ASN M 43 -27.63 -18.09 -43.55
CA ASN M 43 -27.50 -16.95 -44.45
C ASN M 43 -26.11 -16.73 -45.02
N LEU M 44 -25.06 -17.21 -44.37
CA LEU M 44 -23.68 -17.04 -44.85
C LEU M 44 -23.33 -15.57 -45.02
N GLU M 45 -23.37 -14.85 -43.89
CA GLU M 45 -23.09 -13.42 -43.92
C GLU M 45 -21.66 -13.15 -44.36
N TYR M 46 -20.67 -13.79 -43.74
CA TYR M 46 -19.30 -13.67 -44.23
C TYR M 46 -18.44 -14.78 -43.65
N ILE M 47 -17.17 -14.76 -44.01
CA ILE M 47 -16.17 -15.71 -43.54
C ILE M 47 -15.00 -14.93 -43.01
N THR M 48 -14.15 -15.61 -42.25
CA THR M 48 -12.98 -14.97 -41.67
C THR M 48 -11.88 -16.01 -41.59
N CYS M 49 -10.68 -15.63 -42.04
CA CYS M 49 -9.50 -16.47 -41.91
C CYS M 49 -8.33 -15.65 -41.38
N GLU M 50 -7.28 -16.36 -41.02
CA GLU M 50 -5.94 -15.82 -40.91
C GLU M 50 -5.60 -15.16 -42.22
N TYR M 51 -4.98 -14.00 -42.16
CA TYR M 51 -4.67 -13.27 -43.38
C TYR M 51 -3.24 -13.56 -43.78
N LYS M 52 -2.80 -12.92 -44.85
CA LYS M 52 -1.43 -12.95 -45.28
C LYS M 52 -1.09 -11.53 -45.66
N THR M 53 -0.03 -11.00 -45.07
CA THR M 53 0.34 -9.61 -45.27
C THR M 53 1.42 -9.62 -46.33
N VAL M 54 1.03 -9.55 -47.58
CA VAL M 54 2.02 -9.57 -48.63
C VAL M 54 2.64 -8.19 -48.71
N VAL M 55 3.97 -8.16 -48.71
CA VAL M 55 4.72 -6.92 -48.83
C VAL M 55 5.77 -7.21 -49.89
N PRO M 56 5.59 -6.80 -51.13
CA PRO M 56 6.58 -7.12 -52.15
C PRO M 56 7.88 -6.42 -51.87
N SER M 57 8.83 -6.74 -52.68
CA SER M 57 10.16 -6.23 -52.50
C SER M 57 10.17 -4.72 -52.68
N PRO M 58 10.77 -3.97 -51.76
CA PRO M 58 10.76 -2.50 -51.87
C PRO M 58 11.43 -2.04 -53.15
N TYR M 59 11.13 -0.80 -53.53
CA TYR M 59 11.73 -0.20 -54.73
C TYR M 59 12.48 1.05 -54.32
N VAL M 60 13.80 0.93 -54.26
CA VAL M 60 14.66 2.07 -54.00
C VAL M 60 15.05 2.65 -55.36
N LYS M 61 14.56 3.86 -55.61
CA LYS M 61 14.74 4.56 -56.87
C LYS M 61 16.00 5.40 -56.73
N CYS M 62 16.93 5.13 -57.63
CA CYS M 62 18.34 5.51 -57.52
C CYS M 62 18.54 6.88 -58.15
N CYS M 63 18.74 7.91 -57.32
CA CYS M 63 19.00 9.24 -57.81
C CYS M 63 17.79 9.86 -58.51
N GLY M 64 16.63 9.66 -57.93
CA GLY M 64 15.41 10.11 -58.54
C GLY M 64 14.25 9.78 -57.64
N ALA M 65 13.17 10.53 -57.84
CA ALA M 65 11.97 10.35 -57.07
C ALA M 65 11.06 9.32 -57.72
N SER M 66 10.04 8.92 -56.97
CA SER M 66 8.96 8.06 -57.41
C SER M 66 7.82 8.38 -56.47
N GLU M 67 6.59 8.03 -56.84
CA GLU M 67 5.48 8.50 -56.02
C GLU M 67 4.32 7.51 -56.02
N CYS M 68 3.52 7.66 -54.98
CA CYS M 68 2.38 6.82 -54.68
C CYS M 68 1.45 6.67 -55.88
N SER M 69 0.99 5.44 -56.11
CA SER M 69 -0.19 5.20 -56.92
C SER M 69 -1.05 4.19 -56.18
N THR M 70 -2.34 4.46 -56.07
CA THR M 70 -3.24 3.64 -55.26
C THR M 70 -3.97 2.67 -56.19
N LYS M 71 -3.30 1.56 -56.47
CA LYS M 71 -3.90 0.44 -57.20
C LYS M 71 -4.68 -0.37 -56.19
N GLU M 72 -5.98 -0.02 -56.04
CA GLU M 72 -6.80 -0.48 -54.95
C GLU M 72 -6.71 -1.99 -54.76
N LYS M 73 -6.23 -2.36 -53.59
CA LYS M 73 -6.15 -3.69 -53.04
C LYS M 73 -6.42 -3.51 -51.55
N PRO M 74 -7.00 -4.49 -50.89
CA PRO M 74 -7.51 -4.26 -49.54
C PRO M 74 -6.41 -3.86 -48.56
N ASP M 75 -6.65 -2.77 -47.84
CA ASP M 75 -5.72 -2.21 -46.86
C ASP M 75 -4.38 -1.89 -47.48
N TYR M 76 -4.38 -1.48 -48.73
CA TYR M 76 -3.16 -1.15 -49.46
C TYR M 76 -2.62 0.18 -48.95
N GLN M 77 -1.60 0.09 -48.12
CA GLN M 77 -0.83 1.24 -47.67
C GLN M 77 0.49 1.28 -48.43
N CYS M 78 0.68 2.33 -49.23
CA CYS M 78 1.94 2.58 -49.90
C CYS M 78 2.45 3.95 -49.51
N LYS M 79 3.75 4.04 -49.30
CA LYS M 79 4.40 5.29 -48.91
C LYS M 79 5.70 5.40 -49.66
N VAL M 80 6.18 6.64 -49.76
CA VAL M 80 7.47 6.93 -50.33
C VAL M 80 8.27 7.69 -49.28
N TYR M 81 9.49 7.24 -49.06
CA TYR M 81 10.43 7.85 -48.12
C TYR M 81 11.57 8.53 -48.85
N THR M 82 11.91 9.73 -48.42
CA THR M 82 13.00 10.49 -49.00
C THR M 82 14.25 10.34 -48.14
N GLY M 83 15.38 10.07 -48.77
CA GLY M 83 16.65 10.05 -48.10
C GLY M 83 17.05 8.68 -47.59
N VAL M 84 16.96 7.69 -48.45
CA VAL M 84 17.34 6.32 -48.16
C VAL M 84 18.73 6.06 -48.68
N TYR M 85 19.59 5.48 -47.84
CA TYR M 85 20.92 5.03 -48.25
C TYR M 85 21.02 3.54 -47.95
N PRO M 86 20.38 2.71 -48.76
CA PRO M 86 20.45 1.26 -48.57
C PRO M 86 21.85 0.71 -48.72
N PHE M 87 22.12 -0.35 -47.96
CA PHE M 87 23.43 -0.99 -47.89
C PHE M 87 23.21 -2.49 -48.08
N MET M 88 23.48 -2.95 -49.29
CA MET M 88 23.46 -4.38 -49.57
C MET M 88 24.72 -5.01 -48.99
N TRP M 89 24.86 -6.31 -49.18
CA TRP M 89 26.02 -7.01 -48.63
C TRP M 89 27.29 -6.55 -49.33
N GLY M 90 27.24 -6.36 -50.64
CA GLY M 90 28.45 -6.02 -51.38
C GLY M 90 28.94 -4.66 -50.98
N GLY M 91 28.03 -3.72 -50.84
CA GLY M 91 28.41 -2.34 -50.65
C GLY M 91 27.13 -1.54 -50.61
N ALA M 92 27.25 -0.25 -50.83
CA ALA M 92 26.03 0.50 -50.93
C ALA M 92 25.37 0.19 -52.25
N TYR M 93 24.13 0.64 -52.37
CA TYR M 93 23.32 0.40 -53.55
C TYR M 93 23.34 1.63 -54.45
N CYS M 94 23.45 2.79 -53.85
CA CYS M 94 23.25 4.06 -54.48
C CYS M 94 24.57 4.79 -54.66
N PHE M 95 24.71 5.51 -55.78
CA PHE M 95 25.76 6.51 -55.84
C PHE M 95 25.32 7.88 -55.36
N CYS M 96 24.06 8.10 -55.09
CA CYS M 96 23.65 9.44 -54.75
C CYS M 96 23.42 9.46 -53.26
N ASP M 97 24.19 10.31 -52.58
CA ASP M 97 24.35 10.24 -51.14
C ASP M 97 22.99 10.34 -50.48
N SER M 98 22.31 11.45 -50.69
CA SER M 98 21.09 11.76 -49.99
C SER M 98 19.86 11.88 -50.86
N GLU M 99 19.95 11.65 -52.17
CA GLU M 99 18.82 11.88 -53.06
C GLU M 99 18.15 10.61 -53.57
N ASN M 100 18.43 9.44 -52.99
CA ASN M 100 17.60 8.27 -53.26
C ASN M 100 16.26 8.23 -52.54
N THR M 101 15.27 7.72 -53.25
CA THR M 101 13.91 7.61 -52.78
C THR M 101 13.53 6.14 -52.60
N GLN M 102 12.80 5.82 -51.53
CA GLN M 102 12.35 4.47 -51.25
C GLN M 102 10.85 4.43 -51.44
N LEU M 103 10.36 3.32 -51.96
CA LEU M 103 8.95 3.14 -52.27
C LEU M 103 8.55 1.81 -51.68
N SER M 104 7.83 1.87 -50.57
CA SER M 104 7.39 0.71 -49.83
C SER M 104 5.89 0.57 -49.96
N GLU M 105 5.42 -0.66 -50.06
CA GLU M 105 4.02 -0.90 -50.32
C GLU M 105 3.62 -2.24 -49.75
N ALA M 106 2.44 -2.29 -49.14
CA ALA M 106 2.00 -3.49 -48.46
C ALA M 106 0.49 -3.60 -48.53
N TYR M 107 0.01 -4.85 -48.64
CA TYR M 107 -1.42 -5.10 -48.67
C TYR M 107 -1.71 -6.47 -48.11
N VAL M 108 -2.95 -6.67 -47.68
CA VAL M 108 -3.37 -7.89 -47.01
C VAL M 108 -4.29 -8.66 -47.92
N ASP M 109 -4.26 -9.99 -47.81
CA ASP M 109 -5.17 -10.83 -48.58
C ASP M 109 -5.49 -12.08 -47.77
N ARG M 110 -6.36 -12.92 -48.32
CA ARG M 110 -6.79 -14.10 -47.61
C ARG M 110 -5.63 -15.06 -47.55
N SER M 111 -5.36 -15.63 -46.39
CA SER M 111 -4.25 -16.57 -46.35
C SER M 111 -4.57 -17.75 -47.24
N ASP M 112 -3.54 -18.48 -47.58
CA ASP M 112 -3.74 -19.56 -48.53
C ASP M 112 -4.57 -20.70 -47.99
N VAL M 113 -4.86 -20.73 -46.70
CA VAL M 113 -5.59 -21.81 -46.08
C VAL M 113 -7.00 -21.37 -45.72
N CYS M 114 -7.48 -20.27 -46.29
CA CYS M 114 -8.87 -19.89 -46.04
C CYS M 114 -9.83 -20.98 -46.45
N ARG M 115 -9.60 -21.59 -47.61
CA ARG M 115 -10.56 -22.58 -48.09
C ARG M 115 -10.72 -23.72 -47.10
N HIS M 116 -9.69 -24.01 -46.34
CA HIS M 116 -9.67 -25.16 -45.46
C HIS M 116 -9.98 -24.81 -44.03
N ASP M 117 -9.66 -23.60 -43.59
CA ASP M 117 -9.91 -23.18 -42.22
C ASP M 117 -10.54 -21.81 -42.33
N HIS M 118 -11.79 -21.68 -41.89
CA HIS M 118 -12.48 -20.41 -42.01
C HIS M 118 -13.67 -20.39 -41.09
N ALA M 119 -13.76 -19.37 -40.25
CA ALA M 119 -14.93 -19.23 -39.40
C ALA M 119 -16.00 -18.51 -40.20
N SER M 120 -17.19 -19.09 -40.27
CA SER M 120 -18.27 -18.54 -41.07
C SER M 120 -19.33 -17.96 -40.16
N ALA M 121 -19.76 -16.75 -40.46
CA ALA M 121 -20.80 -16.07 -39.71
C ALA M 121 -22.15 -16.29 -40.37
N TYR M 122 -23.12 -16.69 -39.58
CA TYR M 122 -24.44 -17.07 -40.05
C TYR M 122 -25.49 -16.29 -39.31
N LYS M 123 -26.63 -16.06 -39.96
CA LYS M 123 -27.83 -15.57 -39.31
C LYS M 123 -28.89 -16.66 -39.41
N ALA M 124 -29.53 -16.98 -38.29
CA ALA M 124 -30.43 -18.14 -38.20
C ALA M 124 -31.86 -17.69 -37.95
N HIS M 125 -32.76 -18.10 -38.83
CA HIS M 125 -34.19 -18.00 -38.61
C HIS M 125 -34.72 -19.26 -37.95
N THR M 126 -36.04 -19.37 -37.86
CA THR M 126 -36.67 -20.51 -37.22
C THR M 126 -36.27 -21.80 -37.90
N ALA M 127 -36.06 -22.83 -37.09
CA ALA M 127 -35.51 -24.10 -37.53
C ALA M 127 -36.61 -25.08 -37.88
N SER M 128 -36.21 -26.14 -38.58
CA SER M 128 -37.10 -27.20 -39.03
C SER M 128 -36.62 -28.53 -38.46
N LEU M 129 -37.39 -29.07 -37.52
CA LEU M 129 -37.04 -30.32 -36.89
C LEU M 129 -37.20 -31.47 -37.88
N LYS M 130 -36.23 -32.37 -37.87
CA LYS M 130 -36.25 -33.59 -38.68
C LYS M 130 -35.83 -34.72 -37.77
N ALA M 131 -36.61 -35.80 -37.75
CA ALA M 131 -36.39 -36.88 -36.81
C ALA M 131 -36.44 -38.22 -37.51
N LYS M 132 -36.02 -39.24 -36.76
CA LYS M 132 -36.16 -40.64 -37.12
C LYS M 132 -36.96 -41.28 -36.01
N VAL M 133 -38.05 -41.93 -36.36
CA VAL M 133 -38.95 -42.52 -35.39
C VAL M 133 -39.13 -43.98 -35.72
N ARG M 134 -39.32 -44.79 -34.68
CA ARG M 134 -39.56 -46.22 -34.81
C ARG M 134 -40.98 -46.46 -34.35
N VAL M 135 -41.76 -47.08 -35.22
CA VAL M 135 -43.13 -47.47 -34.95
C VAL M 135 -43.16 -48.97 -34.83
N MET M 136 -43.91 -49.45 -33.84
CA MET M 136 -43.91 -50.84 -33.46
C MET M 136 -45.35 -51.22 -33.16
N TYR M 137 -45.95 -52.04 -34.02
CA TYR M 137 -47.22 -52.64 -33.69
C TYR M 137 -47.36 -53.95 -34.43
N GLY M 138 -47.89 -54.95 -33.75
CA GLY M 138 -48.10 -56.24 -34.35
C GLY M 138 -46.86 -56.77 -35.01
N ASN M 139 -46.91 -56.93 -36.33
CA ASN M 139 -45.83 -57.51 -37.10
C ASN M 139 -45.11 -56.47 -37.95
N VAL M 140 -45.23 -55.19 -37.62
CA VAL M 140 -44.42 -54.15 -38.25
C VAL M 140 -43.63 -53.44 -37.16
N ASN M 141 -42.31 -53.43 -37.33
CA ASN M 141 -41.38 -52.78 -36.41
C ASN M 141 -40.38 -52.12 -37.34
N GLN M 142 -40.62 -50.84 -37.64
CA GLN M 142 -39.89 -50.14 -38.67
C GLN M 142 -39.48 -48.76 -38.19
N THR M 143 -38.34 -48.29 -38.65
CA THR M 143 -37.85 -46.95 -38.37
C THR M 143 -37.87 -46.16 -39.66
N VAL M 144 -38.39 -44.94 -39.60
CA VAL M 144 -38.49 -44.09 -40.78
C VAL M 144 -38.14 -42.65 -40.43
N ASP M 145 -37.72 -41.91 -41.45
CA ASP M 145 -37.32 -40.52 -41.33
C ASP M 145 -38.50 -39.62 -41.62
N VAL M 146 -38.79 -38.70 -40.71
CA VAL M 146 -39.93 -37.82 -40.82
C VAL M 146 -39.44 -36.40 -40.61
N TYR M 147 -40.17 -35.47 -41.16
CA TYR M 147 -39.93 -34.05 -40.95
C TYR M 147 -41.00 -33.59 -39.99
N VAL M 148 -40.62 -33.31 -38.75
CA VAL M 148 -41.65 -32.95 -37.78
C VAL M 148 -42.13 -31.55 -38.12
N ASN M 149 -43.32 -31.49 -38.67
CA ASN M 149 -44.09 -30.30 -38.96
C ASN M 149 -45.39 -30.89 -39.48
N GLY M 150 -46.36 -30.04 -39.70
CA GLY M 150 -47.62 -30.64 -40.11
C GLY M 150 -47.63 -31.17 -41.52
N ASP M 151 -46.54 -31.06 -42.28
CA ASP M 151 -46.62 -31.28 -43.73
C ASP M 151 -46.22 -32.69 -44.13
N HIS M 152 -45.07 -33.17 -43.69
CA HIS M 152 -44.57 -34.44 -44.19
C HIS M 152 -45.44 -35.57 -43.69
N ALA M 153 -45.84 -36.44 -44.60
CA ALA M 153 -46.66 -37.59 -44.30
C ALA M 153 -45.92 -38.82 -44.78
N VAL M 154 -45.75 -39.78 -43.89
CA VAL M 154 -44.95 -40.96 -44.15
C VAL M 154 -45.84 -42.17 -44.03
N THR M 155 -45.71 -43.10 -44.96
CA THR M 155 -46.50 -44.32 -44.95
C THR M 155 -45.63 -45.45 -44.44
N ILE M 156 -46.15 -46.19 -43.47
CA ILE M 156 -45.47 -47.29 -42.85
C ILE M 156 -46.45 -48.45 -42.86
N GLY M 157 -46.23 -49.41 -43.75
CA GLY M 157 -47.07 -50.58 -43.80
C GLY M 157 -48.53 -50.23 -44.00
N GLY M 158 -48.80 -49.23 -44.82
CA GLY M 158 -50.15 -48.83 -45.10
C GLY M 158 -50.73 -47.85 -44.11
N THR M 159 -50.02 -47.54 -43.03
CA THR M 159 -50.49 -46.57 -42.06
C THR M 159 -49.87 -45.23 -42.35
N GLN M 160 -50.68 -44.19 -42.40
CA GLN M 160 -50.21 -42.86 -42.75
C GLN M 160 -50.00 -42.07 -41.47
N PHE M 161 -48.81 -41.54 -41.29
CA PHE M 161 -48.44 -40.79 -40.11
C PHE M 161 -48.02 -39.38 -40.49
N ILE M 162 -48.48 -38.42 -39.72
CA ILE M 162 -48.07 -37.02 -39.85
C ILE M 162 -47.71 -36.50 -38.48
N PHE M 163 -46.46 -36.09 -38.31
CA PHE M 163 -45.96 -35.64 -37.01
C PHE M 163 -45.97 -34.13 -36.99
N GLY M 164 -46.93 -33.55 -36.29
CA GLY M 164 -47.20 -32.15 -36.39
C GLY M 164 -46.10 -31.30 -35.80
N PRO M 165 -46.26 -29.99 -35.88
CA PRO M 165 -45.22 -29.09 -35.39
C PRO M 165 -45.04 -29.20 -33.89
N LEU M 166 -43.82 -28.98 -33.44
CA LEU M 166 -43.54 -29.01 -32.01
C LEU M 166 -44.36 -27.98 -31.29
N SER M 167 -44.69 -28.28 -30.04
CA SER M 167 -45.42 -27.31 -29.24
C SER M 167 -44.61 -26.06 -28.97
N SER M 168 -43.28 -26.20 -28.91
CA SER M 168 -42.39 -25.12 -28.53
C SER M 168 -41.44 -24.82 -29.67
N ALA M 169 -41.37 -23.56 -30.07
CA ALA M 169 -40.53 -23.13 -31.16
C ALA M 169 -39.17 -22.68 -30.68
N TRP M 170 -38.73 -23.16 -29.53
CA TRP M 170 -37.43 -22.78 -29.00
C TRP M 170 -36.35 -23.45 -29.82
N THR M 171 -35.28 -22.71 -30.09
CA THR M 171 -34.11 -23.26 -30.76
C THR M 171 -32.88 -22.84 -30.00
N PRO M 172 -31.90 -23.72 -29.81
CA PRO M 172 -30.74 -23.36 -29.01
C PRO M 172 -29.93 -22.23 -29.58
N PHE M 173 -30.10 -21.92 -30.85
CA PHE M 173 -29.28 -20.94 -31.52
C PHE M 173 -29.91 -19.57 -31.42
N ASP M 174 -29.10 -18.58 -31.16
CA ASP M 174 -29.58 -17.22 -31.03
C ASP M 174 -29.61 -16.64 -32.43
N ASN M 175 -29.84 -15.34 -32.56
CA ASN M 175 -30.10 -14.79 -33.89
C ASN M 175 -28.87 -14.87 -34.76
N LYS M 176 -27.70 -14.57 -34.22
CA LYS M 176 -26.45 -14.51 -34.95
C LYS M 176 -25.49 -15.58 -34.44
N ILE M 177 -24.97 -16.41 -35.35
CA ILE M 177 -24.15 -17.56 -35.02
C ILE M 177 -22.82 -17.41 -35.74
N VAL M 178 -21.75 -17.96 -35.16
CA VAL M 178 -20.48 -18.12 -35.87
C VAL M 178 -20.03 -19.57 -35.75
N VAL M 179 -19.69 -20.19 -36.88
CA VAL M 179 -19.40 -21.60 -36.94
C VAL M 179 -17.94 -21.78 -37.29
N TYR M 180 -17.28 -22.69 -36.60
CA TYR M 180 -15.94 -23.17 -36.86
C TYR M 180 -16.08 -24.67 -37.11
N LYS M 181 -14.96 -25.38 -37.27
CA LYS M 181 -14.98 -26.67 -37.95
C LYS M 181 -15.97 -27.64 -37.32
N ASP M 182 -16.00 -27.73 -36.01
CA ASP M 182 -16.89 -28.66 -35.33
C ASP M 182 -17.82 -27.97 -34.37
N GLU M 183 -17.35 -26.97 -33.66
CA GLU M 183 -18.10 -26.30 -32.62
C GLU M 183 -18.63 -24.97 -33.09
N VAL M 184 -19.80 -24.60 -32.59
CA VAL M 184 -20.47 -23.38 -32.98
C VAL M 184 -20.50 -22.43 -31.80
N PHE M 185 -20.91 -21.19 -32.06
CA PHE M 185 -20.99 -20.15 -31.05
C PHE M 185 -22.10 -19.21 -31.43
N ASN M 186 -22.50 -18.36 -30.49
CA ASN M 186 -23.51 -17.36 -30.76
C ASN M 186 -23.06 -16.06 -30.10
N GLN M 187 -22.79 -15.06 -30.93
CA GLN M 187 -22.26 -13.81 -30.47
C GLN M 187 -22.55 -12.74 -31.51
N ASP M 188 -22.49 -11.49 -31.07
CA ASP M 188 -22.87 -10.36 -31.89
C ASP M 188 -21.69 -10.00 -32.78
N PHE M 189 -21.56 -10.73 -33.85
CA PHE M 189 -20.36 -10.56 -34.65
C PHE M 189 -20.45 -9.25 -35.43
N PRO M 190 -19.34 -8.54 -35.59
CA PRO M 190 -19.40 -7.23 -36.23
C PRO M 190 -19.94 -7.31 -37.64
N PRO M 191 -20.76 -6.35 -38.08
CA PRO M 191 -21.28 -6.42 -39.44
C PRO M 191 -20.18 -6.32 -40.48
N TYR M 192 -20.53 -6.73 -41.69
CA TYR M 192 -19.62 -6.75 -42.81
C TYR M 192 -19.21 -5.34 -43.18
N GLY M 193 -17.94 -5.04 -43.08
CA GLY M 193 -17.45 -3.74 -43.47
C GLY M 193 -17.20 -2.80 -42.34
N SER M 194 -17.37 -3.24 -41.11
CA SER M 194 -17.14 -2.39 -39.95
C SER M 194 -16.37 -3.13 -38.88
N GLY M 195 -15.70 -4.23 -39.23
CA GLY M 195 -14.96 -4.97 -38.24
C GLY M 195 -13.80 -4.14 -37.75
N GLN M 196 -13.67 -4.04 -36.48
CA GLN M 196 -12.57 -3.31 -35.91
C GLN M 196 -11.31 -4.15 -36.02
N PRO M 197 -10.13 -3.53 -36.12
CA PRO M 197 -8.90 -4.30 -36.21
C PRO M 197 -8.69 -5.17 -34.99
N GLY M 198 -7.97 -6.26 -35.17
CA GLY M 198 -7.60 -7.07 -34.04
C GLY M 198 -8.64 -8.00 -33.49
N ARG M 199 -9.82 -7.51 -33.22
CA ARG M 199 -10.87 -8.36 -32.69
C ARG M 199 -11.41 -9.22 -33.83
N PHE M 200 -12.42 -10.01 -33.55
CA PHE M 200 -13.00 -10.86 -34.58
C PHE M 200 -13.54 -10.01 -35.70
N GLY M 201 -13.16 -10.35 -36.91
CA GLY M 201 -13.59 -9.63 -38.08
C GLY M 201 -12.55 -8.79 -38.71
N ASP M 202 -11.28 -9.06 -38.47
CA ASP M 202 -10.24 -8.26 -39.10
C ASP M 202 -10.32 -8.40 -40.61
N ILE M 203 -10.45 -9.61 -41.09
CA ILE M 203 -10.67 -9.87 -42.49
C ILE M 203 -12.13 -10.22 -42.59
N GLN M 204 -12.72 -10.00 -43.75
CA GLN M 204 -14.12 -10.35 -44.00
C GLN M 204 -14.23 -10.71 -45.47
N SER M 205 -15.06 -11.68 -45.79
CA SER M 205 -15.28 -12.01 -47.19
C SER M 205 -16.57 -12.78 -47.30
N ARG M 206 -17.36 -12.44 -48.32
CA ARG M 206 -18.68 -13.01 -48.49
C ARG M 206 -18.61 -14.53 -48.58
N THR M 207 -17.84 -15.03 -49.54
CA THR M 207 -17.77 -16.45 -49.80
C THR M 207 -16.32 -16.91 -49.73
N VAL M 208 -16.16 -18.22 -49.73
CA VAL M 208 -14.83 -18.82 -49.68
C VAL M 208 -14.07 -18.46 -50.93
N GLU M 209 -14.76 -18.27 -52.05
CA GLU M 209 -14.15 -17.96 -53.32
C GLU M 209 -14.50 -16.56 -53.81
N SER M 210 -15.03 -15.72 -52.94
CA SER M 210 -15.38 -14.38 -53.35
C SER M 210 -14.14 -13.56 -53.64
N ASN M 211 -14.18 -12.76 -54.70
CA ASN M 211 -13.04 -11.93 -55.06
C ASN M 211 -12.96 -10.65 -54.25
N ASP M 212 -14.02 -10.25 -53.58
CA ASP M 212 -13.94 -9.05 -52.76
C ASP M 212 -13.29 -9.37 -51.43
N LEU M 213 -12.88 -8.31 -50.73
CA LEU M 213 -12.21 -8.46 -49.45
C LEU M 213 -12.20 -7.13 -48.74
N TYR M 214 -12.49 -7.16 -47.45
CA TYR M 214 -12.53 -5.99 -46.61
C TYR M 214 -11.63 -6.25 -45.43
N ALA M 215 -10.77 -5.31 -45.12
CA ALA M 215 -9.83 -5.52 -44.03
C ALA M 215 -9.37 -4.20 -43.50
N ASN M 216 -9.37 -4.06 -42.18
CA ASN M 216 -8.66 -2.99 -41.51
C ASN M 216 -7.81 -3.59 -40.40
N THR M 217 -6.58 -3.94 -40.78
CA THR M 217 -5.60 -4.50 -39.87
C THR M 217 -4.49 -3.51 -39.54
N ALA M 218 -4.70 -2.23 -39.76
CA ALA M 218 -3.77 -1.19 -39.32
C ALA M 218 -2.36 -1.38 -39.86
N LEU M 219 -2.23 -1.36 -41.18
CA LEU M 219 -0.94 -1.44 -41.86
C LEU M 219 -0.23 -0.08 -41.86
N LYS M 220 0.08 0.43 -40.67
CA LYS M 220 0.78 1.70 -40.57
C LYS M 220 2.26 1.41 -40.75
N LEU M 221 2.70 1.35 -42.01
CA LEU M 221 4.10 1.08 -42.29
C LEU M 221 4.95 2.33 -42.11
N ALA M 222 6.16 2.11 -41.59
CA ALA M 222 7.02 3.14 -41.03
C ALA M 222 8.25 3.35 -41.89
N ARG M 223 9.13 4.21 -41.42
CA ARG M 223 10.30 4.62 -42.19
C ARG M 223 11.40 3.60 -42.02
N PRO M 224 12.05 3.16 -43.10
CA PRO M 224 13.11 2.16 -42.94
C PRO M 224 14.26 2.68 -42.11
N SER M 225 14.81 1.79 -41.29
CA SER M 225 15.95 2.12 -40.47
C SER M 225 17.13 2.47 -41.39
N PRO M 226 17.96 3.44 -41.02
CA PRO M 226 19.03 3.86 -41.91
C PRO M 226 19.99 2.73 -42.21
N GLY M 227 20.53 2.75 -43.43
CA GLY M 227 21.50 1.75 -43.80
C GLY M 227 20.92 0.36 -43.86
N MET M 228 19.74 0.22 -44.43
CA MET M 228 19.06 -1.06 -44.46
C MET M 228 18.06 -1.02 -45.58
N VAL M 229 17.82 -2.17 -46.19
CA VAL M 229 16.70 -2.34 -47.11
C VAL M 229 15.73 -3.28 -46.43
N HIS M 230 14.56 -2.75 -46.10
CA HIS M 230 13.49 -3.54 -45.53
C HIS M 230 12.26 -2.65 -45.54
N VAL M 231 11.16 -3.17 -45.03
CA VAL M 231 9.88 -2.49 -45.08
C VAL M 231 9.19 -2.73 -43.74
N PRO M 232 9.37 -1.85 -42.77
CA PRO M 232 8.78 -2.10 -41.46
C PRO M 232 7.28 -1.85 -41.50
N TYR M 233 6.51 -2.85 -41.15
CA TYR M 233 5.09 -2.68 -40.95
C TYR M 233 4.72 -3.04 -39.54
N THR M 234 3.89 -2.23 -38.93
CA THR M 234 3.29 -2.53 -37.65
C THR M 234 1.82 -2.79 -37.90
N GLN M 235 1.34 -3.92 -37.40
CA GLN M 235 0.04 -4.42 -37.80
C GLN M 235 -0.55 -5.21 -36.66
N THR M 236 -1.80 -5.00 -36.37
CA THR M 236 -2.45 -5.81 -35.37
C THR M 236 -2.56 -7.23 -35.92
N PRO M 237 -2.21 -8.26 -35.15
CA PRO M 237 -2.18 -9.60 -35.71
C PRO M 237 -3.58 -10.05 -36.05
N SER M 238 -3.65 -11.17 -36.76
CA SER M 238 -4.91 -11.68 -37.24
C SER M 238 -5.85 -11.92 -36.08
N GLY M 239 -6.99 -11.24 -36.15
CA GLY M 239 -8.01 -11.41 -35.15
C GLY M 239 -8.56 -12.80 -35.10
N PHE M 240 -8.38 -13.58 -36.16
CA PHE M 240 -8.89 -14.93 -36.14
C PHE M 240 -8.18 -15.72 -35.06
N LYS M 241 -6.86 -15.56 -34.96
CA LYS M 241 -6.12 -16.26 -33.95
C LYS M 241 -6.53 -15.81 -32.56
N TYR M 242 -6.76 -14.50 -32.38
CA TYR M 242 -7.23 -14.05 -31.08
C TYR M 242 -8.57 -14.67 -30.75
N TRP M 243 -9.48 -14.70 -31.70
CA TRP M 243 -10.77 -15.32 -31.45
C TRP M 243 -10.61 -16.78 -31.11
N LEU M 244 -9.61 -17.44 -31.69
CA LEU M 244 -9.30 -18.80 -31.29
C LEU M 244 -8.89 -18.84 -29.83
N LYS M 245 -8.06 -17.90 -29.41
CA LYS M 245 -7.58 -17.97 -28.05
C LYS M 245 -8.66 -17.60 -27.04
N GLU M 246 -9.66 -16.82 -27.42
CA GLU M 246 -10.61 -16.24 -26.48
C GLU M 246 -12.00 -16.48 -27.06
N LYS M 247 -12.22 -17.71 -27.51
CA LYS M 247 -13.52 -18.04 -28.09
C LYS M 247 -14.62 -17.77 -27.09
N GLY M 248 -14.47 -18.28 -25.90
CA GLY M 248 -15.51 -18.27 -24.89
C GLY M 248 -16.13 -19.65 -24.75
N THR M 249 -17.25 -19.67 -24.05
CA THR M 249 -17.97 -20.90 -23.82
C THR M 249 -18.64 -21.31 -25.12
N ALA M 250 -18.09 -22.32 -25.77
CA ALA M 250 -18.63 -22.79 -27.03
C ALA M 250 -20.04 -23.32 -26.86
N LEU M 251 -20.89 -23.07 -27.87
CA LEU M 251 -22.27 -23.49 -27.75
C LEU M 251 -22.38 -24.99 -27.71
N ASN M 252 -21.36 -25.70 -28.18
CA ASN M 252 -21.34 -27.15 -28.11
C ASN M 252 -21.49 -27.66 -26.69
N THR M 253 -21.01 -26.90 -25.70
CA THR M 253 -21.03 -27.25 -24.30
C THR M 253 -21.92 -26.30 -23.52
N LYS M 254 -22.95 -25.80 -24.17
CA LYS M 254 -23.77 -24.72 -23.66
C LYS M 254 -25.25 -25.00 -23.76
N ALA M 255 -25.66 -25.98 -24.52
CA ALA M 255 -27.05 -26.09 -24.91
C ALA M 255 -27.93 -26.33 -23.70
N PRO M 256 -29.04 -25.65 -23.56
CA PRO M 256 -30.03 -26.14 -22.61
C PRO M 256 -30.70 -27.34 -23.22
N PHE M 257 -31.41 -28.10 -22.40
CA PHE M 257 -32.16 -29.25 -22.87
C PHE M 257 -31.27 -30.30 -23.50
N GLY M 258 -29.99 -30.26 -23.24
CA GLY M 258 -29.12 -31.36 -23.58
C GLY M 258 -28.99 -31.64 -25.05
N CYS M 259 -28.91 -30.62 -25.87
CA CYS M 259 -28.75 -30.83 -27.29
C CYS M 259 -27.28 -31.03 -27.60
N GLN M 260 -26.98 -32.03 -28.41
CA GLN M 260 -25.64 -32.20 -28.93
C GLN M 260 -25.59 -31.52 -30.29
N ILE M 261 -24.78 -30.49 -30.41
CA ILE M 261 -24.71 -29.75 -31.65
C ILE M 261 -23.63 -30.32 -32.54
N LYS M 262 -23.99 -30.67 -33.76
CA LYS M 262 -23.03 -31.02 -34.79
C LYS M 262 -22.90 -29.90 -35.80
N THR M 263 -22.05 -30.11 -36.80
CA THR M 263 -21.48 -29.00 -37.54
C THR M 263 -21.89 -28.90 -39.00
N ASN M 264 -21.73 -29.96 -39.79
CA ASN M 264 -21.61 -29.73 -41.23
C ASN M 264 -22.91 -29.24 -41.84
N PRO M 265 -24.01 -29.98 -41.80
CA PRO M 265 -25.33 -29.32 -41.86
C PRO M 265 -25.76 -28.88 -40.47
N VAL M 266 -25.18 -27.77 -40.01
CA VAL M 266 -25.13 -27.42 -38.59
C VAL M 266 -26.47 -27.59 -37.93
N ARG M 267 -26.47 -28.32 -36.82
CA ARG M 267 -27.73 -28.81 -36.30
C ARG M 267 -27.59 -29.11 -34.81
N ALA M 268 -28.72 -29.25 -34.16
CA ALA M 268 -28.78 -29.67 -32.77
C ALA M 268 -29.52 -31.00 -32.70
N MET M 269 -28.86 -32.04 -32.20
CA MET M 269 -29.46 -33.34 -32.13
C MET M 269 -30.00 -33.60 -30.74
N ASN M 270 -31.10 -34.34 -30.69
CA ASN M 270 -31.62 -34.93 -29.46
C ASN M 270 -32.02 -33.88 -28.44
N CYS M 271 -32.52 -32.75 -28.90
CA CYS M 271 -33.10 -31.79 -27.98
C CYS M 271 -34.34 -32.38 -27.35
N ALA M 272 -34.55 -32.06 -26.08
CA ALA M 272 -35.68 -32.55 -25.32
C ALA M 272 -36.53 -31.35 -24.93
N VAL M 273 -37.46 -30.99 -25.79
CA VAL M 273 -38.33 -29.85 -25.57
C VAL M 273 -39.71 -30.17 -26.10
N GLY M 274 -40.72 -29.68 -25.42
CA GLY M 274 -42.06 -29.72 -25.99
C GLY M 274 -42.54 -31.12 -26.29
N ASN M 275 -43.70 -31.15 -26.94
CA ASN M 275 -44.35 -32.38 -27.32
C ASN M 275 -44.57 -32.39 -28.82
N ILE M 276 -44.34 -33.54 -29.42
CA ILE M 276 -44.61 -33.75 -30.84
C ILE M 276 -46.06 -34.19 -30.97
N PRO M 277 -46.93 -33.40 -31.61
CA PRO M 277 -48.26 -33.90 -31.90
C PRO M 277 -48.21 -34.81 -33.12
N VAL M 278 -48.77 -36.01 -32.98
CA VAL M 278 -48.75 -37.01 -34.03
C VAL M 278 -50.17 -37.42 -34.38
N SER M 279 -50.40 -37.62 -35.67
CA SER M 279 -51.68 -38.04 -36.20
C SER M 279 -51.47 -39.32 -37.01
N MET M 280 -52.32 -40.31 -36.79
CA MET M 280 -52.22 -41.58 -37.47
C MET M 280 -53.54 -41.91 -38.12
N ASN M 281 -53.48 -42.45 -39.33
CA ASN M 281 -54.62 -43.04 -40.01
C ASN M 281 -54.18 -44.46 -40.34
N LEU M 282 -54.79 -45.47 -39.67
CA LEU M 282 -54.39 -46.86 -39.82
C LEU M 282 -55.46 -47.67 -40.51
N PRO M 283 -55.15 -48.44 -41.55
CA PRO M 283 -56.20 -49.20 -42.24
C PRO M 283 -56.74 -50.28 -41.34
N ASP M 284 -57.89 -50.81 -41.75
CA ASP M 284 -58.55 -51.81 -40.94
C ASP M 284 -57.76 -53.10 -40.86
N SER M 285 -56.88 -53.35 -41.83
CA SER M 285 -56.15 -54.60 -41.87
C SER M 285 -55.22 -54.78 -40.70
N ALA M 286 -54.91 -53.73 -39.96
CA ALA M 286 -53.97 -53.82 -38.86
C ALA M 286 -54.62 -54.08 -37.52
N PHE M 287 -55.95 -54.20 -37.47
CA PHE M 287 -56.65 -54.42 -36.22
C PHE M 287 -57.09 -55.87 -36.11
N THR M 288 -57.76 -56.19 -35.01
CA THR M 288 -58.28 -57.52 -34.75
C THR M 288 -59.72 -57.41 -34.28
N ARG M 289 -60.60 -58.17 -34.90
CA ARG M 289 -62.02 -58.08 -34.66
C ARG M 289 -62.33 -58.53 -33.25
N ILE M 290 -63.44 -58.05 -32.70
CA ILE M 290 -63.79 -58.45 -31.35
C ILE M 290 -64.12 -59.93 -31.33
N VAL M 291 -64.83 -60.41 -32.35
CA VAL M 291 -65.25 -61.80 -32.34
C VAL M 291 -64.08 -62.74 -32.46
N GLU M 292 -62.95 -62.29 -33.00
CA GLU M 292 -61.74 -63.08 -33.08
C GLU M 292 -60.82 -62.81 -31.91
N ALA M 293 -61.23 -62.01 -30.95
CA ALA M 293 -60.38 -61.57 -29.86
C ALA M 293 -60.88 -62.12 -28.53
N PRO M 294 -60.02 -62.39 -27.57
CA PRO M 294 -60.49 -62.98 -26.32
C PRO M 294 -61.07 -61.93 -25.39
N THR M 295 -62.18 -62.28 -24.75
CA THR M 295 -62.86 -61.35 -23.85
C THR M 295 -62.46 -61.61 -22.41
N ILE M 296 -62.29 -60.52 -21.66
CA ILE M 296 -61.96 -60.54 -20.25
C ILE M 296 -63.18 -60.14 -19.46
N ILE M 297 -63.51 -60.92 -18.44
CA ILE M 297 -64.59 -60.62 -17.52
C ILE M 297 -64.00 -60.52 -16.13
N ASP M 298 -64.30 -59.41 -15.45
CA ASP M 298 -63.95 -59.22 -14.05
C ASP M 298 -62.45 -59.35 -13.78
N LEU M 299 -61.70 -58.46 -14.42
CA LEU M 299 -60.27 -58.37 -14.19
C LEU M 299 -60.00 -57.52 -12.96
N THR M 300 -59.30 -58.08 -11.98
CA THR M 300 -58.92 -57.40 -10.75
C THR M 300 -57.41 -57.22 -10.71
N CYS M 301 -56.95 -56.00 -10.42
CA CYS M 301 -55.55 -55.65 -10.47
C CYS M 301 -54.97 -55.49 -9.08
N THR M 302 -53.82 -56.13 -8.84
CA THR M 302 -53.06 -55.98 -7.61
C THR M 302 -51.61 -55.72 -7.96
N VAL M 303 -50.96 -54.84 -7.21
CA VAL M 303 -49.55 -54.53 -7.41
C VAL M 303 -48.72 -55.26 -6.38
N ALA M 304 -47.70 -55.97 -6.82
CA ALA M 304 -46.85 -56.64 -5.86
C ALA M 304 -45.84 -55.69 -5.26
N THR M 305 -44.99 -55.09 -6.09
CA THR M 305 -43.97 -54.16 -5.60
C THR M 305 -43.95 -52.90 -6.45
N CYS M 306 -43.52 -51.80 -5.85
CA CYS M 306 -43.37 -50.57 -6.63
C CYS M 306 -42.31 -49.74 -5.96
N THR M 307 -41.16 -49.62 -6.61
CA THR M 307 -40.12 -48.68 -6.19
C THR M 307 -39.96 -47.72 -7.35
N HIS M 308 -40.31 -46.46 -7.11
CA HIS M 308 -40.55 -45.51 -8.20
C HIS M 308 -39.21 -45.06 -8.79
N SER M 309 -38.55 -46.01 -9.41
CA SER M 309 -37.24 -45.78 -9.99
C SER M 309 -37.42 -45.46 -11.45
N SER M 310 -36.39 -44.86 -12.02
CA SER M 310 -36.41 -44.63 -13.45
C SER M 310 -36.52 -45.93 -14.20
N ASP M 311 -35.80 -46.95 -13.75
CA ASP M 311 -35.97 -48.26 -14.32
C ASP M 311 -37.37 -48.73 -13.94
N PHE M 312 -37.86 -49.78 -14.60
CA PHE M 312 -39.26 -50.15 -14.46
C PHE M 312 -39.44 -50.83 -13.12
N GLY M 313 -39.49 -50.01 -12.09
CA GLY M 313 -39.32 -50.46 -10.73
C GLY M 313 -40.60 -50.85 -10.05
N GLY M 314 -41.64 -51.11 -10.82
CA GLY M 314 -42.88 -51.64 -10.30
C GLY M 314 -43.29 -52.88 -11.05
N VAL M 315 -43.74 -53.89 -10.31
CA VAL M 315 -44.21 -55.15 -10.86
C VAL M 315 -45.59 -55.40 -10.29
N LEU M 316 -46.56 -55.60 -11.19
CA LEU M 316 -47.95 -55.81 -10.83
C LEU M 316 -48.49 -57.03 -11.55
N THR M 317 -49.53 -57.61 -10.96
CA THR M 317 -50.18 -58.79 -11.47
C THR M 317 -51.62 -58.47 -11.79
N LEU M 318 -52.12 -59.10 -12.84
CA LEU M 318 -53.49 -58.94 -13.28
C LEU M 318 -54.13 -60.31 -13.26
N THR M 319 -55.27 -60.40 -12.58
CA THR M 319 -56.06 -61.60 -12.45
C THR M 319 -57.32 -61.42 -13.28
N TYR M 320 -57.66 -62.42 -14.07
CA TYR M 320 -58.67 -62.25 -15.09
C TYR M 320 -59.35 -63.58 -15.37
N LYS M 321 -60.46 -63.52 -16.08
CA LYS M 321 -61.16 -64.72 -16.52
C LYS M 321 -61.44 -64.55 -18.01
N THR M 322 -60.68 -65.27 -18.83
CA THR M 322 -60.83 -65.20 -20.27
C THR M 322 -61.80 -66.27 -20.73
N ASP M 323 -61.90 -66.45 -22.04
CA ASP M 323 -62.47 -67.66 -22.61
C ASP M 323 -61.48 -68.42 -23.48
N LYS M 324 -60.66 -67.71 -24.24
CA LYS M 324 -59.73 -68.33 -25.17
C LYS M 324 -58.39 -67.62 -25.07
N ASN M 325 -57.34 -68.32 -25.48
CA ASN M 325 -56.02 -67.72 -25.47
C ASN M 325 -55.90 -66.69 -26.59
N GLY M 326 -54.86 -65.87 -26.50
CA GLY M 326 -54.54 -64.97 -27.58
C GLY M 326 -53.46 -63.98 -27.19
N ASP M 327 -53.24 -63.02 -28.06
CA ASP M 327 -52.35 -61.89 -27.80
C ASP M 327 -53.19 -60.64 -27.88
N CYS M 328 -53.04 -59.75 -26.91
CA CYS M 328 -53.82 -58.53 -26.95
C CYS M 328 -53.10 -57.38 -26.26
N SER M 329 -53.49 -56.18 -26.66
CA SER M 329 -52.75 -55.01 -26.25
C SER M 329 -53.04 -54.70 -24.80
N VAL M 330 -52.11 -53.98 -24.18
CA VAL M 330 -52.24 -53.61 -22.79
C VAL M 330 -51.59 -52.26 -22.60
N HIS M 331 -52.24 -51.40 -21.86
CA HIS M 331 -51.79 -50.03 -21.80
C HIS M 331 -52.45 -49.33 -20.64
N SER M 332 -51.77 -48.33 -20.09
CA SER M 332 -52.31 -47.57 -18.97
C SER M 332 -52.81 -46.24 -19.48
N HIS M 333 -54.08 -45.94 -19.20
CA HIS M 333 -54.69 -44.71 -19.67
C HIS M 333 -54.25 -43.48 -18.91
N SER M 334 -53.66 -43.62 -17.73
CA SER M 334 -53.20 -42.48 -16.97
C SER M 334 -51.70 -42.33 -17.13
N ASN M 335 -51.25 -41.09 -17.27
CA ASN M 335 -49.83 -40.81 -17.42
C ASN M 335 -49.05 -40.97 -16.13
N VAL M 336 -49.68 -41.37 -15.03
CA VAL M 336 -48.95 -41.54 -13.79
C VAL M 336 -47.97 -42.68 -13.91
N ALA M 337 -48.33 -43.72 -14.66
CA ALA M 337 -47.47 -44.86 -14.84
C ALA M 337 -47.31 -45.12 -16.33
N THR M 338 -46.24 -45.84 -16.67
CA THR M 338 -46.01 -46.28 -18.03
C THR M 338 -45.57 -47.73 -17.95
N LEU M 339 -46.03 -48.56 -18.90
CA LEU M 339 -45.84 -49.99 -18.81
C LEU M 339 -44.90 -50.47 -19.90
N GLN M 340 -44.05 -51.45 -19.57
CA GLN M 340 -43.11 -51.99 -20.53
C GLN M 340 -43.81 -52.62 -21.71
N GLU M 341 -44.60 -53.66 -21.46
CA GLU M 341 -45.07 -54.50 -22.54
C GLU M 341 -46.27 -53.84 -23.20
N ALA M 342 -46.22 -53.74 -24.53
CA ALA M 342 -47.37 -53.20 -25.23
C ALA M 342 -48.44 -54.25 -25.38
N THR M 343 -48.05 -55.45 -25.77
CA THR M 343 -48.96 -56.56 -26.03
C THR M 343 -48.64 -57.69 -25.09
N ALA M 344 -49.65 -58.17 -24.37
CA ALA M 344 -49.48 -59.28 -23.46
C ALA M 344 -50.17 -60.52 -24.03
N LYS M 345 -49.58 -61.67 -23.74
CA LYS M 345 -50.18 -62.95 -24.09
C LYS M 345 -51.18 -63.31 -23.00
N VAL M 346 -52.45 -63.44 -23.38
CA VAL M 346 -53.50 -63.84 -22.46
C VAL M 346 -53.71 -65.33 -22.58
N LYS M 347 -53.66 -66.01 -21.43
CA LYS M 347 -53.78 -67.46 -21.33
C LYS M 347 -55.00 -67.80 -20.49
N THR M 348 -55.47 -69.04 -20.64
CA THR M 348 -56.64 -69.48 -19.91
C THR M 348 -56.41 -69.37 -18.41
N ALA M 349 -55.20 -69.66 -17.95
CA ALA M 349 -54.86 -69.41 -16.56
C ALA M 349 -54.95 -67.92 -16.28
N GLY M 350 -55.60 -67.58 -15.18
CA GLY M 350 -55.95 -66.21 -14.91
C GLY M 350 -54.90 -65.38 -14.21
N LYS M 351 -53.69 -65.31 -14.75
CA LYS M 351 -52.65 -64.50 -14.13
C LYS M 351 -51.66 -64.05 -15.20
N VAL M 352 -51.43 -62.73 -15.26
CA VAL M 352 -50.34 -62.18 -16.07
C VAL M 352 -49.63 -61.10 -15.26
N THR M 353 -48.32 -60.98 -15.48
CA THR M 353 -47.48 -60.04 -14.75
C THR M 353 -46.89 -59.02 -15.71
N LEU M 354 -46.89 -57.76 -15.29
CA LEU M 354 -46.34 -56.67 -16.10
C LEU M 354 -45.52 -55.75 -15.22
N HIS M 355 -44.66 -54.96 -15.87
CA HIS M 355 -43.78 -54.01 -15.22
C HIS M 355 -44.14 -52.60 -15.61
N PHE M 356 -44.02 -51.68 -14.66
CA PHE M 356 -44.47 -50.31 -14.84
C PHE M 356 -43.59 -49.39 -14.02
N SER M 357 -43.48 -48.14 -14.46
CA SER M 357 -42.66 -47.13 -13.81
C SER M 357 -43.56 -46.00 -13.40
N THR M 358 -43.35 -45.46 -12.21
CA THR M 358 -44.06 -44.28 -11.76
C THR M 358 -43.09 -43.34 -11.08
N ALA M 359 -43.63 -42.22 -10.61
CA ALA M 359 -42.89 -41.29 -9.78
C ALA M 359 -43.62 -40.87 -8.53
N SER M 360 -44.89 -41.19 -8.40
CA SER M 360 -45.67 -40.74 -7.25
C SER M 360 -45.60 -41.80 -6.16
N ALA M 361 -45.66 -41.34 -4.92
CA ALA M 361 -45.69 -42.28 -3.82
C ALA M 361 -46.93 -43.15 -3.88
N SER M 362 -48.05 -42.59 -4.33
CA SER M 362 -49.32 -43.29 -4.47
C SER M 362 -49.82 -43.15 -5.90
N PRO M 363 -49.29 -43.95 -6.82
CA PRO M 363 -49.80 -43.93 -8.19
C PRO M 363 -51.05 -44.78 -8.28
N SER M 364 -52.16 -44.16 -8.69
CA SER M 364 -53.41 -44.87 -8.91
C SER M 364 -53.80 -44.65 -10.36
N PHE M 365 -53.98 -45.76 -11.09
CA PHE M 365 -54.18 -45.66 -12.52
C PHE M 365 -55.02 -46.82 -13.01
N VAL M 366 -55.69 -46.60 -14.08
CA VAL M 366 -56.48 -47.64 -14.74
C VAL M 366 -55.62 -48.34 -15.77
N VAL M 367 -55.84 -49.63 -15.92
CA VAL M 367 -55.10 -50.49 -16.81
C VAL M 367 -56.08 -51.16 -17.72
N SER M 368 -55.76 -51.18 -19.00
CA SER M 368 -56.56 -51.87 -19.99
C SER M 368 -55.83 -53.15 -20.35
N LEU M 369 -56.38 -54.27 -19.96
CA LEU M 369 -56.16 -55.55 -20.62
C LEU M 369 -57.08 -55.58 -21.82
N CYS M 370 -57.18 -56.77 -22.44
CA CYS M 370 -57.57 -56.97 -23.82
C CYS M 370 -58.69 -56.05 -24.27
N SER M 371 -59.79 -56.02 -23.53
CA SER M 371 -60.72 -54.90 -23.66
C SER M 371 -61.29 -54.36 -22.36
N ALA M 372 -60.86 -54.85 -21.21
CA ALA M 372 -61.50 -54.49 -19.95
C ALA M 372 -60.62 -53.52 -19.18
N ARG M 373 -61.26 -52.79 -18.27
CA ARG M 373 -60.59 -51.80 -17.43
C ARG M 373 -60.48 -52.33 -16.01
N ALA M 374 -59.36 -52.06 -15.36
CA ALA M 374 -59.24 -52.31 -13.94
C ALA M 374 -58.42 -51.23 -13.30
N THR M 375 -58.67 -50.96 -12.04
CA THR M 375 -58.00 -49.89 -11.31
C THR M 375 -56.88 -50.49 -10.47
N CYS M 376 -55.72 -49.85 -10.50
CA CYS M 376 -54.51 -50.31 -9.85
C CYS M 376 -54.09 -49.21 -8.92
N SER M 377 -54.24 -49.43 -7.63
CA SER M 377 -53.96 -48.45 -6.59
C SER M 377 -52.78 -48.97 -5.79
N ALA M 378 -51.60 -48.40 -6.04
CA ALA M 378 -50.38 -48.97 -5.52
C ALA M 378 -49.93 -48.27 -4.26
N SER M 379 -48.75 -48.66 -3.78
CA SER M 379 -48.10 -48.00 -2.65
C SER M 379 -46.61 -48.13 -2.87
N CYS M 380 -46.01 -47.07 -3.39
CA CYS M 380 -44.61 -47.06 -3.75
C CYS M 380 -43.68 -46.65 -2.62
N GLU M 381 -42.49 -47.33 -2.54
CA GLU M 381 -41.39 -46.89 -1.70
C GLU M 381 -40.31 -46.20 -2.54
N PRO M 382 -39.58 -45.22 -2.00
CA PRO M 382 -38.47 -44.64 -2.77
C PRO M 382 -37.38 -45.68 -3.00
N PRO M 383 -36.68 -45.62 -4.13
CA PRO M 383 -35.62 -46.59 -4.38
C PRO M 383 -34.33 -46.16 -3.69
N LYS M 384 -33.37 -47.09 -3.65
CA LYS M 384 -32.15 -46.85 -2.88
C LYS M 384 -31.13 -45.99 -3.63
N ASP M 385 -30.87 -46.29 -4.90
CA ASP M 385 -29.78 -45.64 -5.61
C ASP M 385 -30.11 -44.19 -5.90
N HIS M 386 -29.06 -43.36 -5.98
CA HIS M 386 -29.26 -41.94 -6.21
C HIS M 386 -29.08 -41.55 -7.67
N ILE M 387 -27.92 -41.87 -8.25
CA ILE M 387 -27.59 -41.48 -9.61
C ILE M 387 -27.66 -42.73 -10.48
N VAL M 388 -28.36 -42.63 -11.60
CA VAL M 388 -28.58 -43.75 -12.51
C VAL M 388 -28.10 -43.35 -13.91
N PRO M 389 -27.51 -44.23 -14.70
CA PRO M 389 -26.94 -43.78 -15.98
C PRO M 389 -27.89 -43.75 -17.17
N TYR M 390 -29.19 -43.98 -17.01
CA TYR M 390 -30.13 -44.01 -18.12
C TYR M 390 -31.33 -43.14 -17.82
N ALA M 391 -31.92 -42.61 -18.87
CA ALA M 391 -32.94 -41.59 -18.75
C ALA M 391 -34.19 -42.16 -18.09
N ALA M 392 -34.97 -41.27 -17.51
CA ALA M 392 -36.19 -41.67 -16.83
C ALA M 392 -37.20 -42.19 -17.84
N SER M 393 -37.82 -43.32 -17.51
CA SER M 393 -38.82 -43.97 -18.36
C SER M 393 -40.23 -43.68 -17.90
N HIS M 394 -40.46 -42.53 -17.28
CA HIS M 394 -41.79 -42.13 -16.88
C HIS M 394 -41.90 -40.64 -17.02
N SER M 395 -43.10 -40.16 -17.28
CA SER M 395 -43.32 -38.72 -17.23
C SER M 395 -43.31 -38.27 -15.79
N ASN M 396 -42.54 -37.24 -15.49
CA ASN M 396 -42.24 -36.92 -14.11
C ASN M 396 -43.44 -36.24 -13.48
N VAL M 397 -44.44 -37.06 -13.15
CA VAL M 397 -45.63 -36.60 -12.45
C VAL M 397 -45.66 -37.27 -11.09
N VAL M 398 -45.83 -36.46 -10.05
CA VAL M 398 -45.59 -36.90 -8.68
C VAL M 398 -46.82 -36.78 -7.80
N PHE M 399 -47.82 -36.01 -8.19
CA PHE M 399 -48.94 -35.74 -7.31
C PHE M 399 -49.69 -37.03 -6.99
N PRO M 400 -49.88 -37.39 -5.72
CA PRO M 400 -50.52 -38.66 -5.44
C PRO M 400 -52.01 -38.56 -5.67
N ASP M 401 -52.57 -39.63 -6.23
CA ASP M 401 -54.00 -39.62 -6.50
C ASP M 401 -54.75 -39.79 -5.20
N MET M 402 -56.06 -39.53 -5.24
CA MET M 402 -56.86 -39.66 -4.04
C MET M 402 -56.75 -41.08 -3.51
N SER M 403 -57.03 -41.23 -2.22
CA SER M 403 -57.07 -42.49 -1.49
C SER M 403 -55.69 -43.13 -1.36
N GLY M 404 -54.62 -42.50 -1.84
CA GLY M 404 -53.29 -42.86 -1.42
C GLY M 404 -53.08 -42.32 -0.02
N THR M 405 -52.40 -43.11 0.81
CA THR M 405 -52.39 -42.83 2.23
C THR M 405 -51.88 -41.45 2.55
N ALA M 406 -51.05 -40.87 1.68
CA ALA M 406 -50.55 -39.54 1.95
C ALA M 406 -51.65 -38.51 1.85
N LEU M 407 -52.29 -38.41 0.68
CA LEU M 407 -53.40 -37.50 0.61
C LEU M 407 -54.64 -38.07 1.27
N SER M 408 -54.68 -39.36 1.59
CA SER M 408 -55.77 -39.87 2.41
C SER M 408 -55.77 -39.21 3.77
N TRP M 409 -54.60 -39.08 4.37
CA TRP M 409 -54.55 -38.44 5.68
C TRP M 409 -55.04 -37.00 5.61
N VAL M 410 -54.60 -36.26 4.59
CA VAL M 410 -55.04 -34.88 4.45
C VAL M 410 -56.52 -34.83 4.21
N GLN M 411 -57.04 -35.76 3.42
CA GLN M 411 -58.46 -35.80 3.15
C GLN M 411 -59.24 -36.03 4.43
N LYS M 412 -58.82 -36.98 5.24
CA LYS M 412 -59.59 -37.28 6.44
C LYS M 412 -59.48 -36.15 7.45
N ILE M 413 -58.30 -35.56 7.60
CA ILE M 413 -58.16 -34.42 8.51
C ILE M 413 -59.08 -33.30 8.08
N SER M 414 -59.05 -32.96 6.79
CA SER M 414 -59.89 -31.89 6.30
C SER M 414 -61.36 -32.22 6.47
N GLY M 415 -61.72 -33.48 6.24
CA GLY M 415 -63.10 -33.87 6.38
C GLY M 415 -63.61 -33.75 7.80
N GLY M 416 -62.82 -34.22 8.77
CA GLY M 416 -63.23 -34.09 10.16
C GLY M 416 -63.30 -32.65 10.61
N LEU M 417 -62.30 -31.85 10.23
CA LEU M 417 -62.31 -30.45 10.61
C LEU M 417 -63.49 -29.74 9.99
N GLY M 418 -63.77 -30.03 8.72
CA GLY M 418 -64.92 -29.45 8.08
C GLY M 418 -66.22 -29.91 8.70
N ALA M 419 -66.25 -31.16 9.17
CA ALA M 419 -67.46 -31.66 9.82
C ALA M 419 -67.74 -30.86 11.08
N PHE M 420 -66.70 -30.58 11.86
CA PHE M 420 -66.89 -29.74 13.04
C PHE M 420 -67.31 -28.33 12.64
N ALA M 421 -66.69 -27.80 11.59
CA ALA M 421 -67.02 -26.43 11.19
C ALA M 421 -68.46 -26.32 10.72
N ILE M 422 -68.92 -27.29 9.93
CA ILE M 422 -70.30 -27.21 9.47
C ILE M 422 -71.25 -27.49 10.61
N GLY M 423 -70.83 -28.27 11.60
CA GLY M 423 -71.66 -28.43 12.77
C GLY M 423 -71.83 -27.12 13.50
N ALA M 424 -70.75 -26.34 13.61
CA ALA M 424 -70.85 -25.02 14.21
C ALA M 424 -71.76 -24.11 13.39
N ILE M 425 -71.65 -24.17 12.07
CA ILE M 425 -72.51 -23.35 11.22
C ILE M 425 -73.96 -23.73 11.46
N LEU M 426 -74.24 -25.03 11.49
CA LEU M 426 -75.60 -25.48 11.72
C LEU M 426 -76.10 -25.05 13.08
N VAL M 427 -75.27 -25.15 14.11
CA VAL M 427 -75.78 -24.80 15.43
C VAL M 427 -76.04 -23.32 15.53
N LEU M 428 -75.25 -22.48 14.85
CA LEU M 428 -75.59 -21.06 14.93
C LEU M 428 -76.89 -20.80 14.19
N VAL M 429 -77.09 -21.46 13.06
CA VAL M 429 -78.34 -21.29 12.34
C VAL M 429 -79.50 -21.73 13.22
N VAL M 430 -79.33 -22.84 13.93
CA VAL M 430 -80.39 -23.31 14.81
C VAL M 430 -80.65 -22.31 15.93
N VAL M 431 -79.59 -21.77 16.52
CA VAL M 431 -79.76 -20.84 17.62
C VAL M 431 -80.49 -19.58 17.16
N THR M 432 -80.08 -19.05 16.01
CA THR M 432 -80.72 -17.83 15.53
C THR M 432 -82.13 -18.11 15.05
N CYS M 433 -82.39 -19.32 14.57
CA CYS M 433 -83.76 -19.67 14.20
C CYS M 433 -84.62 -19.78 15.45
N ILE M 434 -84.08 -20.33 16.53
CA ILE M 434 -84.81 -20.41 17.77
C ILE M 434 -85.12 -19.00 18.27
N GLY M 435 -84.14 -18.12 18.19
CA GLY M 435 -84.39 -16.74 18.56
C GLY M 435 -85.28 -15.98 17.60
N LEU M 436 -85.42 -16.47 16.37
CA LEU M 436 -86.23 -15.77 15.39
C LEU M 436 -87.70 -15.74 15.79
N ARG M 437 -88.23 -16.86 16.27
CA ARG M 437 -89.62 -16.91 16.70
C ARG M 437 -89.69 -16.51 18.16
N PHE N 1 8.03 -29.64 -63.17
CA PHE N 1 8.73 -29.62 -64.44
C PHE N 1 10.08 -28.95 -64.26
N ASN N 2 10.84 -29.47 -63.30
CA ASN N 2 12.19 -29.02 -62.98
C ASN N 2 12.37 -27.51 -62.95
N VAL N 3 11.41 -26.82 -62.37
CA VAL N 3 11.57 -25.44 -61.95
C VAL N 3 12.48 -25.53 -60.74
N TYR N 4 13.04 -24.42 -60.32
CA TYR N 4 14.27 -24.32 -59.54
C TYR N 4 15.48 -24.50 -60.43
N LYS N 5 15.30 -24.66 -61.73
CA LYS N 5 16.37 -24.39 -62.67
C LYS N 5 16.26 -23.01 -63.25
N ALA N 6 15.36 -22.20 -62.69
CA ALA N 6 15.27 -20.78 -62.96
C ALA N 6 15.13 -20.02 -61.66
N THR N 7 15.84 -20.44 -60.63
CA THR N 7 15.72 -19.83 -59.31
C THR N 7 17.06 -19.87 -58.60
N ARG N 8 17.54 -18.71 -58.17
CA ARG N 8 18.80 -18.56 -57.48
C ARG N 8 18.58 -18.19 -56.02
N PRO N 9 19.36 -18.75 -55.08
CA PRO N 9 19.27 -18.30 -53.70
C PRO N 9 19.67 -16.85 -53.58
N TYR N 10 19.49 -16.31 -52.38
CA TYR N 10 19.78 -14.91 -52.18
C TYR N 10 20.30 -14.64 -50.78
N ILE N 11 21.06 -13.57 -50.68
CA ILE N 11 21.72 -13.11 -49.47
C ILE N 11 20.80 -12.08 -48.84
N ALA N 12 20.12 -12.43 -47.76
CA ALA N 12 19.21 -11.50 -47.11
C ALA N 12 19.67 -11.18 -45.70
N TYR N 13 19.24 -10.02 -45.23
CA TYR N 13 19.56 -9.55 -43.89
C TYR N 13 18.91 -10.45 -42.85
N CYS N 14 19.67 -10.84 -41.84
CA CYS N 14 19.11 -11.55 -40.71
C CYS N 14 19.65 -10.92 -39.45
N ALA N 15 18.72 -10.51 -38.58
CA ALA N 15 19.09 -9.74 -37.41
C ALA N 15 20.03 -10.51 -36.48
N ASP N 16 19.83 -11.82 -36.37
CA ASP N 16 20.51 -12.63 -35.36
C ASP N 16 21.02 -13.92 -36.01
N CYS N 17 22.26 -13.91 -36.46
CA CYS N 17 22.89 -15.11 -36.99
C CYS N 17 23.81 -15.73 -35.96
N GLY N 18 23.42 -15.62 -34.70
CA GLY N 18 24.19 -16.09 -33.58
C GLY N 18 25.08 -15.00 -33.04
N ALA N 19 25.28 -15.03 -31.73
CA ALA N 19 26.17 -14.13 -31.01
C ALA N 19 25.65 -12.69 -30.95
N GLY N 20 24.49 -12.40 -31.54
CA GLY N 20 23.89 -11.11 -31.38
C GLY N 20 24.27 -10.08 -32.42
N HIS N 21 24.97 -10.47 -33.48
CA HIS N 21 25.42 -9.53 -34.49
C HIS N 21 24.58 -9.68 -35.74
N SER N 22 24.06 -8.55 -36.23
CA SER N 22 23.32 -8.53 -37.48
C SER N 22 24.22 -8.93 -38.61
N CYS N 23 23.70 -9.73 -39.54
CA CYS N 23 24.56 -10.18 -40.62
C CYS N 23 23.75 -10.63 -41.82
N HIS N 24 24.38 -10.48 -42.97
CA HIS N 24 23.78 -10.80 -44.24
C HIS N 24 24.09 -12.25 -44.54
N SER N 25 23.07 -13.08 -44.59
CA SER N 25 23.24 -14.52 -44.57
C SER N 25 22.56 -15.14 -45.77
N PRO N 26 23.01 -16.32 -46.21
CA PRO N 26 22.23 -17.14 -47.13
C PRO N 26 21.24 -18.06 -46.43
N VAL N 27 21.00 -17.83 -45.15
CA VAL N 27 20.22 -18.68 -44.29
C VAL N 27 19.03 -17.92 -43.71
N ALA N 28 18.67 -16.81 -44.33
CA ALA N 28 17.64 -15.94 -43.77
C ALA N 28 16.28 -16.60 -43.82
N ILE N 29 15.55 -16.52 -42.72
CA ILE N 29 14.17 -16.97 -42.68
C ILE N 29 13.31 -15.81 -43.14
N GLU N 30 12.49 -16.04 -44.15
CA GLU N 30 11.59 -15.01 -44.64
C GLU N 30 10.20 -15.11 -44.05
N ALA N 31 9.76 -16.30 -43.70
CA ALA N 31 8.42 -16.46 -43.16
C ALA N 31 8.33 -17.83 -42.52
N VAL N 32 7.51 -17.93 -41.49
CA VAL N 32 7.22 -19.17 -40.81
C VAL N 32 5.72 -19.35 -40.82
N ARG N 33 5.25 -20.44 -41.40
CA ARG N 33 3.84 -20.70 -41.56
C ARG N 33 3.50 -21.91 -40.73
N SER N 34 2.42 -21.82 -39.96
CA SER N 34 2.03 -22.87 -39.04
C SER N 34 0.55 -23.15 -39.19
N GLU N 35 0.10 -23.25 -40.42
CA GLU N 35 -1.33 -23.47 -40.62
C GLU N 35 -1.72 -24.85 -40.17
N ALA N 36 -0.80 -25.80 -40.16
CA ALA N 36 -1.12 -27.15 -39.76
C ALA N 36 -1.44 -27.19 -38.28
N THR N 37 -2.46 -27.96 -37.92
CA THR N 37 -2.76 -28.20 -36.52
C THR N 37 -2.03 -29.41 -35.97
N ASP N 38 -1.33 -30.16 -36.82
CA ASP N 38 -0.51 -31.25 -36.32
C ASP N 38 0.62 -30.71 -35.47
N GLY N 39 1.27 -29.66 -35.93
CA GLY N 39 2.41 -29.10 -35.26
C GLY N 39 3.57 -28.86 -36.18
N MET N 40 3.44 -29.18 -37.45
CA MET N 40 4.52 -28.92 -38.37
C MET N 40 4.54 -27.45 -38.73
N LEU N 41 5.73 -26.96 -38.99
CA LEU N 41 5.96 -25.61 -39.46
C LEU N 41 6.65 -25.67 -40.79
N LYS N 42 6.26 -24.77 -41.69
CA LYS N 42 6.95 -24.55 -42.95
C LYS N 42 7.74 -23.29 -42.83
N ILE N 43 9.05 -23.41 -42.82
CA ILE N 43 9.94 -22.28 -42.69
C ILE N 43 10.44 -21.99 -44.09
N GLN N 44 10.44 -20.73 -44.44
CA GLN N 44 10.81 -20.28 -45.78
C GLN N 44 12.28 -19.90 -45.72
N PHE N 45 13.12 -20.76 -46.28
CA PHE N 45 14.54 -20.54 -46.23
C PHE N 45 14.88 -19.41 -47.19
N SER N 46 16.16 -19.10 -47.26
CA SER N 46 16.70 -18.26 -48.31
C SER N 46 17.52 -19.05 -49.32
N ALA N 47 17.45 -20.37 -49.27
CA ALA N 47 18.31 -21.22 -50.08
C ALA N 47 17.55 -22.47 -50.49
N GLN N 48 17.68 -22.86 -51.75
CA GLN N 48 16.95 -24.03 -52.20
C GLN N 48 17.54 -25.31 -51.65
N ILE N 49 16.67 -26.31 -51.53
CA ILE N 49 17.00 -27.65 -51.12
C ILE N 49 17.21 -28.48 -52.38
N GLY N 50 18.31 -29.21 -52.42
CA GLY N 50 18.44 -30.27 -53.41
C GLY N 50 18.32 -29.84 -54.84
N ILE N 51 18.88 -28.69 -55.20
CA ILE N 51 19.13 -28.32 -56.57
C ILE N 51 20.54 -27.76 -56.60
N ASP N 52 21.49 -28.56 -57.05
CA ASP N 52 22.89 -28.18 -57.05
C ASP N 52 23.15 -27.12 -58.12
N LYS N 53 24.41 -26.70 -58.23
CA LYS N 53 24.76 -25.68 -59.21
C LYS N 53 24.36 -26.13 -60.61
N SER N 54 24.51 -27.42 -60.89
CA SER N 54 24.23 -27.98 -62.19
C SER N 54 22.75 -28.15 -62.46
N ASP N 55 21.87 -27.62 -61.61
CA ASP N 55 20.43 -27.73 -61.77
C ASP N 55 19.95 -29.18 -61.81
N ASN N 56 20.74 -30.08 -61.24
CA ASN N 56 20.28 -31.43 -60.99
C ASN N 56 19.34 -31.41 -59.80
N HIS N 57 18.73 -32.54 -59.51
CA HIS N 57 17.73 -32.65 -58.45
C HIS N 57 18.13 -33.68 -57.42
N ASP N 58 19.41 -33.67 -57.05
CA ASP N 58 19.90 -34.59 -56.04
C ASP N 58 19.45 -34.15 -54.66
N TYR N 59 19.46 -35.09 -53.73
CA TYR N 59 18.94 -34.87 -52.40
C TYR N 59 20.03 -34.71 -51.36
N THR N 60 21.24 -35.17 -51.62
CA THR N 60 22.30 -35.07 -50.64
C THR N 60 22.87 -33.67 -50.51
N LYS N 61 22.51 -32.74 -51.40
CA LYS N 61 23.15 -31.43 -51.46
C LYS N 61 22.15 -30.33 -51.15
N ILE N 62 22.66 -29.27 -50.54
CA ILE N 62 21.90 -28.07 -50.21
C ILE N 62 22.57 -26.89 -50.90
N ARG N 63 21.77 -26.13 -51.63
CA ARG N 63 22.26 -25.03 -52.42
C ARG N 63 22.22 -23.76 -51.59
N TYR N 64 23.18 -22.88 -51.85
CA TYR N 64 23.13 -21.56 -51.23
C TYR N 64 23.92 -20.62 -52.12
N ALA N 65 23.80 -19.33 -51.83
CA ALA N 65 24.44 -18.30 -52.62
C ALA N 65 25.44 -17.57 -51.76
N ASP N 66 26.56 -17.22 -52.36
CA ASP N 66 27.57 -16.42 -51.70
C ASP N 66 28.25 -15.62 -52.78
N GLY N 67 28.62 -14.41 -52.43
CA GLY N 67 29.20 -13.51 -53.42
C GLY N 67 28.19 -13.30 -54.53
N HIS N 68 28.61 -13.63 -55.73
CA HIS N 68 27.77 -13.65 -56.91
C HIS N 68 27.53 -15.04 -57.45
N ALA N 69 28.09 -16.06 -56.80
CA ALA N 69 28.03 -17.43 -57.27
C ALA N 69 27.18 -18.25 -56.31
N ILE N 70 26.83 -19.44 -56.78
CA ILE N 70 25.97 -20.36 -56.06
C ILE N 70 26.79 -21.59 -55.73
N GLU N 71 26.95 -21.86 -54.45
CA GLU N 71 27.75 -22.96 -53.95
C GLU N 71 26.84 -23.98 -53.29
N ASN N 72 27.43 -25.06 -52.79
CA ASN N 72 26.67 -26.16 -52.21
C ASN N 72 27.17 -26.48 -50.82
N ALA N 73 26.48 -27.39 -50.16
CA ALA N 73 26.89 -27.86 -48.85
C ALA N 73 26.20 -29.18 -48.58
N VAL N 74 26.59 -29.81 -47.48
CA VAL N 74 26.11 -31.14 -47.15
C VAL N 74 24.70 -31.03 -46.61
N ARG N 75 23.79 -31.82 -47.18
CA ARG N 75 22.40 -31.83 -46.75
C ARG N 75 22.29 -32.14 -45.27
N SER N 76 23.12 -33.06 -44.79
CA SER N 76 23.03 -33.46 -43.38
C SER N 76 23.39 -32.34 -42.44
N SER N 77 23.97 -31.25 -42.93
CA SER N 77 24.34 -30.14 -42.06
C SER N 77 23.13 -29.33 -41.62
N LEU N 78 22.05 -29.34 -42.38
CA LEU N 78 20.92 -28.47 -42.09
C LEU N 78 20.33 -28.84 -40.75
N LYS N 79 20.19 -27.85 -39.89
CA LYS N 79 19.66 -28.06 -38.56
C LYS N 79 18.64 -26.99 -38.27
N VAL N 80 17.52 -27.40 -37.71
CA VAL N 80 16.48 -26.51 -37.23
C VAL N 80 16.39 -26.75 -35.75
N ALA N 81 16.19 -25.68 -34.98
CA ALA N 81 15.97 -25.90 -33.56
C ALA N 81 15.32 -24.68 -32.97
N THR N 82 14.38 -24.90 -32.05
CA THR N 82 13.77 -23.78 -31.34
C THR N 82 14.25 -23.64 -29.91
N SER N 83 14.17 -24.69 -29.12
CA SER N 83 14.91 -24.81 -27.87
C SER N 83 15.85 -25.99 -27.93
N GLY N 84 15.36 -27.13 -28.39
CA GLY N 84 16.17 -28.30 -28.65
C GLY N 84 16.14 -28.60 -30.13
N ASP N 85 16.97 -29.55 -30.51
CA ASP N 85 17.09 -29.94 -31.90
C ASP N 85 15.74 -30.39 -32.42
N CYS N 86 15.32 -29.80 -33.52
CA CYS N 86 13.99 -30.04 -34.04
C CYS N 86 14.15 -31.29 -34.89
N PHE N 87 13.11 -31.74 -35.57
CA PHE N 87 13.29 -32.81 -36.55
C PHE N 87 12.79 -32.36 -37.91
N VAL N 88 13.64 -32.52 -38.91
CA VAL N 88 13.32 -32.20 -40.28
C VAL N 88 12.55 -33.36 -40.89
N HIS N 89 11.41 -33.08 -41.50
CA HIS N 89 10.59 -34.10 -42.13
C HIS N 89 10.74 -34.10 -43.63
N GLY N 90 10.56 -32.97 -44.25
CA GLY N 90 10.66 -32.87 -45.70
C GLY N 90 11.34 -31.59 -46.07
N THR N 91 12.08 -31.66 -47.16
CA THR N 91 12.90 -30.57 -47.62
C THR N 91 12.63 -30.42 -49.11
N MET N 92 12.26 -29.23 -49.56
CA MET N 92 12.19 -29.02 -51.00
C MET N 92 12.12 -27.54 -51.28
N GLY N 93 12.90 -27.10 -52.27
CA GLY N 93 12.98 -25.70 -52.60
C GLY N 93 13.37 -24.88 -51.40
N HIS N 94 12.75 -23.73 -51.25
CA HIS N 94 13.11 -22.86 -50.14
C HIS N 94 12.45 -23.27 -48.84
N PHE N 95 11.66 -24.32 -48.84
CA PHE N 95 10.78 -24.68 -47.75
C PHE N 95 11.30 -25.87 -46.96
N ILE N 96 11.33 -25.73 -45.65
CA ILE N 96 11.73 -26.77 -44.72
C ILE N 96 10.60 -27.04 -43.75
N LEU N 97 10.21 -28.30 -43.64
CA LEU N 97 9.15 -28.75 -42.73
C LEU N 97 9.77 -29.27 -41.46
N ALA N 98 9.33 -28.77 -40.31
CA ALA N 98 9.86 -29.24 -39.05
C ALA N 98 8.77 -29.40 -38.00
N LYS N 99 8.90 -30.43 -37.19
CA LYS N 99 8.15 -30.55 -35.94
C LYS N 99 9.09 -30.22 -34.80
N CYS N 100 8.66 -29.29 -33.95
CA CYS N 100 9.58 -28.61 -33.07
C CYS N 100 9.09 -28.44 -31.64
N PRO N 101 9.93 -28.67 -30.64
CA PRO N 101 9.49 -28.54 -29.28
C PRO N 101 9.13 -27.10 -28.98
N PRO N 102 8.30 -26.85 -27.97
CA PRO N 102 7.89 -25.47 -27.68
C PRO N 102 9.06 -24.60 -27.33
N GLY N 103 9.02 -23.37 -27.76
CA GLY N 103 10.10 -22.45 -27.50
C GLY N 103 9.71 -21.02 -27.65
N GLU N 104 10.71 -20.18 -27.90
CA GLU N 104 10.51 -18.75 -28.06
C GLU N 104 11.14 -18.26 -29.36
N PHE N 105 12.14 -18.96 -29.86
CA PHE N 105 12.83 -18.54 -31.07
C PHE N 105 13.05 -19.75 -31.96
N LEU N 106 13.34 -19.49 -33.22
CA LEU N 106 13.56 -20.54 -34.21
C LEU N 106 14.86 -20.23 -34.93
N GLN N 107 15.75 -21.21 -35.01
CA GLN N 107 17.03 -21.06 -35.67
C GLN N 107 17.16 -22.10 -36.77
N VAL N 108 17.68 -21.66 -37.91
CA VAL N 108 18.05 -22.56 -38.99
C VAL N 108 19.54 -22.36 -39.27
N SER N 109 20.29 -23.45 -39.36
CA SER N 109 21.72 -23.39 -39.59
C SER N 109 22.13 -24.34 -40.67
N ILE N 110 23.24 -24.01 -41.34
CA ILE N 110 23.79 -24.82 -42.42
C ILE N 110 25.29 -24.56 -42.48
N GLN N 111 26.06 -25.61 -42.74
CA GLN N 111 27.50 -25.51 -42.85
C GLN N 111 27.90 -25.02 -44.24
N ASP N 112 28.78 -24.03 -44.29
CA ASP N 112 29.21 -23.43 -45.54
C ASP N 112 30.18 -24.41 -46.22
N THR N 113 30.61 -24.08 -47.44
CA THR N 113 31.63 -24.87 -48.12
C THR N 113 32.92 -24.89 -47.33
N ARG N 114 33.20 -23.83 -46.60
CA ARG N 114 34.33 -23.79 -45.69
C ARG N 114 34.06 -24.54 -44.40
N ASN N 115 32.92 -25.23 -44.27
CA ASN N 115 32.56 -25.94 -43.06
C ASN N 115 32.39 -24.99 -41.89
N ALA N 116 32.04 -23.74 -42.17
CA ALA N 116 31.78 -22.73 -41.16
C ALA N 116 30.28 -22.49 -41.11
N VAL N 117 29.73 -22.55 -39.90
CA VAL N 117 28.28 -22.55 -39.75
C VAL N 117 27.74 -21.17 -40.05
N ARG N 118 26.64 -21.12 -40.79
CA ARG N 118 25.91 -19.90 -41.05
C ARG N 118 24.47 -20.19 -40.65
N ALA N 119 23.94 -19.36 -39.78
CA ALA N 119 22.63 -19.59 -39.20
C ALA N 119 21.86 -18.29 -39.17
N CYS N 120 20.56 -18.39 -38.97
CA CYS N 120 19.75 -17.23 -38.68
C CYS N 120 18.68 -17.59 -37.67
N ARG N 121 18.31 -16.60 -36.86
CA ARG N 121 17.34 -16.78 -35.79
C ARG N 121 16.25 -15.75 -35.94
N ILE N 122 14.99 -16.20 -35.84
CA ILE N 122 13.84 -15.32 -35.87
C ILE N 122 12.93 -15.68 -34.71
N GLN N 123 12.23 -14.67 -34.21
CA GLN N 123 11.38 -14.83 -33.04
C GLN N 123 10.04 -15.39 -33.46
N TYR N 124 9.80 -16.66 -33.19
CA TYR N 124 8.51 -17.29 -33.44
C TYR N 124 8.08 -17.99 -32.16
N HIS N 125 6.88 -17.69 -31.69
CA HIS N 125 6.41 -18.23 -30.43
C HIS N 125 6.39 -19.75 -30.42
N HIS N 126 5.59 -20.36 -31.30
CA HIS N 126 5.52 -21.82 -31.40
C HIS N 126 5.12 -22.48 -30.08
N ASP N 127 3.94 -22.17 -29.58
CA ASP N 127 3.39 -23.00 -28.54
C ASP N 127 2.42 -23.91 -29.27
N PRO N 128 2.83 -25.11 -29.68
CA PRO N 128 1.92 -26.00 -30.39
C PRO N 128 0.80 -26.47 -29.49
N GLN N 129 -0.42 -26.42 -29.99
CA GLN N 129 -1.58 -26.86 -29.24
C GLN N 129 -2.02 -28.15 -29.92
N PRO N 130 -1.77 -29.31 -29.32
CA PRO N 130 -2.24 -30.56 -29.94
C PRO N 130 -3.74 -30.58 -30.10
N VAL N 131 -4.19 -31.37 -31.04
CA VAL N 131 -5.61 -31.41 -31.37
C VAL N 131 -6.37 -31.98 -30.19
N GLY N 132 -7.67 -31.76 -30.20
CA GLY N 132 -8.50 -32.49 -29.28
C GLY N 132 -8.56 -31.75 -27.97
N ARG N 133 -8.70 -32.47 -26.87
CA ARG N 133 -8.94 -31.84 -25.58
C ARG N 133 -7.93 -32.26 -24.54
N GLU N 134 -6.81 -32.85 -24.93
CA GLU N 134 -5.75 -33.19 -24.00
C GLU N 134 -4.43 -32.70 -24.58
N LYS N 135 -3.71 -31.89 -23.82
CA LYS N 135 -2.39 -31.45 -24.25
C LYS N 135 -1.44 -32.61 -24.02
N PHE N 136 -1.07 -33.31 -25.07
CA PHE N 136 -0.16 -34.44 -24.96
C PHE N 136 1.15 -34.13 -25.66
N THR N 137 2.26 -34.48 -25.02
CA THR N 137 3.54 -34.25 -25.66
C THR N 137 3.76 -35.18 -26.84
N ILE N 138 3.55 -36.48 -26.68
CA ILE N 138 3.74 -37.44 -27.76
C ILE N 138 2.62 -38.46 -27.80
N ARG N 139 2.44 -39.04 -28.97
CA ARG N 139 1.23 -39.77 -29.25
C ARG N 139 1.17 -41.06 -28.44
N PRO N 140 0.03 -41.40 -27.86
CA PRO N 140 -0.06 -42.67 -27.15
C PRO N 140 -0.09 -43.82 -28.13
N HIS N 141 -0.06 -45.02 -27.58
CA HIS N 141 -0.24 -46.21 -28.40
C HIS N 141 -1.70 -46.61 -28.52
N TYR N 142 -2.51 -46.32 -27.51
CA TYR N 142 -3.93 -46.61 -27.53
C TYR N 142 -4.67 -45.29 -27.37
N GLY N 143 -5.53 -44.99 -28.34
CA GLY N 143 -6.20 -43.72 -28.33
C GLY N 143 -7.19 -43.66 -29.46
N LYS N 144 -7.74 -42.48 -29.67
CA LYS N 144 -8.75 -42.26 -30.70
C LYS N 144 -8.13 -41.49 -31.84
N GLU N 145 -8.55 -41.79 -33.05
CA GLU N 145 -8.12 -41.07 -34.24
C GLU N 145 -9.02 -39.87 -34.47
N ILE N 146 -8.43 -38.68 -34.61
CA ILE N 146 -9.18 -37.46 -34.83
C ILE N 146 -8.54 -36.75 -36.02
N PRO N 147 -9.29 -36.02 -36.86
CA PRO N 147 -8.67 -35.32 -37.99
C PRO N 147 -7.71 -34.22 -37.56
N CYS N 148 -6.43 -34.38 -37.86
CA CYS N 148 -5.47 -33.29 -37.88
C CYS N 148 -5.18 -32.94 -39.32
N THR N 149 -4.65 -31.74 -39.50
CA THR N 149 -4.25 -31.23 -40.79
C THR N 149 -2.75 -31.00 -40.77
N THR N 150 -2.05 -31.53 -41.76
CA THR N 150 -0.61 -31.34 -41.85
C THR N 150 -0.19 -31.33 -43.31
N TYR N 151 1.07 -31.02 -43.53
CA TYR N 151 1.59 -30.88 -44.88
C TYR N 151 2.00 -32.24 -45.42
N GLN N 152 1.42 -32.61 -46.56
CA GLN N 152 1.78 -33.83 -47.25
C GLN N 152 3.04 -33.60 -48.07
N GLN N 153 3.96 -34.56 -47.99
CA GLN N 153 5.23 -34.49 -48.70
C GLN N 153 5.10 -34.33 -50.20
N THR N 154 3.91 -34.56 -50.79
CA THR N 154 3.73 -34.47 -52.24
C THR N 154 4.32 -33.18 -52.81
N THR N 155 5.30 -33.33 -53.70
CA THR N 155 6.16 -32.20 -54.05
C THR N 155 5.40 -31.09 -54.77
N ALA N 156 4.78 -31.39 -55.92
CA ALA N 156 3.93 -30.39 -56.56
C ALA N 156 2.53 -30.43 -55.95
N LYS N 157 1.89 -29.26 -55.87
CA LYS N 157 0.46 -29.12 -56.13
C LYS N 157 0.07 -27.65 -56.26
N THR N 158 -0.79 -27.36 -57.24
CA THR N 158 -1.36 -26.04 -57.46
C THR N 158 -2.17 -25.60 -56.24
N VAL N 159 -2.53 -24.32 -56.24
CA VAL N 159 -3.29 -23.60 -55.22
C VAL N 159 -2.32 -22.83 -54.32
N GLU N 160 -1.02 -23.04 -54.48
CA GLU N 160 -0.05 -22.23 -53.78
C GLU N 160 1.03 -21.77 -54.74
N GLU N 161 1.54 -20.57 -54.49
CA GLU N 161 2.56 -20.01 -55.37
C GLU N 161 3.21 -18.84 -54.66
N ILE N 162 4.41 -18.49 -55.10
CA ILE N 162 5.13 -17.34 -54.56
C ILE N 162 5.74 -16.51 -55.67
N ASP N 163 5.75 -15.20 -55.46
CA ASP N 163 6.26 -14.21 -56.42
C ASP N 163 7.76 -14.35 -56.65
N MET N 164 8.14 -14.70 -57.87
CA MET N 164 9.52 -14.69 -58.35
C MET N 164 9.76 -13.35 -59.06
N HIS N 165 10.81 -12.59 -58.69
CA HIS N 165 11.15 -11.42 -59.52
C HIS N 165 12.64 -11.29 -59.79
N MET N 166 12.89 -10.45 -60.77
CA MET N 166 14.19 -10.30 -61.44
C MET N 166 15.22 -9.75 -60.44
N PRO N 167 16.37 -10.37 -60.23
CA PRO N 167 17.31 -9.84 -59.22
C PRO N 167 17.77 -8.44 -59.57
N PRO N 168 17.63 -7.47 -58.66
CA PRO N 168 17.93 -6.08 -59.04
C PRO N 168 19.32 -5.78 -59.54
N ASP N 169 20.28 -6.11 -58.69
CA ASP N 169 21.69 -5.76 -58.82
C ASP N 169 22.39 -6.58 -57.74
N THR N 170 23.70 -6.42 -57.62
CA THR N 170 24.29 -6.69 -56.32
C THR N 170 25.62 -5.97 -56.25
N PRO N 171 25.61 -4.66 -55.98
CA PRO N 171 26.84 -3.87 -56.04
C PRO N 171 27.88 -4.25 -55.00
N ASP N 172 29.02 -4.74 -55.48
CA ASP N 172 30.18 -5.00 -54.66
C ASP N 172 31.34 -4.08 -55.02
N ARG N 173 32.31 -4.03 -54.13
CA ARG N 173 33.51 -3.23 -54.30
C ARG N 173 34.75 -4.08 -54.56
N THR N 174 34.59 -5.39 -54.67
CA THR N 174 35.71 -6.27 -54.93
C THR N 174 36.01 -6.36 -56.42
N LEU N 175 35.17 -5.80 -57.26
CA LEU N 175 35.32 -5.88 -58.70
C LEU N 175 36.07 -4.71 -59.28
N LEU N 176 36.47 -3.73 -58.46
CA LEU N 176 37.31 -2.63 -58.89
C LEU N 176 38.68 -2.76 -58.26
N SER N 177 39.73 -2.54 -59.05
CA SER N 177 41.11 -2.53 -58.57
C SER N 177 41.79 -1.25 -59.05
N GLN N 178 42.28 -0.44 -58.11
CA GLN N 178 42.99 0.77 -58.49
C GLN N 178 44.38 0.41 -58.99
N GLN N 179 44.54 0.33 -60.31
CA GLN N 179 45.86 0.21 -60.93
C GLN N 179 46.41 1.60 -61.24
N SER N 180 47.38 2.04 -60.43
CA SER N 180 48.19 3.25 -60.64
C SER N 180 47.38 4.43 -61.18
N GLY N 181 46.35 4.80 -60.42
CA GLY N 181 45.54 5.96 -60.76
C GLY N 181 44.43 5.69 -61.75
N ASN N 182 44.28 4.45 -62.19
CA ASN N 182 43.21 4.00 -63.04
C ASN N 182 42.37 2.98 -62.28
N VAL N 183 41.14 2.80 -62.73
CA VAL N 183 40.20 1.86 -62.13
C VAL N 183 40.04 0.71 -63.13
N LYS N 184 40.55 -0.46 -62.76
CA LYS N 184 40.38 -1.68 -63.54
C LYS N 184 39.12 -2.38 -63.05
N ILE N 185 38.09 -2.40 -63.90
CA ILE N 185 36.82 -3.05 -63.62
C ILE N 185 36.96 -4.47 -64.16
N THR N 186 37.16 -5.42 -63.27
CA THR N 186 37.17 -6.82 -63.66
C THR N 186 35.75 -7.35 -63.68
N VAL N 187 35.51 -8.31 -64.57
CA VAL N 187 34.14 -8.71 -64.90
C VAL N 187 33.77 -10.08 -64.35
N GLY N 188 34.73 -10.89 -63.93
CA GLY N 188 34.49 -12.24 -63.45
C GLY N 188 33.46 -13.01 -64.25
N GLY N 189 33.52 -12.89 -65.57
CA GLY N 189 32.53 -13.47 -66.48
C GLY N 189 31.10 -13.21 -66.06
N LYS N 190 30.80 -11.96 -65.70
CA LYS N 190 29.45 -11.56 -65.29
C LYS N 190 29.22 -10.14 -65.77
N LYS N 191 28.24 -9.94 -66.66
CA LYS N 191 27.93 -8.60 -67.15
C LYS N 191 27.78 -7.64 -65.99
N VAL N 192 28.38 -6.46 -66.13
CA VAL N 192 28.47 -5.50 -65.04
C VAL N 192 28.21 -4.10 -65.59
N LYS N 193 27.48 -3.29 -64.82
CA LYS N 193 27.29 -1.89 -65.16
C LYS N 193 28.07 -1.02 -64.20
N TYR N 194 28.11 0.28 -64.48
CA TYR N 194 29.05 1.13 -63.76
C TYR N 194 28.75 2.59 -64.04
N ASN N 195 28.99 3.40 -63.01
CA ASN N 195 28.81 4.86 -63.06
C ASN N 195 30.10 5.51 -62.54
N CYS N 196 31.05 5.78 -63.44
CA CYS N 196 32.20 6.66 -63.22
C CYS N 196 31.87 8.06 -63.73
N THR N 197 31.48 8.92 -62.81
CA THR N 197 31.37 10.34 -63.14
C THR N 197 32.70 11.03 -62.83
N CYS N 198 33.74 10.47 -63.45
CA CYS N 198 35.01 11.12 -63.73
C CYS N 198 35.09 11.25 -65.24
N GLY N 199 35.21 12.47 -65.75
CA GLY N 199 35.33 12.56 -67.18
C GLY N 199 34.05 12.11 -67.85
N THR N 200 32.99 12.87 -67.61
CA THR N 200 31.61 12.47 -67.83
C THR N 200 31.40 11.73 -69.14
N GLY N 201 30.64 10.65 -69.05
CA GLY N 201 30.45 9.70 -70.13
C GLY N 201 31.03 8.32 -69.85
N ASN N 202 31.83 8.17 -68.80
CA ASN N 202 32.23 6.84 -68.34
C ASN N 202 31.08 6.23 -67.53
N VAL N 203 30.07 5.76 -68.24
CA VAL N 203 28.92 5.09 -67.64
C VAL N 203 28.41 4.07 -68.63
N GLY N 204 27.97 2.93 -68.14
CA GLY N 204 27.33 1.96 -69.00
C GLY N 204 27.58 0.55 -68.52
N THR N 205 27.43 -0.38 -69.45
CA THR N 205 27.50 -1.80 -69.15
C THR N 205 28.57 -2.45 -70.00
N THR N 206 29.13 -3.53 -69.48
CA THR N 206 30.18 -4.29 -70.13
C THR N 206 29.94 -5.76 -69.88
N ASN N 207 30.61 -6.56 -70.68
CA ASN N 207 30.67 -8.00 -70.50
C ASN N 207 32.10 -8.48 -70.70
N SER N 208 33.07 -7.59 -70.48
CA SER N 208 34.48 -7.90 -70.56
C SER N 208 35.23 -6.88 -69.72
N ASP N 209 36.35 -7.32 -69.15
CA ASP N 209 37.19 -6.47 -68.30
C ASP N 209 37.53 -5.17 -69.01
N MET N 210 37.26 -4.06 -68.33
CA MET N 210 37.42 -2.73 -68.90
C MET N 210 38.16 -1.87 -67.90
N THR N 211 38.61 -0.69 -68.34
CA THR N 211 39.44 0.18 -67.50
C THR N 211 39.11 1.64 -67.75
N ILE N 212 38.98 2.39 -66.66
CA ILE N 212 38.77 3.84 -66.71
C ILE N 212 40.02 4.51 -66.18
N ASN N 213 40.65 5.35 -67.01
CA ASN N 213 41.88 6.01 -66.61
C ASN N 213 41.59 7.33 -65.91
N THR N 214 42.48 7.68 -64.99
CA THR N 214 42.43 8.93 -64.23
C THR N 214 41.09 9.08 -63.50
N CYS N 215 40.84 8.14 -62.59
CA CYS N 215 39.71 8.23 -61.68
C CYS N 215 40.00 7.37 -60.47
N LEU N 216 39.25 7.59 -59.41
CA LEU N 216 39.50 6.98 -58.11
C LEU N 216 38.44 5.93 -57.80
N ILE N 217 38.87 4.82 -57.18
CA ILE N 217 37.96 3.73 -56.86
C ILE N 217 36.94 4.21 -55.85
N GLU N 218 37.31 5.14 -55.01
CA GLU N 218 36.33 5.79 -54.17
C GLU N 218 35.43 6.74 -54.94
N GLN N 219 35.52 6.83 -56.27
CA GLN N 219 34.77 7.77 -57.07
C GLN N 219 33.87 7.06 -58.07
N CYS N 220 34.25 5.92 -58.62
CA CYS N 220 33.27 5.16 -59.40
C CYS N 220 32.39 4.23 -58.60
N HIS N 221 31.40 3.68 -59.31
CA HIS N 221 30.47 2.67 -58.81
C HIS N 221 30.28 1.56 -59.83
N VAL N 222 29.96 0.38 -59.31
CA VAL N 222 29.93 -0.82 -60.12
C VAL N 222 28.88 -1.74 -59.52
N SER N 223 28.20 -2.47 -60.38
CA SER N 223 27.29 -3.47 -59.90
C SER N 223 27.07 -4.51 -60.97
N VAL N 224 27.07 -5.76 -60.58
CA VAL N 224 26.82 -6.83 -61.52
C VAL N 224 25.34 -6.89 -61.80
N THR N 225 24.99 -7.14 -63.06
CA THR N 225 23.61 -7.37 -63.45
C THR N 225 23.50 -8.77 -63.98
N ASP N 226 22.72 -9.59 -63.29
CA ASP N 226 22.50 -10.98 -63.64
C ASP N 226 21.04 -11.12 -64.02
N HIS N 227 20.78 -11.85 -65.09
CA HIS N 227 19.43 -12.02 -65.57
C HIS N 227 18.99 -13.43 -65.90
N LYS N 228 19.90 -14.40 -65.97
CA LYS N 228 19.49 -15.72 -66.40
C LYS N 228 18.59 -16.37 -65.35
N LYS N 229 19.01 -16.36 -64.09
CA LYS N 229 18.25 -16.94 -63.01
C LYS N 229 17.15 -15.98 -62.57
N TRP N 230 16.50 -16.30 -61.45
CA TRP N 230 15.35 -15.55 -60.93
C TRP N 230 15.43 -15.59 -59.42
N GLN N 231 14.87 -14.58 -58.75
CA GLN N 231 14.97 -14.42 -57.30
C GLN N 231 13.58 -14.38 -56.72
N PHE N 232 13.50 -14.27 -55.41
CA PHE N 232 12.25 -14.17 -54.67
C PHE N 232 11.91 -12.69 -54.42
N ASN N 233 10.73 -12.44 -53.88
CA ASN N 233 10.17 -11.13 -53.60
C ASN N 233 10.59 -10.58 -52.26
N SER N 234 11.44 -11.30 -51.54
CA SER N 234 11.78 -11.10 -50.15
C SER N 234 11.96 -9.64 -49.83
N PRO N 235 11.26 -9.08 -48.83
CA PRO N 235 11.31 -7.63 -48.63
C PRO N 235 12.69 -7.07 -48.38
N PHE N 236 13.69 -7.89 -48.10
CA PHE N 236 15.02 -7.41 -47.83
C PHE N 236 15.92 -7.36 -49.07
N VAL N 237 15.37 -7.56 -50.26
CA VAL N 237 16.12 -7.39 -51.52
C VAL N 237 15.40 -6.42 -52.44
N PRO N 238 16.01 -5.34 -52.90
CA PRO N 238 15.25 -4.32 -53.66
C PRO N 238 14.69 -4.79 -55.00
N ARG N 239 13.71 -4.04 -55.48
CA ARG N 239 13.12 -4.19 -56.81
C ARG N 239 14.07 -3.71 -57.89
N ALA N 240 13.75 -4.08 -59.13
CA ALA N 240 14.45 -3.57 -60.30
C ALA N 240 13.61 -2.71 -61.22
N ASP N 241 12.31 -2.97 -61.33
CA ASP N 241 11.45 -2.30 -62.30
C ASP N 241 10.31 -1.56 -61.61
N GLU N 242 10.20 -0.26 -61.88
CA GLU N 242 9.14 0.55 -61.28
C GLU N 242 7.74 0.00 -61.54
N PRO N 243 7.31 -0.24 -62.78
CA PRO N 243 5.93 -0.67 -62.99
C PRO N 243 5.58 -1.98 -62.32
N ALA N 244 6.57 -2.84 -62.04
CA ALA N 244 6.47 -4.13 -61.35
C ALA N 244 6.59 -5.21 -62.41
N ARG N 245 7.41 -6.24 -62.17
CA ARG N 245 7.60 -7.30 -63.16
C ARG N 245 7.74 -8.60 -62.35
N LYS N 246 6.62 -9.31 -62.23
CA LYS N 246 6.44 -10.46 -61.38
C LYS N 246 6.51 -11.78 -62.15
N GLY N 247 6.99 -12.82 -61.47
CA GLY N 247 6.67 -14.18 -61.81
C GLY N 247 5.95 -14.84 -60.65
N LYS N 248 5.57 -16.11 -60.85
CA LYS N 248 4.99 -16.90 -59.77
C LYS N 248 5.40 -18.35 -59.97
N VAL N 249 5.49 -19.11 -58.89
CA VAL N 249 5.96 -20.48 -58.95
C VAL N 249 5.51 -21.21 -57.70
N HIS N 250 5.16 -22.49 -57.87
CA HIS N 250 4.56 -23.30 -56.83
C HIS N 250 5.48 -23.46 -55.64
N ILE N 251 4.89 -23.87 -54.52
CA ILE N 251 5.62 -24.16 -53.29
C ILE N 251 5.28 -25.58 -52.86
N PRO N 252 6.25 -26.38 -52.50
CA PRO N 252 5.95 -27.74 -52.07
C PRO N 252 5.15 -27.80 -50.80
N PHE N 253 4.80 -29.00 -50.44
CA PHE N 253 4.11 -29.30 -49.21
C PHE N 253 2.85 -28.48 -48.97
N PRO N 254 1.81 -28.72 -49.76
CA PRO N 254 0.49 -28.23 -49.42
C PRO N 254 -0.04 -28.95 -48.21
N LEU N 255 -1.12 -28.43 -47.65
CA LEU N 255 -1.69 -29.00 -46.46
C LEU N 255 -2.91 -29.86 -46.81
N ASP N 256 -3.10 -30.91 -46.03
CA ASP N 256 -4.17 -31.86 -46.26
C ASP N 256 -4.56 -32.45 -44.92
N ASN N 257 -5.47 -33.42 -44.96
CA ASN N 257 -6.06 -34.00 -43.77
C ASN N 257 -5.49 -35.38 -43.56
N ILE N 258 -5.05 -35.68 -42.34
CA ILE N 258 -4.81 -37.05 -41.95
C ILE N 258 -5.33 -37.32 -40.54
N THR N 259 -5.47 -38.60 -40.24
CA THR N 259 -5.85 -39.01 -38.90
C THR N 259 -4.71 -38.75 -37.96
N CYS N 260 -5.04 -38.63 -36.68
CA CYS N 260 -4.05 -38.12 -35.74
C CYS N 260 -4.48 -38.56 -34.36
N ARG N 261 -3.64 -39.35 -33.69
CA ARG N 261 -4.06 -40.11 -32.53
C ARG N 261 -3.92 -39.30 -31.27
N VAL N 262 -4.88 -39.45 -30.36
CA VAL N 262 -4.95 -38.62 -29.17
C VAL N 262 -5.34 -39.51 -27.99
N PRO N 263 -4.75 -39.34 -26.80
CA PRO N 263 -5.07 -40.23 -25.70
C PRO N 263 -6.48 -40.05 -25.21
N MET N 264 -7.02 -41.12 -24.65
CA MET N 264 -8.29 -41.10 -23.96
C MET N 264 -7.99 -41.10 -22.48
N ALA N 265 -8.38 -40.04 -21.81
CA ALA N 265 -8.02 -39.89 -20.42
C ALA N 265 -8.79 -40.88 -19.56
N ARG N 266 -8.24 -41.13 -18.39
CA ARG N 266 -8.76 -42.13 -17.48
C ARG N 266 -10.15 -41.77 -16.99
N GLU N 267 -10.98 -42.75 -16.84
CA GLU N 267 -12.34 -42.49 -16.40
C GLU N 267 -12.35 -42.12 -14.93
N PRO N 268 -13.00 -41.05 -14.52
CA PRO N 268 -12.95 -40.67 -13.10
C PRO N 268 -13.60 -41.70 -12.21
N THR N 269 -13.08 -41.82 -10.99
CA THR N 269 -13.87 -42.52 -9.99
C THR N 269 -15.03 -41.61 -9.62
N VAL N 270 -16.23 -42.17 -9.57
CA VAL N 270 -17.45 -41.41 -9.35
C VAL N 270 -18.03 -41.85 -8.02
N ILE N 271 -18.38 -40.88 -7.18
CA ILE N 271 -19.02 -41.15 -5.91
C ILE N 271 -20.36 -40.44 -5.90
N HIS N 272 -21.40 -41.19 -5.57
CA HIS N 272 -22.78 -40.75 -5.68
C HIS N 272 -23.24 -40.12 -4.39
N GLY N 273 -24.09 -39.11 -4.51
CA GLY N 273 -24.69 -38.47 -3.36
C GLY N 273 -26.15 -38.14 -3.56
N LYS N 274 -26.69 -37.29 -2.69
CA LYS N 274 -28.05 -36.82 -2.80
C LYS N 274 -28.06 -35.66 -3.78
N ARG N 275 -28.44 -35.93 -5.01
CA ARG N 275 -28.54 -34.91 -6.05
C ARG N 275 -27.22 -34.23 -6.33
N GLU N 276 -26.10 -34.88 -6.03
CA GLU N 276 -24.79 -34.37 -6.35
C GLU N 276 -23.86 -35.54 -6.60
N VAL N 277 -22.85 -35.33 -7.44
CA VAL N 277 -21.88 -36.36 -7.77
C VAL N 277 -20.50 -35.77 -7.62
N THR N 278 -19.62 -36.49 -6.95
CA THR N 278 -18.24 -36.04 -6.75
C THR N 278 -17.32 -36.92 -7.55
N LEU N 279 -16.51 -36.30 -8.41
CA LEU N 279 -15.64 -37.03 -9.32
C LEU N 279 -14.20 -36.82 -8.90
N HIS N 280 -13.47 -37.93 -8.76
CA HIS N 280 -12.02 -37.91 -8.60
C HIS N 280 -11.43 -38.00 -9.99
N LEU N 281 -10.78 -36.92 -10.38
CA LEU N 281 -10.44 -36.62 -11.75
C LEU N 281 -8.92 -36.50 -11.77
N HIS N 282 -8.25 -37.42 -12.45
CA HIS N 282 -6.81 -37.61 -12.29
C HIS N 282 -6.10 -37.66 -13.63
N PRO N 283 -5.61 -36.52 -14.13
CA PRO N 283 -5.05 -36.49 -15.48
C PRO N 283 -3.57 -36.77 -15.57
N ASP N 284 -3.17 -37.30 -16.71
CA ASP N 284 -1.75 -37.45 -17.03
C ASP N 284 -1.13 -36.23 -17.67
N HIS N 285 -1.91 -35.28 -18.09
CA HIS N 285 -1.43 -34.05 -18.68
C HIS N 285 -2.64 -33.16 -18.71
N PRO N 286 -2.55 -31.86 -18.98
CA PRO N 286 -3.74 -31.03 -18.85
C PRO N 286 -4.86 -31.47 -19.77
N THR N 287 -6.02 -31.78 -19.18
CA THR N 287 -7.20 -32.18 -19.94
C THR N 287 -8.37 -31.27 -19.63
N LEU N 288 -9.24 -31.08 -20.63
CA LEU N 288 -10.35 -30.15 -20.51
C LEU N 288 -11.61 -30.88 -20.04
N PHE N 289 -12.19 -30.39 -18.96
CA PHE N 289 -13.33 -30.99 -18.27
C PHE N 289 -14.51 -30.06 -18.31
N SER N 290 -15.61 -30.49 -18.90
CA SER N 290 -16.77 -29.61 -19.05
C SER N 290 -18.03 -30.36 -18.71
N TYR N 291 -18.92 -29.71 -17.98
CA TYR N 291 -20.18 -30.32 -17.61
C TYR N 291 -21.31 -29.33 -17.82
N ARG N 292 -22.48 -29.87 -18.15
CA ARG N 292 -23.66 -29.05 -18.29
C ARG N 292 -24.89 -29.83 -17.87
N THR N 293 -25.85 -29.13 -17.31
CA THR N 293 -27.11 -29.74 -16.91
C THR N 293 -28.14 -29.64 -18.02
N LEU N 294 -28.89 -30.71 -18.21
CA LEU N 294 -29.81 -30.85 -19.33
C LEU N 294 -31.20 -30.29 -18.99
N GLY N 295 -31.25 -29.00 -18.76
CA GLY N 295 -32.50 -28.34 -18.38
C GLY N 295 -32.69 -27.00 -19.05
N GLU N 296 -33.50 -26.14 -18.45
CA GLU N 296 -33.66 -24.78 -18.99
C GLU N 296 -32.40 -23.96 -18.76
N ASP N 297 -31.91 -23.93 -17.54
CA ASP N 297 -30.73 -23.17 -17.18
C ASP N 297 -29.53 -24.10 -17.21
N PRO N 298 -28.55 -23.93 -18.09
CA PRO N 298 -27.50 -24.94 -18.17
C PRO N 298 -26.72 -25.17 -16.88
N GLN N 299 -26.46 -24.14 -16.08
CA GLN N 299 -25.67 -24.34 -14.86
C GLN N 299 -24.34 -25.03 -15.16
N TYR N 300 -23.63 -24.46 -16.11
CA TYR N 300 -22.54 -25.09 -16.84
C TYR N 300 -21.21 -24.88 -16.12
N HIS N 301 -20.17 -25.56 -16.58
CA HIS N 301 -18.82 -25.20 -16.19
C HIS N 301 -17.78 -25.88 -17.06
N GLU N 302 -16.82 -25.14 -17.58
CA GLU N 302 -15.76 -25.72 -18.38
C GLU N 302 -14.44 -25.27 -17.79
N GLU N 303 -13.54 -26.22 -17.53
CA GLU N 303 -12.30 -25.90 -16.86
C GLU N 303 -11.20 -26.81 -17.37
N TRP N 304 -9.97 -26.33 -17.30
CA TRP N 304 -8.80 -27.15 -17.52
C TRP N 304 -8.34 -27.75 -16.21
N VAL N 305 -8.01 -29.03 -16.22
CA VAL N 305 -7.48 -29.70 -15.03
C VAL N 305 -6.07 -30.14 -15.36
N THR N 306 -5.12 -29.75 -14.51
CA THR N 306 -3.70 -30.01 -14.69
C THR N 306 -3.11 -30.93 -13.65
N ALA N 307 -3.66 -30.96 -12.45
CA ALA N 307 -3.27 -31.87 -11.40
C ALA N 307 -4.53 -32.55 -10.92
N ALA N 308 -4.37 -33.72 -10.32
CA ALA N 308 -5.52 -34.46 -9.86
C ALA N 308 -6.33 -33.61 -8.90
N VAL N 309 -7.63 -33.58 -9.09
CA VAL N 309 -8.53 -32.83 -8.24
C VAL N 309 -9.75 -33.67 -7.97
N GLU N 310 -10.62 -33.16 -7.12
CA GLU N 310 -11.95 -33.69 -6.92
C GLU N 310 -12.92 -32.54 -7.15
N ARG N 311 -14.01 -32.83 -7.83
CA ARG N 311 -14.98 -31.80 -8.19
C ARG N 311 -16.37 -32.32 -7.91
N THR N 312 -17.12 -31.54 -7.16
CA THR N 312 -18.48 -31.89 -6.80
C THR N 312 -19.41 -31.12 -7.73
N ILE N 313 -20.21 -31.85 -8.50
CA ILE N 313 -21.03 -31.26 -9.53
C ILE N 313 -22.48 -31.53 -9.20
N PRO N 314 -23.41 -30.64 -9.52
CA PRO N 314 -24.81 -30.94 -9.27
C PRO N 314 -25.41 -31.72 -10.41
N VAL N 315 -26.36 -32.58 -10.05
CA VAL N 315 -27.10 -33.36 -11.03
C VAL N 315 -28.58 -33.16 -10.81
N PRO N 316 -29.19 -32.13 -11.39
CA PRO N 316 -30.64 -31.99 -11.25
C PRO N 316 -31.36 -33.17 -11.85
N VAL N 317 -32.64 -33.28 -11.51
CA VAL N 317 -33.44 -34.41 -11.95
C VAL N 317 -33.47 -34.49 -13.46
N ASP N 318 -33.36 -33.36 -14.13
CA ASP N 318 -33.36 -33.38 -15.59
C ASP N 318 -32.16 -34.14 -16.10
N GLY N 319 -31.00 -33.94 -15.48
CA GLY N 319 -29.79 -34.68 -15.82
C GLY N 319 -28.57 -33.81 -15.99
N MET N 320 -27.39 -34.41 -15.85
CA MET N 320 -26.11 -33.76 -16.06
C MET N 320 -25.31 -34.58 -17.03
N GLU N 321 -24.46 -33.92 -17.81
CA GLU N 321 -23.55 -34.62 -18.70
C GLU N 321 -22.18 -34.02 -18.53
N TYR N 322 -21.19 -34.89 -18.35
CA TYR N 322 -19.82 -34.51 -18.15
C TYR N 322 -19.00 -35.00 -19.33
N HIS N 323 -17.93 -34.31 -19.60
CA HIS N 323 -17.13 -34.56 -20.78
C HIS N 323 -15.70 -34.30 -20.39
N TRP N 324 -14.89 -35.35 -20.38
CA TRP N 324 -13.53 -35.30 -19.88
C TRP N 324 -12.61 -35.88 -20.91
N GLY N 325 -11.55 -35.17 -21.22
CA GLY N 325 -10.64 -35.68 -22.19
C GLY N 325 -11.33 -35.82 -23.52
N ASN N 326 -10.92 -36.83 -24.26
CA ASN N 326 -11.58 -37.22 -25.49
C ASN N 326 -12.48 -38.42 -25.31
N ASN N 327 -12.77 -38.82 -24.10
CA ASN N 327 -13.81 -39.80 -23.90
C ASN N 327 -15.14 -39.20 -24.34
N ASP N 328 -15.97 -40.01 -24.95
CA ASP N 328 -17.30 -39.53 -25.32
C ASP N 328 -18.04 -39.12 -24.06
N PRO N 329 -18.87 -38.08 -24.13
CA PRO N 329 -19.53 -37.58 -22.92
C PRO N 329 -20.37 -38.65 -22.25
N VAL N 330 -20.42 -38.57 -20.93
CA VAL N 330 -21.16 -39.52 -20.10
C VAL N 330 -22.25 -38.75 -19.40
N ARG N 331 -23.48 -39.23 -19.52
CA ARG N 331 -24.66 -38.57 -18.99
C ARG N 331 -25.16 -39.34 -17.79
N LEU N 332 -25.37 -38.65 -16.69
CA LEU N 332 -25.96 -39.24 -15.50
C LEU N 332 -27.21 -38.48 -15.11
N TRP N 333 -28.19 -39.20 -14.59
CA TRP N 333 -29.42 -38.62 -14.08
C TRP N 333 -29.60 -38.97 -12.62
N SER N 334 -30.42 -38.19 -11.93
CA SER N 334 -30.67 -38.38 -10.52
C SER N 334 -32.06 -38.97 -10.30
N GLN N 335 -32.12 -40.14 -9.68
CA GLN N 335 -33.38 -40.74 -9.28
C GLN N 335 -33.96 -39.95 -8.13
N LEU N 336 -35.28 -40.05 -7.95
CA LEU N 336 -35.96 -39.24 -6.95
C LEU N 336 -35.80 -39.86 -5.57
N THR N 337 -34.56 -40.04 -5.16
CA THR N 337 -34.33 -40.57 -3.83
C THR N 337 -34.62 -39.52 -2.79
N THR N 338 -34.92 -39.97 -1.58
CA THR N 338 -35.24 -39.05 -0.50
C THR N 338 -35.23 -39.81 0.81
N GLU N 339 -35.37 -39.05 1.89
CA GLU N 339 -35.33 -39.58 3.25
C GLU N 339 -36.67 -39.35 3.92
N GLY N 340 -37.23 -40.41 4.50
CA GLY N 340 -38.52 -40.37 5.17
C GLY N 340 -39.49 -41.35 4.53
N LYS N 341 -40.22 -42.08 5.35
CA LYS N 341 -41.09 -43.13 4.82
C LYS N 341 -42.31 -42.48 4.18
N PRO N 342 -42.56 -42.67 2.88
CA PRO N 342 -43.71 -41.98 2.27
C PRO N 342 -45.06 -42.45 2.74
N HIS N 343 -45.16 -43.48 3.59
CA HIS N 343 -46.47 -44.06 3.90
C HIS N 343 -46.65 -44.35 5.38
N GLY N 344 -45.95 -43.68 6.28
CA GLY N 344 -46.25 -43.83 7.70
C GLY N 344 -46.30 -42.53 8.47
N TRP N 345 -47.43 -42.30 9.09
CA TRP N 345 -47.68 -41.15 9.94
C TRP N 345 -47.51 -39.81 9.22
N PRO N 346 -48.34 -38.82 9.57
CA PRO N 346 -48.28 -37.54 8.85
C PRO N 346 -46.97 -36.80 8.97
N HIS N 347 -46.01 -37.30 9.76
CA HIS N 347 -44.71 -36.68 9.88
C HIS N 347 -43.66 -37.34 9.00
N GLN N 348 -43.59 -38.66 8.90
CA GLN N 348 -42.72 -39.18 7.87
C GLN N 348 -43.23 -38.79 6.49
N ILE N 349 -44.55 -38.58 6.37
CA ILE N 349 -45.08 -38.24 5.04
C ILE N 349 -44.58 -36.87 4.62
N VAL N 350 -44.67 -35.90 5.52
CA VAL N 350 -44.17 -34.57 5.21
C VAL N 350 -42.66 -34.61 5.01
N GLN N 351 -41.96 -35.41 5.83
CA GLN N 351 -40.51 -35.48 5.67
C GLN N 351 -40.12 -35.98 4.30
N TYR N 352 -40.76 -37.06 3.86
CA TYR N 352 -40.47 -37.59 2.54
C TYR N 352 -40.69 -36.54 1.47
N TYR N 353 -41.81 -35.83 1.57
CA TYR N 353 -42.10 -34.93 0.48
C TYR N 353 -41.18 -33.71 0.53
N TYR N 354 -40.83 -33.25 1.72
CA TYR N 354 -39.82 -32.20 1.86
C TYR N 354 -38.52 -32.59 1.20
N GLY N 355 -38.06 -33.81 1.45
CA GLY N 355 -36.83 -34.24 0.82
C GLY N 355 -36.97 -34.35 -0.68
N LEU N 356 -38.17 -34.63 -1.16
CA LEU N 356 -38.38 -34.79 -2.59
C LEU N 356 -38.36 -33.45 -3.29
N TYR N 357 -39.26 -32.54 -2.89
CA TYR N 357 -39.36 -31.19 -3.43
C TYR N 357 -39.17 -30.20 -2.29
N PRO N 358 -37.94 -29.99 -1.82
CA PRO N 358 -37.72 -29.04 -0.75
C PRO N 358 -38.14 -27.64 -1.15
N ALA N 359 -38.47 -26.83 -0.15
CA ALA N 359 -38.80 -25.43 -0.30
C ALA N 359 -40.11 -25.19 -1.04
N ALA N 360 -40.86 -26.24 -1.33
CA ALA N 360 -42.21 -26.13 -1.83
C ALA N 360 -43.19 -26.83 -0.90
N THR N 361 -42.79 -27.95 -0.33
CA THR N 361 -43.63 -28.59 0.67
C THR N 361 -43.78 -27.73 1.90
N VAL N 362 -42.80 -26.88 2.18
CA VAL N 362 -42.96 -25.93 3.26
C VAL N 362 -44.14 -25.04 2.98
N SER N 363 -44.31 -24.66 1.72
CA SER N 363 -45.50 -23.89 1.36
C SER N 363 -46.75 -24.71 1.59
N ALA N 364 -46.72 -26.00 1.26
CA ALA N 364 -47.90 -26.83 1.40
C ALA N 364 -48.32 -26.94 2.86
N VAL N 365 -47.37 -27.22 3.74
CA VAL N 365 -47.71 -27.37 5.15
C VAL N 365 -48.11 -26.02 5.72
N VAL N 366 -47.48 -24.93 5.29
CA VAL N 366 -47.86 -23.62 5.79
C VAL N 366 -49.28 -23.28 5.39
N GLY N 367 -49.64 -23.56 4.14
CA GLY N 367 -50.99 -23.29 3.69
C GLY N 367 -52.00 -24.16 4.40
N MET N 368 -51.68 -25.43 4.61
CA MET N 368 -52.58 -26.30 5.34
C MET N 368 -52.77 -25.81 6.76
N SER N 369 -51.69 -25.41 7.41
CA SER N 369 -51.81 -24.90 8.78
C SER N 369 -52.61 -23.62 8.82
N LEU N 370 -52.43 -22.74 7.84
CA LEU N 370 -53.22 -21.52 7.79
C LEU N 370 -54.69 -21.84 7.61
N LEU N 371 -55.01 -22.79 6.72
CA LEU N 371 -56.41 -23.19 6.55
C LEU N 371 -56.96 -23.79 7.83
N ALA N 372 -56.16 -24.61 8.50
CA ALA N 372 -56.63 -25.21 9.74
C ALA N 372 -56.89 -24.17 10.81
N LEU N 373 -55.98 -23.21 10.94
CA LEU N 373 -56.18 -22.15 11.92
C LEU N 373 -57.42 -21.34 11.58
N ILE N 374 -57.63 -21.04 10.30
CA ILE N 374 -58.81 -20.30 9.90
C ILE N 374 -60.06 -21.08 10.23
N SER N 375 -60.05 -22.38 9.95
CA SER N 375 -61.22 -23.20 10.23
C SER N 375 -61.51 -23.28 11.72
N ILE N 376 -60.47 -23.48 12.54
CA ILE N 376 -60.67 -23.54 13.97
C ILE N 376 -61.21 -22.21 14.49
N PHE N 377 -60.64 -21.10 14.01
CA PHE N 377 -61.13 -19.80 14.44
C PHE N 377 -62.57 -19.59 14.01
N ALA N 378 -62.91 -20.01 12.80
CA ALA N 378 -64.29 -19.87 12.34
C ALA N 378 -65.23 -20.68 13.22
N SER N 379 -64.85 -21.90 13.55
CA SER N 379 -65.69 -22.72 14.39
C SER N 379 -65.85 -22.14 15.78
N CYS N 380 -64.75 -21.66 16.37
CA CYS N 380 -64.85 -21.05 17.70
C CYS N 380 -65.68 -19.78 17.68
N TYR N 381 -65.53 -18.97 16.62
CA TYR N 381 -66.35 -17.76 16.51
C TYR N 381 -67.80 -18.13 16.33
N MET N 382 -68.06 -19.18 15.58
CA MET N 382 -69.43 -19.66 15.40
C MET N 382 -70.01 -20.03 16.75
N LEU N 383 -69.27 -20.85 17.50
CA LEU N 383 -69.73 -21.32 18.80
C LEU N 383 -69.94 -20.18 19.77
N VAL N 384 -69.02 -19.23 19.82
CA VAL N 384 -69.14 -18.15 20.79
C VAL N 384 -70.30 -17.25 20.42
N ALA N 385 -70.55 -17.08 19.13
CA ALA N 385 -71.72 -16.33 18.72
C ALA N 385 -72.98 -17.06 19.14
N ALA N 386 -73.00 -18.39 18.99
CA ALA N 386 -74.16 -19.15 19.42
C ALA N 386 -74.38 -19.01 20.92
N ARG N 387 -73.31 -19.08 21.70
CA ARG N 387 -73.42 -18.84 23.13
C ARG N 387 -74.03 -17.49 23.41
N SER N 388 -73.56 -16.46 22.69
CA SER N 388 -74.07 -15.13 22.93
C SER N 388 -75.56 -15.03 22.61
N LYS N 389 -75.97 -15.42 21.41
CA LYS N 389 -77.38 -15.25 21.07
C LYS N 389 -78.31 -16.13 21.89
N CYS N 390 -77.81 -17.10 22.65
CA CYS N 390 -78.63 -17.85 23.58
C CYS N 390 -78.39 -17.40 25.02
N LEU N 391 -77.69 -16.29 25.21
CA LEU N 391 -77.56 -15.68 26.53
C LEU N 391 -78.02 -14.23 26.57
N THR N 392 -78.24 -13.59 25.43
CA THR N 392 -78.80 -12.24 25.52
C THR N 392 -80.21 -12.24 26.08
N PRO N 393 -81.17 -13.01 25.54
CA PRO N 393 -82.53 -12.87 26.04
C PRO N 393 -82.65 -13.22 27.51
N TYR N 394 -81.79 -14.07 28.02
CA TYR N 394 -81.81 -14.47 29.41
C TYR N 394 -80.79 -13.69 30.23
N ALA N 395 -80.34 -12.55 29.72
CA ALA N 395 -79.45 -11.65 30.42
C ALA N 395 -80.04 -10.26 30.44
N LEU N 396 -80.86 -9.92 29.46
CA LEU N 396 -81.55 -8.64 29.44
C LEU N 396 -82.90 -8.71 30.13
N THR N 397 -83.42 -9.90 30.36
CA THR N 397 -84.68 -10.08 31.07
C THR N 397 -84.37 -10.17 32.56
N PRO N 398 -84.86 -9.24 33.40
CA PRO N 398 -84.33 -9.13 34.75
C PRO N 398 -84.54 -10.37 35.58
N GLY N 399 -85.54 -11.18 35.27
CA GLY N 399 -85.69 -12.42 36.01
C GLY N 399 -84.85 -13.47 35.33
N ALA N 400 -83.68 -13.72 35.90
CA ALA N 400 -82.65 -14.50 35.24
C ALA N 400 -83.03 -15.97 35.34
N ALA N 401 -83.92 -16.39 34.44
CA ALA N 401 -84.36 -17.78 34.44
C ALA N 401 -83.18 -18.72 34.26
N VAL N 402 -82.45 -18.60 33.15
CA VAL N 402 -81.20 -19.29 32.82
C VAL N 402 -81.26 -20.73 33.31
N PRO N 403 -82.14 -21.56 32.75
CA PRO N 403 -82.46 -22.83 33.38
C PRO N 403 -81.25 -23.73 33.51
N TRP N 404 -81.39 -24.71 34.41
CA TRP N 404 -80.33 -25.65 34.72
C TRP N 404 -79.75 -26.28 33.45
N THR N 405 -80.62 -26.85 32.62
CA THR N 405 -80.18 -27.55 31.42
C THR N 405 -79.31 -26.66 30.54
N LEU N 406 -79.79 -25.47 30.23
CA LEU N 406 -79.06 -24.59 29.34
C LEU N 406 -77.96 -23.86 30.07
N GLY N 407 -77.95 -23.93 31.41
CA GLY N 407 -76.80 -23.43 32.13
C GLY N 407 -75.64 -24.40 32.00
N ILE N 408 -75.90 -25.67 32.25
CA ILE N 408 -74.81 -26.64 32.23
C ILE N 408 -74.31 -26.82 30.81
N LEU N 409 -75.22 -26.82 29.83
CA LEU N 409 -74.80 -26.97 28.44
C LEU N 409 -73.81 -25.88 28.04
N CYS N 410 -74.24 -24.63 28.11
CA CYS N 410 -73.47 -23.46 27.73
C CYS N 410 -73.23 -22.70 29.02
N CYS N 411 -72.05 -22.89 29.62
CA CYS N 411 -71.83 -22.54 31.01
C CYS N 411 -72.19 -21.09 31.29
N ALA N 412 -72.92 -20.90 32.39
CA ALA N 412 -73.56 -19.67 32.79
C ALA N 412 -73.28 -19.47 34.28
N PRO N 413 -73.68 -18.35 34.90
CA PRO N 413 -73.42 -18.30 36.34
C PRO N 413 -74.29 -19.26 37.14
N THR O 1 -9.71 -23.73 -75.02
CA THR O 1 -9.24 -22.37 -75.23
C THR O 1 -8.13 -22.03 -74.24
N ALA O 2 -6.92 -21.88 -74.76
CA ALA O 2 -5.71 -21.67 -73.97
C ALA O 2 -4.89 -20.52 -74.55
N MET O 3 -5.58 -19.44 -74.87
CA MET O 3 -4.94 -18.21 -75.34
C MET O 3 -3.77 -17.81 -74.46
N CYS O 4 -2.58 -17.72 -75.07
CA CYS O 4 -1.42 -17.08 -74.46
C CYS O 4 -1.00 -15.91 -75.34
N VAL O 5 -0.30 -14.95 -74.74
CA VAL O 5 0.00 -13.67 -75.38
C VAL O 5 1.48 -13.34 -75.25
N LEU O 6 2.08 -12.89 -76.34
CA LEU O 6 3.44 -12.39 -76.40
C LEU O 6 3.39 -10.89 -76.60
N ALA O 7 4.56 -10.25 -76.75
CA ALA O 7 4.65 -8.80 -76.89
C ALA O 7 3.72 -8.29 -77.99
N ASN O 8 3.81 -8.85 -79.20
CA ASN O 8 2.73 -8.75 -80.18
C ASN O 8 2.60 -10.14 -80.79
N ALA O 9 1.66 -10.91 -80.27
CA ALA O 9 1.34 -12.24 -80.78
C ALA O 9 0.11 -12.71 -80.01
N THR O 10 -0.37 -13.89 -80.38
CA THR O 10 -1.24 -14.65 -79.48
C THR O 10 -1.12 -16.10 -79.91
N PHE O 11 -0.62 -16.94 -79.03
CA PHE O 11 -0.37 -18.34 -79.35
C PHE O 11 -1.06 -19.26 -78.35
N PRO O 12 -1.27 -20.54 -78.69
CA PRO O 12 -1.76 -21.49 -77.69
C PRO O 12 -0.76 -21.69 -76.56
N CYS O 13 -1.28 -21.78 -75.34
CA CYS O 13 -0.40 -21.98 -74.19
C CYS O 13 0.23 -23.36 -74.21
N PHE O 14 -0.35 -24.31 -74.93
CA PHE O 14 0.23 -25.64 -75.00
C PHE O 14 1.56 -25.62 -75.73
N GLN O 15 1.66 -24.88 -76.83
CA GLN O 15 2.85 -24.89 -77.68
C GLN O 15 3.50 -23.51 -77.65
N PRO O 16 4.60 -23.32 -76.90
CA PRO O 16 5.27 -22.03 -76.92
C PRO O 16 5.78 -21.71 -78.33
N PRO O 17 5.91 -20.42 -78.66
CA PRO O 17 6.57 -20.10 -79.93
C PRO O 17 8.01 -20.59 -79.98
N CYS O 18 8.70 -20.63 -78.85
CA CYS O 18 10.10 -21.08 -78.82
C CYS O 18 10.15 -22.59 -78.57
N VAL O 19 9.46 -23.35 -79.42
CA VAL O 19 8.95 -24.68 -79.09
C VAL O 19 9.96 -25.55 -78.35
N PRO O 20 11.16 -25.86 -78.84
CA PRO O 20 12.06 -26.64 -77.98
C PRO O 20 12.61 -25.78 -76.86
N CYS O 21 12.82 -26.42 -75.70
CA CYS O 21 13.83 -26.05 -74.69
C CYS O 21 13.95 -24.53 -74.49
N CYS O 22 12.82 -23.90 -74.19
CA CYS O 22 12.72 -22.43 -74.25
C CYS O 22 13.77 -21.77 -73.37
N TYR O 23 13.89 -22.20 -72.12
CA TYR O 23 14.85 -21.59 -71.20
C TYR O 23 16.27 -21.76 -71.69
N GLU O 24 16.62 -22.95 -72.16
CA GLU O 24 18.02 -23.24 -72.44
C GLU O 24 18.54 -22.43 -73.60
N ASN O 25 17.72 -22.20 -74.62
CA ASN O 25 18.23 -21.52 -75.81
C ASN O 25 18.61 -20.08 -75.51
N ASN O 26 17.66 -19.27 -75.05
CA ASN O 26 17.94 -17.90 -74.64
C ASN O 26 17.06 -17.63 -73.44
N ALA O 27 17.63 -17.74 -72.25
CA ALA O 27 16.84 -17.63 -71.02
C ALA O 27 16.11 -16.29 -70.91
N GLU O 28 16.81 -15.19 -71.19
CA GLU O 28 16.29 -13.87 -70.83
C GLU O 28 14.96 -13.57 -71.51
N ALA O 29 14.86 -13.86 -72.82
CA ALA O 29 13.63 -13.55 -73.54
C ALA O 29 12.48 -14.34 -72.97
N THR O 30 12.70 -15.62 -72.74
CA THR O 30 11.63 -16.48 -72.25
C THR O 30 11.22 -16.08 -70.85
N LEU O 31 12.15 -15.61 -70.04
CA LEU O 31 11.80 -15.26 -68.68
C LEU O 31 11.03 -13.95 -68.67
N ARG O 32 11.33 -13.06 -69.62
CA ARG O 32 10.51 -11.87 -69.77
C ARG O 32 9.12 -12.23 -70.26
N MET O 33 9.01 -13.19 -71.18
CA MET O 33 7.70 -13.60 -71.67
C MET O 33 6.89 -14.19 -70.53
N LEU O 34 7.53 -15.01 -69.71
CA LEU O 34 6.89 -15.56 -68.53
C LEU O 34 6.41 -14.44 -67.61
N GLU O 35 7.23 -13.40 -67.46
CA GLU O 35 6.85 -12.28 -66.62
C GLU O 35 5.61 -11.59 -67.16
N ASP O 36 5.51 -11.47 -68.48
CA ASP O 36 4.45 -10.63 -69.04
C ASP O 36 3.11 -11.33 -68.93
N ASN O 37 3.10 -12.64 -69.09
CA ASN O 37 1.90 -13.46 -68.98
C ASN O 37 1.56 -13.82 -67.54
N VAL O 38 2.15 -13.12 -66.56
CA VAL O 38 2.09 -13.60 -65.19
C VAL O 38 0.68 -13.51 -64.64
N ASP O 39 -0.11 -12.54 -65.08
CA ASP O 39 -1.52 -12.50 -64.77
C ASP O 39 -2.40 -13.29 -65.73
N ARG O 40 -1.85 -13.94 -66.75
CA ARG O 40 -2.69 -14.67 -67.68
C ARG O 40 -3.30 -15.88 -67.00
N PRO O 41 -4.57 -16.22 -67.27
CA PRO O 41 -5.16 -17.37 -66.58
C PRO O 41 -4.46 -18.69 -66.85
N GLY O 42 -3.92 -18.89 -68.04
CA GLY O 42 -3.22 -20.12 -68.34
C GLY O 42 -1.72 -20.03 -68.15
N TYR O 43 -1.31 -19.25 -67.16
CA TYR O 43 0.12 -18.99 -67.00
C TYR O 43 0.90 -20.23 -66.64
N TYR O 44 0.28 -21.16 -65.93
CA TYR O 44 1.00 -22.31 -65.43
C TYR O 44 1.24 -23.34 -66.52
N ASP O 45 0.28 -23.49 -67.43
CA ASP O 45 0.52 -24.28 -68.62
C ASP O 45 1.70 -23.70 -69.39
N LEU O 46 1.72 -22.38 -69.54
CA LEU O 46 2.84 -21.75 -70.22
C LEU O 46 4.14 -22.03 -69.51
N LEU O 47 4.13 -22.01 -68.17
CA LEU O 47 5.35 -22.32 -67.43
C LEU O 47 5.79 -23.74 -67.69
N GLN O 48 4.86 -24.68 -67.57
CA GLN O 48 5.18 -26.08 -67.75
C GLN O 48 5.78 -26.33 -69.11
N ALA O 49 5.27 -25.66 -70.13
CA ALA O 49 5.85 -25.84 -71.45
C ALA O 49 7.20 -25.18 -71.55
N ALA O 50 7.34 -23.97 -71.00
CA ALA O 50 8.52 -23.18 -71.27
C ALA O 50 9.70 -23.56 -70.42
N LEU O 51 9.55 -24.49 -69.47
CA LEU O 51 10.68 -24.95 -68.67
C LEU O 51 11.23 -26.29 -69.13
N THR O 52 10.38 -27.28 -69.33
CA THR O 52 10.83 -28.66 -69.39
C THR O 52 11.51 -28.97 -70.72
N CYS O 53 12.79 -29.31 -70.66
CA CYS O 53 13.47 -29.94 -71.78
C CYS O 53 14.70 -30.70 -71.29
N ILE P 1 -88.71 7.84 45.48
CA ILE P 1 -88.60 6.41 45.22
C ILE P 1 -88.51 6.18 43.72
N GLU P 2 -89.63 6.29 43.02
CA GLU P 2 -89.62 6.19 41.58
C GLU P 2 -89.19 7.49 40.90
N ASN P 3 -89.05 8.57 41.67
CA ASN P 3 -88.59 9.85 41.15
C ASN P 3 -87.07 10.01 41.18
N ASP P 4 -86.35 9.12 41.84
CA ASP P 4 -84.89 9.11 41.85
C ASP P 4 -84.38 7.69 41.64
N CYS P 5 -85.02 6.97 40.71
CA CYS P 5 -84.64 5.62 40.33
C CYS P 5 -84.07 5.52 38.92
N ILE P 6 -84.34 6.49 38.07
CA ILE P 6 -83.94 6.48 36.67
C ILE P 6 -82.85 7.51 36.53
N PHE P 7 -81.65 7.08 36.20
CA PHE P 7 -80.49 7.95 36.25
C PHE P 7 -80.23 8.44 34.84
N GLU P 8 -80.07 9.73 34.69
CA GLU P 8 -79.98 10.26 33.33
C GLU P 8 -78.61 9.89 32.76
N VAL P 9 -78.51 9.85 31.44
CA VAL P 9 -77.26 9.59 30.74
C VAL P 9 -76.88 10.81 29.92
N LYS P 10 -75.68 11.34 30.15
CA LYS P 10 -75.22 12.60 29.60
C LYS P 10 -74.36 12.39 28.37
N HIS P 11 -74.32 13.42 27.53
CA HIS P 11 -73.39 13.43 26.41
C HIS P 11 -73.16 14.90 26.09
N GLU P 12 -71.96 15.37 26.41
CA GLU P 12 -71.54 16.78 26.35
C GLU P 12 -72.65 17.71 26.81
N GLY P 13 -73.24 17.39 27.95
CA GLY P 13 -74.02 18.36 28.68
C GLY P 13 -75.45 18.48 28.27
N LYS P 14 -75.95 17.59 27.41
CA LYS P 14 -77.31 17.63 26.94
C LYS P 14 -77.99 16.36 27.42
N VAL P 15 -79.23 16.48 27.86
CA VAL P 15 -79.86 15.33 28.48
C VAL P 15 -80.29 14.44 27.32
N THR P 16 -79.47 13.43 27.01
CA THR P 16 -79.75 12.57 25.86
C THR P 16 -80.58 11.36 26.18
N GLY P 17 -80.76 11.01 27.45
CA GLY P 17 -81.71 9.97 27.78
C GLY P 17 -81.60 9.58 29.23
N TYR P 18 -82.20 8.44 29.55
CA TYR P 18 -82.19 7.90 30.89
C TYR P 18 -81.90 6.42 30.83
N ALA P 19 -81.22 5.93 31.86
CA ALA P 19 -81.02 4.50 32.08
C ALA P 19 -81.73 4.15 33.36
N CYS P 20 -82.59 3.15 33.30
CA CYS P 20 -83.45 2.79 34.41
C CYS P 20 -82.83 1.63 35.14
N LEU P 21 -83.20 1.49 36.41
CA LEU P 21 -82.59 0.54 37.32
C LEU P 21 -83.70 -0.42 37.68
N VAL P 22 -83.83 -1.45 36.88
CA VAL P 22 -85.02 -2.28 36.77
C VAL P 22 -84.72 -3.66 37.29
N GLY P 23 -85.55 -4.15 38.20
CA GLY P 23 -85.39 -5.53 38.61
C GLY P 23 -84.03 -5.68 39.23
N ASP P 24 -83.25 -6.56 38.62
CA ASP P 24 -81.86 -6.77 39.02
C ASP P 24 -80.86 -6.29 37.99
N LYS P 25 -81.29 -5.94 36.80
CA LYS P 25 -80.40 -5.44 35.77
C LYS P 25 -80.62 -3.97 35.57
N VAL P 26 -79.55 -3.21 35.39
CA VAL P 26 -79.69 -1.80 35.08
C VAL P 26 -79.59 -1.73 33.57
N MET P 27 -80.73 -1.53 32.95
CA MET P 27 -80.80 -1.53 31.50
C MET P 27 -80.55 -0.13 30.99
N LYS P 28 -80.53 0.00 29.71
CA LYS P 28 -80.26 1.28 29.10
C LYS P 28 -80.63 1.11 27.63
N PRO P 29 -81.29 2.06 27.00
CA PRO P 29 -81.37 2.00 25.55
C PRO P 29 -80.01 1.92 24.89
N ALA P 30 -79.80 0.83 24.16
CA ALA P 30 -78.55 0.55 23.50
C ALA P 30 -78.35 1.37 22.26
N HIS P 31 -79.22 2.35 22.00
CA HIS P 31 -78.92 3.34 20.99
C HIS P 31 -78.22 4.54 21.62
N VAL P 32 -78.88 5.16 22.61
CA VAL P 32 -78.50 6.50 23.07
C VAL P 32 -77.03 6.54 23.43
N LYS P 33 -76.31 7.46 22.78
CA LYS P 33 -74.88 7.58 22.97
C LYS P 33 -74.62 8.50 24.14
N GLY P 34 -73.43 8.40 24.72
CA GLY P 34 -73.10 9.18 25.88
C GLY P 34 -72.47 8.33 26.94
N VAL P 35 -72.35 8.92 28.12
CA VAL P 35 -71.81 8.25 29.30
C VAL P 35 -72.82 8.47 30.42
N ILE P 36 -73.06 7.42 31.21
CA ILE P 36 -74.02 7.52 32.29
C ILE P 36 -73.53 8.58 33.28
N ASP P 37 -74.47 9.21 33.98
CA ASP P 37 -74.12 10.38 34.79
C ASP P 37 -73.51 9.96 36.11
N ASN P 38 -74.24 9.20 36.90
CA ASN P 38 -73.67 8.69 38.13
C ASN P 38 -72.58 7.71 37.75
N ALA P 39 -71.34 8.05 38.09
CA ALA P 39 -70.22 7.29 37.57
C ALA P 39 -69.94 6.18 38.56
N ASP P 40 -70.19 4.95 38.11
CA ASP P 40 -70.17 3.73 38.90
C ASP P 40 -70.96 2.73 38.07
N LEU P 41 -72.15 3.13 37.64
CA LEU P 41 -72.89 2.35 36.67
C LEU P 41 -72.31 2.51 35.28
N ALA P 42 -71.46 3.51 35.06
CA ALA P 42 -70.74 3.62 33.81
C ALA P 42 -69.47 2.80 33.78
N LYS P 43 -69.07 2.20 34.91
CA LYS P 43 -67.91 1.33 34.96
C LYS P 43 -68.29 -0.13 35.05
N LEU P 44 -69.57 -0.45 35.19
CA LEU P 44 -69.97 -1.85 35.17
C LEU P 44 -69.88 -2.37 33.73
N ALA P 45 -69.59 -3.67 33.59
CA ALA P 45 -69.66 -4.31 32.28
C ALA P 45 -71.00 -4.02 31.64
N PHE P 46 -71.05 -3.99 30.31
CA PHE P 46 -72.27 -3.57 29.62
C PHE P 46 -72.46 -4.43 28.38
N LYS P 47 -73.26 -5.48 28.52
CA LYS P 47 -73.61 -6.34 27.41
C LYS P 47 -74.62 -5.66 26.50
N LYS P 48 -74.23 -5.34 25.27
CA LYS P 48 -75.12 -4.69 24.33
C LYS P 48 -75.80 -5.71 23.43
N SER P 49 -76.88 -5.29 22.78
CA SER P 49 -77.60 -6.14 21.85
C SER P 49 -78.31 -5.27 20.83
N SER P 50 -77.79 -5.21 19.62
CA SER P 50 -78.41 -4.38 18.60
C SER P 50 -79.82 -4.86 18.29
N LYS P 51 -80.03 -6.17 18.21
CA LYS P 51 -81.31 -6.69 17.77
C LYS P 51 -82.43 -6.29 18.70
N TYR P 52 -82.11 -6.05 19.97
CA TYR P 52 -83.07 -5.64 20.98
C TYR P 52 -82.93 -4.19 21.37
N ASP P 53 -81.77 -3.59 21.16
CA ASP P 53 -81.49 -2.18 21.39
C ASP P 53 -81.54 -1.86 22.88
N LEU P 54 -81.48 -2.87 23.74
CA LEU P 54 -81.56 -2.67 25.19
C LEU P 54 -80.31 -3.25 25.82
N GLU P 55 -79.37 -2.37 26.12
CA GLU P 55 -78.09 -2.74 26.67
C GLU P 55 -78.17 -2.70 28.19
N CYS P 56 -77.86 -3.82 28.85
CA CYS P 56 -78.06 -3.95 30.28
C CYS P 56 -76.80 -4.46 30.96
N ALA P 57 -76.91 -4.65 32.28
CA ALA P 57 -75.85 -5.25 33.07
C ALA P 57 -76.40 -5.65 34.43
N GLN P 58 -75.51 -6.12 35.31
CA GLN P 58 -75.85 -6.53 36.67
C GLN P 58 -75.59 -5.42 37.68
N ILE P 59 -76.60 -5.10 38.48
CA ILE P 59 -76.57 -3.85 39.27
C ILE P 59 -75.49 -3.98 40.32
N PRO P 60 -74.67 -2.97 40.59
CA PRO P 60 -73.79 -3.07 41.76
C PRO P 60 -74.63 -3.24 43.02
N VAL P 61 -74.21 -4.18 43.86
CA VAL P 61 -75.04 -4.64 44.97
C VAL P 61 -75.30 -3.57 46.01
N HIS P 62 -74.63 -2.42 45.93
CA HIS P 62 -74.81 -1.43 46.99
C HIS P 62 -76.19 -0.80 46.90
N MET P 63 -76.65 -0.49 45.69
CA MET P 63 -77.87 0.26 45.44
C MET P 63 -79.03 -0.67 45.10
N ARG P 64 -79.03 -1.87 45.64
CA ARG P 64 -80.02 -2.88 45.27
C ARG P 64 -81.43 -2.39 45.53
N SER P 65 -81.64 -1.69 46.64
CA SER P 65 -83.00 -1.31 47.01
C SER P 65 -83.60 -0.36 45.98
N ASP P 66 -82.83 0.60 45.49
CA ASP P 66 -83.38 1.69 44.69
C ASP P 66 -83.64 1.24 43.26
N ALA P 67 -84.50 0.24 43.12
CA ALA P 67 -84.76 -0.40 41.84
C ALA P 67 -86.19 -0.87 41.83
N SER P 68 -86.90 -0.59 40.76
CA SER P 68 -88.33 -0.80 40.79
C SER P 68 -88.66 -2.26 40.55
N LYS P 69 -89.93 -2.59 40.74
CA LYS P 69 -90.42 -3.93 40.60
C LYS P 69 -90.85 -4.19 39.17
N TYR P 70 -90.92 -5.47 38.81
CA TYR P 70 -91.20 -5.87 37.43
C TYR P 70 -92.50 -6.63 37.37
N THR P 71 -93.12 -6.60 36.20
CA THR P 71 -94.34 -7.32 35.93
C THR P 71 -94.34 -7.79 34.50
N HIS P 72 -95.06 -8.88 34.25
CA HIS P 72 -95.31 -9.35 32.90
C HIS P 72 -96.75 -9.16 32.46
N GLU P 73 -97.68 -9.12 33.40
CA GLU P 73 -99.07 -8.93 33.05
C GLU P 73 -99.29 -7.50 32.59
N LYS P 74 -99.93 -7.35 31.43
CA LYS P 74 -100.23 -6.04 30.84
C LYS P 74 -101.68 -6.04 30.40
N PRO P 75 -102.62 -6.09 31.33
CA PRO P 75 -104.02 -6.08 30.93
C PRO P 75 -104.38 -4.75 30.31
N GLU P 76 -105.37 -4.79 29.44
CA GLU P 76 -105.78 -3.63 28.66
C GLU P 76 -106.05 -2.45 29.59
N GLY P 77 -105.46 -1.29 29.27
CA GLY P 77 -105.71 -0.18 30.19
C GLY P 77 -104.82 1.03 30.18
N HIS P 78 -104.55 1.55 31.38
CA HIS P 78 -103.99 2.87 31.60
C HIS P 78 -102.77 2.72 32.48
N TYR P 79 -101.65 3.34 32.06
CA TYR P 79 -100.36 3.14 32.69
C TYR P 79 -99.67 4.48 32.83
N ASN P 80 -98.68 4.54 33.70
CA ASN P 80 -98.08 5.79 34.17
C ASN P 80 -96.81 6.11 33.40
N TRP P 81 -96.39 7.36 33.45
CA TRP P 81 -95.21 7.74 32.69
C TRP P 81 -94.80 9.12 33.15
N HIS P 82 -93.49 9.36 33.17
CA HIS P 82 -93.05 10.63 33.76
C HIS P 82 -93.48 11.82 32.91
N HIS P 83 -93.69 11.66 31.61
CA HIS P 83 -94.47 12.63 30.85
C HIS P 83 -95.94 12.22 30.79
N GLY P 84 -96.56 12.09 31.94
CA GLY P 84 -97.99 11.87 31.95
C GLY P 84 -98.32 10.40 32.13
N ALA P 85 -98.73 9.79 31.03
CA ALA P 85 -99.16 8.40 31.08
C ALA P 85 -99.35 7.89 29.67
N VAL P 86 -99.47 6.57 29.56
CA VAL P 86 -99.68 5.88 28.31
C VAL P 86 -100.87 4.97 28.50
N GLN P 87 -101.46 4.55 27.39
CA GLN P 87 -102.62 3.69 27.39
C GLN P 87 -102.32 2.49 26.51
N TYR P 88 -102.46 1.30 27.08
CA TYR P 88 -102.12 0.06 26.39
C TYR P 88 -103.38 -0.50 25.76
N SER P 89 -103.41 -0.48 24.44
CA SER P 89 -104.54 -0.94 23.66
C SER P 89 -104.01 -1.55 22.37
N GLY P 90 -104.58 -2.69 22.01
CA GLY P 90 -104.27 -3.32 20.74
C GLY P 90 -102.80 -3.61 20.56
N GLY P 91 -102.12 -4.04 21.61
CA GLY P 91 -100.70 -4.30 21.47
C GLY P 91 -99.85 -3.07 21.27
N ARG P 92 -100.38 -1.87 21.53
CA ARG P 92 -99.66 -0.63 21.36
C ARG P 92 -99.80 0.22 22.60
N PHE P 93 -98.79 1.05 22.84
CA PHE P 93 -98.80 2.06 23.88
C PHE P 93 -99.05 3.43 23.25
N THR P 94 -100.12 4.09 23.67
CA THR P 94 -100.60 5.33 23.09
C THR P 94 -100.39 6.48 24.08
N ILE P 95 -99.85 7.59 23.59
CA ILE P 95 -99.68 8.81 24.38
C ILE P 95 -100.27 9.97 23.59
N PRO P 96 -100.61 11.07 24.26
CA PRO P 96 -100.93 12.29 23.51
C PRO P 96 -99.80 12.68 22.59
N THR P 97 -100.11 12.79 21.30
CA THR P 97 -99.08 13.10 20.32
C THR P 97 -98.44 14.42 20.66
N GLY P 98 -97.12 14.46 20.56
CA GLY P 98 -96.38 15.65 20.90
C GLY P 98 -95.85 15.54 22.31
N ALA P 99 -96.62 14.91 23.20
CA ALA P 99 -96.18 14.72 24.57
C ALA P 99 -94.94 13.85 24.56
N GLY P 100 -93.81 14.42 24.92
CA GLY P 100 -92.54 13.74 24.79
C GLY P 100 -91.98 14.15 23.46
N LYS P 101 -90.72 14.56 23.42
CA LYS P 101 -90.05 15.03 22.21
C LYS P 101 -88.72 14.33 22.11
N PRO P 102 -88.15 14.23 20.90
CA PRO P 102 -86.91 13.48 20.73
C PRO P 102 -85.80 13.91 21.67
N GLY P 103 -85.19 12.92 22.31
CA GLY P 103 -84.03 13.12 23.13
C GLY P 103 -84.13 12.48 24.51
N ASP P 104 -85.28 11.91 24.84
CA ASP P 104 -85.55 11.45 26.19
C ASP P 104 -86.18 10.06 26.16
N SER P 105 -85.66 9.19 25.32
CA SER P 105 -86.33 7.92 25.08
C SER P 105 -86.13 6.89 26.17
N GLY P 106 -85.28 7.14 27.16
CA GLY P 106 -84.98 6.06 28.07
C GLY P 106 -86.06 5.72 29.07
N ARG P 107 -87.00 6.63 29.31
CA ARG P 107 -87.77 6.59 30.54
C ARG P 107 -88.57 5.30 30.68
N PRO P 108 -88.80 4.82 31.89
CA PRO P 108 -89.68 3.66 32.06
C PRO P 108 -91.14 3.92 31.83
N ILE P 109 -91.93 2.87 31.97
CA ILE P 109 -93.39 2.92 32.04
C ILE P 109 -93.79 2.08 33.23
N PHE P 110 -94.54 2.67 34.16
CA PHE P 110 -95.01 1.96 35.33
C PHE P 110 -96.47 1.56 35.20
N ASP P 111 -96.91 0.67 36.09
CA ASP P 111 -98.31 0.31 36.25
C ASP P 111 -98.89 0.94 37.51
N ASN P 112 -100.21 0.82 37.64
CA ASN P 112 -100.93 1.53 38.68
C ASN P 112 -100.37 1.24 40.06
N LYS P 113 -100.23 -0.03 40.41
CA LYS P 113 -99.47 -0.38 41.60
C LYS P 113 -98.08 0.23 41.54
N GLY P 114 -97.42 0.03 40.43
CA GLY P 114 -96.08 0.50 40.13
C GLY P 114 -95.16 -0.70 40.13
N ARG P 115 -94.87 -1.12 38.91
CA ARG P 115 -93.94 -2.18 38.57
C ARG P 115 -93.52 -1.84 37.16
N VAL P 116 -92.24 -1.74 36.87
CA VAL P 116 -91.90 -1.19 35.57
C VAL P 116 -92.29 -2.22 34.51
N VAL P 117 -93.34 -1.92 33.76
CA VAL P 117 -93.73 -2.78 32.67
C VAL P 117 -92.71 -2.74 31.56
N ALA P 118 -92.34 -1.54 31.11
CA ALA P 118 -91.65 -1.40 29.85
C ALA P 118 -90.74 -0.18 29.86
N ILE P 119 -89.87 -0.13 28.85
CA ILE P 119 -88.93 0.97 28.62
C ILE P 119 -89.13 1.48 27.21
N VAL P 120 -89.56 2.72 27.09
CA VAL P 120 -89.83 3.27 25.78
C VAL P 120 -88.51 3.43 25.04
N LEU P 121 -88.60 3.44 23.72
CA LEU P 121 -87.48 3.69 22.83
C LEU P 121 -87.72 4.82 21.85
N GLY P 122 -88.93 5.00 21.37
CA GLY P 122 -89.17 6.08 20.42
C GLY P 122 -90.65 6.24 20.17
N GLY P 123 -90.98 7.17 19.27
CA GLY P 123 -92.35 7.46 18.93
C GLY P 123 -92.69 7.16 17.49
N ALA P 124 -93.99 7.20 17.21
CA ALA P 124 -94.52 7.10 15.85
C ALA P 124 -95.89 7.78 15.88
N ASN P 125 -96.00 8.94 15.25
CA ASN P 125 -97.23 9.72 15.28
C ASN P 125 -98.12 9.40 14.09
N GLU P 126 -99.37 9.02 14.35
CA GLU P 126 -100.39 9.00 13.30
C GLU P 126 -101.73 9.15 13.99
N GLY P 127 -102.33 10.32 13.80
CA GLY P 127 -103.49 10.75 14.53
C GLY P 127 -103.11 11.48 15.80
N SER P 128 -104.12 11.71 16.63
CA SER P 128 -103.92 12.51 17.83
C SER P 128 -103.01 11.82 18.84
N ARG P 129 -102.84 10.51 18.74
CA ARG P 129 -102.10 9.73 19.72
C ARG P 129 -100.91 9.09 19.05
N THR P 130 -99.74 9.32 19.64
CA THR P 130 -98.50 8.74 19.13
C THR P 130 -98.29 7.38 19.78
N ALA P 131 -97.97 6.39 18.95
CA ALA P 131 -97.62 5.07 19.44
C ALA P 131 -96.16 5.02 19.85
N LEU P 132 -95.88 4.23 20.87
CA LEU P 132 -94.57 4.18 21.50
C LEU P 132 -93.85 2.91 21.08
N SER P 133 -92.69 3.07 20.46
CA SER P 133 -91.81 1.95 20.14
C SER P 133 -91.06 1.60 21.39
N VAL P 134 -91.30 0.41 21.91
CA VAL P 134 -91.13 0.17 23.34
C VAL P 134 -90.71 -1.27 23.56
N VAL P 135 -89.87 -1.47 24.55
CA VAL P 135 -89.42 -2.80 24.94
C VAL P 135 -90.18 -3.26 26.17
N THR P 136 -90.56 -4.52 26.18
CA THR P 136 -91.23 -5.16 27.30
C THR P 136 -90.43 -6.34 27.77
N TRP P 137 -90.94 -6.96 28.83
CA TRP P 137 -90.54 -8.29 29.23
C TRP P 137 -91.75 -9.20 29.26
N ASN P 138 -91.70 -10.24 28.46
CA ASN P 138 -92.64 -11.35 28.54
C ASN P 138 -92.19 -12.17 29.75
N LYS P 139 -92.88 -13.28 30.05
CA LYS P 139 -92.55 -14.07 31.22
C LYS P 139 -91.09 -14.51 31.25
N ASP P 140 -90.47 -14.72 30.08
CA ASP P 140 -89.06 -15.07 30.02
C ASP P 140 -88.24 -14.33 28.95
N MET P 141 -88.83 -13.45 28.15
CA MET P 141 -88.17 -12.86 27.00
C MET P 141 -88.37 -11.36 26.97
N VAL P 142 -87.27 -10.63 26.88
CA VAL P 142 -87.39 -9.22 26.50
C VAL P 142 -87.89 -9.20 25.07
N THR P 143 -88.75 -8.24 24.75
CA THR P 143 -89.34 -8.16 23.42
C THR P 143 -89.46 -6.72 22.97
N ARG P 144 -89.05 -6.45 21.75
CA ARG P 144 -89.37 -5.17 21.15
C ARG P 144 -90.73 -5.24 20.51
N VAL P 145 -91.52 -4.19 20.71
CA VAL P 145 -92.71 -3.94 19.92
C VAL P 145 -92.55 -2.52 19.38
N THR P 146 -92.24 -2.42 18.09
CA THR P 146 -92.04 -1.12 17.46
C THR P 146 -93.04 -0.95 16.33
N PRO P 147 -93.96 -0.02 16.37
CA PRO P 147 -94.84 0.19 15.22
C PRO P 147 -94.06 0.77 14.06
N GLU P 148 -94.68 0.70 12.90
CA GLU P 148 -94.03 1.10 11.66
C GLU P 148 -93.72 2.58 11.68
N GLY P 149 -92.63 2.95 11.03
CA GLY P 149 -92.34 4.35 10.83
C GLY P 149 -91.83 5.05 12.06
N SER P 150 -91.53 4.33 13.12
CA SER P 150 -91.15 4.99 14.35
C SER P 150 -89.80 5.66 14.18
N GLU P 151 -89.68 6.87 14.73
CA GLU P 151 -88.42 7.60 14.69
C GLU P 151 -87.95 7.78 16.11
N GLU P 152 -86.67 7.52 16.32
CA GLU P 152 -86.18 7.36 17.68
C GLU P 152 -86.15 8.69 18.40
N TRP P 153 -86.58 8.67 19.66
CA TRP P 153 -86.45 9.83 20.53
C TRP P 153 -85.13 9.80 21.29
N CYS Q 1 38.92 -34.42 60.68
CA CYS Q 1 37.93 -34.24 59.64
C CYS Q 1 37.40 -35.60 59.15
N ALA Q 2 36.21 -35.60 58.58
CA ALA Q 2 35.62 -36.83 58.08
C ALA Q 2 36.39 -37.33 56.86
N GLU Q 3 36.14 -38.60 56.51
CA GLU Q 3 36.82 -39.21 55.37
C GLU Q 3 36.48 -38.53 54.05
N SER Q 4 35.34 -37.84 53.98
CA SER Q 4 34.89 -37.19 52.75
C SER Q 4 35.15 -35.69 52.72
N ASP Q 5 35.84 -35.15 53.73
CA ASP Q 5 36.11 -33.72 53.85
C ASP Q 5 37.61 -33.48 53.68
N PHE Q 6 37.97 -32.58 52.76
CA PHE Q 6 39.37 -32.25 52.56
C PHE Q 6 39.90 -31.48 53.77
N VAL Q 7 41.19 -31.71 54.06
CA VAL Q 7 41.87 -31.09 55.19
C VAL Q 7 42.89 -30.09 54.65
N CYS Q 8 42.77 -28.83 55.06
CA CYS Q 8 43.82 -27.87 54.79
C CYS Q 8 45.05 -28.18 55.65
N ASN Q 9 46.16 -27.52 55.34
CA ASN Q 9 47.41 -27.81 56.03
C ASN Q 9 47.35 -27.50 57.52
N ASN Q 10 46.45 -26.62 57.96
CA ASN Q 10 46.30 -26.30 59.37
C ASN Q 10 45.31 -27.20 60.10
N GLY Q 11 44.71 -28.18 59.41
CA GLY Q 11 43.72 -29.05 60.00
C GLY Q 11 42.28 -28.65 59.74
N GLN Q 12 42.05 -27.56 59.03
CA GLN Q 12 40.69 -27.09 58.79
C GLN Q 12 39.96 -28.04 57.84
N CYS Q 13 38.71 -28.33 58.18
CA CYS Q 13 37.87 -29.22 57.38
C CYS Q 13 37.03 -28.37 56.43
N VAL Q 14 37.28 -28.53 55.14
CA VAL Q 14 36.66 -27.73 54.08
C VAL Q 14 36.06 -28.73 53.09
N PRO Q 15 34.81 -28.56 52.65
CA PRO Q 15 34.24 -29.56 51.73
C PRO Q 15 35.06 -29.70 50.46
N SER Q 16 34.89 -30.84 49.79
CA SER Q 16 35.50 -31.03 48.49
C SER Q 16 34.94 -30.08 47.45
N ARG Q 17 33.77 -29.51 47.71
CA ARG Q 17 33.13 -28.62 46.75
C ARG Q 17 33.92 -27.34 46.55
N TRP Q 18 34.64 -26.87 47.58
CA TRP Q 18 35.12 -25.50 47.61
C TRP Q 18 36.55 -25.36 47.09
N LYS Q 19 36.99 -26.29 46.24
CA LYS Q 19 38.22 -26.09 45.47
C LYS Q 19 37.99 -25.05 44.38
N CYS Q 20 39.02 -24.21 44.16
CA CYS Q 20 39.02 -23.14 43.15
C CYS Q 20 37.70 -22.38 43.12
N ASP Q 21 37.18 -22.06 44.30
CA ASP Q 21 35.89 -21.41 44.43
C ASP Q 21 35.97 -19.89 44.49
N GLY Q 22 37.17 -19.32 44.56
CA GLY Q 22 37.32 -17.89 44.72
C GLY Q 22 37.41 -17.41 46.16
N ASP Q 23 37.20 -18.28 47.13
CA ASP Q 23 37.07 -17.88 48.53
C ASP Q 23 38.25 -18.46 49.30
N PRO Q 24 39.01 -17.64 50.08
CA PRO Q 24 40.13 -18.22 50.85
C PRO Q 24 39.67 -19.03 52.06
N ASP Q 25 39.17 -20.25 51.82
CA ASP Q 25 38.64 -21.05 52.91
C ASP Q 25 39.76 -21.60 53.79
N CYS Q 26 40.84 -22.09 53.18
CA CYS Q 26 41.98 -22.55 53.97
C CYS Q 26 42.81 -21.35 54.42
N GLU Q 27 43.35 -21.44 55.63
CA GLU Q 27 44.07 -20.30 56.20
C GLU Q 27 45.32 -19.98 55.41
N ASP Q 28 45.96 -20.99 54.81
CA ASP Q 28 47.13 -20.78 53.97
C ASP Q 28 46.78 -20.47 52.52
N GLY Q 29 45.52 -20.62 52.13
CA GLY Q 29 45.14 -20.29 50.77
C GLY Q 29 45.71 -21.20 49.71
N SER Q 30 46.17 -22.40 50.09
CA SER Q 30 46.76 -23.30 49.10
C SER Q 30 45.73 -23.83 48.12
N ASP Q 31 44.50 -24.06 48.59
CA ASP Q 31 43.44 -24.55 47.71
C ASP Q 31 43.07 -23.53 46.63
N GLU Q 32 43.35 -22.25 46.85
CA GLU Q 32 42.97 -21.18 45.94
C GLU Q 32 44.18 -20.55 45.25
N SER Q 33 45.29 -21.28 45.15
CA SER Q 33 46.45 -20.76 44.46
C SER Q 33 46.15 -20.67 42.96
N PRO Q 34 46.35 -19.51 42.30
CA PRO Q 34 45.98 -19.42 40.87
C PRO Q 34 46.72 -20.40 39.98
N GLU Q 35 47.98 -20.72 40.30
CA GLU Q 35 48.77 -21.55 39.41
C GLU Q 35 48.25 -22.98 39.35
N GLN Q 36 47.71 -23.50 40.45
CA GLN Q 36 47.17 -24.86 40.49
C GLN Q 36 45.70 -24.92 40.14
N CYS Q 37 45.02 -23.79 39.93
CA CYS Q 37 43.62 -23.77 39.53
C CYS Q 37 43.50 -23.52 38.03
C1 NAG R . 40.64 10.30 25.22
C2 NAG R . 41.28 10.87 26.47
C3 NAG R . 41.94 12.20 26.14
C4 NAG R . 43.02 11.97 25.09
C5 NAG R . 42.36 11.38 23.84
C6 NAG R . 43.37 11.00 22.79
C7 NAG R . 39.88 9.97 28.25
C8 NAG R . 38.99 10.29 29.40
N2 NAG R . 40.36 11.02 27.58
O3 NAG R . 42.49 12.74 27.35
O4 NAG R . 43.75 13.13 24.72
O5 NAG R . 41.63 10.18 24.17
O6 NAG R . 44.05 9.80 23.11
O7 NAG R . 40.14 8.83 27.94
C1 NAG R . 43.43 14.43 25.27
C2 NAG R . 44.60 14.91 26.09
C3 NAG R . 44.30 16.28 26.68
C4 NAG R . 43.91 17.25 25.58
C5 NAG R . 42.78 16.67 24.74
C6 NAG R . 42.46 17.52 23.53
C7 NAG R . 46.19 13.56 27.39
C8 NAG R . 46.35 12.59 28.52
N2 NAG R . 44.94 13.97 27.13
O3 NAG R . 45.45 16.76 27.38
O4 NAG R . 43.50 18.49 26.15
O5 NAG R . 43.14 15.38 24.24
O6 NAG R . 42.59 18.91 23.82
O7 NAG R . 47.15 13.96 26.74
C1 NAG S . 53.08 67.55 -45.86
C2 NAG S . 51.97 66.59 -45.58
C3 NAG S . 50.73 67.00 -46.34
C4 NAG S . 50.36 68.45 -46.08
C5 NAG S . 51.59 69.36 -46.21
C6 NAG S . 51.34 70.75 -45.67
C7 NAG S . 52.82 64.35 -45.03
C8 NAG S . 53.16 63.00 -45.56
N2 NAG S . 52.35 65.23 -45.92
O3 NAG S . 49.64 66.16 -45.97
O4 NAG S . 49.44 68.82 -47.10
O5 NAG S . 52.70 68.83 -45.47
O6 NAG S . 50.53 71.51 -46.55
O7 NAG S . 52.97 64.65 -43.85
C1 NAG S . 48.30 69.65 -46.78
C2 NAG S . 47.03 68.87 -46.54
C3 NAG S . 45.84 69.79 -46.65
C4 NAG S . 46.02 71.05 -45.79
C5 NAG S . 47.43 71.64 -45.95
C6 NAG S . 47.74 72.70 -44.91
C7 NAG S . 46.88 66.48 -47.12
C8 NAG S . 46.74 65.49 -48.24
N2 NAG S . 46.91 67.77 -47.48
O3 NAG S . 44.67 69.09 -46.24
O4 NAG S . 45.11 72.05 -46.21
O5 NAG S . 48.44 70.62 -45.82
O6 NAG S . 46.57 73.39 -44.51
O7 NAG S . 46.94 66.13 -45.94
C1 BMA S . 43.76 71.85 -45.76
C2 BMA S . 43.23 73.22 -45.28
C3 BMA S . 41.72 73.16 -45.00
C4 BMA S . 40.96 72.47 -46.13
C5 BMA S . 41.57 71.09 -46.42
C6 BMA S . 40.88 70.36 -47.55
O2 BMA S . 43.41 74.20 -46.29
O3 BMA S . 41.18 74.46 -44.77
O4 BMA S . 39.60 72.31 -45.77
O5 BMA S . 42.95 71.27 -46.77
O6 BMA S . 41.02 71.15 -48.74
C1 NAG T . 49.07 32.31 -1.94
C2 NAG T . 49.04 31.98 -3.41
C3 NAG T . 47.60 31.86 -3.90
C4 NAG T . 46.86 30.85 -3.05
C5 NAG T . 46.98 31.22 -1.59
C6 NAG T . 46.38 30.18 -0.66
C7 NAG T . 49.73 34.22 -4.39
C8 NAG T . 48.65 34.94 -3.64
N2 NAG T . 49.83 32.89 -4.24
O3 NAG T . 47.59 31.46 -5.27
O4 NAG T . 45.47 30.84 -3.39
O5 NAG T . 48.36 31.33 -1.22
O6 NAG T . 45.30 30.71 0.09
O7 NAG T . 50.49 34.82 -5.13
C1 NAG T . 45.15 29.64 -4.10
C2 NAG T . 43.68 29.73 -4.44
C3 NAG T . 43.24 28.52 -5.22
C4 NAG T . 44.14 28.32 -6.44
C5 NAG T . 45.60 28.31 -6.00
C6 NAG T . 46.56 28.25 -7.16
C7 NAG T . 42.43 31.04 -2.76
C8 NAG T . 41.63 30.99 -1.50
N2 NAG T . 42.88 29.86 -3.23
O3 NAG T . 41.89 28.69 -5.63
O4 NAG T . 43.84 27.07 -7.06
O5 NAG T . 45.89 29.51 -5.27
O6 NAG T . 45.90 27.95 -8.38
O7 NAG T . 42.68 32.10 -3.33
C1 BMA T . 42.77 27.22 -8.02
C2 BMA T . 43.09 26.42 -9.28
C3 BMA T . 41.93 26.54 -10.26
C4 BMA T . 40.58 26.28 -9.59
C5 BMA T . 40.43 27.16 -8.36
C6 BMA T . 39.15 26.91 -7.60
O2 BMA T . 43.22 25.05 -8.97
O3 BMA T . 42.10 25.68 -11.38
O4 BMA T . 39.52 26.55 -10.49
O5 BMA T . 41.52 26.87 -7.48
O6 BMA T . 39.25 25.64 -6.96
C1 NAG U . 9.32 32.13 -35.39
C2 NAG U . 8.49 31.52 -36.52
C3 NAG U . 8.65 30.01 -36.55
C4 NAG U . 10.13 29.67 -36.73
C5 NAG U . 10.89 30.25 -35.55
C6 NAG U . 12.38 30.03 -35.66
C7 NAG U . 6.34 32.18 -37.50
C8 NAG U . 4.89 32.47 -37.24
N2 NAG U . 7.08 31.86 -36.43
O3 NAG U . 7.87 29.51 -37.63
O4 NAG U . 10.41 28.27 -36.83
O5 NAG U . 10.68 31.67 -35.49
O6 NAG U . 12.73 29.39 -36.88
O7 NAG U . 6.83 32.26 -38.62
C1 NAG U . 9.37 27.35 -36.49
C2 NAG U . 9.02 26.52 -37.73
C3 NAG U . 7.91 25.54 -37.41
C4 NAG U . 8.29 24.68 -36.20
C5 NAG U . 8.69 25.58 -35.03
C6 NAG U . 9.21 24.79 -33.85
C7 NAG U . 8.88 27.11 -40.11
C8 NAG U . 8.40 28.11 -41.11
N2 NAG U . 8.64 27.40 -38.84
O3 NAG U . 7.67 24.71 -38.54
O4 NAG U . 7.19 23.87 -35.82
O5 NAG U . 9.74 26.47 -35.43
O6 NAG U . 8.28 23.80 -33.42
O7 NAG U . 9.46 26.08 -40.45
C1 NAG V . 56.41 -33.37 10.64
C2 NAG V . 56.35 -31.92 11.02
C3 NAG V . 56.42 -31.76 12.53
C4 NAG V . 55.40 -32.66 13.22
C5 NAG V . 55.41 -34.07 12.62
C6 NAG V . 54.24 -34.92 13.05
C7 NAG V . 57.57 -29.86 10.44
C8 NAG V . 58.73 -29.29 9.72
N2 NAG V . 57.43 -31.19 10.38
O3 NAG V . 56.19 -30.42 12.91
O4 NAG V . 55.82 -32.74 14.56
O5 NAG V . 55.36 -34.02 11.19
O6 NAG V . 53.89 -35.86 12.04
O7 NAG V . 56.78 -29.16 11.07
C1 NAG V . 54.88 -32.81 15.66
C2 NAG V . 54.31 -31.46 16.08
C3 NAG V . 53.66 -31.59 17.45
C4 NAG V . 52.69 -32.75 17.48
C5 NAG V . 53.33 -34.02 16.93
C6 NAG V . 52.37 -35.17 16.80
C7 NAG V . 55.18 -29.19 16.42
C8 NAG V . 56.39 -28.31 16.36
N2 NAG V . 55.37 -30.47 16.09
O3 NAG V . 52.98 -30.40 17.81
O4 NAG V . 52.24 -32.98 18.81
O5 NAG V . 53.85 -33.76 15.62
O6 NAG V . 51.54 -35.30 17.94
O7 NAG V . 54.08 -28.76 16.76
C1 NAG W . 28.80 4.77 -20.65
C2 NAG W . 29.98 4.40 -19.78
C3 NAG W . 30.16 5.38 -18.62
C4 NAG W . 30.28 6.78 -19.18
C5 NAG W . 28.99 7.09 -19.91
C6 NAG W . 28.96 8.48 -20.51
C7 NAG W . 29.09 2.37 -18.55
C8 NAG W . 27.92 3.15 -18.00
N2 NAG W . 29.97 3.00 -19.34
O3 NAG W . 31.33 5.04 -17.87
O4 NAG W . 30.61 7.76 -18.19
O5 NAG W . 28.87 6.17 -21.01
O6 NAG W . 28.89 8.44 -21.92
O7 NAG W . 29.20 1.17 -18.30
C1 NAG W . 29.71 8.08 -17.12
C2 NAG W . 30.48 9.07 -16.27
C3 NAG W . 29.64 9.49 -15.06
C4 NAG W . 28.28 9.99 -15.52
C5 NAG W . 27.62 8.95 -16.41
C6 NAG W . 26.30 9.44 -17.00
C7 NAG W . 32.93 9.10 -16.11
C8 NAG W . 34.14 8.40 -15.58
N2 NAG W . 31.75 8.52 -15.84
O3 NAG W . 30.32 10.51 -14.35
O4 NAG W . 27.45 10.23 -14.38
O5 NAG W . 28.48 8.63 -17.52
O6 NAG W . 25.70 10.41 -16.17
O7 NAG W . 33.02 10.15 -16.73
C1 NAG X . 25.96 -31.94 36.34
C2 NAG X . 26.33 -30.50 36.19
C3 NAG X . 26.05 -30.07 34.76
C4 NAG X . 26.79 -30.95 33.78
C5 NAG X . 26.56 -32.44 34.09
C6 NAG X . 27.51 -33.35 33.35
C7 NAG X . 26.08 -28.45 37.47
C8 NAG X . 25.26 -27.69 38.46
N2 NAG X . 25.63 -29.66 37.13
O3 NAG X . 26.43 -28.72 34.58
O4 NAG X . 26.29 -30.69 32.48
O5 NAG X . 26.75 -32.72 35.49
O6 NAG X . 28.21 -32.68 32.30
O7 NAG X . 27.10 -27.99 37.00
C1 NAG X . 27.20 -30.02 31.60
C2 NAG X . 26.41 -29.49 30.40
C3 NAG X . 27.36 -28.87 29.39
C4 NAG X . 28.25 -27.84 30.06
C5 NAG X . 28.92 -28.44 31.29
C6 NAG X . 29.72 -27.44 32.07
C7 NAG X . 24.30 -30.54 29.69
C8 NAG X . 23.67 -31.72 29.02
N2 NAG X . 25.63 -30.55 29.78
O3 NAG X . 26.60 -28.25 28.35
O4 NAG X . 29.25 -27.40 29.15
O5 NAG X . 27.92 -28.97 32.18
O6 NAG X . 30.13 -26.34 31.27
O7 NAG X . 23.62 -29.61 30.13
C1 NAG Y . -4.47 -73.68 -40.53
C2 NAG Y . -5.04 -73.86 -39.14
C3 NAG Y . -6.49 -74.30 -39.23
C4 NAG Y . -7.30 -73.35 -40.11
C5 NAG Y . -6.60 -73.20 -41.44
C6 NAG Y . -7.26 -72.21 -42.35
C7 NAG Y . -3.21 -74.46 -37.63
C8 NAG Y . -2.51 -75.58 -36.91
N2 NAG Y . -4.25 -74.82 -38.39
O3 NAG Y . -7.06 -74.34 -37.91
O4 NAG Y . -8.58 -73.88 -40.36
O5 NAG Y . -5.25 -72.76 -41.24
O6 NAG Y . -7.93 -71.19 -41.62
O7 NAG Y . -2.83 -73.30 -37.54
C1 NAG Y . -9.56 -73.31 -39.48
C2 NAG Y . -10.71 -72.84 -40.34
C3 NAG Y . -11.80 -72.23 -39.46
C4 NAG Y . -12.18 -73.18 -38.33
C5 NAG Y . -10.94 -73.73 -37.62
C6 NAG Y . -11.27 -74.85 -36.67
C7 NAG Y . -10.86 -71.74 -42.53
C8 NAG Y . -10.27 -70.70 -43.43
N2 NAG Y . -10.26 -71.88 -41.33
O3 NAG Y . -12.94 -71.96 -40.27
O4 NAG Y . -12.93 -72.44 -37.36
O5 NAG Y . -10.00 -74.25 -38.57
O6 NAG Y . -12.48 -74.59 -35.96
O7 NAG Y . -11.81 -72.43 -42.86
C1 BMA Y . -14.33 -72.73 -37.38
C2 BMA Y . -14.86 -72.40 -35.98
C3 BMA Y . -16.39 -72.46 -35.94
C4 BMA Y . -17.01 -71.70 -37.12
C5 BMA Y . -16.43 -72.25 -38.42
C6 BMA Y . -17.00 -71.56 -39.66
O2 BMA Y . -14.50 -71.08 -35.61
O3 BMA Y . -16.90 -71.94 -34.72
O4 BMA Y . -18.41 -71.85 -37.11
O5 BMA Y . -15.01 -72.04 -38.42
O6 BMA Y . -16.59 -70.20 -39.64
C1 NAG Z . 17.41 -47.53 4.75
C2 NAG Z . 17.39 -49.02 4.53
C3 NAG Z . 16.13 -49.63 5.16
C4 NAG Z . 16.05 -49.25 6.62
C5 NAG Z . 16.13 -47.73 6.76
C6 NAG Z . 16.19 -47.27 8.19
C7 NAG Z . 16.80 -49.18 2.07
C8 NAG Z . 15.55 -48.36 2.27
N2 NAG Z . 17.57 -49.44 3.15
O3 NAG Z . 16.20 -51.05 5.04
O4 NAG Z . 14.78 -49.64 7.13
O5 NAG Z . 17.32 -47.24 6.12
O6 NAG Z . 15.15 -47.85 8.96
O7 NAG Z . 17.10 -49.60 0.97
C1 NAG Z . 14.88 -50.72 8.06
C2 NAG Z . 13.47 -50.86 8.60
C3 NAG Z . 13.42 -52.01 9.59
C4 NAG Z . 13.94 -53.28 8.94
C5 NAG Z . 15.32 -53.04 8.35
C6 NAG Z . 15.84 -54.21 7.56
C7 NAG Z . 12.28 -48.72 8.58
C8 NAG Z . 11.91 -47.50 9.37
N2 NAG Z . 13.03 -49.63 9.22
O3 NAG Z . 12.08 -52.18 10.03
O4 NAG Z . 14.01 -54.33 9.90
O5 NAG Z . 15.29 -51.93 7.46
O6 NAG Z . 16.10 -55.33 8.40
O7 NAG Z . 11.92 -48.87 7.42
C1 BMA Z . 12.75 -55.02 9.93
C2 BMA Z . 12.92 -56.47 9.51
C3 BMA Z . 11.57 -57.14 9.48
C4 BMA Z . 10.81 -56.91 10.78
C5 BMA Z . 10.75 -55.43 11.11
C6 BMA Z . 10.09 -55.14 12.44
O2 BMA Z . 13.70 -57.18 10.47
O3 BMA Z . 11.68 -58.53 9.22
O4 BMA Z . 9.48 -57.41 10.66
O5 BMA Z . 12.09 -54.94 11.17
O6 BMA Z . 10.92 -55.65 13.47
C1 NAG AA . -37.40 -54.03 -33.76
C2 NAG AA . -36.92 -54.93 -32.67
C3 NAG AA . -35.81 -54.23 -31.93
C4 NAG AA . -34.67 -53.92 -32.88
C5 NAG AA . -35.15 -53.29 -34.21
C6 NAG AA . -34.14 -53.47 -35.33
C7 NAG AA . -38.87 -56.29 -32.07
C8 NAG AA . -39.87 -56.61 -31.00
N2 NAG AA . -37.97 -55.35 -31.77
O3 NAG AA . -35.36 -55.04 -30.85
O4 NAG AA . -33.87 -52.95 -32.22
O5 NAG AA . -36.38 -53.86 -34.70
O6 NAG AA . -32.85 -53.78 -34.85
O7 NAG AA . -38.88 -56.84 -33.17
C1 NAG AA . -32.46 -53.18 -32.02
C2 NAG AA . -32.09 -54.49 -31.31
C3 NAG AA . -30.60 -54.50 -30.99
C4 NAG AA . -29.77 -54.17 -32.23
C5 NAG AA . -30.30 -52.90 -32.89
C6 NAG AA . -29.60 -52.58 -34.20
C7 NAG AA . -32.90 -55.80 -29.40
C8 NAG AA . -33.78 -55.80 -28.19
N2 NAG AA . -32.89 -54.66 -30.11
O3 NAG AA . -30.22 -55.78 -30.50
O4 NAG AA . -28.41 -53.98 -31.86
O5 NAG AA . -31.69 -53.04 -33.19
O6 NAG AA . -28.19 -52.74 -34.08
O7 NAG AA . -32.23 -56.77 -29.72
C1 NAG BA . 25.48 8.36 -62.07
C2 NAG BA . 24.02 8.28 -62.39
C3 NAG BA . 23.46 9.66 -62.68
C4 NAG BA . 23.81 10.64 -61.55
C5 NAG BA . 25.29 10.54 -61.20
C6 NAG BA . 25.68 11.29 -59.95
C7 NAG BA . 22.63 6.82 -63.78
C8 NAG BA . 22.57 5.96 -65.00
N2 NAG BA . 23.80 7.41 -63.54
O3 NAG BA . 22.05 9.58 -62.81
O4 NAG BA . 23.52 11.94 -62.05
O5 NAG BA . 25.66 9.17 -60.96
O6 NAG BA . 25.77 12.69 -60.20
O7 NAG BA . 21.66 6.97 -63.05
C1 NAG BA . 23.01 12.94 -61.13
C2 NAG BA . 21.58 13.33 -61.38
C3 NAG BA . 21.27 14.64 -60.66
C4 NAG BA . 21.74 14.59 -59.21
C5 NAG BA . 23.13 13.99 -59.08
C6 NAG BA . 23.50 13.68 -57.65
C7 NAG BA . 20.95 12.44 -63.59
C8 NAG BA . 20.70 12.77 -65.02
N2 NAG BA . 21.31 13.47 -62.81
O3 NAG BA . 19.87 14.87 -60.71
O4 NAG BA . 21.83 15.92 -58.70
O5 NAG BA . 23.21 12.74 -59.79
O6 NAG BA . 22.95 14.62 -56.76
O7 NAG BA . 20.82 11.30 -63.14
C1 BMA BA . 20.57 16.49 -58.33
C2 BMA BA . 20.85 17.61 -57.32
C3 BMA BA . 19.59 18.43 -57.05
C4 BMA BA . 18.89 18.83 -58.34
C5 BMA BA . 18.60 17.56 -59.16
C6 BMA BA . 17.89 17.86 -60.47
O2 BMA BA . 21.82 18.52 -57.83
O3 BMA BA . 19.89 19.60 -56.28
O4 BMA BA . 17.67 19.49 -58.05
O5 BMA BA . 19.85 16.94 -59.47
O6 BMA BA . 18.75 18.63 -61.28
C1 NAG CA . -10.25 -31.75 -45.18
C2 NAG CA . -10.22 -31.53 -46.68
C3 NAG CA . -11.18 -30.42 -47.09
C4 NAG CA . -12.58 -30.73 -46.55
C5 NAG CA . -12.51 -30.99 -45.06
C6 NAG CA . -13.84 -31.45 -44.49
C7 NAG CA . -8.00 -30.34 -46.94
C8 NAG CA . -8.37 -29.31 -45.90
N2 NAG CA . -8.89 -31.31 -47.23
O3 NAG CA . -11.22 -30.33 -48.51
O4 NAG CA . -13.40 -29.59 -46.75
O5 NAG CA . -11.56 -32.03 -44.77
O6 NAG CA . -13.98 -31.08 -43.13
O7 NAG CA . -6.91 -30.29 -47.50
C1 NAG CA . -14.17 -29.66 -47.97
C2 NAG CA . -15.34 -28.74 -47.75
C3 NAG CA . -16.22 -28.69 -48.98
C4 NAG CA . -15.38 -28.34 -50.21
C5 NAG CA . -14.17 -29.26 -50.31
C6 NAG CA . -13.23 -28.87 -51.41
C7 NAG CA . -16.17 -28.51 -45.45
C8 NAG CA . -17.02 -29.10 -44.37
N2 NAG CA . -16.13 -29.18 -46.60
O3 NAG CA . -17.23 -27.72 -48.80
O4 NAG CA . -16.17 -28.52 -51.39
O5 NAG CA . -13.43 -29.23 -49.08
O6 NAG CA . -13.79 -27.88 -52.26
O7 NAG CA . -15.56 -27.45 -45.28
C1 BMA CA . -16.75 -27.27 -51.80
C2 BMA CA . -16.98 -27.34 -53.31
C3 BMA CA . -17.67 -26.10 -53.79
C4 BMA CA . -18.89 -25.78 -52.93
C5 BMA CA . -18.47 -25.70 -51.47
C6 BMA CA . -19.64 -25.43 -50.54
O2 BMA CA . -17.85 -28.41 -53.63
O3 BMA CA . -18.04 -26.23 -55.15
O4 BMA CA . -19.44 -24.54 -53.34
O5 BMA CA . -17.92 -26.97 -51.11
O6 BMA CA . -20.48 -26.58 -50.52
C1 NAG DA . 69.30 -3.88 3.35
C2 NAG DA . 70.14 -5.12 3.04
C3 NAG DA . 70.49 -5.86 4.32
C4 NAG DA . 71.15 -4.93 5.32
C5 NAG DA . 70.25 -3.71 5.56
C6 NAG DA . 70.90 -2.67 6.45
C7 NAG DA . 70.09 -6.90 1.35
C8 NAG DA . 69.22 -7.73 0.45
N2 NAG DA . 69.46 -5.99 2.10
O3 NAG DA . 71.36 -6.94 4.02
O4 NAG DA . 71.36 -5.60 6.55
O5 NAG DA . 69.97 -3.07 4.31
O6 NAG DA . 72.05 -3.19 7.11
O7 NAG DA . 71.30 -7.06 1.41
C1 NAG EA . 5.89 -87.74 -13.11
C2 NAG EA . 4.63 -87.63 -13.96
C3 NAG EA . 3.42 -88.10 -13.15
C4 NAG EA . 3.65 -89.48 -12.57
C5 NAG EA . 4.98 -89.52 -11.81
C6 NAG EA . 5.35 -90.90 -11.31
C7 NAG EA . 4.92 -85.82 -15.60
C8 NAG EA . 4.62 -84.39 -15.92
N2 NAG EA . 4.43 -86.27 -14.44
O3 NAG EA . 2.27 -88.12 -14.00
O4 NAG EA . 2.61 -89.82 -11.68
O5 NAG EA . 6.05 -89.09 -12.67
O6 NAG EA . 4.33 -91.44 -10.49
O7 NAG EA . 5.56 -86.53 -16.35
CA CA FA . 38.07 -22.42 49.24
#